data_1R1N
#
_entry.id   1R1N
#
_cell.length_a   146.500
_cell.length_b   146.500
_cell.length_c   114.969
_cell.angle_alpha   90.00
_cell.angle_beta   90.00
_cell.angle_gamma   120.00
#
_symmetry.space_group_name_H-M   'P 32'
#
loop_
_entity.id
_entity.type
_entity.pdbx_description
1 polymer 'Ferric-iron Binding Protein'
2 non-polymer 'OXO-IRON CLUSTER 1'
3 non-polymer 'OXO-IRON CLUSTER 2'
4 non-polymer 'OXO-IRON CLUSTER 3'
5 water water
#
_entity_poly.entity_id   1
_entity_poly.type   'polypeptide(L)'
_entity_poly.pdbx_seq_one_letter_code
;DITVYNGQHKEAAQAVADAFTRATGIKVKLNSAKGDQLAGQIKEEGSRSPADVFYSEQIPALATLSAANLLEPLPASTIN
ETRGKGVPVAAKKDWVALSGRSRVVVYDTRKLSEKDLEKSVLNYATPKWKNRIGYVPTSGAFLEQIVAIVKLKGEAAALK
WLKGLKEYGKPYAKNSVALQAVENGEIDAALINNYYWHAFAREKGVQNVHTRLNFVRHRDPGALVTYSGAAVLKSSQNKD
EAKKFVAFLAGKEGQRALTAVRAEYPLNPHVVSTFNLEPIAKLEAPQVSATTVSEKEHATRLLEQAGMK
;
_entity_poly.pdbx_strand_id   A,B,C,D,E,F,G,H,I
#
loop_
_chem_comp.id
_chem_comp.type
_chem_comp.name
_chem_comp.formula
CN1 non-polymer 'OXO-IRON CLUSTER 2' 'Fe3 H9 O12'
CNB non-polymer 'OXO-IRON CLUSTER 1' 'Fe3 H8 O11'
CNF non-polymer 'OXO-IRON CLUSTER 3' 'Fe3 H9 O12'
#
# COMPACT_ATOMS: atom_id res chain seq x y z
N ASP A 1 -25.47 -31.49 56.56
CA ASP A 1 -24.42 -30.63 55.93
C ASP A 1 -23.43 -31.50 55.18
N ILE A 2 -22.82 -30.94 54.13
CA ILE A 2 -21.85 -31.68 53.32
C ILE A 2 -20.50 -30.99 53.20
N THR A 3 -19.48 -31.78 52.85
CA THR A 3 -18.12 -31.28 52.64
C THR A 3 -17.77 -31.49 51.17
N VAL A 4 -17.56 -30.40 50.46
CA VAL A 4 -17.25 -30.47 49.04
C VAL A 4 -15.77 -30.31 48.74
N TYR A 5 -15.27 -31.19 47.88
CA TYR A 5 -13.89 -31.15 47.43
C TYR A 5 -13.97 -30.36 46.13
N ASN A 6 -13.39 -29.16 46.16
CA ASN A 6 -13.45 -28.25 45.02
C ASN A 6 -12.14 -27.97 44.29
N GLY A 7 -12.15 -28.27 42.99
CA GLY A 7 -10.99 -28.03 42.14
C GLY A 7 -11.33 -26.87 41.22
N GLN A 8 -12.56 -26.37 41.37
CA GLN A 8 -13.05 -25.25 40.60
C GLN A 8 -12.58 -23.96 41.26
N HIS A 9 -12.80 -22.83 40.60
CA HIS A 9 -12.40 -21.55 41.17
C HIS A 9 -13.21 -21.32 42.46
N LYS A 10 -12.52 -20.93 43.53
CA LYS A 10 -13.13 -20.67 44.82
C LYS A 10 -14.32 -19.71 44.74
N GLU A 11 -14.26 -18.80 43.77
CA GLU A 11 -15.30 -17.81 43.55
C GLU A 11 -16.53 -18.49 42.94
N ALA A 12 -16.29 -19.36 41.96
CA ALA A 12 -17.37 -20.09 41.28
C ALA A 12 -18.03 -21.08 42.25
N ALA A 13 -17.21 -21.78 43.02
CA ALA A 13 -17.71 -22.74 44.00
C ALA A 13 -18.47 -22.04 45.14
N GLN A 14 -17.93 -20.91 45.59
CA GLN A 14 -18.52 -20.13 46.67
C GLN A 14 -19.95 -19.73 46.32
N ALA A 15 -20.13 -19.29 45.07
CA ALA A 15 -21.44 -18.86 44.58
C ALA A 15 -22.45 -20.00 44.67
N VAL A 16 -22.11 -21.14 44.08
CA VAL A 16 -23.00 -22.30 44.08
C VAL A 16 -23.33 -22.80 45.49
N ALA A 17 -22.30 -22.81 46.34
CA ALA A 17 -22.44 -23.25 47.72
C ALA A 17 -23.39 -22.40 48.55
N ASP A 18 -23.25 -21.08 48.46
CA ASP A 18 -24.11 -20.17 49.20
C ASP A 18 -25.53 -20.16 48.68
N ALA A 19 -25.68 -20.15 47.36
CA ALA A 19 -27.02 -20.16 46.75
C ALA A 19 -27.73 -21.45 47.15
N PHE A 20 -26.97 -22.54 47.19
CA PHE A 20 -27.50 -23.84 47.57
C PHE A 20 -28.07 -23.73 48.98
N THR A 21 -27.30 -23.11 49.86
CA THR A 21 -27.70 -22.94 51.25
C THR A 21 -28.97 -22.10 51.42
N ARG A 22 -29.15 -21.09 50.57
CA ARG A 22 -30.35 -20.26 50.67
C ARG A 22 -31.56 -21.06 50.23
N ALA A 23 -31.40 -21.79 49.14
CA ALA A 23 -32.47 -22.61 48.58
C ALA A 23 -32.91 -23.75 49.50
N THR A 24 -31.99 -24.32 50.25
CA THR A 24 -32.34 -25.44 51.12
C THR A 24 -32.07 -25.26 52.61
N GLY A 25 -30.94 -24.65 52.95
CA GLY A 25 -30.60 -24.45 54.34
C GLY A 25 -29.50 -25.40 54.77
N ILE A 26 -28.86 -26.02 53.79
CA ILE A 26 -27.78 -26.99 54.01
C ILE A 26 -26.40 -26.34 53.89
N LYS A 27 -25.59 -26.50 54.94
CA LYS A 27 -24.24 -25.93 54.92
C LYS A 27 -23.31 -26.83 54.10
N VAL A 28 -22.49 -26.20 53.28
CA VAL A 28 -21.55 -26.93 52.45
C VAL A 28 -20.12 -26.49 52.72
N LYS A 29 -19.38 -27.29 53.48
CA LYS A 29 -17.99 -26.94 53.76
C LYS A 29 -17.25 -27.07 52.43
N LEU A 30 -16.09 -26.43 52.32
CA LEU A 30 -15.31 -26.52 51.10
C LEU A 30 -13.84 -26.79 51.34
N ASN A 31 -13.32 -27.75 50.57
CA ASN A 31 -11.93 -28.15 50.63
C ASN A 31 -11.41 -27.84 49.24
N SER A 32 -10.70 -26.72 49.10
CA SER A 32 -10.19 -26.30 47.79
C SER A 32 -8.72 -26.58 47.52
N ALA A 33 -8.47 -27.11 46.32
CA ALA A 33 -7.13 -27.46 45.85
C ALA A 33 -7.28 -27.91 44.39
N LYS A 34 -6.16 -28.17 43.71
CA LYS A 34 -6.23 -28.61 42.33
C LYS A 34 -6.98 -29.93 42.15
N GLY A 35 -7.58 -30.11 40.97
CA GLY A 35 -8.34 -31.31 40.68
C GLY A 35 -7.62 -32.62 40.90
N ASP A 36 -6.31 -32.64 40.71
CA ASP A 36 -5.54 -33.87 40.89
C ASP A 36 -5.35 -34.25 42.34
N GLN A 37 -4.81 -33.33 43.13
CA GLN A 37 -4.59 -33.59 44.54
C GLN A 37 -5.82 -34.20 45.20
N LEU A 38 -6.96 -33.53 45.05
CA LEU A 38 -8.21 -33.99 45.65
C LEU A 38 -8.59 -35.41 45.25
N ALA A 39 -8.41 -35.75 43.98
CA ALA A 39 -8.76 -37.07 43.47
C ALA A 39 -7.90 -38.15 44.09
N GLY A 40 -6.59 -37.88 44.18
CA GLY A 40 -5.68 -38.82 44.79
C GLY A 40 -5.86 -38.81 46.29
N GLN A 41 -6.22 -37.64 46.85
CA GLN A 41 -6.44 -37.51 48.29
C GLN A 41 -7.61 -38.42 48.67
N ILE A 42 -8.58 -38.46 47.77
CA ILE A 42 -9.79 -39.27 47.93
C ILE A 42 -9.45 -40.76 47.74
N LYS A 43 -8.42 -41.04 46.93
CA LYS A 43 -8.01 -42.41 46.70
C LYS A 43 -7.36 -42.97 47.97
N GLU A 44 -6.52 -42.15 48.60
CA GLU A 44 -5.83 -42.54 49.82
C GLU A 44 -6.78 -42.77 50.98
N GLU A 45 -7.81 -41.93 51.08
CA GLU A 45 -8.79 -42.04 52.16
C GLU A 45 -9.70 -43.25 51.94
N GLY A 46 -10.11 -43.47 50.69
CA GLY A 46 -10.97 -44.60 50.37
C GLY A 46 -12.32 -44.53 51.05
N SER A 47 -12.74 -45.64 51.67
CA SER A 47 -14.02 -45.71 52.35
C SER A 47 -14.07 -44.75 53.54
N ARG A 48 -12.90 -44.33 54.00
CA ARG A 48 -12.79 -43.40 55.13
C ARG A 48 -12.49 -41.97 54.67
N SER A 49 -13.27 -41.49 53.70
CA SER A 49 -13.08 -40.14 53.17
C SER A 49 -14.17 -39.20 53.69
N PRO A 50 -13.82 -37.93 53.98
CA PRO A 50 -14.77 -36.94 54.47
C PRO A 50 -15.58 -36.35 53.31
N ALA A 51 -14.98 -36.41 52.13
CA ALA A 51 -15.60 -35.91 50.91
C ALA A 51 -16.96 -36.50 50.65
N ASP A 52 -17.96 -35.62 50.48
CA ASP A 52 -19.34 -36.02 50.19
C ASP A 52 -19.62 -35.78 48.70
N VAL A 53 -19.02 -34.71 48.19
CA VAL A 53 -19.18 -34.32 46.79
C VAL A 53 -17.83 -33.89 46.24
N PHE A 54 -17.57 -34.20 44.97
CA PHE A 54 -16.32 -33.82 44.34
C PHE A 54 -16.62 -32.89 43.17
N TYR A 55 -16.31 -31.61 43.37
CA TYR A 55 -16.54 -30.56 42.38
C TYR A 55 -15.24 -30.30 41.62
N SER A 56 -14.98 -31.10 40.60
CA SER A 56 -13.76 -30.97 39.81
C SER A 56 -13.85 -30.10 38.57
N GLU A 57 -12.75 -29.42 38.28
CA GLU A 57 -12.65 -28.54 37.13
C GLU A 57 -12.31 -29.35 35.89
N GLN A 58 -11.79 -30.56 36.09
CA GLN A 58 -11.40 -31.43 34.98
C GLN A 58 -12.14 -32.77 35.03
N ILE A 59 -12.37 -33.35 33.86
CA ILE A 59 -13.07 -34.62 33.76
C ILE A 59 -12.21 -35.84 34.07
N PRO A 60 -10.91 -35.82 33.72
CA PRO A 60 -10.09 -36.98 34.04
C PRO A 60 -10.14 -37.34 35.53
N ALA A 61 -10.09 -36.32 36.38
CA ALA A 61 -10.12 -36.50 37.82
C ALA A 61 -11.36 -37.27 38.22
N LEU A 62 -12.45 -37.06 37.50
CA LEU A 62 -13.71 -37.73 37.77
C LEU A 62 -13.58 -39.17 37.30
N ALA A 63 -12.94 -39.33 36.14
CA ALA A 63 -12.73 -40.64 35.52
C ALA A 63 -11.88 -41.60 36.36
N THR A 64 -10.75 -41.14 36.86
CA THR A 64 -9.90 -42.00 37.67
C THR A 64 -10.65 -42.55 38.87
N LEU A 65 -11.53 -41.74 39.45
CA LEU A 65 -12.31 -42.16 40.61
C LEU A 65 -13.47 -43.07 40.18
N SER A 66 -13.90 -42.93 38.93
CA SER A 66 -14.98 -43.74 38.41
C SER A 66 -14.40 -45.10 38.09
N ALA A 67 -13.16 -45.10 37.61
CA ALA A 67 -12.45 -46.33 37.26
C ALA A 67 -12.02 -47.06 38.52
N ALA A 68 -11.94 -46.33 39.62
CA ALA A 68 -11.54 -46.89 40.90
C ALA A 68 -12.76 -47.25 41.74
N ASN A 69 -13.94 -47.22 41.14
CA ASN A 69 -15.17 -47.56 41.84
C ASN A 69 -15.28 -46.83 43.18
N LEU A 70 -15.44 -45.52 43.12
CA LEU A 70 -15.56 -44.71 44.32
C LEU A 70 -16.75 -43.76 44.24
N LEU A 71 -17.26 -43.54 43.02
CA LEU A 71 -18.38 -42.63 42.80
C LEU A 71 -19.76 -43.27 42.81
N GLU A 72 -20.71 -42.56 43.42
CA GLU A 72 -22.09 -43.01 43.52
C GLU A 72 -22.86 -42.62 42.25
N PRO A 73 -23.73 -43.51 41.76
CA PRO A 73 -24.55 -43.28 40.55
C PRO A 73 -25.62 -42.20 40.74
N LEU A 74 -25.68 -41.27 39.80
CA LEU A 74 -26.63 -40.15 39.84
C LEU A 74 -27.92 -40.46 39.11
N PRO A 75 -29.04 -39.92 39.62
CA PRO A 75 -30.35 -40.15 38.99
C PRO A 75 -30.32 -39.65 37.57
N ALA A 76 -30.99 -40.37 36.67
CA ALA A 76 -31.03 -39.99 35.26
C ALA A 76 -31.52 -38.56 35.06
N SER A 77 -32.40 -38.09 35.96
CA SER A 77 -32.94 -36.74 35.87
C SER A 77 -31.81 -35.72 35.99
N THR A 78 -30.89 -35.97 36.92
CA THR A 78 -29.74 -35.09 37.14
C THR A 78 -28.84 -35.05 35.92
N ILE A 79 -28.32 -36.20 35.53
CA ILE A 79 -27.45 -36.30 34.36
C ILE A 79 -28.12 -35.77 33.09
N ASN A 80 -29.45 -35.69 33.10
CA ASN A 80 -30.16 -35.23 31.91
C ASN A 80 -30.20 -33.71 31.81
N GLU A 81 -30.18 -33.03 32.95
CA GLU A 81 -30.23 -31.56 32.96
C GLU A 81 -29.22 -30.88 32.05
N THR A 82 -28.06 -31.48 31.86
CA THR A 82 -27.01 -30.87 31.03
C THR A 82 -26.63 -31.68 29.79
N ARG A 83 -27.52 -32.59 29.38
CA ARG A 83 -27.25 -33.42 28.21
C ARG A 83 -27.38 -32.62 26.91
N GLY A 84 -26.50 -32.92 25.95
CA GLY A 84 -26.51 -32.24 24.68
C GLY A 84 -25.39 -32.77 23.80
N LYS A 85 -25.51 -32.61 22.48
CA LYS A 85 -24.49 -33.07 21.55
C LYS A 85 -23.09 -32.57 21.91
N GLY A 86 -22.15 -33.49 22.13
CA GLY A 86 -20.78 -33.13 22.46
C GLY A 86 -20.46 -33.06 23.95
N VAL A 87 -21.49 -33.12 24.79
CA VAL A 87 -21.28 -33.06 26.22
C VAL A 87 -20.79 -34.42 26.72
N PRO A 88 -19.78 -34.44 27.61
CA PRO A 88 -19.21 -35.67 28.17
C PRO A 88 -20.22 -36.50 28.99
N VAL A 89 -20.29 -37.78 28.68
CA VAL A 89 -21.21 -38.65 29.40
C VAL A 89 -20.45 -39.70 30.22
N ALA A 90 -20.92 -39.93 31.45
CA ALA A 90 -20.31 -40.91 32.31
C ALA A 90 -20.80 -42.31 31.93
N ALA A 91 -19.88 -43.15 31.51
CA ALA A 91 -20.20 -44.52 31.11
C ALA A 91 -21.02 -45.24 32.19
N LYS A 92 -20.64 -45.03 33.44
CA LYS A 92 -21.33 -45.67 34.56
C LYS A 92 -22.41 -44.76 35.14
N LYS A 93 -22.68 -43.63 34.48
CA LYS A 93 -23.68 -42.67 34.94
C LYS A 93 -23.34 -42.37 36.40
N ASP A 94 -22.06 -42.13 36.68
CA ASP A 94 -21.61 -41.87 38.05
C ASP A 94 -21.00 -40.48 38.32
N TRP A 95 -21.11 -39.58 37.34
CA TRP A 95 -20.68 -38.18 37.44
C TRP A 95 -21.35 -37.44 36.29
N VAL A 96 -21.50 -36.12 36.41
CA VAL A 96 -22.17 -35.35 35.37
C VAL A 96 -21.50 -34.02 34.97
N ALA A 97 -21.43 -33.77 33.66
CA ALA A 97 -20.85 -32.53 33.14
C ALA A 97 -21.70 -31.34 33.57
N LEU A 98 -21.03 -30.25 33.96
CA LEU A 98 -21.72 -29.05 34.44
C LEU A 98 -21.51 -27.77 33.64
N SER A 99 -20.26 -27.38 33.44
CA SER A 99 -19.93 -26.17 32.69
C SER A 99 -18.76 -26.38 31.74
N GLY A 100 -18.53 -25.39 30.90
CA GLY A 100 -17.45 -25.50 29.96
C GLY A 100 -16.73 -24.18 29.77
N ARG A 101 -15.42 -24.27 29.59
CA ARG A 101 -14.59 -23.10 29.36
C ARG A 101 -13.78 -23.33 28.08
N SER A 102 -13.85 -22.38 27.16
CA SER A 102 -13.18 -22.51 25.87
C SER A 102 -11.87 -21.78 25.66
N ARG A 103 -11.18 -22.21 24.61
CA ARG A 103 -9.91 -21.64 24.19
C ARG A 103 -10.29 -20.46 23.28
N VAL A 104 -9.52 -19.38 23.34
CA VAL A 104 -9.84 -18.25 22.49
C VAL A 104 -8.60 -17.52 22.03
N VAL A 105 -8.83 -16.47 21.24
CA VAL A 105 -7.76 -15.63 20.72
C VAL A 105 -8.20 -14.20 20.97
N VAL A 106 -7.49 -13.53 21.88
CA VAL A 106 -7.80 -12.15 22.19
C VAL A 106 -6.88 -11.30 21.33
N TYR A 107 -7.42 -10.21 20.80
CA TYR A 107 -6.60 -9.35 19.95
C TYR A 107 -6.81 -7.87 20.22
N ASP A 108 -5.95 -7.07 19.60
CA ASP A 108 -5.98 -5.63 19.74
C ASP A 108 -6.86 -5.01 18.66
N THR A 109 -8.06 -4.59 19.05
CA THR A 109 -8.99 -3.99 18.10
C THR A 109 -8.55 -2.62 17.57
N ARG A 110 -7.46 -2.09 18.14
CA ARG A 110 -6.92 -0.82 17.68
C ARG A 110 -6.20 -1.07 16.38
N LYS A 111 -5.70 -2.29 16.22
CA LYS A 111 -4.95 -2.68 15.04
C LYS A 111 -5.69 -3.69 14.15
N LEU A 112 -6.33 -4.69 14.77
CA LEU A 112 -7.02 -5.71 14.01
C LEU A 112 -8.53 -5.81 14.23
N SER A 113 -9.17 -6.49 13.27
CA SER A 113 -10.60 -6.75 13.27
C SER A 113 -10.75 -8.26 13.05
N GLU A 114 -11.97 -8.73 12.78
CA GLU A 114 -12.17 -10.16 12.55
C GLU A 114 -11.57 -10.66 11.23
N LYS A 115 -11.84 -9.93 10.15
CA LYS A 115 -11.33 -10.29 8.83
C LYS A 115 -9.81 -10.47 8.84
N ASP A 116 -9.17 -10.02 9.91
CA ASP A 116 -7.71 -10.09 10.05
C ASP A 116 -7.20 -11.35 10.73
N LEU A 117 -8.12 -12.13 11.30
CA LEU A 117 -7.75 -13.35 12.02
C LEU A 117 -7.68 -14.62 11.15
N GLU A 118 -7.28 -15.73 11.79
CA GLU A 118 -7.14 -17.02 11.11
C GLU A 118 -8.36 -17.92 11.28
N LYS A 119 -8.54 -18.83 10.32
CA LYS A 119 -9.66 -19.78 10.33
C LYS A 119 -9.34 -21.04 11.14
N SER A 120 -8.07 -21.16 11.55
CA SER A 120 -7.58 -22.29 12.35
C SER A 120 -6.50 -21.80 13.32
N VAL A 121 -6.55 -22.25 14.57
CA VAL A 121 -5.53 -21.83 15.52
C VAL A 121 -4.16 -22.32 15.03
N LEU A 122 -4.17 -23.31 14.15
CA LEU A 122 -2.95 -23.88 13.61
C LEU A 122 -2.14 -22.94 12.71
N ASN A 123 -2.84 -22.04 12.03
CA ASN A 123 -2.20 -21.10 11.10
C ASN A 123 -1.46 -19.95 11.76
N TYR A 124 -1.40 -19.98 13.10
CA TYR A 124 -0.70 -18.95 13.86
C TYR A 124 0.78 -19.29 14.00
N ALA A 125 1.13 -20.53 13.68
CA ALA A 125 2.51 -20.97 13.77
C ALA A 125 3.15 -20.82 12.38
N THR A 126 3.04 -19.61 11.83
CA THR A 126 3.60 -19.31 10.51
C THR A 126 4.32 -17.96 10.51
N PRO A 127 5.06 -17.64 9.43
CA PRO A 127 5.79 -16.37 9.33
C PRO A 127 4.86 -15.16 9.34
N LYS A 128 3.62 -15.36 8.91
CA LYS A 128 2.64 -14.28 8.87
C LYS A 128 2.45 -13.66 10.25
N TRP A 129 2.80 -14.38 11.30
CA TRP A 129 2.63 -13.85 12.64
C TRP A 129 3.91 -13.77 13.47
N LYS A 130 5.06 -13.65 12.81
CA LYS A 130 6.30 -13.57 13.57
C LYS A 130 6.17 -12.44 14.57
N ASN A 131 6.16 -12.80 15.85
CA ASN A 131 6.05 -11.82 16.93
C ASN A 131 4.72 -11.06 16.88
N ARG A 132 3.67 -11.72 16.38
CA ARG A 132 2.34 -11.13 16.28
C ARG A 132 1.32 -11.94 17.06
N ILE A 133 1.74 -13.10 17.58
CA ILE A 133 0.86 -13.95 18.37
C ILE A 133 1.63 -14.46 19.58
N GLY A 134 0.97 -14.45 20.74
CA GLY A 134 1.61 -14.92 21.96
C GLY A 134 1.02 -16.21 22.47
N TYR A 135 1.70 -16.83 23.43
CA TYR A 135 1.22 -18.07 24.00
C TYR A 135 1.84 -18.26 25.38
N VAL A 136 1.41 -19.30 26.08
CA VAL A 136 1.90 -19.61 27.42
C VAL A 136 2.21 -21.10 27.46
N PRO A 137 3.42 -21.48 27.01
CA PRO A 137 3.88 -22.87 26.97
C PRO A 137 3.80 -23.65 28.27
N THR A 138 3.62 -22.95 29.39
CA THR A 138 3.55 -23.61 30.68
C THR A 138 2.16 -23.61 31.30
N SER A 139 1.15 -23.43 30.44
CA SER A 139 -0.24 -23.42 30.89
C SER A 139 -0.83 -24.82 30.73
N GLY A 140 -1.73 -25.17 31.64
CA GLY A 140 -2.39 -26.47 31.61
C GLY A 140 -3.41 -26.52 30.48
N ALA A 141 -3.82 -25.34 30.00
CA ALA A 141 -4.76 -25.25 28.91
C ALA A 141 -3.97 -25.38 27.60
N PHE A 142 -2.73 -24.90 27.63
CA PHE A 142 -1.86 -24.98 26.46
C PHE A 142 -1.51 -26.46 26.22
N LEU A 143 -1.44 -27.23 27.30
CA LEU A 143 -1.13 -28.65 27.23
C LEU A 143 -2.33 -29.39 26.66
N GLU A 144 -3.52 -28.97 27.06
CA GLU A 144 -4.75 -29.58 26.58
C GLU A 144 -4.87 -29.36 25.09
N GLN A 145 -4.47 -28.16 24.64
CA GLN A 145 -4.51 -27.79 23.24
C GLN A 145 -3.62 -28.72 22.41
N ILE A 146 -2.47 -29.11 22.97
CA ILE A 146 -1.55 -30.01 22.29
C ILE A 146 -2.21 -31.38 22.16
N VAL A 147 -2.65 -31.91 23.29
CA VAL A 147 -3.32 -33.21 23.37
C VAL A 147 -4.50 -33.31 22.40
N ALA A 148 -5.23 -32.20 22.25
CA ALA A 148 -6.38 -32.18 21.35
C ALA A 148 -5.93 -32.17 19.90
N ILE A 149 -4.93 -31.37 19.54
CA ILE A 149 -4.45 -31.35 18.16
C ILE A 149 -3.99 -32.76 17.80
N VAL A 150 -3.10 -33.32 18.61
CA VAL A 150 -2.61 -34.67 18.37
C VAL A 150 -3.76 -35.61 18.06
N LYS A 151 -4.80 -35.53 18.88
CA LYS A 151 -5.97 -36.39 18.71
C LYS A 151 -6.83 -36.07 17.50
N LEU A 152 -6.74 -34.83 17.02
CA LEU A 152 -7.54 -34.39 15.88
C LEU A 152 -6.82 -34.39 14.54
N LYS A 153 -5.50 -34.20 14.56
CA LYS A 153 -4.71 -34.16 13.34
C LYS A 153 -3.56 -35.15 13.31
N GLY A 154 -3.07 -35.52 14.49
CA GLY A 154 -1.95 -36.44 14.56
C GLY A 154 -0.76 -35.73 15.18
N GLU A 155 0.16 -36.51 15.74
CA GLU A 155 1.35 -35.96 16.38
C GLU A 155 2.14 -34.97 15.55
N ALA A 156 2.26 -35.24 14.25
CA ALA A 156 3.02 -34.40 13.34
C ALA A 156 2.58 -32.93 13.31
N ALA A 157 1.28 -32.70 13.19
CA ALA A 157 0.77 -31.33 13.13
C ALA A 157 0.94 -30.63 14.46
N ALA A 158 0.91 -31.40 15.55
CA ALA A 158 1.07 -30.83 16.88
C ALA A 158 2.48 -30.31 17.11
N LEU A 159 3.48 -31.10 16.75
CA LEU A 159 4.87 -30.69 16.93
C LEU A 159 5.19 -29.52 15.98
N LYS A 160 4.65 -29.58 14.77
CA LYS A 160 4.88 -28.53 13.79
C LYS A 160 4.33 -27.21 14.32
N TRP A 161 3.15 -27.27 14.93
CA TRP A 161 2.48 -26.11 15.50
C TRP A 161 3.33 -25.50 16.60
N LEU A 162 3.91 -26.37 17.44
CA LEU A 162 4.76 -25.93 18.54
C LEU A 162 6.08 -25.30 18.08
N LYS A 163 6.73 -25.89 17.08
CA LYS A 163 7.99 -25.36 16.58
C LYS A 163 7.81 -24.02 15.84
N GLY A 164 6.64 -23.87 15.21
CA GLY A 164 6.35 -22.65 14.51
C GLY A 164 6.08 -21.53 15.49
N LEU A 165 5.43 -21.86 16.61
CA LEU A 165 5.15 -20.87 17.64
C LEU A 165 6.47 -20.39 18.22
N LYS A 166 7.36 -21.34 18.53
CA LYS A 166 8.69 -21.02 19.09
C LYS A 166 9.48 -20.17 18.11
N GLU A 167 9.26 -20.41 16.82
CA GLU A 167 9.96 -19.67 15.78
C GLU A 167 9.39 -18.26 15.54
N TYR A 168 8.09 -18.08 15.79
CA TYR A 168 7.45 -16.79 15.55
C TYR A 168 6.74 -16.09 16.70
N GLY A 169 5.79 -16.77 17.34
CA GLY A 169 5.05 -16.17 18.43
C GLY A 169 5.91 -15.68 19.59
N LYS A 170 5.28 -15.42 20.73
CA LYS A 170 5.99 -14.95 21.92
C LYS A 170 5.35 -15.52 23.19
N PRO A 171 6.16 -16.19 24.02
CA PRO A 171 5.72 -16.81 25.28
C PRO A 171 5.49 -15.86 26.46
N TYR A 172 4.36 -16.05 27.15
CA TYR A 172 4.02 -15.24 28.31
C TYR A 172 3.88 -16.16 29.53
N ALA A 173 4.43 -15.71 30.66
CA ALA A 173 4.42 -16.47 31.91
C ALA A 173 3.08 -17.12 32.30
N LYS A 174 2.01 -16.32 32.32
CA LYS A 174 0.66 -16.79 32.68
C LYS A 174 -0.31 -16.28 31.65
N ASN A 175 -1.56 -16.77 31.69
CA ASN A 175 -2.57 -16.31 30.74
C ASN A 175 -2.82 -14.79 30.84
N SER A 176 -3.15 -14.32 32.03
CA SER A 176 -3.42 -12.90 32.27
C SER A 176 -2.29 -12.00 31.78
N VAL A 177 -1.06 -12.50 31.83
CA VAL A 177 0.11 -11.75 31.39
C VAL A 177 0.09 -11.57 29.86
N ALA A 178 -0.47 -12.56 29.18
CA ALA A 178 -0.58 -12.53 27.72
C ALA A 178 -1.71 -11.60 27.28
N LEU A 179 -2.72 -11.47 28.13
CA LEU A 179 -3.85 -10.60 27.83
C LEU A 179 -3.48 -9.14 28.05
N GLN A 180 -2.85 -8.84 29.18
CA GLN A 180 -2.43 -7.47 29.45
C GLN A 180 -1.50 -7.01 28.34
N ALA A 181 -0.67 -7.93 27.86
CA ALA A 181 0.29 -7.65 26.79
C ALA A 181 -0.44 -7.18 25.53
N VAL A 182 -1.55 -7.84 25.22
CA VAL A 182 -2.37 -7.53 24.06
C VAL A 182 -3.10 -6.22 24.31
N GLU A 183 -3.48 -5.99 25.57
CA GLU A 183 -4.20 -4.78 25.96
C GLU A 183 -3.28 -3.56 26.00
N ASN A 184 -1.98 -3.80 26.16
CA ASN A 184 -0.99 -2.72 26.21
C ASN A 184 -0.53 -2.33 24.82
N GLY A 185 -0.65 -3.28 23.90
CA GLY A 185 -0.24 -3.02 22.52
C GLY A 185 1.17 -3.54 22.29
N GLU A 186 1.57 -4.49 23.14
CA GLU A 186 2.89 -5.12 23.08
C GLU A 186 2.91 -6.18 22.00
N ILE A 187 1.76 -6.81 21.76
CA ILE A 187 1.63 -7.84 20.75
C ILE A 187 0.21 -7.85 20.18
N ASP A 188 0.09 -8.10 18.89
CA ASP A 188 -1.22 -8.13 18.23
C ASP A 188 -2.25 -8.98 18.93
N ALA A 189 -2.00 -10.29 19.00
CA ALA A 189 -2.93 -11.23 19.63
C ALA A 189 -2.26 -12.28 20.52
N ALA A 190 -3.06 -13.16 21.10
CA ALA A 190 -2.53 -14.20 21.96
C ALA A 190 -3.56 -15.32 22.16
N LEU A 191 -3.06 -16.53 22.35
CA LEU A 191 -3.92 -17.70 22.57
C LEU A 191 -4.16 -17.81 24.08
N ILE A 192 -5.43 -17.68 24.48
CA ILE A 192 -5.79 -17.76 25.90
C ILE A 192 -7.14 -18.43 26.16
N ASN A 193 -7.59 -18.33 27.39
CA ASN A 193 -8.87 -18.90 27.81
C ASN A 193 -9.90 -17.78 27.95
N ASN A 194 -11.08 -18.00 27.39
CA ASN A 194 -12.15 -17.01 27.40
C ASN A 194 -12.52 -16.49 28.77
N TYR A 195 -12.37 -17.33 29.78
CA TYR A 195 -12.74 -16.92 31.12
C TYR A 195 -11.89 -15.78 31.68
N TYR A 196 -10.57 -15.83 31.49
CA TYR A 196 -9.67 -14.78 31.98
C TYR A 196 -9.99 -13.39 31.41
N TRP A 197 -10.58 -13.33 30.21
CA TRP A 197 -10.91 -12.02 29.58
C TRP A 197 -12.24 -11.42 30.03
N HIS A 198 -13.28 -12.23 30.11
CA HIS A 198 -14.58 -11.73 30.53
C HIS A 198 -14.49 -11.03 31.87
N ALA A 199 -13.71 -11.64 32.75
CA ALA A 199 -13.48 -11.12 34.09
C ALA A 199 -12.71 -9.80 34.11
N PHE A 200 -11.95 -9.56 33.04
CA PHE A 200 -11.15 -8.34 32.93
C PHE A 200 -12.01 -7.16 32.46
N ALA A 201 -12.84 -7.43 31.46
CA ALA A 201 -13.72 -6.40 30.92
C ALA A 201 -14.80 -5.99 31.91
N ARG A 202 -15.32 -6.95 32.67
CA ARG A 202 -16.35 -6.66 33.66
C ARG A 202 -15.81 -5.76 34.77
N GLU A 203 -14.60 -6.08 35.21
CA GLU A 203 -13.91 -5.34 36.28
C GLU A 203 -13.64 -3.91 35.82
N LYS A 204 -13.02 -3.76 34.66
CA LYS A 204 -12.70 -2.45 34.11
C LYS A 204 -13.91 -1.73 33.53
N GLY A 205 -14.52 -2.36 32.54
CA GLY A 205 -15.67 -1.79 31.87
C GLY A 205 -15.32 -1.93 30.40
N VAL A 206 -16.05 -2.78 29.69
CA VAL A 206 -15.79 -3.05 28.28
C VAL A 206 -15.39 -1.84 27.42
N GLN A 207 -15.96 -0.68 27.71
CA GLN A 207 -15.64 0.53 26.95
C GLN A 207 -14.22 1.04 27.21
N ASN A 208 -13.60 0.54 28.27
CA ASN A 208 -12.24 0.94 28.63
C ASN A 208 -11.25 -0.16 28.26
N VAL A 209 -11.80 -1.23 27.68
CA VAL A 209 -11.03 -2.40 27.26
C VAL A 209 -10.87 -2.39 25.73
N HIS A 210 -9.63 -2.45 25.27
CA HIS A 210 -9.32 -2.45 23.83
C HIS A 210 -9.30 -3.84 23.22
N THR A 211 -9.01 -4.84 24.04
CA THR A 211 -8.94 -6.23 23.58
C THR A 211 -10.30 -6.87 23.30
N ARG A 212 -10.32 -7.83 22.39
CA ARG A 212 -11.54 -8.55 22.04
C ARG A 212 -11.24 -10.02 21.78
N LEU A 213 -12.24 -10.86 22.01
CA LEU A 213 -12.09 -12.31 21.83
C LEU A 213 -12.53 -12.78 20.47
N ASN A 214 -11.85 -13.82 20.00
CA ASN A 214 -12.16 -14.42 18.72
C ASN A 214 -12.32 -15.91 18.92
N PHE A 215 -13.37 -16.47 18.32
CA PHE A 215 -13.67 -17.90 18.40
C PHE A 215 -13.58 -18.51 17.02
N VAL A 216 -12.78 -19.57 16.87
CA VAL A 216 -12.60 -20.22 15.57
C VAL A 216 -13.76 -21.13 15.12
N ARG A 217 -14.40 -21.82 16.06
CA ARG A 217 -15.52 -22.71 15.73
C ARG A 217 -15.08 -23.72 14.66
N HIS A 218 -16.04 -24.23 13.89
CA HIS A 218 -15.75 -25.19 12.82
C HIS A 218 -15.02 -26.46 13.27
N ARG A 219 -15.35 -26.96 14.47
CA ARG A 219 -14.73 -28.17 15.01
C ARG A 219 -13.22 -28.07 14.86
N ASP A 220 -12.70 -26.85 14.91
CA ASP A 220 -11.27 -26.58 14.80
C ASP A 220 -10.62 -27.01 16.11
N PRO A 221 -9.30 -27.27 16.09
CA PRO A 221 -8.63 -27.67 17.33
C PRO A 221 -8.51 -26.43 18.22
N GLY A 222 -8.68 -25.27 17.60
CA GLY A 222 -8.60 -24.02 18.34
C GLY A 222 -9.88 -23.72 19.11
N ALA A 223 -10.92 -24.51 18.85
CA ALA A 223 -12.21 -24.35 19.52
C ALA A 223 -12.36 -25.32 20.70
N LEU A 224 -11.25 -25.88 21.17
CA LEU A 224 -11.26 -26.83 22.27
C LEU A 224 -11.91 -26.29 23.55
N VAL A 225 -12.95 -26.97 24.02
CA VAL A 225 -13.68 -26.61 25.24
C VAL A 225 -13.47 -27.67 26.32
N THR A 226 -12.97 -27.25 27.47
CA THR A 226 -12.73 -28.17 28.58
C THR A 226 -13.94 -28.13 29.53
N TYR A 227 -14.41 -29.31 29.92
CA TYR A 227 -15.56 -29.41 30.79
C TYR A 227 -15.29 -29.69 32.25
N SER A 228 -16.19 -29.20 33.09
CA SER A 228 -16.09 -29.44 34.53
C SER A 228 -17.32 -30.26 34.88
N GLY A 229 -17.27 -30.95 36.02
CA GLY A 229 -18.38 -31.76 36.44
C GLY A 229 -18.38 -31.92 37.94
N ALA A 230 -19.29 -32.75 38.42
CA ALA A 230 -19.40 -33.01 39.85
C ALA A 230 -19.85 -34.46 40.06
N ALA A 231 -19.48 -35.02 41.21
CA ALA A 231 -19.83 -36.38 41.52
C ALA A 231 -19.97 -36.56 43.02
N VAL A 232 -20.66 -37.63 43.41
CA VAL A 232 -20.85 -37.94 44.83
C VAL A 232 -20.04 -39.22 45.08
N LEU A 233 -19.54 -39.40 46.30
CA LEU A 233 -18.73 -40.56 46.63
C LEU A 233 -19.51 -41.66 47.35
N LYS A 234 -19.16 -42.92 47.08
CA LYS A 234 -19.83 -44.05 47.69
C LYS A 234 -19.54 -44.10 49.19
N SER A 235 -18.55 -43.33 49.63
CA SER A 235 -18.18 -43.28 51.04
C SER A 235 -18.93 -42.19 51.78
N SER A 236 -19.80 -41.47 51.07
CA SER A 236 -20.57 -40.38 51.66
C SER A 236 -21.58 -40.87 52.69
N GLN A 237 -21.75 -40.11 53.76
CA GLN A 237 -22.68 -40.46 54.81
C GLN A 237 -23.88 -39.51 54.71
N ASN A 238 -23.76 -38.55 53.80
CA ASN A 238 -24.81 -37.58 53.54
C ASN A 238 -25.15 -37.65 52.06
N LYS A 239 -25.22 -38.88 51.55
CA LYS A 239 -25.55 -39.14 50.15
C LYS A 239 -26.88 -38.50 49.80
N ASP A 240 -27.77 -38.44 50.78
CA ASP A 240 -29.08 -37.86 50.61
C ASP A 240 -28.98 -36.45 50.05
N GLU A 241 -28.22 -35.59 50.73
CA GLU A 241 -28.05 -34.21 50.31
C GLU A 241 -26.83 -33.95 49.45
N ALA A 242 -26.00 -34.98 49.27
CA ALA A 242 -24.83 -34.83 48.43
C ALA A 242 -25.41 -34.86 47.02
N LYS A 243 -26.34 -35.78 46.78
CA LYS A 243 -26.99 -35.88 45.48
C LYS A 243 -27.68 -34.55 45.19
N LYS A 244 -28.49 -34.09 46.14
CA LYS A 244 -29.21 -32.82 46.03
C LYS A 244 -28.30 -31.67 45.60
N PHE A 245 -27.06 -31.71 46.05
CA PHE A 245 -26.09 -30.68 45.71
C PHE A 245 -25.69 -30.77 44.24
N VAL A 246 -25.36 -31.97 43.79
CA VAL A 246 -24.97 -32.18 42.39
C VAL A 246 -26.17 -31.87 41.50
N ALA A 247 -27.37 -32.16 42.01
CA ALA A 247 -28.62 -31.91 41.30
C ALA A 247 -28.83 -30.40 41.16
N PHE A 248 -28.44 -29.65 42.18
CA PHE A 248 -28.55 -28.19 42.15
C PHE A 248 -27.57 -27.70 41.10
N LEU A 249 -26.35 -28.22 41.17
CA LEU A 249 -25.28 -27.85 40.26
C LEU A 249 -25.70 -27.92 38.81
N ALA A 250 -26.44 -28.97 38.46
CA ALA A 250 -26.92 -29.17 37.10
C ALA A 250 -28.23 -28.42 36.83
N GLY A 251 -28.98 -28.14 37.90
CA GLY A 251 -30.24 -27.43 37.78
C GLY A 251 -30.09 -25.98 37.36
N LYS A 252 -31.12 -25.43 36.73
CA LYS A 252 -31.11 -24.05 36.25
C LYS A 252 -30.63 -23.05 37.30
N GLU A 253 -31.21 -23.09 38.50
CA GLU A 253 -30.81 -22.14 39.53
C GLU A 253 -29.33 -22.25 39.85
N GLY A 254 -28.84 -23.48 39.96
CA GLY A 254 -27.43 -23.70 40.27
C GLY A 254 -26.56 -23.19 39.13
N GLN A 255 -27.06 -23.33 37.91
CA GLN A 255 -26.35 -22.88 36.73
C GLN A 255 -26.30 -21.35 36.71
N ARG A 256 -27.35 -20.74 37.25
CA ARG A 256 -27.45 -19.29 37.31
C ARG A 256 -26.52 -18.70 38.38
N ALA A 257 -26.28 -19.47 39.43
CA ALA A 257 -25.41 -18.99 40.49
C ALA A 257 -23.98 -18.91 39.96
N LEU A 258 -23.53 -20.00 39.34
CA LEU A 258 -22.19 -20.03 38.78
C LEU A 258 -21.98 -18.98 37.70
N THR A 259 -22.91 -18.89 36.75
CA THR A 259 -22.76 -17.95 35.65
C THR A 259 -23.02 -16.49 35.99
N ALA A 260 -23.30 -16.24 37.27
CA ALA A 260 -23.53 -14.89 37.73
C ALA A 260 -22.18 -14.31 38.12
N VAL A 261 -21.22 -15.21 38.34
CA VAL A 261 -19.87 -14.81 38.74
C VAL A 261 -18.78 -15.36 37.82
N ARG A 262 -19.04 -16.51 37.20
CA ARG A 262 -18.08 -17.14 36.30
C ARG A 262 -18.51 -17.07 34.85
N ALA A 263 -17.53 -16.90 33.98
CA ALA A 263 -17.77 -16.79 32.54
C ALA A 263 -17.71 -18.13 31.81
N GLU A 264 -18.16 -19.19 32.47
CA GLU A 264 -18.14 -20.53 31.86
C GLU A 264 -19.50 -20.89 31.27
N TYR A 265 -19.50 -21.29 30.00
CA TYR A 265 -20.73 -21.65 29.32
C TYR A 265 -21.55 -22.68 30.08
N PRO A 266 -22.83 -22.36 30.32
CA PRO A 266 -23.73 -23.27 31.04
C PRO A 266 -24.10 -24.42 30.12
N LEU A 267 -24.06 -25.65 30.64
CA LEU A 267 -24.43 -26.81 29.85
C LEU A 267 -25.94 -26.96 29.87
N ASN A 268 -26.57 -26.40 30.91
CA ASN A 268 -28.02 -26.43 31.04
C ASN A 268 -28.47 -25.37 30.02
N PRO A 269 -29.32 -25.75 29.05
CA PRO A 269 -29.77 -24.81 28.01
C PRO A 269 -30.82 -23.76 28.41
N HIS A 270 -31.41 -23.92 29.59
CA HIS A 270 -32.43 -22.99 30.09
C HIS A 270 -31.81 -21.87 30.91
N VAL A 271 -30.49 -21.70 30.78
CA VAL A 271 -29.77 -20.69 31.54
C VAL A 271 -29.15 -19.62 30.64
N VAL A 272 -29.25 -18.37 31.10
CA VAL A 272 -28.69 -17.23 30.39
C VAL A 272 -27.57 -16.63 31.24
N SER A 273 -26.36 -16.66 30.70
CA SER A 273 -25.20 -16.13 31.40
C SER A 273 -25.30 -14.61 31.60
N THR A 274 -24.67 -14.09 32.65
CA THR A 274 -24.67 -12.66 32.89
C THR A 274 -23.48 -12.11 32.10
N PHE A 275 -22.78 -13.02 31.43
CA PHE A 275 -21.63 -12.67 30.58
C PHE A 275 -22.08 -12.90 29.13
N ASN A 276 -21.57 -12.08 28.22
CA ASN A 276 -21.93 -12.19 26.81
C ASN A 276 -21.46 -13.52 26.19
N LEU A 277 -22.11 -14.62 26.58
CA LEU A 277 -21.78 -15.95 26.06
C LEU A 277 -22.85 -16.51 25.14
N GLU A 278 -22.42 -16.92 23.95
CA GLU A 278 -23.33 -17.51 23.00
C GLU A 278 -23.59 -18.92 23.53
N PRO A 279 -24.71 -19.55 23.11
CA PRO A 279 -25.01 -20.91 23.57
C PRO A 279 -23.80 -21.82 23.32
N ILE A 280 -23.43 -22.63 24.30
CA ILE A 280 -22.26 -23.51 24.16
C ILE A 280 -22.19 -24.32 22.86
N ALA A 281 -23.35 -24.74 22.35
CA ALA A 281 -23.38 -25.53 21.13
C ALA A 281 -22.92 -24.72 19.91
N LYS A 282 -23.03 -23.40 19.99
CA LYS A 282 -22.64 -22.55 18.88
C LYS A 282 -21.13 -22.43 18.70
N LEU A 283 -20.36 -22.78 19.74
CA LEU A 283 -18.91 -22.70 19.65
C LEU A 283 -18.40 -23.71 18.62
N GLU A 284 -19.16 -24.78 18.42
CA GLU A 284 -18.79 -25.83 17.48
C GLU A 284 -17.49 -26.50 17.90
N ALA A 285 -17.29 -26.64 19.21
CA ALA A 285 -16.08 -27.26 19.75
C ALA A 285 -15.92 -28.67 19.18
N PRO A 286 -14.67 -29.04 18.82
CA PRO A 286 -14.41 -30.38 18.27
C PRO A 286 -14.63 -31.50 19.27
N GLN A 287 -15.01 -32.66 18.76
CA GLN A 287 -15.22 -33.81 19.63
C GLN A 287 -13.87 -34.41 20.00
N VAL A 288 -13.62 -34.55 21.30
CA VAL A 288 -12.36 -35.10 21.81
C VAL A 288 -12.61 -35.87 23.11
N SER A 289 -11.85 -36.94 23.30
CA SER A 289 -11.96 -37.76 24.51
C SER A 289 -11.16 -37.13 25.65
N ALA A 290 -11.37 -37.61 26.88
CA ALA A 290 -10.65 -37.04 28.02
C ALA A 290 -9.15 -37.28 27.94
N THR A 291 -8.38 -36.36 28.50
CA THR A 291 -6.93 -36.47 28.50
C THR A 291 -6.42 -37.45 29.55
N THR A 292 -5.47 -38.29 29.13
CA THR A 292 -4.89 -39.30 30.00
C THR A 292 -3.47 -38.93 30.41
N VAL A 293 -3.00 -39.61 31.45
CA VAL A 293 -1.66 -39.38 31.96
C VAL A 293 -0.66 -39.43 30.80
N SER A 294 -0.64 -40.56 30.10
CA SER A 294 0.28 -40.77 28.98
C SER A 294 0.10 -39.72 27.89
N GLU A 295 -1.11 -39.18 27.82
CA GLU A 295 -1.45 -38.16 26.84
C GLU A 295 -0.77 -36.85 27.20
N LYS A 296 -0.77 -36.52 28.49
CA LYS A 296 -0.14 -35.30 28.97
C LYS A 296 1.36 -35.52 28.88
N GLU A 297 1.75 -36.75 29.16
CA GLU A 297 3.14 -37.17 29.12
C GLU A 297 3.64 -36.88 27.71
N HIS A 298 2.85 -37.34 26.75
CA HIS A 298 3.13 -37.17 25.34
C HIS A 298 3.24 -35.71 24.90
N ALA A 299 2.28 -34.89 25.31
CA ALA A 299 2.24 -33.47 24.97
C ALA A 299 3.39 -32.70 25.60
N THR A 300 3.71 -33.07 26.84
CA THR A 300 4.81 -32.44 27.58
C THR A 300 6.16 -32.73 26.92
N ARG A 301 6.29 -33.92 26.34
CA ARG A 301 7.51 -34.31 25.67
C ARG A 301 7.62 -33.50 24.37
N LEU A 302 6.47 -33.21 23.77
CA LEU A 302 6.41 -32.42 22.54
C LEU A 302 6.81 -30.97 22.81
N LEU A 303 6.65 -30.54 24.06
CA LEU A 303 7.01 -29.18 24.46
C LEU A 303 8.53 -29.13 24.53
N GLU A 304 9.12 -30.23 25.01
CA GLU A 304 10.56 -30.33 25.10
C GLU A 304 11.14 -30.29 23.69
N GLN A 305 10.53 -31.08 22.81
CA GLN A 305 10.95 -31.17 21.42
C GLN A 305 10.79 -29.83 20.68
N ALA A 306 9.78 -29.06 21.06
CA ALA A 306 9.54 -27.75 20.44
C ALA A 306 10.49 -26.70 21.01
N GLY A 307 11.06 -27.00 22.18
CA GLY A 307 11.99 -26.09 22.81
C GLY A 307 11.27 -25.00 23.58
N MET A 308 10.38 -25.41 24.48
CA MET A 308 9.62 -24.48 25.29
C MET A 308 9.83 -24.79 26.77
N LYS A 309 10.23 -26.02 27.05
CA LYS A 309 10.47 -26.48 28.41
C LYS A 309 11.52 -27.58 28.44
N ASP B 1 47.90 4.50 28.84
CA ASP B 1 49.13 5.18 28.34
C ASP B 1 50.08 4.18 27.68
N ILE B 2 50.69 4.58 26.58
CA ILE B 2 51.59 3.71 25.84
C ILE B 2 52.93 4.39 25.54
N THR B 3 53.90 3.59 25.13
CA THR B 3 55.21 4.11 24.77
C THR B 3 55.37 3.91 23.27
N VAL B 4 55.92 4.90 22.58
CA VAL B 4 56.09 4.78 21.15
C VAL B 4 57.52 5.08 20.71
N TYR B 5 58.07 4.15 19.92
CA TYR B 5 59.42 4.28 19.40
C TYR B 5 59.35 5.10 18.12
N ASN B 6 59.66 6.39 18.25
CA ASN B 6 59.58 7.32 17.12
C ASN B 6 60.85 7.47 16.26
N GLY B 7 60.66 7.29 14.95
CA GLY B 7 61.73 7.40 13.98
C GLY B 7 61.44 8.56 13.05
N GLN B 8 60.17 8.80 12.78
CA GLN B 8 59.85 9.96 11.95
C GLN B 8 60.36 11.08 12.86
N HIS B 9 60.25 12.34 12.43
CA HIS B 9 60.79 13.33 13.30
C HIS B 9 60.05 13.91 14.49
N LYS B 10 60.87 13.95 15.51
CA LYS B 10 60.66 14.39 16.87
C LYS B 10 59.52 15.31 17.21
N GLU B 11 59.65 16.57 16.79
CA GLU B 11 58.66 17.62 17.05
C GLU B 11 57.33 17.46 16.33
N ALA B 12 57.34 16.80 15.18
CA ALA B 12 56.06 16.55 14.49
C ALA B 12 55.63 15.15 14.92
N ALA B 13 56.36 14.52 15.86
CA ALA B 13 55.87 13.24 16.33
C ALA B 13 54.90 13.70 17.41
N GLN B 14 55.38 14.72 18.11
CA GLN B 14 54.66 15.42 19.15
C GLN B 14 53.37 15.92 18.51
N ALA B 15 53.42 16.21 17.21
CA ALA B 15 52.25 16.73 16.50
C ALA B 15 51.05 15.80 16.64
N VAL B 16 51.17 14.63 16.02
CA VAL B 16 50.12 13.62 16.07
C VAL B 16 50.01 13.02 17.48
N ALA B 17 51.08 13.18 18.25
CA ALA B 17 51.14 12.68 19.62
C ALA B 17 50.24 13.47 20.56
N ASP B 18 50.60 14.73 20.79
CA ASP B 18 49.83 15.59 21.69
C ASP B 18 48.42 15.81 21.17
N ALA B 19 48.25 15.77 19.85
CA ALA B 19 46.95 15.94 19.23
C ALA B 19 46.10 14.71 19.53
N PHE B 20 46.78 13.62 19.87
CA PHE B 20 46.14 12.35 20.19
C PHE B 20 45.69 12.35 21.65
N THR B 21 46.55 12.83 22.54
CA THR B 21 46.24 12.88 23.97
C THR B 21 45.14 13.86 24.36
N ARG B 22 44.65 14.64 23.39
CA ARG B 22 43.58 15.58 23.68
C ARG B 22 42.25 14.94 23.31
N ALA B 23 42.13 14.53 22.05
CA ALA B 23 40.92 13.87 21.56
C ALA B 23 40.66 12.56 22.29
N THR B 24 41.73 11.93 22.80
CA THR B 24 41.59 10.67 23.50
C THR B 24 41.93 10.78 25.00
N GLY B 25 42.99 11.50 25.32
CA GLY B 25 43.38 11.63 26.72
C GLY B 25 44.48 10.67 27.09
N ILE B 26 44.86 9.80 26.16
CA ILE B 26 45.93 8.82 26.41
C ILE B 26 47.31 9.46 26.31
N LYS B 27 48.06 9.43 27.39
CA LYS B 27 49.39 10.01 27.41
C LYS B 27 50.38 9.06 26.74
N VAL B 28 51.27 9.63 25.93
CA VAL B 28 52.24 8.83 25.21
C VAL B 28 53.70 9.03 25.64
N LYS B 29 54.33 7.92 26.01
CA LYS B 29 55.73 7.94 26.42
C LYS B 29 56.54 7.91 25.12
N LEU B 30 57.71 8.54 25.11
CA LEU B 30 58.48 8.55 23.87
C LEU B 30 59.87 7.94 23.96
N ASN B 31 60.44 7.72 22.79
CA ASN B 31 61.76 7.16 22.64
C ASN B 31 62.16 7.49 21.22
N SER B 32 62.48 8.77 20.99
CA SER B 32 62.89 9.24 19.67
C SER B 32 64.27 8.70 19.35
N ALA B 33 64.45 8.29 18.10
CA ALA B 33 65.71 7.74 17.61
C ALA B 33 65.51 7.38 16.15
N LYS B 34 66.52 6.76 15.54
CA LYS B 34 66.46 6.35 14.14
C LYS B 34 65.74 5.01 13.98
N GLY B 35 64.95 4.90 12.90
CA GLY B 35 64.20 3.67 12.65
C GLY B 35 64.99 2.39 12.79
N ASP B 36 66.24 2.40 12.35
CA ASP B 36 67.11 1.23 12.42
C ASP B 36 67.47 0.91 13.87
N GLN B 37 68.09 1.88 14.55
CA GLN B 37 68.46 1.69 15.94
C GLN B 37 67.23 1.12 16.63
N LEU B 38 66.15 1.90 16.60
CA LEU B 38 64.89 1.48 17.20
C LEU B 38 64.53 0.06 16.76
N ALA B 39 64.88 -0.27 15.51
CA ALA B 39 64.59 -1.60 14.97
C ALA B 39 65.47 -2.67 15.63
N GLY B 40 66.75 -2.34 15.81
CA GLY B 40 67.68 -3.26 16.44
C GLY B 40 67.32 -3.40 17.90
N GLN B 41 66.99 -2.26 18.50
CA GLN B 41 66.59 -2.21 19.91
C GLN B 41 65.37 -3.09 20.14
N ILE B 42 64.41 -3.03 19.22
CA ILE B 42 63.18 -3.80 19.34
C ILE B 42 63.41 -5.31 19.25
N LYS B 43 64.07 -5.76 18.19
CA LYS B 43 64.35 -7.19 18.00
C LYS B 43 65.04 -7.83 19.22
N GLU B 44 66.04 -7.15 19.77
CA GLU B 44 66.77 -7.66 20.92
C GLU B 44 65.87 -7.75 22.15
N GLU B 45 65.20 -6.63 22.48
CA GLU B 45 64.31 -6.58 23.63
C GLU B 45 63.26 -7.69 23.50
N GLY B 46 62.90 -8.02 22.26
CA GLY B 46 61.93 -9.06 22.01
C GLY B 46 60.60 -8.90 22.72
N SER B 47 60.42 -9.68 23.78
CA SER B 47 59.18 -9.65 24.55
C SER B 47 59.30 -8.72 25.75
N ARG B 48 60.52 -8.25 25.99
CA ARG B 48 60.79 -7.35 27.12
C ARG B 48 60.89 -5.92 26.61
N SER B 49 60.06 -5.57 25.63
CA SER B 49 60.08 -4.23 25.05
C SER B 49 58.86 -3.39 25.44
N PRO B 50 59.11 -2.16 25.94
CA PRO B 50 58.06 -1.22 26.37
C PRO B 50 57.29 -0.69 25.18
N ALA B 51 58.01 -0.52 24.06
CA ALA B 51 57.44 0.00 22.82
C ALA B 51 56.08 -0.61 22.51
N ASP B 52 55.06 0.25 22.45
CA ASP B 52 53.73 -0.23 22.12
C ASP B 52 53.52 -0.09 20.62
N VAL B 53 53.93 1.05 20.08
CA VAL B 53 53.79 1.27 18.65
C VAL B 53 55.12 1.75 18.06
N PHE B 54 55.33 1.44 16.78
CA PHE B 54 56.54 1.85 16.10
C PHE B 54 56.26 2.79 14.94
N TYR B 55 56.69 4.05 15.12
CA TYR B 55 56.51 5.12 14.15
C TYR B 55 57.86 5.25 13.43
N SER B 56 58.00 4.62 12.27
CA SER B 56 59.27 4.69 11.56
C SER B 56 59.26 5.45 10.25
N GLU B 57 60.33 6.22 10.04
CA GLU B 57 60.51 7.02 8.85
C GLU B 57 60.86 6.13 7.64
N GLN B 58 61.17 4.87 7.91
CA GLN B 58 61.52 3.91 6.86
C GLN B 58 60.65 2.66 6.89
N ILE B 59 60.46 2.07 5.72
CA ILE B 59 59.67 0.84 5.58
C ILE B 59 60.51 -0.39 5.93
N PRO B 60 61.79 -0.40 5.55
CA PRO B 60 62.65 -1.56 5.85
C PRO B 60 62.76 -1.79 7.34
N ALA B 61 62.59 -0.74 8.13
CA ALA B 61 62.65 -0.89 9.58
C ALA B 61 61.39 -1.65 9.99
N LEU B 62 60.39 -1.63 9.11
CA LEU B 62 59.13 -2.32 9.34
C LEU B 62 59.13 -3.71 8.69
N ALA B 63 59.97 -3.87 7.68
CA ALA B 63 60.07 -5.15 6.99
C ALA B 63 60.80 -6.18 7.87
N THR B 64 61.84 -5.72 8.56
CA THR B 64 62.63 -6.59 9.43
C THR B 64 61.76 -7.20 10.51
N LEU B 65 61.27 -6.36 11.42
CA LEU B 65 60.42 -6.82 12.50
C LEU B 65 59.24 -7.58 11.91
N SER B 66 59.05 -7.42 10.60
CA SER B 66 57.97 -8.11 9.90
C SER B 66 58.46 -9.52 9.62
N ALA B 67 59.59 -9.61 8.93
CA ALA B 67 60.21 -10.89 8.61
C ALA B 67 60.55 -11.57 9.93
N ALA B 68 60.93 -10.76 10.91
CA ALA B 68 61.26 -11.26 12.25
C ALA B 68 59.95 -11.50 12.99
N ASN B 69 58.83 -11.35 12.28
CA ASN B 69 57.49 -11.53 12.83
C ASN B 69 57.38 -10.99 14.26
N LEU B 70 57.26 -9.67 14.38
CA LEU B 70 57.15 -9.02 15.69
C LEU B 70 56.02 -7.98 15.73
N LEU B 71 55.37 -7.78 14.59
CA LEU B 71 54.30 -6.80 14.49
C LEU B 71 52.90 -7.43 14.47
N GLU B 72 51.95 -6.76 15.09
CA GLU B 72 50.57 -7.24 15.14
C GLU B 72 49.83 -6.92 13.85
N PRO B 73 49.06 -7.89 13.31
CA PRO B 73 48.28 -7.74 12.07
C PRO B 73 47.21 -6.65 12.17
N LEU B 74 47.61 -5.40 11.95
CA LEU B 74 46.69 -4.27 12.03
C LEU B 74 45.37 -4.57 11.33
N PRO B 75 44.23 -4.21 11.96
CA PRO B 75 42.93 -4.48 11.34
C PRO B 75 42.82 -3.89 9.93
N ALA B 76 42.00 -4.53 9.09
CA ALA B 76 41.81 -4.10 7.71
C ALA B 76 41.43 -2.64 7.55
N SER B 77 40.38 -2.21 8.27
CA SER B 77 39.91 -0.83 8.20
C SER B 77 41.02 0.17 8.48
N THR B 78 42.00 -0.26 9.26
CA THR B 78 43.12 0.60 9.63
C THR B 78 44.14 0.82 8.52
N ILE B 79 44.57 -0.26 7.88
CA ILE B 79 45.55 -0.13 6.79
C ILE B 79 44.84 0.42 5.55
N ASN B 80 43.61 -0.03 5.35
CA ASN B 80 42.79 0.39 4.20
C ASN B 80 42.75 1.90 4.03
N GLU B 81 42.80 2.61 5.15
CA GLU B 81 42.78 4.08 5.18
C GLU B 81 43.71 4.76 4.18
N THR B 82 44.97 4.33 4.17
CA THR B 82 45.99 4.91 3.29
C THR B 82 46.32 4.14 2.01
N ARG B 83 45.52 3.14 1.67
CA ARG B 83 45.75 2.33 0.47
C ARG B 83 45.78 3.14 -0.83
N GLY B 84 46.61 2.72 -1.78
CA GLY B 84 46.71 3.43 -3.05
C GLY B 84 47.43 2.67 -4.14
N LYS B 85 47.23 3.11 -5.39
CA LYS B 85 47.87 2.47 -6.54
C LYS B 85 49.36 2.79 -6.55
N GLY B 86 50.08 2.24 -5.58
CA GLY B 86 51.50 2.48 -5.47
C GLY B 86 51.90 2.46 -4.01
N VAL B 87 50.92 2.74 -3.15
CA VAL B 87 51.13 2.75 -1.71
C VAL B 87 51.51 1.35 -1.22
N PRO B 88 52.66 1.22 -0.54
CA PRO B 88 53.14 -0.06 -0.01
C PRO B 88 52.13 -0.82 0.84
N VAL B 89 52.12 -2.14 0.68
CA VAL B 89 51.20 -3.01 1.40
C VAL B 89 52.01 -4.08 2.14
N ALA B 90 51.73 -4.24 3.42
CA ALA B 90 52.42 -5.25 4.21
C ALA B 90 51.80 -6.59 3.83
N ALA B 91 52.63 -7.52 3.34
CA ALA B 91 52.13 -8.84 2.96
C ALA B 91 51.52 -9.50 4.19
N LYS B 92 52.14 -9.29 5.34
CA LYS B 92 51.68 -9.84 6.61
C LYS B 92 50.77 -8.89 7.39
N LYS B 93 50.19 -7.93 6.67
CA LYS B 93 49.27 -6.94 7.26
C LYS B 93 49.65 -6.53 8.68
N ASP B 94 50.96 -6.40 8.93
CA ASP B 94 51.45 -6.03 10.25
C ASP B 94 52.02 -4.60 10.33
N TRP B 95 51.83 -3.83 9.27
CA TRP B 95 52.30 -2.44 9.26
C TRP B 95 51.59 -1.60 8.20
N VAL B 96 51.42 -0.31 8.50
CA VAL B 96 50.73 0.59 7.58
C VAL B 96 51.55 1.82 7.18
N ALA B 97 51.50 2.16 5.90
CA ALA B 97 52.20 3.32 5.35
C ALA B 97 51.35 4.55 5.67
N LEU B 98 51.97 5.57 6.27
CA LEU B 98 51.26 6.78 6.65
C LEU B 98 51.47 8.00 5.74
N SER B 99 52.72 8.41 5.53
CA SER B 99 52.99 9.57 4.69
C SER B 99 54.17 9.34 3.73
N GLY B 100 54.32 10.24 2.77
CA GLY B 100 55.42 10.10 1.83
C GLY B 100 56.31 11.32 1.71
N ARG B 101 57.52 11.12 1.18
CA ARG B 101 58.48 12.20 0.97
C ARG B 101 58.99 12.16 -0.48
N SER B 102 59.07 13.32 -1.12
CA SER B 102 59.49 13.37 -2.51
C SER B 102 60.84 13.99 -2.85
N ARG B 103 61.38 13.54 -3.98
CA ARG B 103 62.66 14.00 -4.51
C ARG B 103 62.32 15.14 -5.48
N VAL B 104 62.89 16.31 -5.25
CA VAL B 104 62.62 17.46 -6.12
C VAL B 104 63.86 18.23 -6.52
N VAL B 105 63.73 18.99 -7.60
CA VAL B 105 64.81 19.84 -8.07
C VAL B 105 64.41 21.25 -7.69
N VAL B 106 65.14 21.85 -6.75
CA VAL B 106 64.84 23.21 -6.33
C VAL B 106 65.59 24.15 -7.27
N TYR B 107 64.86 25.07 -7.90
CA TYR B 107 65.48 25.99 -8.85
C TYR B 107 65.31 27.47 -8.52
N ASP B 108 66.24 28.28 -9.01
CA ASP B 108 66.19 29.71 -8.79
C ASP B 108 65.31 30.36 -9.85
N THR B 109 64.07 30.63 -9.47
CA THR B 109 63.13 31.26 -10.36
C THR B 109 63.70 32.52 -11.00
N ARG B 110 64.76 33.07 -10.40
CA ARG B 110 65.42 34.28 -10.92
C ARG B 110 66.23 34.03 -12.19
N LYS B 111 66.76 32.81 -12.33
CA LYS B 111 67.58 32.50 -13.50
C LYS B 111 67.00 31.41 -14.38
N LEU B 112 66.01 30.68 -13.87
CA LEU B 112 65.44 29.60 -14.64
C LEU B 112 63.92 29.58 -14.62
N SER B 113 63.35 29.19 -15.76
CA SER B 113 61.90 29.10 -15.94
C SER B 113 61.39 27.69 -15.66
N GLU B 114 60.13 27.61 -15.27
CA GLU B 114 59.46 26.35 -14.96
C GLU B 114 59.58 25.28 -16.05
N LYS B 115 60.17 25.63 -17.20
CA LYS B 115 60.31 24.69 -18.30
C LYS B 115 61.75 24.47 -18.77
N ASP B 116 62.65 25.40 -18.46
CA ASP B 116 64.04 25.27 -18.87
C ASP B 116 64.75 24.25 -17.98
N LEU B 117 63.99 23.27 -17.49
CA LEU B 117 64.49 22.22 -16.60
C LEU B 117 64.65 20.88 -17.34
N GLU B 118 65.37 19.93 -16.72
CA GLU B 118 65.59 18.60 -17.32
C GLU B 118 64.34 17.72 -17.20
N LYS B 119 64.11 16.91 -18.24
CA LYS B 119 62.96 16.02 -18.29
C LYS B 119 63.20 14.76 -17.45
N SER B 120 64.45 14.56 -17.03
CA SER B 120 64.85 13.41 -16.20
C SER B 120 66.04 13.84 -15.35
N VAL B 121 66.04 13.45 -14.08
CA VAL B 121 67.13 13.81 -13.17
C VAL B 121 68.52 13.36 -13.65
N LEU B 122 68.55 12.38 -14.54
CA LEU B 122 69.82 11.86 -15.05
C LEU B 122 70.58 12.86 -15.92
N ASN B 123 69.82 13.68 -16.67
CA ASN B 123 70.41 14.68 -17.55
C ASN B 123 71.25 15.76 -16.87
N TYR B 124 71.04 15.97 -15.57
CA TYR B 124 71.79 16.99 -14.84
C TYR B 124 73.28 16.67 -14.81
N ALA B 125 73.60 15.43 -15.10
CA ALA B 125 74.98 14.97 -15.15
C ALA B 125 75.52 15.16 -16.55
N THR B 126 75.54 16.41 -17.02
CA THR B 126 76.04 16.74 -18.36
C THR B 126 76.74 18.10 -18.36
N PRO B 127 77.53 18.39 -19.41
CA PRO B 127 78.25 19.67 -19.49
C PRO B 127 77.31 20.86 -19.35
N LYS B 128 76.04 20.63 -19.69
CA LYS B 128 74.99 21.64 -19.65
C LYS B 128 74.69 22.09 -18.22
N TRP B 129 75.23 21.40 -17.23
CA TRP B 129 74.98 21.73 -15.83
C TRP B 129 76.21 21.90 -14.98
N LYS B 130 77.35 22.17 -15.60
CA LYS B 130 78.60 22.36 -14.87
C LYS B 130 78.44 23.57 -13.95
N ASN B 131 78.49 23.32 -12.65
CA ASN B 131 78.33 24.36 -11.62
C ASN B 131 76.86 24.73 -11.43
N ARG B 132 76.07 24.56 -12.47
CA ARG B 132 74.64 24.88 -12.43
C ARG B 132 73.84 23.95 -11.54
N ILE B 133 74.25 22.69 -11.47
CA ILE B 133 73.57 21.67 -10.67
C ILE B 133 74.31 21.33 -9.37
N GLY B 134 73.59 21.38 -8.25
CA GLY B 134 74.17 21.06 -6.96
C GLY B 134 73.60 19.77 -6.38
N TYR B 135 74.33 19.15 -5.46
CA TYR B 135 73.90 17.90 -4.84
C TYR B 135 74.55 17.63 -3.48
N VAL B 136 73.94 16.76 -2.69
CA VAL B 136 74.45 16.39 -1.37
C VAL B 136 74.90 14.93 -1.40
N PRO B 137 76.14 14.69 -1.85
CA PRO B 137 76.69 13.33 -1.94
C PRO B 137 76.72 12.56 -0.62
N THR B 138 76.74 13.29 0.49
CA THR B 138 76.77 12.67 1.81
C THR B 138 75.36 12.46 2.37
N SER B 139 74.35 12.79 1.58
CA SER B 139 72.96 12.68 1.99
C SER B 139 72.36 11.27 1.88
N GLY B 140 71.50 10.92 2.84
CA GLY B 140 70.85 9.62 2.85
C GLY B 140 69.87 9.41 1.70
N ALA B 141 69.08 10.44 1.38
CA ALA B 141 68.12 10.34 0.28
C ALA B 141 68.87 10.22 -1.05
N PHE B 142 70.06 10.81 -1.10
CA PHE B 142 70.90 10.73 -2.29
C PHE B 142 71.27 9.26 -2.48
N LEU B 143 71.44 8.55 -1.37
CA LEU B 143 71.79 7.13 -1.42
C LEU B 143 70.58 6.36 -1.95
N GLU B 144 69.40 6.67 -1.40
CA GLU B 144 68.16 6.03 -1.82
C GLU B 144 67.98 6.28 -3.32
N GLN B 145 68.28 7.51 -3.73
CA GLN B 145 68.16 7.91 -5.12
C GLN B 145 68.99 6.97 -5.97
N ILE B 146 70.19 6.65 -5.50
CA ILE B 146 71.10 5.76 -6.20
C ILE B 146 70.51 4.36 -6.27
N VAL B 147 70.11 3.82 -5.12
CA VAL B 147 69.51 2.49 -5.03
C VAL B 147 68.41 2.38 -6.07
N ALA B 148 67.60 3.44 -6.14
CA ALA B 148 66.50 3.52 -7.06
C ALA B 148 66.98 3.50 -8.51
N ILE B 149 68.00 4.29 -8.81
CA ILE B 149 68.52 4.33 -10.18
C ILE B 149 69.04 2.97 -10.67
N VAL B 150 69.67 2.19 -9.79
CA VAL B 150 70.18 0.87 -10.17
C VAL B 150 69.01 -0.07 -10.41
N LYS B 151 67.99 0.02 -9.55
CA LYS B 151 66.82 -0.83 -9.66
C LYS B 151 65.99 -0.62 -10.91
N LEU B 152 65.89 0.62 -11.35
CA LEU B 152 65.08 0.96 -12.53
C LEU B 152 65.88 1.17 -13.82
N LYS B 153 67.14 1.57 -13.69
CA LYS B 153 67.97 1.83 -14.86
C LYS B 153 69.25 1.00 -14.94
N GLY B 154 69.44 0.09 -14.00
CA GLY B 154 70.65 -0.73 -14.00
C GLY B 154 71.85 0.02 -13.48
N GLU B 155 72.86 -0.70 -13.02
CA GLU B 155 74.08 -0.09 -12.48
C GLU B 155 74.83 0.83 -13.45
N ALA B 156 74.84 0.48 -14.73
CA ALA B 156 75.55 1.27 -15.73
C ALA B 156 75.11 2.74 -15.74
N ALA B 157 73.79 2.97 -15.66
CA ALA B 157 73.27 4.33 -15.67
C ALA B 157 73.44 5.01 -14.33
N ALA B 158 73.66 4.22 -13.28
CA ALA B 158 73.85 4.75 -11.94
C ALA B 158 75.25 5.35 -11.81
N LEU B 159 76.25 4.62 -12.29
CA LEU B 159 77.64 5.09 -12.23
C LEU B 159 77.84 6.30 -13.16
N LYS B 160 77.14 6.30 -14.29
CA LYS B 160 77.22 7.39 -15.25
C LYS B 160 76.71 8.69 -14.60
N TRP B 161 75.53 8.61 -14.00
CA TRP B 161 74.91 9.75 -13.33
C TRP B 161 75.86 10.30 -12.26
N LEU B 162 76.36 9.40 -11.40
CA LEU B 162 77.28 9.75 -10.31
C LEU B 162 78.64 10.26 -10.77
N LYS B 163 78.92 10.15 -12.06
CA LYS B 163 80.17 10.64 -12.61
C LYS B 163 79.92 11.94 -13.37
N GLY B 164 78.64 12.21 -13.63
CA GLY B 164 78.27 13.42 -14.32
C GLY B 164 78.12 14.52 -13.29
N LEU B 165 77.62 14.14 -12.12
CA LEU B 165 77.43 15.08 -11.01
C LEU B 165 78.74 15.34 -10.30
N LYS B 166 79.74 14.49 -10.56
CA LYS B 166 81.04 14.64 -9.92
C LYS B 166 81.96 15.61 -10.66
N GLU B 167 81.90 15.60 -11.98
CA GLU B 167 82.75 16.49 -12.74
C GLU B 167 82.02 17.77 -13.13
N TYR B 168 80.71 17.67 -13.32
CA TYR B 168 79.91 18.81 -13.71
C TYR B 168 79.08 19.43 -12.58
N GLY B 169 78.83 18.64 -11.53
CA GLY B 169 78.05 19.15 -10.43
C GLY B 169 78.89 19.73 -9.31
N LYS B 170 78.22 20.34 -8.34
CA LYS B 170 78.88 20.91 -7.19
C LYS B 170 78.18 20.32 -5.99
N PRO B 171 78.95 19.83 -5.00
CA PRO B 171 78.42 19.22 -3.77
C PRO B 171 78.24 20.18 -2.59
N TYR B 172 77.31 19.83 -1.71
CA TYR B 172 77.03 20.63 -0.53
C TYR B 172 76.91 19.68 0.66
N ALA B 173 77.41 20.12 1.81
CA ALA B 173 77.38 19.32 3.02
C ALA B 173 75.98 18.83 3.37
N LYS B 174 74.98 19.69 3.16
CA LYS B 174 73.60 19.31 3.48
C LYS B 174 72.58 19.88 2.50
N ASN B 175 71.34 19.42 2.62
CA ASN B 175 70.26 19.88 1.76
C ASN B 175 69.94 21.34 2.07
N SER B 176 70.23 21.75 3.30
CA SER B 176 69.98 23.12 3.78
C SER B 176 70.95 24.12 3.18
N VAL B 177 72.22 23.72 3.10
CA VAL B 177 73.27 24.56 2.54
C VAL B 177 73.11 24.64 1.03
N ALA B 178 72.49 23.62 0.47
CA ALA B 178 72.27 23.56 -0.97
C ALA B 178 71.11 24.47 -1.29
N LEU B 179 70.03 24.36 -0.52
CA LEU B 179 68.84 25.18 -0.70
C LEU B 179 69.21 26.65 -0.60
N GLN B 180 70.11 26.97 0.32
CA GLN B 180 70.52 28.34 0.49
C GLN B 180 71.36 28.83 -0.70
N ALA B 181 72.37 28.06 -1.08
CA ALA B 181 73.22 28.46 -2.21
C ALA B 181 72.34 28.81 -3.41
N VAL B 182 71.31 28.01 -3.65
CA VAL B 182 70.38 28.26 -4.75
C VAL B 182 69.65 29.58 -4.52
N GLU B 183 69.13 29.76 -3.31
CA GLU B 183 68.39 30.96 -2.92
C GLU B 183 69.25 32.24 -2.93
N ASN B 184 70.57 32.06 -2.97
CA ASN B 184 71.49 33.19 -3.01
C ASN B 184 71.81 33.54 -4.44
N GLY B 185 71.72 32.55 -5.31
CA GLY B 185 72.01 32.77 -6.72
C GLY B 185 73.37 32.18 -7.06
N GLU B 186 73.85 31.30 -6.17
CA GLU B 186 75.15 30.65 -6.36
C GLU B 186 74.99 29.56 -7.42
N ILE B 187 73.84 28.91 -7.40
CA ILE B 187 73.51 27.85 -8.36
C ILE B 187 72.03 27.92 -8.68
N ASP B 188 71.71 27.77 -9.96
CA ASP B 188 70.33 27.85 -10.43
C ASP B 188 69.46 26.63 -10.08
N ALA B 189 70.07 25.53 -9.67
CA ALA B 189 69.31 24.33 -9.31
C ALA B 189 70.07 23.36 -8.43
N ALA B 190 69.33 22.62 -7.59
CA ALA B 190 69.94 21.65 -6.69
C ALA B 190 69.01 20.47 -6.44
N LEU B 191 69.60 19.28 -6.29
CA LEU B 191 68.86 18.05 -6.04
C LEU B 191 68.59 17.90 -4.54
N ILE B 192 67.30 17.96 -4.16
CA ILE B 192 66.92 17.83 -2.75
C ILE B 192 65.57 17.15 -2.54
N ASN B 193 65.08 17.22 -1.29
CA ASN B 193 63.82 16.63 -0.86
C ASN B 193 62.88 17.78 -0.58
N ASN B 194 61.63 17.66 -1.04
CA ASN B 194 60.62 18.70 -0.87
C ASN B 194 60.43 19.28 0.54
N TYR B 195 60.10 18.42 1.49
CA TYR B 195 59.87 18.83 2.86
C TYR B 195 60.83 19.91 3.40
N TYR B 196 62.10 19.83 3.01
CA TYR B 196 63.12 20.80 3.45
C TYR B 196 62.84 22.22 2.90
N TRP B 197 62.17 22.32 1.75
CA TRP B 197 61.85 23.62 1.13
C TRP B 197 60.57 24.22 1.67
N HIS B 198 59.49 23.46 1.58
CA HIS B 198 58.18 23.90 2.06
C HIS B 198 58.22 24.52 3.44
N ALA B 199 59.07 23.98 4.31
CA ALA B 199 59.21 24.51 5.66
C ALA B 199 59.96 25.85 5.67
N PHE B 200 60.81 26.04 4.67
CA PHE B 200 61.60 27.27 4.53
C PHE B 200 60.74 28.45 4.09
N ALA B 201 59.76 28.17 3.23
CA ALA B 201 58.87 29.20 2.70
C ALA B 201 57.65 29.45 3.58
N ARG B 202 57.48 28.67 4.64
CA ARG B 202 56.33 28.89 5.52
C ARG B 202 56.73 29.71 6.73
N GLU B 203 57.95 29.50 7.21
CA GLU B 203 58.43 30.23 8.36
C GLU B 203 58.75 31.68 8.00
N LYS B 204 58.98 31.94 6.72
CA LYS B 204 59.31 33.29 6.29
C LYS B 204 58.49 33.79 5.10
N GLY B 205 57.44 33.07 4.75
CA GLY B 205 56.61 33.48 3.63
C GLY B 205 57.27 33.30 2.28
N VAL B 206 56.73 32.40 1.46
CA VAL B 206 57.29 32.12 0.14
C VAL B 206 57.46 33.37 -0.70
N GLN B 207 56.77 34.44 -0.31
CA GLN B 207 56.85 35.69 -1.05
C GLN B 207 58.28 36.22 -1.00
N ASN B 208 59.08 35.64 -0.12
CA ASN B 208 60.46 36.07 0.03
C ASN B 208 61.44 35.05 -0.53
N VAL B 209 60.89 33.93 -1.01
CA VAL B 209 61.69 32.85 -1.58
C VAL B 209 61.71 32.97 -3.11
N HIS B 210 62.91 33.03 -3.69
CA HIS B 210 63.06 33.10 -5.14
C HIS B 210 63.40 31.71 -5.63
N THR B 211 63.15 30.74 -4.76
CA THR B 211 63.42 29.35 -5.02
C THR B 211 62.09 28.60 -5.00
N ARG B 212 61.88 27.75 -6.02
CA ARG B 212 60.67 26.95 -6.13
C ARG B 212 61.02 25.47 -6.32
N LEU B 213 59.98 24.66 -6.50
CA LEU B 213 60.17 23.22 -6.68
C LEU B 213 59.74 22.70 -8.05
N ASN B 214 60.47 21.70 -8.52
CA ASN B 214 60.18 21.06 -9.79
C ASN B 214 60.11 19.54 -9.60
N PHE B 215 59.10 18.93 -10.22
CA PHE B 215 58.90 17.48 -10.13
C PHE B 215 58.92 16.90 -11.55
N VAL B 216 59.83 15.97 -11.80
CA VAL B 216 59.95 15.33 -13.13
C VAL B 216 58.73 14.49 -13.49
N ARG B 217 58.21 13.74 -12.52
CA ARG B 217 57.05 12.89 -12.74
C ARG B 217 57.30 11.76 -13.76
N HIS B 218 56.21 11.27 -14.36
CA HIS B 218 56.23 10.18 -15.34
C HIS B 218 57.18 9.03 -15.00
N ARG B 219 57.02 8.51 -13.79
CA ARG B 219 57.81 7.39 -13.28
C ARG B 219 59.32 7.55 -13.36
N ASP B 220 59.78 8.73 -13.73
CA ASP B 220 61.22 9.00 -13.82
C ASP B 220 61.82 8.67 -12.46
N PRO B 221 63.09 8.26 -12.43
CA PRO B 221 63.70 7.94 -11.14
C PRO B 221 63.62 9.13 -10.17
N GLY B 222 63.65 10.34 -10.72
CA GLY B 222 63.60 11.55 -9.91
C GLY B 222 62.27 11.80 -9.21
N ALA B 223 61.27 10.99 -9.56
CA ALA B 223 59.94 11.08 -8.97
C ALA B 223 59.89 10.27 -7.67
N LEU B 224 60.98 9.58 -7.39
CA LEU B 224 61.11 8.74 -6.20
C LEU B 224 60.44 9.27 -4.94
N VAL B 225 59.64 8.42 -4.32
CA VAL B 225 58.96 8.78 -3.10
C VAL B 225 59.37 7.80 -2.00
N THR B 226 59.84 8.34 -0.88
CA THR B 226 60.25 7.54 0.25
C THR B 226 59.08 7.57 1.24
N TYR B 227 58.60 6.40 1.64
CA TYR B 227 57.47 6.33 2.55
C TYR B 227 57.84 6.07 4.00
N SER B 228 56.97 6.50 4.91
CA SER B 228 57.16 6.29 6.35
C SER B 228 55.97 5.43 6.77
N GLY B 229 56.03 4.84 7.97
CA GLY B 229 54.91 4.02 8.40
C GLY B 229 54.86 3.74 9.89
N ALA B 230 53.83 3.02 10.32
CA ALA B 230 53.68 2.68 11.72
C ALA B 230 53.18 1.24 11.88
N ALA B 231 53.45 0.66 13.05
CA ALA B 231 53.04 -0.71 13.34
C ALA B 231 52.93 -0.95 14.86
N VAL B 232 52.18 -1.99 15.24
CA VAL B 232 51.99 -2.36 16.64
C VAL B 232 52.78 -3.64 16.96
N LEU B 233 53.39 -3.69 18.15
CA LEU B 233 54.17 -4.87 18.55
C LEU B 233 53.30 -5.99 19.10
N LYS B 234 53.70 -7.23 18.81
CA LYS B 234 52.98 -8.41 19.29
C LYS B 234 53.21 -8.53 20.80
N SER B 235 54.21 -7.82 21.28
CA SER B 235 54.59 -7.81 22.69
C SER B 235 53.98 -6.64 23.45
N SER B 236 53.19 -5.83 22.76
CA SER B 236 52.56 -4.67 23.39
C SER B 236 51.60 -5.10 24.49
N GLN B 237 51.80 -4.56 25.69
CA GLN B 237 50.93 -4.87 26.82
C GLN B 237 49.68 -4.00 26.70
N ASN B 238 49.78 -2.94 25.91
CA ASN B 238 48.67 -2.04 25.70
C ASN B 238 48.16 -2.16 24.25
N LYS B 239 48.04 -3.41 23.78
CA LYS B 239 47.60 -3.71 22.41
C LYS B 239 46.31 -3.03 22.02
N ASP B 240 45.53 -2.59 23.00
CA ASP B 240 44.28 -1.91 22.74
C ASP B 240 44.55 -0.46 22.31
N GLU B 241 45.14 0.30 23.24
CA GLU B 241 45.47 1.71 23.02
C GLU B 241 46.64 1.88 22.07
N ALA B 242 47.24 0.76 21.65
CA ALA B 242 48.37 0.78 20.74
C ALA B 242 47.93 0.65 19.28
N LYS B 243 46.73 0.11 19.08
CA LYS B 243 46.21 -0.06 17.72
C LYS B 243 45.30 1.10 17.34
N LYS B 244 44.76 1.77 18.35
CA LYS B 244 43.89 2.91 18.12
C LYS B 244 44.76 4.09 17.71
N PHE B 245 46.00 4.10 18.18
CA PHE B 245 46.94 5.18 17.86
C PHE B 245 47.40 5.08 16.41
N VAL B 246 47.60 3.86 15.92
CA VAL B 246 48.00 3.67 14.53
C VAL B 246 46.75 3.90 13.69
N ALA B 247 45.59 3.64 14.28
CA ALA B 247 44.31 3.84 13.63
C ALA B 247 44.06 5.35 13.58
N PHE B 248 44.83 6.08 14.39
CA PHE B 248 44.73 7.53 14.47
C PHE B 248 45.67 8.15 13.45
N LEU B 249 46.87 7.59 13.36
CA LEU B 249 47.91 8.06 12.43
C LEU B 249 47.49 7.99 10.96
N ALA B 250 46.81 6.90 10.60
CA ALA B 250 46.37 6.69 9.23
C ALA B 250 45.05 7.37 8.90
N GLY B 251 44.36 7.86 9.93
CA GLY B 251 43.10 8.53 9.72
C GLY B 251 43.24 10.03 9.51
N LYS B 252 42.14 10.68 9.16
CA LYS B 252 42.14 12.12 8.92
C LYS B 252 42.51 12.86 10.20
N GLU B 253 42.36 12.17 11.33
CA GLU B 253 42.67 12.73 12.64
C GLU B 253 44.18 12.87 12.84
N GLY B 254 44.91 11.79 12.59
CA GLY B 254 46.35 11.82 12.74
C GLY B 254 47.02 12.43 11.52
N GLN B 255 46.35 12.32 10.38
CA GLN B 255 46.83 12.85 9.11
C GLN B 255 46.69 14.37 9.01
N ARG B 256 45.71 14.94 9.69
CA ARG B 256 45.50 16.39 9.69
C ARG B 256 46.50 17.02 10.65
N ALA B 257 46.63 16.42 11.82
CA ALA B 257 47.55 16.90 12.84
C ALA B 257 48.97 16.87 12.29
N LEU B 258 49.23 15.89 11.44
CA LEU B 258 50.54 15.76 10.85
C LEU B 258 50.66 16.68 9.65
N THR B 259 49.64 16.69 8.78
CA THR B 259 49.68 17.56 7.60
C THR B 259 49.58 19.03 7.98
N ALA B 260 49.49 19.31 9.28
CA ALA B 260 49.39 20.67 9.79
C ALA B 260 50.76 21.26 10.08
N VAL B 261 51.74 20.42 10.39
CA VAL B 261 53.08 20.92 10.71
C VAL B 261 54.17 20.24 9.89
N ARG B 262 53.81 19.16 9.20
CA ARG B 262 54.79 18.43 8.43
C ARG B 262 54.48 18.40 6.94
N ALA B 263 55.44 18.83 6.13
CA ALA B 263 55.25 18.88 4.68
C ALA B 263 55.42 17.53 3.98
N GLU B 264 54.79 16.49 4.53
CA GLU B 264 54.86 15.15 3.93
C GLU B 264 53.55 14.85 3.20
N TYR B 265 53.65 14.30 1.99
CA TYR B 265 52.44 13.97 1.23
C TYR B 265 51.62 12.94 1.99
N PRO B 266 50.48 13.35 2.56
CA PRO B 266 49.64 12.41 3.30
C PRO B 266 49.20 11.27 2.38
N LEU B 267 48.97 10.10 2.96
CA LEU B 267 48.52 8.96 2.18
C LEU B 267 47.00 8.85 2.22
N ASN B 268 46.38 9.41 3.24
CA ASN B 268 44.92 9.39 3.35
C ASN B 268 44.40 10.28 2.23
N PRO B 269 43.46 9.77 1.42
CA PRO B 269 42.93 10.59 0.32
C PRO B 269 42.10 11.79 0.76
N HIS B 270 41.37 11.64 1.85
CA HIS B 270 40.51 12.70 2.38
C HIS B 270 41.23 13.95 2.91
N VAL B 271 42.44 13.76 3.43
CA VAL B 271 43.22 14.86 4.00
C VAL B 271 43.72 15.86 2.96
N VAL B 272 43.64 17.14 3.29
CA VAL B 272 44.12 18.21 2.42
C VAL B 272 45.29 18.88 3.13
N SER B 273 46.45 18.92 2.48
CA SER B 273 47.65 19.48 3.06
C SER B 273 47.59 20.99 3.26
N THR B 274 48.32 21.47 4.27
CA THR B 274 48.39 22.90 4.56
C THR B 274 49.45 23.49 3.63
N PHE B 275 50.38 22.64 3.19
CA PHE B 275 51.42 23.07 2.27
C PHE B 275 50.89 22.80 0.89
N ASN B 276 51.40 23.52 -0.10
CA ASN B 276 50.97 23.35 -1.47
C ASN B 276 51.43 22.00 -2.01
N LEU B 277 50.89 20.96 -1.39
CA LEU B 277 51.18 19.58 -1.76
C LEU B 277 50.07 19.04 -2.60
N GLU B 278 50.41 18.59 -3.80
CA GLU B 278 49.43 18.02 -4.69
C GLU B 278 49.19 16.61 -4.18
N PRO B 279 48.10 15.97 -4.62
CA PRO B 279 47.87 14.61 -4.14
C PRO B 279 49.08 13.72 -4.46
N ILE B 280 49.44 12.87 -3.52
CA ILE B 280 50.59 11.97 -3.66
C ILE B 280 50.59 11.21 -5.00
N ALA B 281 49.41 10.95 -5.53
CA ALA B 281 49.24 10.22 -6.78
C ALA B 281 49.67 10.93 -8.07
N LYS B 282 49.80 12.26 -8.01
CA LYS B 282 50.19 13.04 -9.18
C LYS B 282 51.70 13.08 -9.39
N LEU B 283 52.46 12.72 -8.37
CA LEU B 283 53.92 12.75 -8.48
C LEU B 283 54.42 11.73 -9.50
N GLU B 284 53.63 10.69 -9.72
CA GLU B 284 54.01 9.65 -10.66
C GLU B 284 55.34 9.04 -10.26
N ALA B 285 55.46 8.71 -8.97
CA ALA B 285 56.65 8.11 -8.41
C ALA B 285 56.85 6.70 -8.94
N PRO B 286 58.06 6.39 -9.42
CA PRO B 286 58.34 5.06 -9.95
C PRO B 286 58.24 4.06 -8.80
N GLN B 287 57.56 2.94 -9.04
CA GLN B 287 57.42 1.95 -7.98
C GLN B 287 58.74 1.20 -7.78
N VAL B 288 59.39 1.49 -6.65
CA VAL B 288 60.66 0.88 -6.29
C VAL B 288 60.49 0.13 -4.98
N SER B 289 61.01 -1.09 -4.90
CA SER B 289 60.90 -1.90 -3.69
C SER B 289 61.70 -1.33 -2.52
N ALA B 290 61.54 -1.94 -1.33
CA ALA B 290 62.26 -1.47 -0.15
C ALA B 290 63.78 -1.58 -0.33
N THR B 291 64.48 -0.66 0.33
CA THR B 291 65.94 -0.63 0.26
C THR B 291 66.56 -1.59 1.27
N THR B 292 67.45 -2.46 0.79
CA THR B 292 68.13 -3.41 1.66
C THR B 292 69.51 -2.89 2.06
N VAL B 293 70.18 -3.62 2.93
CA VAL B 293 71.50 -3.24 3.40
C VAL B 293 72.54 -3.37 2.28
N SER B 294 72.38 -4.39 1.46
CA SER B 294 73.31 -4.62 0.36
C SER B 294 73.11 -3.61 -0.77
N GLU B 295 71.87 -3.18 -0.97
CA GLU B 295 71.56 -2.20 -2.01
C GLU B 295 72.16 -0.84 -1.66
N LYS B 296 72.46 -0.66 -0.38
CA LYS B 296 73.05 0.56 0.14
C LYS B 296 74.58 0.43 0.12
N GLU B 297 75.05 -0.81 0.20
CA GLU B 297 76.48 -1.11 0.19
C GLU B 297 76.95 -0.91 -1.24
N HIS B 298 76.10 -1.30 -2.18
CA HIS B 298 76.39 -1.17 -3.61
C HIS B 298 76.40 0.31 -4.01
N ALA B 299 75.43 1.07 -3.50
CA ALA B 299 75.32 2.49 -3.82
C ALA B 299 76.52 3.29 -3.34
N THR B 300 77.04 2.91 -2.17
CA THR B 300 78.18 3.60 -1.61
C THR B 300 79.42 3.30 -2.44
N ARG B 301 79.49 2.08 -2.95
CA ARG B 301 80.61 1.67 -3.79
C ARG B 301 80.54 2.42 -5.13
N LEU B 302 79.32 2.80 -5.51
CA LEU B 302 79.11 3.56 -6.75
C LEU B 302 79.56 4.98 -6.47
N LEU B 303 79.50 5.36 -5.19
CA LEU B 303 79.92 6.67 -4.73
C LEU B 303 81.44 6.73 -4.74
N GLU B 304 82.05 5.66 -4.25
CA GLU B 304 83.50 5.58 -4.21
C GLU B 304 84.04 5.47 -5.64
N GLN B 305 83.27 4.84 -6.53
CA GLN B 305 83.67 4.69 -7.93
C GLN B 305 83.53 6.01 -8.67
N ALA B 306 82.62 6.85 -8.20
CA ALA B 306 82.39 8.15 -8.83
C ALA B 306 83.36 9.16 -8.24
N GLY B 307 83.96 8.82 -7.11
CA GLY B 307 84.91 9.72 -6.48
C GLY B 307 84.19 10.69 -5.55
N MET B 308 82.97 10.35 -5.17
CA MET B 308 82.20 11.21 -4.27
C MET B 308 82.51 10.85 -2.82
N LYS B 309 83.56 10.06 -2.64
CA LYS B 309 84.02 9.62 -1.32
C LYS B 309 84.96 8.44 -1.49
N ASP C 1 -11.94 -22.83 -27.96
CA ASP C 1 -10.86 -22.05 -28.63
C ASP C 1 -9.86 -22.97 -29.28
N ILE C 2 -9.60 -22.74 -30.57
CA ILE C 2 -8.65 -23.56 -31.30
C ILE C 2 -7.35 -22.81 -31.57
N THR C 3 -6.26 -23.55 -31.68
CA THR C 3 -4.97 -22.94 -31.97
C THR C 3 -4.85 -23.01 -33.49
N VAL C 4 -3.98 -22.18 -34.05
CA VAL C 4 -3.79 -22.18 -35.49
C VAL C 4 -2.35 -21.83 -35.81
N TYR C 5 -1.66 -22.77 -36.46
CA TYR C 5 -0.28 -22.55 -36.86
C TYR C 5 -0.31 -21.71 -38.13
N ASN C 6 -0.03 -20.43 -37.97
CA ASN C 6 -0.08 -19.46 -39.07
C ASN C 6 1.12 -19.44 -40.00
N GLY C 7 0.85 -19.69 -41.28
CA GLY C 7 1.89 -19.68 -42.28
C GLY C 7 1.85 -18.46 -43.19
N GLN C 8 0.75 -17.71 -43.15
CA GLN C 8 0.62 -16.51 -43.98
C GLN C 8 1.10 -15.23 -43.29
N HIS C 9 1.03 -14.10 -44.01
CA HIS C 9 1.46 -12.82 -43.48
C HIS C 9 0.90 -12.58 -42.09
N LYS C 10 1.78 -12.18 -41.18
CA LYS C 10 1.44 -11.91 -39.79
C LYS C 10 0.09 -11.23 -39.55
N GLU C 11 0.07 -9.89 -39.61
CA GLU C 11 -1.15 -9.12 -39.37
C GLU C 11 -2.35 -9.45 -40.25
N ALA C 12 -2.12 -10.18 -41.35
CA ALA C 12 -3.22 -10.55 -42.25
C ALA C 12 -4.03 -11.69 -41.64
N ALA C 13 -3.34 -12.66 -41.08
CA ALA C 13 -4.00 -13.80 -40.46
C ALA C 13 -4.75 -13.37 -39.20
N GLN C 14 -4.21 -12.36 -38.51
CA GLN C 14 -4.81 -11.83 -37.30
C GLN C 14 -6.19 -11.23 -37.60
N ALA C 15 -6.26 -10.45 -38.67
CA ALA C 15 -7.52 -9.83 -39.07
C ALA C 15 -8.58 -10.90 -39.27
N VAL C 16 -8.30 -11.82 -40.19
CA VAL C 16 -9.19 -12.92 -40.53
C VAL C 16 -9.54 -13.74 -39.29
N ALA C 17 -8.64 -13.73 -38.31
CA ALA C 17 -8.83 -14.45 -37.06
C ALA C 17 -9.83 -13.73 -36.19
N ASP C 18 -9.84 -12.40 -36.28
CA ASP C 18 -10.76 -11.58 -35.49
C ASP C 18 -12.13 -11.48 -36.13
N ALA C 19 -12.17 -11.40 -37.46
CA ALA C 19 -13.45 -11.33 -38.14
C ALA C 19 -14.15 -12.62 -37.79
N PHE C 20 -13.38 -13.70 -37.76
CA PHE C 20 -13.89 -15.01 -37.41
C PHE C 20 -14.53 -14.95 -36.03
N THR C 21 -13.83 -14.31 -35.10
CA THR C 21 -14.32 -14.15 -33.73
C THR C 21 -15.56 -13.28 -33.68
N ARG C 22 -15.62 -12.27 -34.55
CA ARG C 22 -16.77 -11.38 -34.60
C ARG C 22 -17.85 -11.99 -35.49
N ALA C 23 -18.28 -13.20 -35.17
CA ALA C 23 -19.30 -13.88 -35.94
C ALA C 23 -19.67 -15.21 -35.28
N THR C 24 -18.75 -15.71 -34.45
CA THR C 24 -18.97 -16.97 -33.74
C THR C 24 -18.71 -16.80 -32.24
N GLY C 25 -17.79 -15.89 -31.91
CA GLY C 25 -17.43 -15.65 -30.52
C GLY C 25 -16.19 -16.38 -30.07
N ILE C 26 -15.78 -17.38 -30.84
CA ILE C 26 -14.59 -18.18 -30.55
C ILE C 26 -13.31 -17.41 -30.85
N LYS C 27 -12.31 -17.55 -29.99
CA LYS C 27 -11.05 -16.86 -30.22
C LYS C 27 -10.04 -17.84 -30.83
N VAL C 28 -8.86 -17.34 -31.15
CA VAL C 28 -7.85 -18.18 -31.77
C VAL C 28 -6.42 -17.84 -31.33
N LYS C 29 -5.70 -18.82 -30.79
CA LYS C 29 -4.32 -18.60 -30.38
C LYS C 29 -3.47 -18.84 -31.61
N LEU C 30 -2.93 -17.76 -32.17
CA LEU C 30 -2.10 -17.84 -33.36
C LEU C 30 -0.63 -18.09 -33.12
N ASN C 31 -0.13 -19.17 -33.72
CA ASN C 31 1.27 -19.54 -33.63
C ASN C 31 1.80 -19.18 -35.01
N SER C 32 2.03 -17.89 -35.25
CA SER C 32 2.51 -17.42 -36.53
C SER C 32 3.98 -17.72 -36.77
N ALA C 33 4.26 -18.33 -37.92
CA ALA C 33 5.63 -18.72 -38.26
C ALA C 33 5.77 -18.92 -39.77
N LYS C 34 6.79 -19.66 -40.18
CA LYS C 34 7.03 -19.92 -41.60
C LYS C 34 6.60 -21.34 -41.95
N GLY C 35 6.01 -21.49 -43.13
CA GLY C 35 5.53 -22.79 -43.60
C GLY C 35 6.28 -24.09 -43.30
N ASP C 36 7.56 -24.20 -43.66
CA ASP C 36 8.33 -25.44 -43.42
C ASP C 36 8.53 -25.76 -41.94
N GLN C 37 8.87 -24.74 -41.18
CA GLN C 37 9.10 -24.85 -39.74
C GLN C 37 7.91 -25.51 -39.07
N LEU C 38 6.74 -24.87 -39.16
CA LEU C 38 5.51 -25.37 -38.55
C LEU C 38 5.16 -26.77 -39.03
N ALA C 39 5.31 -26.99 -40.33
CA ALA C 39 5.01 -28.29 -40.93
C ALA C 39 5.97 -29.35 -40.40
N GLY C 40 7.25 -29.00 -40.36
CA GLY C 40 8.26 -29.94 -39.87
C GLY C 40 8.19 -30.03 -38.36
N GLN C 41 7.56 -29.02 -37.74
CA GLN C 41 7.41 -28.96 -36.30
C GLN C 41 6.13 -29.71 -35.91
N ILE C 42 5.18 -29.74 -36.83
CA ILE C 42 3.92 -30.44 -36.56
C ILE C 42 4.15 -31.95 -36.58
N LYS C 43 5.19 -32.40 -37.28
CA LYS C 43 5.53 -33.81 -37.37
C LYS C 43 6.28 -34.28 -36.12
N GLU C 44 7.08 -33.40 -35.54
CA GLU C 44 7.84 -33.71 -34.33
C GLU C 44 6.86 -33.91 -33.16
N GLU C 45 5.81 -33.12 -33.17
CA GLU C 45 4.78 -33.18 -32.12
C GLU C 45 3.90 -34.40 -32.38
N GLY C 46 3.96 -34.92 -33.60
CA GLY C 46 3.15 -36.08 -33.95
C GLY C 46 1.68 -35.91 -33.65
N SER C 47 1.17 -36.72 -32.73
CA SER C 47 -0.24 -36.67 -32.35
C SER C 47 -0.43 -35.84 -31.08
N ARG C 48 0.60 -35.08 -30.73
CA ARG C 48 0.54 -34.27 -29.52
C ARG C 48 0.59 -32.77 -29.83
N SER C 49 0.44 -32.43 -31.10
CA SER C 49 0.48 -31.03 -31.52
C SER C 49 -0.72 -30.21 -31.06
N PRO C 50 -0.48 -29.02 -30.49
CA PRO C 50 -1.52 -28.11 -29.99
C PRO C 50 -2.28 -27.49 -31.16
N ALA C 51 -1.73 -27.66 -32.36
CA ALA C 51 -2.30 -27.12 -33.58
C ALA C 51 -3.65 -27.73 -33.91
N ASP C 52 -4.65 -26.88 -34.06
CA ASP C 52 -5.99 -27.32 -34.43
C ASP C 52 -6.13 -27.15 -35.93
N VAL C 53 -5.69 -25.99 -36.44
CA VAL C 53 -5.76 -25.68 -37.86
C VAL C 53 -4.42 -25.15 -38.37
N PHE C 54 -4.07 -25.56 -39.59
CA PHE C 54 -2.83 -25.12 -40.20
C PHE C 54 -3.12 -24.22 -41.41
N TYR C 55 -2.88 -22.93 -41.21
CA TYR C 55 -3.10 -21.89 -42.20
C TYR C 55 -1.76 -21.66 -42.90
N SER C 56 -1.59 -22.19 -44.11
CA SER C 56 -0.31 -22.04 -44.80
C SER C 56 -0.33 -21.16 -46.06
N GLU C 57 0.86 -20.79 -46.49
CA GLU C 57 1.06 -19.97 -47.67
C GLU C 57 1.61 -20.86 -48.79
N GLN C 58 2.09 -22.03 -48.39
CA GLN C 58 2.63 -22.98 -49.34
C GLN C 58 1.77 -24.24 -49.37
N ILE C 59 1.41 -24.66 -50.57
CA ILE C 59 0.59 -25.84 -50.74
C ILE C 59 1.39 -27.11 -50.39
N PRO C 60 2.71 -27.12 -50.66
CA PRO C 60 3.52 -28.31 -50.34
C PRO C 60 3.53 -28.67 -48.87
N ALA C 61 3.54 -27.67 -48.00
CA ALA C 61 3.55 -27.90 -46.56
C ALA C 61 2.33 -28.73 -46.16
N LEU C 62 1.23 -28.50 -46.88
CA LEU C 62 -0.01 -29.23 -46.64
C LEU C 62 0.15 -30.61 -47.27
N ALA C 63 0.88 -30.65 -48.38
CA ALA C 63 1.15 -31.89 -49.10
C ALA C 63 1.89 -32.87 -48.20
N THR C 64 2.99 -32.41 -47.62
CA THR C 64 3.79 -33.26 -46.74
C THR C 64 2.96 -33.81 -45.58
N LEU C 65 2.32 -32.92 -44.82
CA LEU C 65 1.50 -33.36 -43.67
C LEU C 65 0.34 -34.21 -44.16
N SER C 66 0.01 -34.06 -45.43
CA SER C 66 -1.07 -34.82 -46.06
C SER C 66 -0.50 -36.19 -46.39
N ALA C 67 0.80 -36.21 -46.69
CA ALA C 67 1.49 -37.44 -47.01
C ALA C 67 1.66 -38.21 -45.70
N ALA C 68 1.89 -37.47 -44.63
CA ALA C 68 2.07 -38.06 -43.31
C ALA C 68 0.74 -38.27 -42.59
N ASN C 69 -0.36 -38.23 -43.35
CA ASN C 69 -1.72 -38.41 -42.83
C ASN C 69 -1.99 -37.84 -41.44
N LEU C 70 -1.51 -36.63 -41.20
CA LEU C 70 -1.69 -35.96 -39.93
C LEU C 70 -2.81 -34.93 -40.07
N LEU C 71 -3.41 -34.85 -41.24
CA LEU C 71 -4.47 -33.90 -41.51
C LEU C 71 -5.87 -34.52 -41.38
N GLU C 72 -6.85 -33.66 -41.12
CA GLU C 72 -8.24 -34.05 -40.96
C GLU C 72 -9.00 -33.67 -42.23
N PRO C 73 -9.58 -34.66 -42.92
CA PRO C 73 -10.33 -34.43 -44.16
C PRO C 73 -11.45 -33.38 -44.05
N LEU C 74 -11.54 -32.52 -45.07
CA LEU C 74 -12.54 -31.45 -45.11
C LEU C 74 -13.80 -31.81 -45.90
N PRO C 75 -14.98 -31.53 -45.32
CA PRO C 75 -16.23 -31.85 -46.03
C PRO C 75 -16.27 -31.15 -47.38
N ALA C 76 -16.99 -31.74 -48.32
CA ALA C 76 -17.10 -31.17 -49.66
C ALA C 76 -17.53 -29.71 -49.61
N SER C 77 -18.39 -29.38 -48.64
CA SER C 77 -18.91 -28.02 -48.48
C SER C 77 -17.85 -26.95 -48.19
N THR C 78 -16.87 -27.30 -47.36
CA THR C 78 -15.80 -26.37 -46.99
C THR C 78 -14.74 -26.27 -48.09
N ILE C 79 -14.86 -27.14 -49.09
CA ILE C 79 -13.90 -27.15 -50.19
C ILE C 79 -14.55 -26.79 -51.51
N ASN C 80 -15.88 -26.93 -51.57
CA ASN C 80 -16.61 -26.59 -52.80
C ASN C 80 -16.55 -25.09 -53.04
N GLU C 81 -16.40 -24.35 -51.95
CA GLU C 81 -16.33 -22.88 -51.97
C GLU C 81 -15.26 -22.30 -52.90
N THR C 82 -14.02 -22.78 -52.75
CA THR C 82 -12.91 -22.27 -53.53
C THR C 82 -12.54 -23.02 -54.80
N ARG C 83 -13.25 -24.11 -55.11
CA ARG C 83 -12.94 -24.87 -56.31
C ARG C 83 -12.97 -23.97 -57.55
N GLY C 84 -12.08 -24.27 -58.51
CA GLY C 84 -12.02 -23.48 -59.72
C GLY C 84 -11.03 -24.02 -60.73
N LYS C 85 -10.79 -23.27 -61.80
CA LYS C 85 -9.86 -23.69 -62.85
C LYS C 85 -8.42 -23.54 -62.38
N GLY C 86 -7.63 -24.60 -62.55
CA GLY C 86 -6.24 -24.57 -62.13
C GLY C 86 -6.09 -24.51 -60.62
N VAL C 87 -7.22 -24.40 -59.93
CA VAL C 87 -7.22 -24.32 -58.47
C VAL C 87 -6.84 -25.66 -57.85
N PRO C 88 -5.74 -25.68 -57.08
CA PRO C 88 -5.18 -26.85 -56.39
C PRO C 88 -6.22 -27.72 -55.73
N VAL C 89 -6.18 -29.01 -56.05
CA VAL C 89 -7.12 -29.99 -55.54
C VAL C 89 -6.49 -31.00 -54.58
N ALA C 90 -7.00 -31.07 -53.36
CA ALA C 90 -6.50 -32.02 -52.38
C ALA C 90 -7.00 -33.41 -52.76
N ALA C 91 -6.11 -34.23 -53.29
CA ALA C 91 -6.50 -35.58 -53.69
C ALA C 91 -7.24 -36.29 -52.57
N LYS C 92 -6.64 -36.29 -51.38
CA LYS C 92 -7.23 -36.93 -50.21
C LYS C 92 -8.28 -36.07 -49.51
N LYS C 93 -8.58 -34.91 -50.07
CA LYS C 93 -9.57 -34.01 -49.48
C LYS C 93 -9.26 -33.70 -48.02
N ASP C 94 -7.98 -33.50 -47.72
CA ASP C 94 -7.56 -33.19 -46.36
C ASP C 94 -7.08 -31.75 -46.22
N TRP C 95 -7.22 -30.97 -47.29
CA TRP C 95 -6.85 -29.55 -47.28
C TRP C 95 -7.47 -28.81 -48.47
N VAL C 96 -7.84 -27.55 -48.24
CA VAL C 96 -8.45 -26.72 -49.27
C VAL C 96 -7.63 -25.46 -49.55
N ALA C 97 -7.59 -25.05 -50.80
CA ALA C 97 -6.86 -23.84 -51.19
C ALA C 97 -7.74 -22.63 -50.88
N LEU C 98 -7.11 -21.53 -50.52
CA LEU C 98 -7.84 -20.32 -50.14
C LEU C 98 -7.57 -19.07 -51.00
N SER C 99 -6.30 -18.81 -51.30
CA SER C 99 -5.92 -17.63 -52.09
C SER C 99 -4.74 -17.82 -53.02
N GLY C 100 -4.42 -16.78 -53.79
CA GLY C 100 -3.31 -16.88 -54.71
C GLY C 100 -2.43 -15.66 -54.83
N ARG C 101 -1.12 -15.89 -54.86
CA ARG C 101 -0.13 -14.84 -55.00
C ARG C 101 0.16 -14.81 -56.50
N SER C 102 0.40 -13.64 -57.05
CA SER C 102 0.64 -13.53 -58.48
C SER C 102 1.96 -12.86 -58.88
N ARG C 103 2.59 -13.41 -59.91
CA ARG C 103 3.84 -12.88 -60.45
C ARG C 103 3.46 -11.66 -61.31
N VAL C 104 4.23 -10.58 -61.17
CA VAL C 104 3.96 -9.35 -61.92
C VAL C 104 5.27 -8.68 -62.31
N VAL C 105 5.17 -7.64 -63.14
CA VAL C 105 6.33 -6.86 -63.56
C VAL C 105 6.02 -5.40 -63.21
N VAL C 106 6.63 -4.86 -62.16
CA VAL C 106 6.38 -3.47 -61.79
C VAL C 106 7.27 -2.54 -62.62
N TYR C 107 6.64 -1.77 -63.51
CA TYR C 107 7.39 -0.86 -64.36
C TYR C 107 7.21 0.63 -64.05
N ASP C 108 8.13 1.43 -64.55
CA ASP C 108 8.12 2.86 -64.35
C ASP C 108 7.19 3.51 -65.36
N THR C 109 6.01 3.92 -64.92
CA THR C 109 5.04 4.56 -65.81
C THR C 109 5.51 5.91 -66.32
N ARG C 110 6.53 6.47 -65.68
CA ARG C 110 7.11 7.76 -66.07
C ARG C 110 8.01 7.57 -67.28
N LYS C 111 8.09 6.33 -67.76
CA LYS C 111 8.95 6.02 -68.90
C LYS C 111 8.32 4.95 -69.79
N LEU C 112 7.64 3.99 -69.17
CA LEU C 112 7.04 2.90 -69.92
C LEU C 112 5.53 2.77 -69.78
N SER C 113 4.92 2.20 -70.81
CA SER C 113 3.48 1.95 -70.83
C SER C 113 3.35 0.44 -70.99
N GLU C 114 2.12 -0.04 -71.16
CA GLU C 114 1.90 -1.48 -71.32
C GLU C 114 2.53 -2.02 -72.61
N LYS C 115 2.21 -1.39 -73.72
CA LYS C 115 2.70 -1.80 -75.03
C LYS C 115 4.22 -1.82 -75.13
N ASP C 116 4.90 -1.28 -74.13
CA ASP C 116 6.36 -1.24 -74.12
C ASP C 116 6.95 -2.48 -73.44
N LEU C 117 6.12 -3.22 -72.73
CA LEU C 117 6.57 -4.42 -72.01
C LEU C 117 6.56 -5.69 -72.85
N GLU C 118 7.06 -6.78 -72.29
CA GLU C 118 7.11 -8.07 -72.98
C GLU C 118 5.82 -8.83 -72.88
N LYS C 119 5.61 -9.76 -73.82
CA LYS C 119 4.40 -10.57 -73.82
C LYS C 119 4.67 -11.84 -73.03
N SER C 120 5.95 -12.07 -72.71
CA SER C 120 6.34 -13.25 -71.94
C SER C 120 7.57 -12.96 -71.09
N VAL C 121 7.50 -13.30 -69.81
CA VAL C 121 8.61 -13.06 -68.89
C VAL C 121 9.93 -13.69 -69.34
N LEU C 122 9.86 -14.60 -70.31
CA LEU C 122 11.04 -15.27 -70.83
C LEU C 122 11.84 -14.31 -71.72
N ASN C 123 11.15 -13.30 -72.22
CA ASN C 123 11.76 -12.31 -73.09
C ASN C 123 12.50 -11.23 -72.32
N TYR C 124 12.19 -11.09 -71.04
CA TYR C 124 12.85 -10.09 -70.20
C TYR C 124 14.32 -10.43 -70.02
N ALA C 125 14.70 -11.62 -70.48
CA ALA C 125 16.08 -12.07 -70.40
C ALA C 125 16.74 -11.94 -71.77
N THR C 126 16.82 -10.71 -72.27
CA THR C 126 17.42 -10.42 -73.56
C THR C 126 18.20 -9.11 -73.46
N PRO C 127 19.14 -8.88 -74.37
CA PRO C 127 19.97 -7.65 -74.41
C PRO C 127 19.11 -6.39 -74.37
N LYS C 128 17.90 -6.49 -74.90
CA LYS C 128 16.95 -5.38 -74.95
C LYS C 128 16.62 -4.77 -73.59
N TRP C 129 16.64 -5.60 -72.56
CA TRP C 129 16.35 -5.12 -71.21
C TRP C 129 17.59 -5.01 -70.35
N LYS C 130 18.75 -4.86 -70.99
CA LYS C 130 20.02 -4.74 -70.28
C LYS C 130 19.95 -3.59 -69.28
N ASN C 131 19.89 -3.92 -68.01
CA ASN C 131 19.82 -2.93 -66.94
C ASN C 131 18.47 -2.21 -66.92
N ARG C 132 17.42 -2.93 -67.32
CA ARG C 132 16.06 -2.38 -67.34
C ARG C 132 15.09 -3.36 -66.70
N ILE C 133 15.63 -4.45 -66.15
CA ILE C 133 14.80 -5.46 -65.51
C ILE C 133 15.51 -5.97 -64.26
N GLY C 134 14.87 -5.78 -63.11
CA GLY C 134 15.45 -6.21 -61.86
C GLY C 134 14.81 -7.51 -61.40
N TYR C 135 15.53 -8.26 -60.57
CA TYR C 135 15.03 -9.52 -60.05
C TYR C 135 15.66 -9.74 -58.68
N VAL C 136 15.02 -10.58 -57.87
CA VAL C 136 15.50 -10.91 -56.54
C VAL C 136 15.93 -12.37 -56.58
N PRO C 137 17.21 -12.61 -56.92
CA PRO C 137 17.73 -13.98 -57.01
C PRO C 137 17.67 -14.79 -55.71
N THR C 138 17.37 -14.13 -54.60
CA THR C 138 17.28 -14.83 -53.31
C THR C 138 15.86 -14.92 -52.77
N SER C 139 14.88 -14.59 -53.60
CA SER C 139 13.48 -14.63 -53.20
C SER C 139 12.89 -16.01 -53.42
N GLY C 140 11.99 -16.41 -52.53
CA GLY C 140 11.35 -17.71 -52.64
C GLY C 140 10.48 -17.78 -53.88
N ALA C 141 9.90 -16.64 -54.26
CA ALA C 141 9.03 -16.59 -55.43
C ALA C 141 9.82 -16.73 -56.72
N PHE C 142 11.02 -16.17 -56.76
CA PHE C 142 11.87 -16.26 -57.96
C PHE C 142 12.16 -17.73 -58.24
N LEU C 143 12.59 -18.43 -57.20
CA LEU C 143 12.90 -19.85 -57.28
C LEU C 143 11.69 -20.62 -57.80
N GLU C 144 10.50 -20.26 -57.32
CA GLU C 144 9.27 -20.91 -57.75
C GLU C 144 9.09 -20.66 -59.22
N GLN C 145 9.49 -19.48 -59.67
CA GLN C 145 9.35 -19.14 -61.07
C GLN C 145 10.19 -20.11 -61.90
N ILE C 146 11.41 -20.37 -61.45
CA ILE C 146 12.33 -21.29 -62.12
C ILE C 146 11.67 -22.65 -62.27
N VAL C 147 11.12 -23.15 -61.17
CA VAL C 147 10.44 -24.44 -61.13
C VAL C 147 9.33 -24.56 -62.18
N ALA C 148 8.51 -23.52 -62.31
CA ALA C 148 7.42 -23.55 -63.28
C ALA C 148 7.97 -23.65 -64.71
N ILE C 149 8.91 -22.78 -65.05
CA ILE C 149 9.52 -22.79 -66.38
C ILE C 149 10.08 -24.17 -66.67
N VAL C 150 10.60 -24.82 -65.63
CA VAL C 150 11.17 -26.15 -65.79
C VAL C 150 10.06 -27.18 -66.06
N LYS C 151 8.94 -27.05 -65.36
CA LYS C 151 7.83 -27.97 -65.57
C LYS C 151 7.10 -27.63 -66.89
N LEU C 152 7.13 -26.36 -67.26
CA LEU C 152 6.44 -25.90 -68.46
C LEU C 152 7.28 -25.82 -69.75
N LYS C 153 8.56 -25.46 -69.62
CA LYS C 153 9.41 -25.34 -70.80
C LYS C 153 10.62 -26.28 -70.82
N GLY C 154 11.14 -26.65 -69.64
CA GLY C 154 12.29 -27.53 -69.58
C GLY C 154 13.48 -26.93 -68.86
N GLU C 155 14.47 -27.76 -68.55
CA GLU C 155 15.65 -27.27 -67.84
C GLU C 155 16.50 -26.32 -68.67
N ALA C 156 16.56 -26.56 -69.96
CA ALA C 156 17.37 -25.71 -70.83
C ALA C 156 16.76 -24.31 -70.78
N ALA C 157 15.48 -24.23 -71.14
CA ALA C 157 14.78 -22.95 -71.12
C ALA C 157 14.97 -22.27 -69.76
N ALA C 158 14.84 -23.04 -68.69
CA ALA C 158 14.99 -22.53 -67.32
C ALA C 158 16.36 -21.90 -67.11
N LEU C 159 17.39 -22.57 -67.63
CA LEU C 159 18.76 -22.09 -67.50
C LEU C 159 18.98 -20.87 -68.39
N LYS C 160 18.43 -20.94 -69.59
CA LYS C 160 18.54 -19.88 -70.58
C LYS C 160 18.06 -18.55 -70.02
N TRP C 161 16.88 -18.55 -69.42
CA TRP C 161 16.27 -17.36 -68.81
C TRP C 161 17.19 -16.85 -67.71
N LEU C 162 17.54 -17.75 -66.78
CA LEU C 162 18.40 -17.41 -65.66
C LEU C 162 19.72 -16.79 -66.12
N LYS C 163 20.42 -17.46 -67.02
CA LYS C 163 21.68 -16.94 -67.52
C LYS C 163 21.42 -15.64 -68.28
N GLY C 164 20.16 -15.47 -68.71
CA GLY C 164 19.77 -14.27 -69.42
C GLY C 164 19.71 -13.08 -68.48
N LEU C 165 18.98 -13.24 -67.37
CA LEU C 165 18.84 -12.19 -66.36
C LEU C 165 20.19 -11.86 -65.74
N LYS C 166 20.98 -12.89 -65.50
CA LYS C 166 22.30 -12.71 -64.90
C LYS C 166 23.17 -11.77 -65.75
N GLU C 167 23.14 -11.97 -67.06
CA GLU C 167 23.94 -11.17 -67.98
C GLU C 167 23.43 -9.75 -68.25
N TYR C 168 22.13 -9.54 -68.09
CA TYR C 168 21.56 -8.20 -68.35
C TYR C 168 20.86 -7.56 -67.16
N GLY C 169 19.89 -8.27 -66.59
CA GLY C 169 19.14 -7.75 -65.48
C GLY C 169 19.99 -7.23 -64.34
N LYS C 170 19.33 -6.82 -63.26
CA LYS C 170 20.04 -6.30 -62.11
C LYS C 170 19.38 -6.87 -60.86
N PRO C 171 20.18 -7.46 -59.96
CA PRO C 171 19.73 -8.06 -58.70
C PRO C 171 19.53 -7.09 -57.54
N TYR C 172 18.65 -7.47 -56.62
CA TYR C 172 18.35 -6.66 -55.43
C TYR C 172 18.09 -7.61 -54.27
N ALA C 173 18.42 -7.17 -53.06
CA ALA C 173 18.23 -8.00 -51.87
C ALA C 173 16.84 -8.65 -51.82
N LYS C 174 15.82 -7.87 -51.43
CA LYS C 174 14.47 -8.40 -51.36
C LYS C 174 13.49 -7.72 -52.33
N ASN C 175 12.29 -8.27 -52.45
CA ASN C 175 11.28 -7.73 -53.35
C ASN C 175 10.98 -6.25 -53.11
N SER C 176 10.99 -5.84 -51.84
CA SER C 176 10.72 -4.45 -51.50
C SER C 176 11.78 -3.49 -52.03
N VAL C 177 13.03 -3.93 -52.02
CA VAL C 177 14.14 -3.12 -52.50
C VAL C 177 14.05 -2.91 -54.02
N ALA C 178 13.47 -3.90 -54.69
CA ALA C 178 13.31 -3.85 -56.14
C ALA C 178 12.19 -2.90 -56.58
N LEU C 179 11.08 -2.91 -55.84
CA LEU C 179 9.94 -2.05 -56.17
C LEU C 179 10.29 -0.58 -55.96
N GLN C 180 11.30 -0.32 -55.13
CA GLN C 180 11.73 1.05 -54.86
C GLN C 180 12.74 1.51 -55.89
N ALA C 181 13.28 0.55 -56.63
CA ALA C 181 14.25 0.87 -57.67
C ALA C 181 13.47 1.50 -58.82
N VAL C 182 12.31 0.91 -59.13
CA VAL C 182 11.48 1.44 -60.20
C VAL C 182 10.81 2.74 -59.79
N GLU C 183 10.22 2.76 -58.59
CA GLU C 183 9.53 3.95 -58.08
C GLU C 183 10.47 5.16 -58.03
N ASN C 184 11.73 4.94 -57.68
CA ASN C 184 12.70 6.02 -57.62
C ASN C 184 13.31 6.30 -58.98
N GLY C 185 12.93 5.50 -59.97
CA GLY C 185 13.42 5.68 -61.33
C GLY C 185 14.78 5.08 -61.63
N GLU C 186 15.21 4.12 -60.81
CA GLU C 186 16.50 3.46 -60.98
C GLU C 186 16.52 2.49 -62.17
N ILE C 187 15.47 1.67 -62.28
CA ILE C 187 15.37 0.72 -63.38
C ILE C 187 13.95 0.73 -63.91
N ASP C 188 13.78 0.57 -65.21
CA ASP C 188 12.46 0.59 -65.83
C ASP C 188 11.43 -0.42 -65.33
N ALA C 189 11.90 -1.58 -64.86
CA ALA C 189 10.98 -2.60 -64.37
C ALA C 189 11.66 -3.61 -63.46
N ALA C 190 10.88 -4.58 -63.01
CA ALA C 190 11.40 -5.62 -62.13
C ALA C 190 10.45 -6.80 -62.11
N LEU C 191 10.96 -7.94 -61.65
CA LEU C 191 10.17 -9.15 -61.52
C LEU C 191 9.90 -9.23 -60.01
N ILE C 192 8.64 -9.07 -59.62
CA ILE C 192 8.27 -9.12 -58.21
C ILE C 192 6.88 -9.73 -58.00
N ASN C 193 6.37 -9.63 -56.78
CA ASN C 193 5.05 -10.18 -56.46
C ASN C 193 4.03 -9.06 -56.35
N ASN C 194 2.84 -9.28 -56.90
CA ASN C 194 1.79 -8.27 -56.90
C ASN C 194 1.36 -7.77 -55.53
N TYR C 195 1.38 -8.63 -54.53
CA TYR C 195 0.95 -8.22 -53.20
C TYR C 195 1.93 -7.25 -52.51
N TYR C 196 3.23 -7.36 -52.81
CA TYR C 196 4.21 -6.46 -52.20
C TYR C 196 3.91 -5.01 -52.64
N TRP C 197 3.18 -4.83 -53.76
CA TRP C 197 2.85 -3.49 -54.29
C TRP C 197 1.56 -2.88 -53.78
N HIS C 198 0.44 -3.50 -54.11
CA HIS C 198 -0.89 -3.04 -53.69
C HIS C 198 -0.87 -2.48 -52.27
N ALA C 199 -0.09 -3.11 -51.41
CA ALA C 199 0.03 -2.70 -50.01
C ALA C 199 0.78 -1.36 -49.93
N PHE C 200 1.76 -1.18 -50.81
CA PHE C 200 2.54 0.05 -50.87
C PHE C 200 1.65 1.19 -51.37
N ALA C 201 1.08 0.99 -52.55
CA ALA C 201 0.20 1.98 -53.17
C ALA C 201 -0.95 2.34 -52.24
N ARG C 202 -1.43 1.38 -51.47
CA ARG C 202 -2.53 1.63 -50.55
C ARG C 202 -2.10 2.61 -49.46
N GLU C 203 -0.85 2.49 -49.02
CA GLU C 203 -0.30 3.36 -47.96
C GLU C 203 -0.02 4.80 -48.44
N LYS C 204 0.71 4.92 -49.53
CA LYS C 204 1.10 6.23 -50.08
C LYS C 204 0.00 6.91 -50.90
N GLY C 205 -0.98 6.14 -51.34
CA GLY C 205 -2.05 6.68 -52.17
C GLY C 205 -1.60 6.47 -53.62
N VAL C 206 -2.43 5.82 -54.42
CA VAL C 206 -2.09 5.54 -55.82
C VAL C 206 -1.70 6.74 -56.67
N GLN C 207 -2.25 7.91 -56.32
CA GLN C 207 -1.98 9.13 -57.07
C GLN C 207 -0.56 9.66 -56.85
N ASN C 208 0.21 8.98 -56.00
CA ASN C 208 1.59 9.39 -55.72
C ASN C 208 2.55 8.27 -56.09
N VAL C 209 1.98 7.21 -56.64
CA VAL C 209 2.74 6.03 -57.06
C VAL C 209 3.06 6.10 -58.54
N HIS C 210 4.35 6.12 -58.86
CA HIS C 210 4.81 6.20 -60.25
C HIS C 210 5.06 4.86 -60.91
N THR C 211 4.53 3.80 -60.31
CA THR C 211 4.70 2.46 -60.86
C THR C 211 3.35 1.75 -60.95
N ARG C 212 3.26 0.79 -61.87
CA ARG C 212 2.04 0.03 -62.06
C ARG C 212 2.41 -1.44 -62.24
N LEU C 213 1.44 -2.33 -62.04
CA LEU C 213 1.69 -3.76 -62.19
C LEU C 213 1.25 -4.32 -63.54
N ASN C 214 2.05 -5.24 -64.06
CA ASN C 214 1.80 -5.88 -65.35
C ASN C 214 1.59 -7.40 -65.21
N PHE C 215 0.65 -7.93 -65.98
CA PHE C 215 0.34 -9.34 -65.96
C PHE C 215 0.45 -9.91 -67.37
N VAL C 216 1.33 -10.91 -67.55
CA VAL C 216 1.54 -11.53 -68.87
C VAL C 216 0.42 -12.43 -69.36
N ARG C 217 -0.34 -13.01 -68.42
CA ARG C 217 -1.47 -13.89 -68.74
C ARG C 217 -1.14 -14.97 -69.77
N HIS C 218 -2.16 -15.36 -70.53
CA HIS C 218 -2.08 -16.40 -71.56
C HIS C 218 -1.26 -17.63 -71.20
N ARG C 219 -1.51 -18.18 -70.02
CA ARG C 219 -0.86 -19.40 -69.53
C ARG C 219 0.68 -19.33 -69.55
N ASP C 220 1.21 -18.11 -69.57
CA ASP C 220 2.65 -17.89 -69.58
C ASP C 220 3.24 -18.26 -68.22
N PRO C 221 4.54 -18.63 -68.19
CA PRO C 221 5.24 -19.01 -66.96
C PRO C 221 5.30 -17.85 -65.97
N GLY C 222 5.44 -16.64 -66.50
CA GLY C 222 5.49 -15.46 -65.65
C GLY C 222 4.13 -15.10 -65.09
N ALA C 223 3.12 -15.86 -65.50
CA ALA C 223 1.77 -15.63 -65.02
C ALA C 223 1.47 -16.63 -63.90
N LEU C 224 2.52 -17.25 -63.40
CA LEU C 224 2.41 -18.24 -62.34
C LEU C 224 1.68 -17.71 -61.12
N VAL C 225 0.77 -18.52 -60.58
CA VAL C 225 0.03 -18.15 -59.38
C VAL C 225 0.32 -19.16 -58.27
N THR C 226 0.93 -18.69 -57.18
CA THR C 226 1.25 -19.55 -56.04
C THR C 226 0.07 -19.53 -55.06
N TYR C 227 -0.50 -20.69 -54.82
CA TYR C 227 -1.66 -20.77 -53.92
C TYR C 227 -1.35 -21.03 -52.45
N SER C 228 -2.34 -20.73 -51.61
CA SER C 228 -2.24 -20.92 -50.18
C SER C 228 -3.53 -21.60 -49.71
N GLY C 229 -3.46 -22.34 -48.62
CA GLY C 229 -4.64 -23.03 -48.13
C GLY C 229 -4.73 -23.22 -46.63
N ALA C 230 -5.67 -24.06 -46.23
CA ALA C 230 -5.89 -24.34 -44.82
C ALA C 230 -6.19 -25.81 -44.64
N ALA C 231 -6.08 -26.28 -43.40
CA ALA C 231 -6.34 -27.67 -43.07
C ALA C 231 -6.50 -27.86 -41.57
N VAL C 232 -7.17 -28.94 -41.19
CA VAL C 232 -7.38 -29.27 -39.78
C VAL C 232 -6.55 -30.52 -39.47
N LEU C 233 -5.96 -30.59 -38.28
CA LEU C 233 -5.14 -31.73 -37.92
C LEU C 233 -5.89 -32.81 -37.14
N LYS C 234 -5.39 -34.05 -37.22
CA LYS C 234 -5.99 -35.18 -36.51
C LYS C 234 -5.79 -35.09 -35.01
N SER C 235 -4.80 -34.31 -34.59
CA SER C 235 -4.48 -34.13 -33.17
C SER C 235 -5.49 -33.23 -32.47
N SER C 236 -6.02 -32.27 -33.22
CA SER C 236 -6.98 -31.31 -32.70
C SER C 236 -8.14 -31.91 -31.90
N GLN C 237 -8.23 -31.49 -30.64
CA GLN C 237 -9.29 -31.96 -29.75
C GLN C 237 -10.53 -31.08 -29.92
N ASN C 238 -10.40 -30.04 -30.74
CA ASN C 238 -11.49 -29.13 -31.03
C ASN C 238 -11.80 -29.23 -32.52
N LYS C 239 -11.81 -30.46 -33.04
CA LYS C 239 -12.06 -30.70 -34.46
C LYS C 239 -13.29 -30.00 -35.01
N ASP C 240 -14.42 -30.12 -34.33
CA ASP C 240 -15.65 -29.49 -34.80
C ASP C 240 -15.49 -27.98 -34.99
N GLU C 241 -14.61 -27.38 -34.20
CA GLU C 241 -14.37 -25.94 -34.28
C GLU C 241 -13.32 -25.61 -35.34
N ALA C 242 -12.20 -26.34 -35.31
CA ALA C 242 -11.12 -26.12 -36.28
C ALA C 242 -11.63 -26.22 -37.71
N LYS C 243 -12.64 -27.07 -37.92
CA LYS C 243 -13.23 -27.26 -39.23
C LYS C 243 -14.05 -26.05 -39.63
N LYS C 244 -14.61 -25.36 -38.63
CA LYS C 244 -15.43 -24.18 -38.87
C LYS C 244 -14.54 -23.01 -39.31
N PHE C 245 -13.37 -22.89 -38.67
CA PHE C 245 -12.45 -21.82 -39.01
C PHE C 245 -11.93 -22.00 -40.43
N VAL C 246 -11.70 -23.24 -40.83
CA VAL C 246 -11.22 -23.50 -42.17
C VAL C 246 -12.42 -23.28 -43.10
N ALA C 247 -13.62 -23.41 -42.53
CA ALA C 247 -14.88 -23.22 -43.26
C ALA C 247 -15.16 -21.73 -43.46
N PHE C 248 -14.69 -20.93 -42.52
CA PHE C 248 -14.84 -19.48 -42.57
C PHE C 248 -13.87 -18.97 -43.64
N LEU C 249 -12.59 -19.33 -43.49
CA LEU C 249 -11.52 -18.93 -44.40
C LEU C 249 -11.85 -19.19 -45.85
N ALA C 250 -12.62 -20.25 -46.09
CA ALA C 250 -13.02 -20.61 -47.46
C ALA C 250 -14.29 -19.88 -47.84
N GLY C 251 -15.19 -19.71 -46.86
CA GLY C 251 -16.44 -19.03 -47.11
C GLY C 251 -16.22 -17.55 -47.37
N LYS C 252 -17.24 -16.91 -47.95
CA LYS C 252 -17.22 -15.49 -48.29
C LYS C 252 -16.89 -14.58 -47.10
N GLU C 253 -17.36 -14.94 -45.91
CA GLU C 253 -17.12 -14.12 -44.72
C GLU C 253 -15.63 -14.01 -44.42
N GLY C 254 -14.93 -15.16 -44.40
CA GLY C 254 -13.51 -15.16 -44.14
C GLY C 254 -12.74 -14.70 -45.37
N GLN C 255 -13.37 -14.87 -46.53
CA GLN C 255 -12.79 -14.44 -47.79
C GLN C 255 -12.76 -12.92 -47.84
N ARG C 256 -13.83 -12.28 -47.36
CA ARG C 256 -13.90 -10.82 -47.34
C ARG C 256 -13.01 -10.21 -46.28
N ALA C 257 -12.84 -10.93 -45.17
CA ALA C 257 -11.99 -10.43 -44.08
C ALA C 257 -10.57 -10.29 -44.61
N LEU C 258 -10.10 -11.33 -45.30
CA LEU C 258 -8.76 -11.35 -45.86
C LEU C 258 -8.62 -10.42 -47.07
N THR C 259 -9.63 -10.40 -47.93
CA THR C 259 -9.58 -9.56 -49.13
C THR C 259 -9.62 -8.08 -48.70
N ALA C 260 -10.10 -7.83 -47.50
CA ALA C 260 -10.18 -6.48 -46.96
C ALA C 260 -8.81 -5.99 -46.48
N VAL C 261 -7.94 -6.92 -46.09
CA VAL C 261 -6.62 -6.54 -45.60
C VAL C 261 -5.45 -6.95 -46.51
N ARG C 262 -5.48 -8.17 -47.05
CA ARG C 262 -4.39 -8.66 -47.91
C ARG C 262 -4.72 -8.65 -49.41
N ALA C 263 -3.70 -8.42 -50.24
CA ALA C 263 -3.86 -8.40 -51.68
C ALA C 263 -3.79 -9.79 -52.33
N GLU C 264 -4.51 -10.74 -51.74
CA GLU C 264 -4.56 -12.12 -52.24
C GLU C 264 -5.77 -12.28 -53.16
N TYR C 265 -5.61 -13.02 -54.26
CA TYR C 265 -6.72 -13.25 -55.17
C TYR C 265 -7.65 -14.29 -54.55
N PRO C 266 -8.87 -13.88 -54.17
CA PRO C 266 -9.83 -14.82 -53.56
C PRO C 266 -10.21 -15.94 -54.50
N LEU C 267 -10.10 -17.18 -54.02
CA LEU C 267 -10.43 -18.35 -54.82
C LEU C 267 -11.95 -18.55 -54.83
N ASN C 268 -12.64 -17.72 -54.06
CA ASN C 268 -14.09 -17.78 -53.99
C ASN C 268 -14.61 -16.66 -54.90
N PRO C 269 -15.06 -17.02 -56.11
CA PRO C 269 -15.57 -16.10 -57.13
C PRO C 269 -16.89 -15.40 -56.78
N HIS C 270 -17.22 -15.36 -55.50
CA HIS C 270 -18.44 -14.70 -55.03
C HIS C 270 -18.04 -13.54 -54.12
N VAL C 271 -16.74 -13.32 -54.02
CA VAL C 271 -16.18 -12.27 -53.18
C VAL C 271 -15.46 -11.21 -54.00
N VAL C 272 -15.84 -9.95 -53.78
CA VAL C 272 -15.23 -8.82 -54.47
C VAL C 272 -14.07 -8.30 -53.64
N SER C 273 -12.91 -8.19 -54.28
CA SER C 273 -11.72 -7.72 -53.60
C SER C 273 -11.72 -6.23 -53.27
N THR C 274 -11.15 -5.91 -52.10
CA THR C 274 -11.04 -4.55 -51.61
C THR C 274 -9.92 -3.85 -52.41
N PHE C 275 -9.10 -4.66 -53.07
CA PHE C 275 -8.01 -4.17 -53.89
C PHE C 275 -8.46 -4.25 -55.35
N ASN C 276 -7.76 -3.57 -56.24
CA ASN C 276 -8.13 -3.61 -57.66
C ASN C 276 -7.58 -4.88 -58.30
N LEU C 277 -8.19 -6.01 -57.93
CA LEU C 277 -7.79 -7.32 -58.44
C LEU C 277 -8.88 -7.92 -59.32
N GLU C 278 -8.52 -8.20 -60.57
CA GLU C 278 -9.44 -8.78 -61.53
C GLU C 278 -9.71 -10.22 -61.11
N PRO C 279 -10.72 -10.88 -61.71
CA PRO C 279 -11.03 -12.26 -61.35
C PRO C 279 -9.74 -13.10 -61.42
N ILE C 280 -9.42 -13.82 -60.34
CA ILE C 280 -8.20 -14.64 -60.31
C ILE C 280 -8.09 -15.51 -61.55
N ALA C 281 -9.24 -15.89 -62.11
CA ALA C 281 -9.27 -16.72 -63.30
C ALA C 281 -8.82 -15.93 -64.52
N LYS C 282 -9.14 -14.64 -64.55
CA LYS C 282 -8.75 -13.76 -65.65
C LYS C 282 -7.23 -13.65 -65.76
N LEU C 283 -6.53 -13.99 -64.69
CA LEU C 283 -5.07 -13.93 -64.68
C LEU C 283 -4.50 -14.87 -65.73
N GLU C 284 -5.21 -15.96 -65.98
CA GLU C 284 -4.80 -16.97 -66.94
C GLU C 284 -3.51 -17.65 -66.45
N ALA C 285 -3.57 -18.08 -65.18
CA ALA C 285 -2.46 -18.75 -64.54
C ALA C 285 -2.26 -20.10 -65.20
N PRO C 286 -1.01 -20.52 -65.38
CA PRO C 286 -0.70 -21.80 -66.01
C PRO C 286 -0.86 -22.95 -65.01
N GLN C 287 -1.33 -24.08 -65.52
CA GLN C 287 -1.51 -25.27 -64.69
C GLN C 287 -0.11 -25.66 -64.23
N VAL C 288 0.03 -25.98 -62.95
CA VAL C 288 1.31 -26.38 -62.39
C VAL C 288 1.08 -27.14 -61.10
N SER C 289 1.88 -28.18 -60.88
CA SER C 289 1.78 -29.00 -59.68
C SER C 289 2.57 -28.37 -58.53
N ALA C 290 2.43 -28.94 -57.34
CA ALA C 290 3.14 -28.42 -56.18
C ALA C 290 4.64 -28.63 -56.34
N THR C 291 5.43 -27.76 -55.69
CA THR C 291 6.89 -27.86 -55.76
C THR C 291 7.38 -28.91 -54.79
N THR C 292 8.58 -29.44 -55.02
CA THR C 292 9.14 -30.47 -54.17
C THR C 292 10.52 -30.14 -53.64
N VAL C 293 11.09 -31.07 -52.87
CA VAL C 293 12.41 -30.89 -52.31
C VAL C 293 13.43 -31.00 -53.44
N SER C 294 13.31 -32.06 -54.23
CA SER C 294 14.22 -32.28 -55.35
C SER C 294 13.96 -31.27 -56.47
N GLU C 295 12.74 -30.73 -56.54
CA GLU C 295 12.43 -29.73 -57.56
C GLU C 295 13.01 -28.39 -57.12
N LYS C 296 13.14 -28.22 -55.80
CA LYS C 296 13.73 -27.00 -55.24
C LYS C 296 15.25 -27.13 -55.33
N GLU C 297 15.74 -28.37 -55.31
CA GLU C 297 17.16 -28.63 -55.42
C GLU C 297 17.56 -28.29 -56.85
N HIS C 298 16.79 -28.80 -57.80
CA HIS C 298 17.01 -28.59 -59.22
C HIS C 298 16.99 -27.09 -59.54
N ALA C 299 16.12 -26.35 -58.86
CA ALA C 299 16.00 -24.90 -59.06
C ALA C 299 17.18 -24.20 -58.38
N THR C 300 17.43 -24.58 -57.15
CA THR C 300 18.55 -24.00 -56.39
C THR C 300 19.85 -24.32 -57.10
N ARG C 301 19.80 -25.29 -58.01
CA ARG C 301 20.97 -25.70 -58.79
C ARG C 301 21.16 -24.76 -59.96
N LEU C 302 20.15 -24.70 -60.84
CA LEU C 302 20.21 -23.83 -62.02
C LEU C 302 20.68 -22.44 -61.60
N LEU C 303 20.34 -22.05 -60.37
CA LEU C 303 20.77 -20.76 -59.85
C LEU C 303 22.28 -20.77 -59.73
N GLU C 304 22.81 -21.79 -59.06
CA GLU C 304 24.26 -21.92 -58.91
C GLU C 304 24.90 -21.95 -60.30
N GLN C 305 24.26 -22.69 -61.20
CA GLN C 305 24.75 -22.81 -62.58
C GLN C 305 24.83 -21.45 -63.26
N ALA C 306 23.68 -20.83 -63.47
CA ALA C 306 23.56 -19.54 -64.14
C ALA C 306 24.56 -18.48 -63.65
N GLY C 307 24.93 -18.55 -62.37
CA GLY C 307 25.88 -17.60 -61.80
C GLY C 307 25.29 -16.82 -60.64
N MET C 308 24.06 -16.34 -60.81
CA MET C 308 23.35 -15.55 -59.80
C MET C 308 23.71 -15.90 -58.35
N LYS C 309 22.95 -16.80 -57.74
CA LYS C 309 23.21 -17.20 -56.36
C LYS C 309 24.43 -18.12 -56.36
N ASP D 1 -66.64 -15.25 -37.51
CA ASP D 1 -65.32 -14.73 -37.99
C ASP D 1 -65.17 -13.23 -37.75
N ILE D 2 -64.09 -12.86 -37.09
CA ILE D 2 -63.81 -11.45 -36.79
C ILE D 2 -62.67 -10.90 -37.63
N THR D 3 -62.69 -9.58 -37.83
CA THR D 3 -61.67 -8.88 -38.58
C THR D 3 -60.92 -8.03 -37.56
N VAL D 4 -59.64 -8.29 -37.38
CA VAL D 4 -58.85 -7.57 -36.39
C VAL D 4 -57.87 -6.57 -36.98
N TYR D 5 -57.87 -5.35 -36.42
CA TYR D 5 -56.97 -4.29 -36.86
C TYR D 5 -55.67 -4.43 -36.06
N ASN D 6 -54.79 -5.31 -36.54
CA ASN D 6 -53.53 -5.59 -35.90
C ASN D 6 -52.51 -4.47 -36.02
N GLY D 7 -51.95 -4.07 -34.89
CA GLY D 7 -50.93 -3.04 -34.87
C GLY D 7 -49.63 -3.64 -34.38
N GLN D 8 -49.73 -4.71 -33.60
CA GLN D 8 -48.58 -5.41 -33.04
C GLN D 8 -47.72 -6.13 -34.08
N HIS D 9 -46.79 -6.95 -33.60
CA HIS D 9 -45.89 -7.71 -34.48
C HIS D 9 -46.68 -8.65 -35.37
N LYS D 10 -46.28 -8.78 -36.64
CA LYS D 10 -46.98 -9.65 -37.59
C LYS D 10 -46.95 -11.14 -37.24
N GLU D 11 -45.95 -11.55 -36.45
CA GLU D 11 -45.86 -12.95 -36.01
C GLU D 11 -46.87 -13.14 -34.90
N ALA D 12 -46.64 -12.45 -33.79
CA ALA D 12 -47.52 -12.50 -32.61
C ALA D 12 -48.98 -12.39 -33.03
N ALA D 13 -49.20 -11.74 -34.17
CA ALA D 13 -50.54 -11.55 -34.69
C ALA D 13 -51.14 -12.89 -35.13
N GLN D 14 -50.69 -13.40 -36.27
CA GLN D 14 -51.18 -14.67 -36.80
C GLN D 14 -50.97 -15.80 -35.78
N ALA D 15 -49.97 -15.63 -34.92
CA ALA D 15 -49.66 -16.62 -33.90
C ALA D 15 -50.87 -16.87 -33.00
N VAL D 16 -51.29 -15.84 -32.27
CA VAL D 16 -52.42 -15.96 -31.37
C VAL D 16 -53.70 -16.08 -32.19
N ALA D 17 -53.62 -15.72 -33.46
CA ALA D 17 -54.76 -15.80 -34.36
C ALA D 17 -55.13 -17.26 -34.59
N ASP D 18 -54.17 -18.05 -35.07
CA ASP D 18 -54.40 -19.46 -35.31
C ASP D 18 -54.69 -20.15 -33.99
N ALA D 19 -54.09 -19.62 -32.94
CA ALA D 19 -54.30 -20.14 -31.59
C ALA D 19 -55.72 -19.76 -31.19
N PHE D 20 -56.44 -19.17 -32.14
CA PHE D 20 -57.81 -18.74 -31.90
C PHE D 20 -58.73 -19.34 -32.96
N THR D 21 -58.19 -19.56 -34.15
CA THR D 21 -58.94 -20.10 -35.28
C THR D 21 -59.17 -21.60 -35.22
N ARG D 22 -58.13 -22.37 -34.90
CA ARG D 22 -58.27 -23.81 -34.82
C ARG D 22 -58.83 -24.20 -33.46
N ALA D 23 -58.35 -23.50 -32.43
CA ALA D 23 -58.76 -23.75 -31.05
C ALA D 23 -60.22 -23.40 -30.78
N THR D 24 -60.83 -22.62 -31.68
CA THR D 24 -62.24 -22.23 -31.51
C THR D 24 -63.03 -22.47 -32.80
N GLY D 25 -62.34 -22.34 -33.93
CA GLY D 25 -62.99 -22.53 -35.21
C GLY D 25 -63.38 -21.19 -35.82
N ILE D 26 -62.87 -20.12 -35.24
CA ILE D 26 -63.17 -18.77 -35.72
C ILE D 26 -62.01 -18.21 -36.52
N LYS D 27 -62.27 -17.85 -37.77
CA LYS D 27 -61.25 -17.28 -38.65
C LYS D 27 -60.91 -15.87 -38.21
N VAL D 28 -59.74 -15.40 -38.64
CA VAL D 28 -59.28 -14.08 -38.30
C VAL D 28 -58.62 -13.39 -39.49
N LYS D 29 -59.24 -12.34 -39.98
CA LYS D 29 -58.70 -11.58 -41.10
C LYS D 29 -57.85 -10.43 -40.53
N LEU D 30 -56.54 -10.54 -40.69
CA LEU D 30 -55.63 -9.52 -40.17
C LEU D 30 -55.46 -8.28 -41.05
N ASN D 31 -55.32 -7.14 -40.39
CA ASN D 31 -55.09 -5.87 -41.06
C ASN D 31 -53.95 -5.24 -40.27
N SER D 32 -52.75 -5.31 -40.82
CA SER D 32 -51.55 -4.79 -40.16
C SER D 32 -51.13 -3.42 -40.68
N ALA D 33 -50.79 -2.53 -39.75
CA ALA D 33 -50.35 -1.17 -40.05
C ALA D 33 -49.78 -0.63 -38.74
N LYS D 34 -49.26 0.59 -38.77
CA LYS D 34 -48.70 1.17 -37.55
C LYS D 34 -49.82 1.36 -36.54
N GLY D 35 -49.49 1.26 -35.25
CA GLY D 35 -50.50 1.42 -34.23
C GLY D 35 -51.29 2.71 -34.41
N ASP D 36 -50.61 3.79 -34.75
CA ASP D 36 -51.24 5.09 -34.95
C ASP D 36 -52.16 5.14 -36.17
N GLN D 37 -51.61 4.79 -37.32
CA GLN D 37 -52.39 4.83 -38.56
C GLN D 37 -53.41 3.71 -38.70
N LEU D 38 -53.97 3.28 -37.56
CA LEU D 38 -55.00 2.23 -37.54
C LEU D 38 -56.10 2.74 -36.64
N ALA D 39 -55.71 3.39 -35.54
CA ALA D 39 -56.65 3.96 -34.59
C ALA D 39 -57.25 5.19 -35.26
N GLY D 40 -56.44 5.82 -36.12
CA GLY D 40 -56.88 7.00 -36.83
C GLY D 40 -57.72 6.59 -38.03
N GLN D 41 -57.40 5.42 -38.58
CA GLN D 41 -58.13 4.90 -39.73
C GLN D 41 -59.49 4.46 -39.21
N ILE D 42 -59.56 4.17 -37.91
CA ILE D 42 -60.81 3.72 -37.28
C ILE D 42 -61.75 4.91 -37.02
N LYS D 43 -61.18 6.10 -36.92
CA LYS D 43 -61.98 7.30 -36.69
C LYS D 43 -62.51 7.82 -38.01
N GLU D 44 -61.73 7.62 -39.08
CA GLU D 44 -62.14 8.06 -40.41
C GLU D 44 -62.90 6.93 -41.10
N GLU D 45 -63.49 6.05 -40.28
CA GLU D 45 -64.30 4.93 -40.73
C GLU D 45 -65.41 4.80 -39.69
N GLY D 46 -65.02 4.98 -38.43
CA GLY D 46 -65.96 4.91 -37.32
C GLY D 46 -67.03 3.84 -37.44
N SER D 47 -68.19 4.23 -37.95
CA SER D 47 -69.31 3.31 -38.13
C SER D 47 -69.01 2.24 -39.16
N ARG D 48 -68.52 2.65 -40.33
CA ARG D 48 -68.20 1.69 -41.37
C ARG D 48 -66.78 1.16 -41.26
N SER D 49 -66.39 0.82 -40.03
CA SER D 49 -65.07 0.28 -39.76
C SER D 49 -65.24 -1.22 -39.61
N PRO D 50 -64.70 -1.99 -40.58
CA PRO D 50 -64.78 -3.45 -40.59
C PRO D 50 -64.15 -4.08 -39.35
N ALA D 51 -63.52 -3.24 -38.54
CA ALA D 51 -62.84 -3.67 -37.33
C ALA D 51 -63.79 -4.10 -36.23
N ASP D 52 -63.54 -5.29 -35.69
CA ASP D 52 -64.33 -5.83 -34.60
C ASP D 52 -63.45 -5.72 -33.36
N VAL D 53 -62.16 -5.93 -33.55
CA VAL D 53 -61.18 -5.86 -32.48
C VAL D 53 -59.96 -5.07 -32.93
N PHE D 54 -59.32 -4.37 -31.99
CA PHE D 54 -58.10 -3.62 -32.25
C PHE D 54 -56.98 -4.13 -31.35
N TYR D 55 -56.02 -4.81 -31.96
CA TYR D 55 -54.86 -5.38 -31.27
C TYR D 55 -53.75 -4.35 -31.49
N SER D 56 -53.23 -3.77 -30.41
CA SER D 56 -52.17 -2.77 -30.60
C SER D 56 -50.92 -2.94 -29.77
N GLU D 57 -49.81 -2.49 -30.34
CA GLU D 57 -48.50 -2.57 -29.71
C GLU D 57 -48.32 -1.42 -28.73
N GLN D 58 -49.40 -0.73 -28.41
CA GLN D 58 -49.30 0.41 -27.50
C GLN D 58 -50.64 0.84 -26.94
N ILE D 59 -50.60 1.38 -25.73
CA ILE D 59 -51.79 1.85 -25.05
C ILE D 59 -52.30 3.19 -25.59
N PRO D 60 -51.39 4.14 -25.94
CA PRO D 60 -51.79 5.44 -26.46
C PRO D 60 -52.88 5.46 -27.54
N ALA D 61 -52.77 4.58 -28.54
CA ALA D 61 -53.77 4.53 -29.60
C ALA D 61 -55.04 3.86 -29.09
N LEU D 62 -54.91 3.05 -28.04
CA LEU D 62 -56.06 2.38 -27.45
C LEU D 62 -56.94 3.43 -26.79
N ALA D 63 -56.29 4.43 -26.22
CA ALA D 63 -56.97 5.52 -25.53
C ALA D 63 -57.48 6.56 -26.54
N THR D 64 -56.86 6.59 -27.72
CA THR D 64 -57.26 7.52 -28.77
C THR D 64 -58.71 7.27 -29.17
N LEU D 65 -59.07 6.00 -29.24
CA LEU D 65 -60.43 5.61 -29.60
C LEU D 65 -61.33 5.62 -28.36
N SER D 66 -60.76 5.24 -27.21
CA SER D 66 -61.51 5.23 -25.96
C SER D 66 -61.89 6.68 -25.68
N ALA D 67 -60.88 7.55 -25.65
CA ALA D 67 -61.10 8.97 -25.44
C ALA D 67 -61.71 9.49 -26.74
N ALA D 68 -62.71 8.76 -27.21
CA ALA D 68 -63.43 9.07 -28.44
C ALA D 68 -64.62 8.10 -28.47
N ASN D 69 -64.86 7.47 -27.32
CA ASN D 69 -65.95 6.52 -27.12
C ASN D 69 -66.31 5.65 -28.32
N LEU D 70 -65.30 5.09 -28.97
CA LEU D 70 -65.52 4.22 -30.14
C LEU D 70 -65.31 2.75 -29.79
N LEU D 71 -65.01 2.48 -28.52
CA LEU D 71 -64.77 1.13 -28.07
C LEU D 71 -65.93 0.54 -27.28
N GLU D 72 -66.00 -0.78 -27.27
CA GLU D 72 -67.05 -1.52 -26.57
C GLU D 72 -66.51 -1.96 -25.21
N PRO D 73 -67.36 -1.97 -24.17
CA PRO D 73 -66.93 -2.39 -22.82
C PRO D 73 -66.67 -3.90 -22.69
N LEU D 74 -65.73 -4.26 -21.81
CA LEU D 74 -65.37 -5.66 -21.60
C LEU D 74 -65.66 -6.12 -20.17
N PRO D 75 -66.16 -7.36 -20.01
CA PRO D 75 -66.47 -7.90 -18.69
C PRO D 75 -65.24 -8.05 -17.78
N ALA D 76 -65.44 -7.77 -16.50
CA ALA D 76 -64.35 -7.85 -15.52
C ALA D 76 -63.57 -9.15 -15.61
N SER D 77 -64.24 -10.24 -15.98
CA SER D 77 -63.60 -11.55 -16.09
C SER D 77 -62.39 -11.49 -17.02
N THR D 78 -62.48 -10.64 -18.03
CA THR D 78 -61.40 -10.47 -19.00
C THR D 78 -60.25 -9.67 -18.42
N ILE D 79 -60.55 -8.51 -17.85
CA ILE D 79 -59.52 -7.68 -17.27
C ILE D 79 -58.93 -8.35 -16.04
N ASN D 80 -59.78 -9.03 -15.26
CA ASN D 80 -59.33 -9.73 -14.06
C ASN D 80 -58.17 -10.65 -14.41
N GLU D 81 -58.22 -11.20 -15.62
CA GLU D 81 -57.18 -12.09 -16.10
C GLU D 81 -55.81 -11.44 -15.96
N THR D 82 -55.68 -10.26 -16.56
CA THR D 82 -54.42 -9.54 -16.55
C THR D 82 -54.24 -8.57 -15.37
N ARG D 83 -55.04 -8.75 -14.33
CA ARG D 83 -54.95 -7.89 -13.14
C ARG D 83 -53.51 -7.79 -12.62
N GLY D 84 -53.01 -6.57 -12.49
CA GLY D 84 -51.65 -6.37 -12.01
C GLY D 84 -51.40 -4.97 -11.48
N LYS D 85 -50.83 -4.87 -10.27
CA LYS D 85 -50.56 -3.58 -9.64
C LYS D 85 -49.64 -2.68 -10.46
N GLY D 86 -49.32 -3.11 -11.67
CA GLY D 86 -48.46 -2.32 -12.53
C GLY D 86 -49.11 -2.26 -13.89
N VAL D 87 -50.02 -3.19 -14.15
CA VAL D 87 -50.72 -3.27 -15.42
C VAL D 87 -51.69 -2.11 -15.61
N PRO D 88 -51.62 -1.44 -16.77
CA PRO D 88 -52.48 -0.30 -17.12
C PRO D 88 -53.95 -0.69 -17.25
N VAL D 89 -54.81 -0.02 -16.50
CA VAL D 89 -56.24 -0.29 -16.55
C VAL D 89 -56.98 0.81 -17.28
N ALA D 90 -58.06 0.46 -17.98
CA ALA D 90 -58.87 1.41 -18.72
C ALA D 90 -59.89 2.08 -17.81
N ALA D 91 -59.81 3.40 -17.67
CA ALA D 91 -60.74 4.14 -16.84
C ALA D 91 -62.19 3.85 -17.25
N LYS D 92 -62.41 3.74 -18.55
CA LYS D 92 -63.74 3.44 -19.06
C LYS D 92 -63.86 2.00 -19.55
N LYS D 93 -62.92 1.18 -19.08
CA LYS D 93 -62.89 -0.25 -19.41
C LYS D 93 -63.31 -0.52 -20.86
N ASP D 94 -62.47 -0.10 -21.79
CA ASP D 94 -62.74 -0.31 -23.21
C ASP D 94 -61.73 -1.29 -23.77
N TRP D 95 -60.61 -1.44 -23.05
CA TRP D 95 -59.54 -2.32 -23.46
C TRP D 95 -58.92 -3.07 -22.29
N VAL D 96 -58.09 -4.06 -22.60
CA VAL D 96 -57.40 -4.85 -21.59
C VAL D 96 -55.95 -5.07 -22.02
N ALA D 97 -55.03 -4.93 -21.08
CA ALA D 97 -53.60 -5.11 -21.35
C ALA D 97 -53.33 -6.57 -21.69
N LEU D 98 -52.37 -6.82 -22.57
CA LEU D 98 -52.06 -8.18 -22.98
C LEU D 98 -50.60 -8.61 -22.86
N SER D 99 -49.72 -7.66 -22.57
CA SER D 99 -48.31 -7.98 -22.43
C SER D 99 -47.46 -6.77 -22.11
N GLY D 100 -46.19 -7.03 -21.79
CA GLY D 100 -45.27 -5.97 -21.46
C GLY D 100 -43.91 -6.15 -22.12
N ARG D 101 -43.30 -5.05 -22.54
CA ARG D 101 -41.97 -5.08 -23.15
C ARG D 101 -41.03 -4.39 -22.17
N SER D 102 -39.83 -4.94 -22.00
CA SER D 102 -38.89 -4.36 -21.05
C SER D 102 -37.67 -3.68 -21.66
N ARG D 103 -37.19 -2.66 -20.95
CA ARG D 103 -36.02 -1.90 -21.34
C ARG D 103 -34.84 -2.61 -20.71
N VAL D 104 -33.76 -2.79 -21.45
CA VAL D 104 -32.61 -3.49 -20.90
C VAL D 104 -31.24 -2.97 -21.30
N VAL D 105 -30.22 -3.60 -20.72
CA VAL D 105 -28.83 -3.29 -21.01
C VAL D 105 -28.22 -4.60 -21.47
N VAL D 106 -27.96 -4.71 -22.77
CA VAL D 106 -27.37 -5.92 -23.30
C VAL D 106 -25.85 -5.85 -23.09
N TYR D 107 -25.32 -6.71 -22.23
CA TYR D 107 -23.90 -6.66 -21.99
C TYR D 107 -23.09 -7.89 -22.42
N ASP D 108 -21.82 -7.64 -22.67
CA ASP D 108 -20.88 -8.67 -23.10
C ASP D 108 -20.21 -9.33 -21.90
N THR D 109 -20.73 -10.49 -21.50
CA THR D 109 -20.19 -11.26 -20.38
C THR D 109 -18.68 -11.50 -20.48
N ARG D 110 -18.13 -11.44 -21.69
CA ARG D 110 -16.70 -11.64 -21.86
C ARG D 110 -15.94 -10.54 -21.12
N LYS D 111 -16.66 -9.51 -20.69
CA LYS D 111 -16.05 -8.41 -19.97
C LYS D 111 -16.99 -7.70 -19.01
N LEU D 112 -18.15 -8.32 -18.76
CA LEU D 112 -19.12 -7.74 -17.85
C LEU D 112 -19.99 -8.75 -17.11
N SER D 113 -20.28 -8.41 -15.86
CA SER D 113 -21.12 -9.20 -14.98
C SER D 113 -22.10 -8.18 -14.45
N GLU D 114 -23.16 -8.61 -13.77
CA GLU D 114 -24.14 -7.68 -13.25
C GLU D 114 -23.52 -6.57 -12.41
N LYS D 115 -22.81 -6.94 -11.35
CA LYS D 115 -22.17 -5.98 -10.48
C LYS D 115 -21.31 -4.93 -11.19
N ASP D 116 -20.87 -5.23 -12.40
CA ASP D 116 -20.04 -4.29 -13.17
C ASP D 116 -20.94 -3.18 -13.70
N LEU D 117 -22.16 -3.57 -14.06
CA LEU D 117 -23.16 -2.67 -14.61
C LEU D 117 -23.68 -1.65 -13.59
N GLU D 118 -24.56 -0.75 -14.06
CA GLU D 118 -25.12 0.29 -13.20
C GLU D 118 -26.40 -0.18 -12.52
N LYS D 119 -26.74 0.51 -11.43
CA LYS D 119 -27.93 0.20 -10.65
C LYS D 119 -29.08 1.16 -11.03
N SER D 120 -28.84 1.95 -12.07
CA SER D 120 -29.82 2.91 -12.58
C SER D 120 -29.37 3.40 -13.97
N VAL D 121 -30.18 3.10 -14.98
CA VAL D 121 -29.89 3.47 -16.37
C VAL D 121 -29.29 4.87 -16.56
N LEU D 122 -29.69 5.80 -15.70
CA LEU D 122 -29.20 7.18 -15.78
C LEU D 122 -27.76 7.33 -15.27
N ASN D 123 -27.21 6.24 -14.75
CA ASN D 123 -25.85 6.25 -14.23
C ASN D 123 -24.85 6.02 -15.36
N TYR D 124 -25.38 5.74 -16.55
CA TYR D 124 -24.57 5.50 -17.74
C TYR D 124 -24.17 6.79 -18.41
N ALA D 125 -24.75 7.90 -17.94
CA ALA D 125 -24.45 9.21 -18.47
C ALA D 125 -23.27 9.78 -17.72
N THR D 126 -22.15 9.06 -17.75
CA THR D 126 -20.94 9.47 -17.05
C THR D 126 -19.67 9.15 -17.82
N PRO D 127 -18.57 9.89 -17.54
CA PRO D 127 -17.29 9.67 -18.23
C PRO D 127 -16.87 8.21 -18.14
N LYS D 128 -17.35 7.51 -17.11
CA LYS D 128 -17.04 6.11 -16.87
C LYS D 128 -17.44 5.20 -18.03
N TRP D 129 -18.54 5.53 -18.70
CA TRP D 129 -19.00 4.72 -19.82
C TRP D 129 -18.62 5.28 -21.16
N LYS D 130 -17.49 5.97 -21.20
CA LYS D 130 -17.01 6.57 -22.45
C LYS D 130 -16.70 5.44 -23.42
N ASN D 131 -17.48 5.38 -24.49
CA ASN D 131 -17.32 4.38 -25.54
C ASN D 131 -17.55 2.95 -25.06
N ARG D 132 -18.28 2.78 -23.96
CA ARG D 132 -18.57 1.45 -23.44
C ARG D 132 -20.05 1.08 -23.55
N ILE D 133 -20.91 2.09 -23.47
CA ILE D 133 -22.35 1.87 -23.55
C ILE D 133 -22.87 2.48 -24.86
N GLY D 134 -23.85 1.82 -25.48
CA GLY D 134 -24.41 2.32 -26.72
C GLY D 134 -25.92 2.46 -26.66
N TYR D 135 -26.43 3.54 -27.24
CA TYR D 135 -27.88 3.81 -27.25
C TYR D 135 -28.33 3.95 -28.71
N VAL D 136 -29.64 4.05 -28.93
CA VAL D 136 -30.19 4.19 -30.27
C VAL D 136 -30.99 5.49 -30.32
N PRO D 137 -30.32 6.63 -30.56
CA PRO D 137 -30.94 7.95 -30.64
C PRO D 137 -32.07 8.06 -31.65
N THR D 138 -32.10 7.13 -32.60
CA THR D 138 -33.11 7.11 -33.65
C THR D 138 -34.35 6.27 -33.34
N SER D 139 -34.28 5.48 -32.28
CA SER D 139 -35.38 4.59 -31.88
C SER D 139 -36.49 5.23 -31.05
N GLY D 140 -37.71 4.76 -31.26
CA GLY D 140 -38.86 5.26 -30.55
C GLY D 140 -38.91 4.78 -29.12
N ALA D 141 -38.35 3.59 -28.87
CA ALA D 141 -38.32 3.02 -27.53
C ALA D 141 -37.42 3.87 -26.64
N PHE D 142 -36.40 4.46 -27.25
CA PHE D 142 -35.47 5.32 -26.54
C PHE D 142 -36.24 6.57 -26.14
N LEU D 143 -37.12 7.01 -27.03
CA LEU D 143 -37.94 8.19 -26.79
C LEU D 143 -38.84 7.93 -25.58
N GLU D 144 -39.44 6.74 -25.54
CA GLU D 144 -40.32 6.34 -24.45
C GLU D 144 -39.58 6.36 -23.13
N GLN D 145 -38.29 6.04 -23.17
CA GLN D 145 -37.47 6.03 -21.97
C GLN D 145 -37.35 7.47 -21.48
N ILE D 146 -36.96 8.35 -22.39
CA ILE D 146 -36.81 9.76 -22.10
C ILE D 146 -38.05 10.30 -21.39
N VAL D 147 -39.21 10.05 -21.99
CA VAL D 147 -40.50 10.51 -21.45
C VAL D 147 -40.74 10.06 -20.00
N ALA D 148 -40.42 8.79 -19.71
CA ALA D 148 -40.62 8.24 -18.37
C ALA D 148 -39.69 8.91 -17.36
N ILE D 149 -38.45 9.14 -17.77
CA ILE D 149 -37.46 9.77 -16.90
C ILE D 149 -37.94 11.16 -16.49
N VAL D 150 -38.71 11.80 -17.37
CA VAL D 150 -39.26 13.14 -17.12
C VAL D 150 -40.42 13.01 -16.13
N LYS D 151 -41.32 12.08 -16.43
CA LYS D 151 -42.48 11.83 -15.59
C LYS D 151 -42.06 11.32 -14.22
N LEU D 152 -40.95 10.59 -14.20
CA LEU D 152 -40.44 10.02 -12.98
C LEU D 152 -39.41 10.89 -12.26
N LYS D 153 -38.67 11.71 -13.00
CA LYS D 153 -37.65 12.52 -12.35
C LYS D 153 -37.56 13.98 -12.78
N GLY D 154 -38.46 14.40 -13.66
CA GLY D 154 -38.45 15.80 -14.11
C GLY D 154 -37.71 16.01 -15.42
N GLU D 155 -37.78 17.23 -15.93
CA GLU D 155 -37.12 17.55 -17.20
C GLU D 155 -35.63 17.77 -17.05
N ALA D 156 -35.21 18.29 -15.90
CA ALA D 156 -33.79 18.55 -15.65
C ALA D 156 -33.01 17.25 -15.61
N ALA D 157 -33.64 16.17 -15.16
CA ALA D 157 -32.97 14.88 -15.07
C ALA D 157 -32.84 14.22 -16.44
N ALA D 158 -33.95 14.17 -17.18
CA ALA D 158 -33.97 13.57 -18.50
C ALA D 158 -32.98 14.25 -19.44
N LEU D 159 -32.76 15.54 -19.24
CA LEU D 159 -31.82 16.26 -20.09
C LEU D 159 -30.39 16.04 -19.63
N LYS D 160 -30.21 15.78 -18.35
CA LYS D 160 -28.89 15.54 -17.81
C LYS D 160 -28.37 14.27 -18.46
N TRP D 161 -29.24 13.28 -18.49
CA TRP D 161 -28.95 11.97 -19.06
C TRP D 161 -28.56 12.03 -20.54
N LEU D 162 -29.45 12.56 -21.38
CA LEU D 162 -29.18 12.66 -22.81
C LEU D 162 -27.90 13.40 -23.12
N LYS D 163 -27.63 14.47 -22.38
CA LYS D 163 -26.42 15.23 -22.60
C LYS D 163 -25.21 14.38 -22.22
N GLY D 164 -25.40 13.54 -21.21
CA GLY D 164 -24.32 12.66 -20.78
C GLY D 164 -24.08 11.63 -21.88
N LEU D 165 -25.16 10.95 -22.28
CA LEU D 165 -25.07 9.95 -23.34
C LEU D 165 -24.44 10.55 -24.58
N LYS D 166 -24.73 11.81 -24.85
CA LYS D 166 -24.18 12.48 -26.02
C LYS D 166 -22.67 12.62 -25.99
N GLU D 167 -22.11 12.97 -24.83
CA GLU D 167 -20.67 13.15 -24.73
C GLU D 167 -19.91 11.87 -24.35
N TYR D 168 -20.62 10.77 -24.10
CA TYR D 168 -19.96 9.54 -23.69
C TYR D 168 -20.27 8.30 -24.54
N GLY D 169 -21.51 7.84 -24.49
CA GLY D 169 -21.89 6.65 -25.25
C GLY D 169 -21.66 6.73 -26.74
N LYS D 170 -22.26 5.80 -27.47
CA LYS D 170 -22.13 5.76 -28.92
C LYS D 170 -23.50 5.42 -29.54
N PRO D 171 -23.98 6.24 -30.50
CA PRO D 171 -25.25 6.10 -31.21
C PRO D 171 -25.30 5.06 -32.32
N TYR D 172 -26.35 4.25 -32.33
CA TYR D 172 -26.49 3.24 -33.38
C TYR D 172 -27.81 3.44 -34.11
N ALA D 173 -27.79 3.19 -35.41
CA ALA D 173 -28.97 3.37 -36.26
C ALA D 173 -30.21 2.60 -35.80
N LYS D 174 -30.06 1.30 -35.54
CA LYS D 174 -31.18 0.48 -35.11
C LYS D 174 -30.89 -0.29 -33.83
N ASN D 175 -31.84 -1.13 -33.40
CA ASN D 175 -31.69 -1.93 -32.19
C ASN D 175 -30.78 -3.14 -32.39
N SER D 176 -30.97 -3.85 -33.49
CA SER D 176 -30.18 -5.03 -33.81
C SER D 176 -28.72 -4.68 -34.04
N VAL D 177 -28.50 -3.53 -34.66
CA VAL D 177 -27.16 -3.06 -34.97
C VAL D 177 -26.27 -2.95 -33.74
N ALA D 178 -26.82 -2.40 -32.66
CA ALA D 178 -26.09 -2.22 -31.41
C ALA D 178 -25.81 -3.56 -30.71
N LEU D 179 -26.86 -4.38 -30.59
CA LEU D 179 -26.74 -5.69 -29.96
C LEU D 179 -25.59 -6.47 -30.60
N GLN D 180 -25.52 -6.41 -31.92
CA GLN D 180 -24.48 -7.10 -32.65
C GLN D 180 -23.15 -6.42 -32.39
N ALA D 181 -23.19 -5.12 -32.15
CA ALA D 181 -21.97 -4.37 -31.89
C ALA D 181 -21.44 -4.77 -30.53
N VAL D 182 -22.33 -5.19 -29.65
CA VAL D 182 -21.95 -5.63 -28.31
C VAL D 182 -21.54 -7.09 -28.42
N GLU D 183 -22.18 -7.81 -29.33
CA GLU D 183 -21.89 -9.23 -29.57
C GLU D 183 -20.57 -9.40 -30.33
N ASN D 184 -20.17 -8.36 -31.06
CA ASN D 184 -18.92 -8.40 -31.81
C ASN D 184 -17.77 -7.99 -30.90
N GLY D 185 -18.12 -7.52 -29.70
CA GLY D 185 -17.11 -7.08 -28.77
C GLY D 185 -16.55 -5.72 -29.15
N GLU D 186 -17.43 -4.83 -29.61
CA GLU D 186 -17.01 -3.49 -30.04
C GLU D 186 -17.40 -2.42 -29.02
N ILE D 187 -18.25 -2.78 -28.07
CA ILE D 187 -18.69 -1.86 -27.02
C ILE D 187 -19.31 -2.68 -25.90
N ASP D 188 -18.71 -2.60 -24.71
CA ASP D 188 -19.16 -3.34 -23.53
C ASP D 188 -20.65 -3.63 -23.42
N ALA D 189 -21.48 -2.58 -23.37
CA ALA D 189 -22.92 -2.76 -23.23
C ALA D 189 -23.74 -1.81 -24.10
N ALA D 190 -25.06 -1.89 -23.98
CA ALA D 190 -25.95 -1.05 -24.76
C ALA D 190 -27.39 -1.03 -24.26
N LEU D 191 -28.08 0.10 -24.48
CA LEU D 191 -29.47 0.26 -24.07
C LEU D 191 -30.39 -0.15 -25.23
N ILE D 192 -31.13 -1.24 -25.05
CA ILE D 192 -32.05 -1.76 -26.08
C ILE D 192 -33.35 -2.26 -25.45
N ASN D 193 -34.07 -3.11 -26.19
CA ASN D 193 -35.31 -3.71 -25.69
C ASN D 193 -35.10 -5.21 -25.51
N ASN D 194 -35.61 -5.75 -24.41
CA ASN D 194 -35.48 -7.17 -24.07
C ASN D 194 -35.70 -8.18 -25.21
N TYR D 195 -36.88 -8.08 -25.83
CA TYR D 195 -37.33 -8.95 -26.91
C TYR D 195 -36.37 -9.09 -28.13
N TYR D 196 -35.52 -8.09 -28.35
CA TYR D 196 -34.59 -8.15 -29.48
C TYR D 196 -33.45 -9.16 -29.27
N TRP D 197 -33.13 -9.43 -28.01
CA TRP D 197 -32.07 -10.37 -27.70
C TRP D 197 -32.55 -11.82 -27.62
N HIS D 198 -33.79 -12.01 -27.16
CA HIS D 198 -34.35 -13.35 -27.04
C HIS D 198 -34.51 -14.04 -28.39
N ALA D 199 -34.78 -13.24 -29.41
CA ALA D 199 -34.93 -13.79 -30.76
C ALA D 199 -33.55 -14.15 -31.31
N PHE D 200 -32.52 -13.47 -30.78
CA PHE D 200 -31.13 -13.69 -31.19
C PHE D 200 -30.69 -15.07 -30.73
N ALA D 201 -30.76 -15.28 -29.42
CA ALA D 201 -30.38 -16.55 -28.81
C ALA D 201 -31.08 -17.71 -29.50
N ARG D 202 -32.40 -17.77 -29.37
CA ARG D 202 -33.21 -18.82 -29.97
C ARG D 202 -32.78 -19.21 -31.39
N GLU D 203 -32.71 -18.22 -32.27
CA GLU D 203 -32.34 -18.43 -33.67
C GLU D 203 -30.96 -19.05 -33.87
N LYS D 204 -29.94 -18.42 -33.29
CA LYS D 204 -28.56 -18.86 -33.44
C LYS D 204 -28.06 -19.87 -32.40
N GLY D 205 -28.73 -19.96 -31.25
CA GLY D 205 -28.31 -20.87 -30.20
C GLY D 205 -27.57 -20.17 -29.08
N VAL D 206 -28.25 -19.96 -27.95
CA VAL D 206 -27.67 -19.27 -26.79
C VAL D 206 -26.23 -19.63 -26.48
N GLN D 207 -25.87 -20.88 -26.68
CA GLN D 207 -24.52 -21.34 -26.41
C GLN D 207 -23.53 -20.57 -27.27
N ASN D 208 -24.01 -20.08 -28.41
CA ASN D 208 -23.20 -19.32 -29.37
C ASN D 208 -23.32 -17.81 -29.13
N VAL D 209 -23.73 -17.44 -27.93
CA VAL D 209 -23.89 -16.03 -27.57
C VAL D 209 -23.00 -15.71 -26.38
N HIS D 210 -22.48 -14.48 -26.35
CA HIS D 210 -21.61 -14.04 -25.27
C HIS D 210 -22.21 -12.85 -24.55
N THR D 211 -23.30 -12.33 -25.10
CA THR D 211 -23.99 -11.19 -24.52
C THR D 211 -25.27 -11.63 -23.82
N ARG D 212 -25.48 -11.13 -22.60
CA ARG D 212 -26.68 -11.45 -21.83
C ARG D 212 -27.52 -10.20 -21.64
N LEU D 213 -28.37 -10.20 -20.61
CA LEU D 213 -29.22 -9.04 -20.35
C LEU D 213 -29.19 -8.57 -18.89
N ASN D 214 -29.46 -7.28 -18.72
CA ASN D 214 -29.49 -6.67 -17.40
C ASN D 214 -30.83 -6.00 -17.18
N PHE D 215 -31.42 -6.23 -16.01
CA PHE D 215 -32.71 -5.62 -15.68
C PHE D 215 -32.55 -4.79 -14.41
N VAL D 216 -32.78 -3.48 -14.53
CA VAL D 216 -32.64 -2.57 -13.40
C VAL D 216 -33.55 -2.87 -12.22
N ARG D 217 -34.82 -3.15 -12.50
CA ARG D 217 -35.80 -3.42 -11.45
C ARG D 217 -35.75 -2.23 -10.49
N HIS D 218 -36.39 -2.36 -9.34
CA HIS D 218 -36.42 -1.27 -8.35
C HIS D 218 -37.14 -0.03 -8.85
N ARG D 219 -38.16 -0.23 -9.69
CA ARG D 219 -38.96 0.87 -10.25
C ARG D 219 -38.16 2.01 -10.88
N ASP D 220 -36.95 1.70 -11.34
CA ASP D 220 -36.09 2.70 -11.96
C ASP D 220 -36.67 3.04 -13.33
N PRO D 221 -36.26 4.17 -13.93
CA PRO D 221 -36.81 4.49 -15.25
C PRO D 221 -36.30 3.51 -16.30
N GLY D 222 -35.17 2.87 -15.99
CA GLY D 222 -34.58 1.90 -16.89
C GLY D 222 -35.36 0.61 -16.97
N ALA D 223 -36.32 0.44 -16.07
CA ALA D 223 -37.14 -0.76 -16.06
C ALA D 223 -38.44 -0.48 -16.79
N LEU D 224 -38.47 0.61 -17.56
CA LEU D 224 -39.66 0.99 -18.30
C LEU D 224 -40.25 -0.21 -19.01
N VAL D 225 -41.57 -0.33 -18.95
CA VAL D 225 -42.27 -1.43 -19.60
C VAL D 225 -43.36 -0.88 -20.51
N THR D 226 -43.24 -1.16 -21.80
CA THR D 226 -44.21 -0.71 -22.79
C THR D 226 -45.19 -1.85 -23.07
N TYR D 227 -46.42 -1.72 -22.58
CA TYR D 227 -47.43 -2.77 -22.74
C TYR D 227 -48.24 -2.69 -24.03
N SER D 228 -48.85 -3.83 -24.38
CA SER D 228 -49.70 -3.95 -25.56
C SER D 228 -51.10 -4.22 -25.02
N GLY D 229 -52.12 -4.08 -25.86
CA GLY D 229 -53.48 -4.32 -25.41
C GLY D 229 -54.38 -4.55 -26.59
N ALA D 230 -55.66 -4.78 -26.34
CA ALA D 230 -56.61 -5.01 -27.44
C ALA D 230 -57.99 -4.56 -27.00
N ALA D 231 -58.73 -3.99 -27.95
CA ALA D 231 -60.07 -3.47 -27.67
C ALA D 231 -61.10 -3.92 -28.70
N VAL D 232 -62.35 -3.94 -28.28
CA VAL D 232 -63.48 -4.31 -29.14
C VAL D 232 -64.15 -3.00 -29.57
N LEU D 233 -64.60 -2.92 -30.83
CA LEU D 233 -65.26 -1.71 -31.32
C LEU D 233 -66.77 -1.83 -31.21
N LYS D 234 -67.46 -0.68 -31.14
CA LYS D 234 -68.91 -0.66 -31.05
C LYS D 234 -69.55 -1.04 -32.39
N SER D 235 -68.95 -0.54 -33.48
CA SER D 235 -69.43 -0.82 -34.83
C SER D 235 -69.31 -2.30 -35.19
N SER D 236 -69.01 -3.11 -34.19
CA SER D 236 -68.84 -4.54 -34.37
C SER D 236 -70.16 -5.27 -34.68
N GLN D 237 -70.03 -6.50 -35.15
CA GLN D 237 -71.18 -7.33 -35.48
C GLN D 237 -71.02 -8.70 -34.83
N ASN D 238 -69.77 -9.09 -34.61
CA ASN D 238 -69.45 -10.36 -33.99
C ASN D 238 -68.83 -10.05 -32.64
N LYS D 239 -69.65 -9.53 -31.72
CA LYS D 239 -69.20 -9.18 -30.37
C LYS D 239 -69.13 -10.38 -29.43
N ASP D 240 -69.90 -11.42 -29.71
CA ASP D 240 -69.89 -12.61 -28.88
C ASP D 240 -68.51 -13.27 -29.00
N GLU D 241 -67.98 -13.28 -30.22
CA GLU D 241 -66.68 -13.88 -30.50
C GLU D 241 -65.50 -12.91 -30.40
N ALA D 242 -65.76 -11.62 -30.64
CA ALA D 242 -64.69 -10.62 -30.56
C ALA D 242 -64.32 -10.44 -29.09
N LYS D 243 -65.35 -10.39 -28.23
CA LYS D 243 -65.12 -10.24 -26.80
C LYS D 243 -64.50 -11.53 -26.27
N LYS D 244 -64.90 -12.66 -26.87
CA LYS D 244 -64.37 -13.96 -26.47
C LYS D 244 -62.95 -14.05 -27.00
N PHE D 245 -62.68 -13.32 -28.08
CA PHE D 245 -61.35 -13.30 -28.66
C PHE D 245 -60.46 -12.47 -27.75
N VAL D 246 -60.88 -11.24 -27.45
CA VAL D 246 -60.09 -10.38 -26.57
C VAL D 246 -60.01 -11.03 -25.19
N ALA D 247 -60.93 -11.95 -24.92
CA ALA D 247 -60.96 -12.69 -23.66
C ALA D 247 -59.98 -13.84 -23.82
N PHE D 248 -59.84 -14.29 -25.05
CA PHE D 248 -58.92 -15.36 -25.41
C PHE D 248 -57.49 -14.84 -25.31
N LEU D 249 -57.25 -13.66 -25.89
CA LEU D 249 -55.93 -13.03 -25.85
C LEU D 249 -55.52 -12.70 -24.42
N ALA D 250 -56.48 -12.70 -23.51
CA ALA D 250 -56.23 -12.41 -22.10
C ALA D 250 -56.20 -13.69 -21.25
N GLY D 251 -56.68 -14.78 -21.83
CA GLY D 251 -56.71 -16.05 -21.12
C GLY D 251 -55.38 -16.79 -21.17
N LYS D 252 -55.33 -17.95 -20.52
CA LYS D 252 -54.12 -18.79 -20.45
C LYS D 252 -53.60 -19.37 -21.77
N GLU D 253 -54.50 -19.84 -22.63
CA GLU D 253 -54.09 -20.42 -23.91
C GLU D 253 -53.77 -19.39 -24.98
N GLY D 254 -54.25 -18.16 -24.78
CA GLY D 254 -53.97 -17.09 -25.73
C GLY D 254 -52.62 -16.48 -25.39
N GLN D 255 -52.35 -16.31 -24.10
CA GLN D 255 -51.09 -15.77 -23.61
C GLN D 255 -49.95 -16.66 -24.11
N ARG D 256 -50.08 -17.96 -23.86
CA ARG D 256 -49.06 -18.93 -24.27
C ARG D 256 -48.76 -18.90 -25.77
N ALA D 257 -49.81 -18.89 -26.59
CA ALA D 257 -49.62 -18.86 -28.04
C ALA D 257 -48.75 -17.69 -28.46
N LEU D 258 -48.72 -16.67 -27.62
CA LEU D 258 -47.94 -15.47 -27.88
C LEU D 258 -46.54 -15.58 -27.28
N THR D 259 -46.47 -15.90 -25.99
CA THR D 259 -45.21 -16.01 -25.27
C THR D 259 -44.38 -17.23 -25.67
N ALA D 260 -44.75 -17.85 -26.79
CA ALA D 260 -44.02 -19.01 -27.30
C ALA D 260 -43.46 -18.67 -28.67
N VAL D 261 -43.75 -17.46 -29.14
CA VAL D 261 -43.28 -16.96 -30.43
C VAL D 261 -42.72 -15.54 -30.30
N ARG D 262 -43.14 -14.84 -29.23
CA ARG D 262 -42.69 -13.48 -28.96
C ARG D 262 -42.16 -13.34 -27.54
N ALA D 263 -40.94 -12.82 -27.41
CA ALA D 263 -40.32 -12.64 -26.09
C ALA D 263 -41.03 -11.50 -25.33
N GLU D 264 -42.36 -11.50 -25.44
CA GLU D 264 -43.21 -10.50 -24.80
C GLU D 264 -43.70 -11.02 -23.45
N TYR D 265 -43.42 -10.28 -22.39
CA TYR D 265 -43.83 -10.69 -21.05
C TYR D 265 -45.34 -10.82 -20.90
N PRO D 266 -45.79 -11.92 -20.29
CA PRO D 266 -47.21 -12.22 -20.04
C PRO D 266 -47.78 -11.51 -18.82
N LEU D 267 -49.01 -11.03 -18.92
CA LEU D 267 -49.68 -10.36 -17.82
C LEU D 267 -50.51 -11.38 -17.04
N ASN D 268 -50.85 -12.48 -17.71
CA ASN D 268 -51.62 -13.55 -17.10
C ASN D 268 -50.62 -14.40 -16.30
N PRO D 269 -50.71 -14.37 -14.96
CA PRO D 269 -49.81 -15.13 -14.09
C PRO D 269 -49.83 -16.64 -14.24
N HIS D 270 -50.72 -17.15 -15.08
CA HIS D 270 -50.85 -18.58 -15.30
C HIS D 270 -50.21 -19.04 -16.62
N VAL D 271 -49.13 -18.36 -17.02
CA VAL D 271 -48.47 -18.70 -18.28
C VAL D 271 -46.94 -18.78 -18.18
N VAL D 272 -46.37 -19.80 -18.82
CA VAL D 272 -44.93 -19.98 -18.82
C VAL D 272 -44.36 -19.60 -20.18
N SER D 273 -43.49 -18.59 -20.18
CA SER D 273 -42.87 -18.11 -21.40
C SER D 273 -42.02 -19.19 -22.04
N THR D 274 -42.12 -19.32 -23.36
CA THR D 274 -41.32 -20.31 -24.08
C THR D 274 -39.92 -19.71 -24.19
N PHE D 275 -39.79 -18.50 -23.69
CA PHE D 275 -38.52 -17.80 -23.64
C PHE D 275 -38.24 -17.77 -22.14
N ASN D 276 -36.98 -17.56 -21.76
CA ASN D 276 -36.68 -17.51 -20.34
C ASN D 276 -37.01 -16.14 -19.78
N LEU D 277 -38.28 -15.95 -19.45
CA LEU D 277 -38.78 -14.69 -18.90
C LEU D 277 -39.33 -14.92 -17.49
N GLU D 278 -38.84 -14.14 -16.55
CA GLU D 278 -39.28 -14.24 -15.17
C GLU D 278 -40.62 -13.51 -15.05
N PRO D 279 -41.31 -13.69 -13.92
CA PRO D 279 -42.60 -13.02 -13.72
C PRO D 279 -42.43 -11.52 -13.90
N ILE D 280 -43.33 -10.89 -14.66
CA ILE D 280 -43.24 -9.45 -14.90
C ILE D 280 -43.04 -8.73 -13.57
N ALA D 281 -43.78 -9.16 -12.56
CA ALA D 281 -43.71 -8.57 -11.23
C ALA D 281 -42.26 -8.49 -10.72
N LYS D 282 -41.44 -9.42 -11.16
CA LYS D 282 -40.04 -9.45 -10.75
C LYS D 282 -39.25 -8.36 -11.47
N LEU D 283 -39.78 -7.87 -12.59
CA LEU D 283 -39.14 -6.81 -13.35
C LEU D 283 -39.16 -5.52 -12.55
N GLU D 284 -40.13 -5.40 -11.65
CA GLU D 284 -40.29 -4.22 -10.82
C GLU D 284 -40.31 -2.92 -11.63
N ALA D 285 -41.19 -2.89 -12.63
CA ALA D 285 -41.32 -1.73 -13.52
C ALA D 285 -41.80 -0.46 -12.82
N PRO D 286 -41.38 0.71 -13.34
CA PRO D 286 -41.76 2.02 -12.80
C PRO D 286 -43.17 2.43 -13.26
N GLN D 287 -44.05 2.75 -12.31
CA GLN D 287 -45.41 3.13 -12.65
C GLN D 287 -45.46 4.41 -13.46
N VAL D 288 -45.48 4.27 -14.78
CA VAL D 288 -45.52 5.41 -15.67
C VAL D 288 -46.84 5.40 -16.44
N SER D 289 -47.46 6.57 -16.59
CA SER D 289 -48.73 6.69 -17.31
C SER D 289 -48.49 6.70 -18.82
N ALA D 290 -49.53 6.37 -19.57
CA ALA D 290 -49.47 6.32 -21.04
C ALA D 290 -48.78 7.54 -21.64
N THR D 291 -48.31 7.39 -22.87
CA THR D 291 -47.60 8.46 -23.54
C THR D 291 -48.54 9.34 -24.36
N THR D 292 -48.29 10.65 -24.30
CA THR D 292 -49.10 11.64 -25.02
C THR D 292 -48.32 12.26 -26.18
N VAL D 293 -49.05 12.81 -27.15
CA VAL D 293 -48.42 13.42 -28.31
C VAL D 293 -47.57 14.64 -27.97
N SER D 294 -48.04 15.47 -27.04
CA SER D 294 -47.28 16.66 -26.63
C SER D 294 -46.07 16.20 -25.82
N GLU D 295 -46.15 14.98 -25.32
CA GLU D 295 -45.05 14.37 -24.56
C GLU D 295 -43.98 13.94 -25.55
N LYS D 296 -44.41 13.50 -26.73
CA LYS D 296 -43.48 13.10 -27.77
C LYS D 296 -42.74 14.34 -28.24
N GLU D 297 -43.51 15.35 -28.65
CA GLU D 297 -42.97 16.62 -29.13
C GLU D 297 -41.95 17.18 -28.16
N HIS D 298 -42.23 17.04 -26.87
CA HIS D 298 -41.35 17.55 -25.83
C HIS D 298 -40.05 16.74 -25.70
N ALA D 299 -40.15 15.41 -25.77
CA ALA D 299 -38.99 14.54 -25.65
C ALA D 299 -38.10 14.66 -26.88
N THR D 300 -38.71 15.03 -28.00
CA THR D 300 -37.96 15.19 -29.23
C THR D 300 -37.19 16.52 -29.14
N ARG D 301 -37.77 17.47 -28.42
CA ARG D 301 -37.16 18.77 -28.22
C ARG D 301 -35.91 18.56 -27.37
N LEU D 302 -36.04 17.71 -26.35
CA LEU D 302 -34.92 17.41 -25.46
C LEU D 302 -33.80 16.70 -26.22
N LEU D 303 -34.16 15.98 -27.28
CA LEU D 303 -33.20 15.28 -28.12
C LEU D 303 -32.42 16.29 -28.97
N GLU D 304 -33.14 17.09 -29.75
CA GLU D 304 -32.49 18.10 -30.57
C GLU D 304 -31.65 18.93 -29.60
N GLN D 305 -32.31 19.40 -28.55
CA GLN D 305 -31.70 20.22 -27.50
C GLN D 305 -30.51 19.54 -26.82
N ALA D 306 -30.41 18.23 -26.95
CA ALA D 306 -29.31 17.48 -26.35
C ALA D 306 -28.20 17.21 -27.36
N GLY D 307 -28.53 17.34 -28.64
CA GLY D 307 -27.55 17.10 -29.69
C GLY D 307 -27.75 15.81 -30.46
N MET D 308 -28.80 15.08 -30.10
CA MET D 308 -29.11 13.81 -30.75
C MET D 308 -30.13 13.97 -31.87
N LYS D 309 -30.05 15.07 -32.62
CA LYS D 309 -30.98 15.32 -33.72
C LYS D 309 -30.64 16.61 -34.49
N ASP E 1 4.92 20.34 -68.01
CA ASP E 1 6.34 20.78 -67.98
C ASP E 1 6.49 22.12 -67.28
N ILE E 2 7.74 22.52 -67.06
CA ILE E 2 8.06 23.79 -66.41
C ILE E 2 9.24 24.48 -67.06
N THR E 3 9.21 25.81 -67.04
CA THR E 3 10.25 26.66 -67.61
C THR E 3 10.97 27.35 -66.46
N VAL E 4 12.16 26.87 -66.15
CA VAL E 4 12.93 27.47 -65.08
C VAL E 4 13.97 28.40 -65.66
N TYR E 5 13.88 29.67 -65.27
CA TYR E 5 14.83 30.70 -65.69
C TYR E 5 16.02 30.42 -64.78
N ASN E 6 17.09 29.90 -65.36
CA ASN E 6 18.28 29.52 -64.60
C ASN E 6 19.38 30.56 -64.43
N GLY E 7 19.66 30.89 -63.18
CA GLY E 7 20.71 31.84 -62.85
C GLY E 7 21.80 31.10 -62.11
N GLN E 8 21.60 29.79 -61.92
CA GLN E 8 22.58 28.93 -61.25
C GLN E 8 23.51 28.33 -62.29
N HIS E 9 24.45 27.49 -61.85
CA HIS E 9 25.38 26.88 -62.78
C HIS E 9 24.69 25.76 -63.58
N LYS E 10 24.90 25.76 -64.89
CA LYS E 10 24.29 24.77 -65.80
C LYS E 10 24.30 23.37 -65.22
N GLU E 11 25.45 22.98 -64.68
CA GLU E 11 25.65 21.67 -64.08
C GLU E 11 24.82 21.49 -62.82
N ALA E 12 24.62 22.59 -62.09
CA ALA E 12 23.84 22.56 -60.85
C ALA E 12 22.35 22.61 -61.14
N ALA E 13 21.99 23.21 -62.25
CA ALA E 13 20.60 23.32 -62.65
C ALA E 13 20.16 22.11 -63.47
N GLN E 14 21.10 21.49 -64.16
CA GLN E 14 20.78 20.32 -64.97
C GLN E 14 20.76 19.10 -64.08
N ALA E 15 21.58 19.12 -63.03
CA ALA E 15 21.64 18.00 -62.09
C ALA E 15 20.32 17.86 -61.34
N VAL E 16 19.89 18.96 -60.73
CA VAL E 16 18.64 19.00 -59.97
C VAL E 16 17.46 18.78 -60.92
N ALA E 17 17.60 19.35 -62.13
CA ALA E 17 16.56 19.26 -63.15
C ALA E 17 16.39 17.84 -63.67
N ASP E 18 17.50 17.14 -63.89
CA ASP E 18 17.43 15.76 -64.37
C ASP E 18 16.93 14.88 -63.24
N ALA E 19 17.34 15.18 -62.01
CA ALA E 19 16.92 14.42 -60.84
C ALA E 19 15.43 14.62 -60.57
N PHE E 20 14.96 15.85 -60.73
CA PHE E 20 13.57 16.17 -60.52
C PHE E 20 12.71 15.43 -61.54
N THR E 21 13.17 15.43 -62.78
CA THR E 21 12.46 14.78 -63.87
C THR E 21 12.37 13.26 -63.70
N ARG E 22 13.25 12.69 -62.90
CA ARG E 22 13.24 11.24 -62.66
C ARG E 22 12.14 10.89 -61.65
N ALA E 23 12.22 11.47 -60.47
CA ALA E 23 11.26 11.24 -59.42
C ALA E 23 9.80 11.55 -59.76
N THR E 24 9.56 12.59 -60.56
CA THR E 24 8.19 12.95 -60.91
C THR E 24 7.86 12.75 -62.39
N GLY E 25 8.85 12.93 -63.25
CA GLY E 25 8.60 12.76 -64.67
C GLY E 25 8.20 14.05 -65.37
N ILE E 26 8.43 15.18 -64.71
CA ILE E 26 8.08 16.47 -65.28
C ILE E 26 9.30 17.04 -65.99
N LYS E 27 9.16 17.27 -67.29
CA LYS E 27 10.23 17.81 -68.10
C LYS E 27 10.53 19.26 -67.75
N VAL E 28 11.81 19.62 -67.77
CA VAL E 28 12.22 20.98 -67.43
C VAL E 28 12.91 21.69 -68.59
N LYS E 29 12.68 23.00 -68.65
CA LYS E 29 13.26 23.86 -69.68
C LYS E 29 14.12 24.91 -68.95
N LEU E 30 15.44 24.76 -69.02
CA LEU E 30 16.34 25.68 -68.34
C LEU E 30 16.84 26.83 -69.18
N ASN E 31 16.08 27.92 -69.22
CA ASN E 31 16.52 29.10 -69.93
C ASN E 31 17.54 29.66 -68.94
N SER E 32 18.81 29.42 -69.23
CA SER E 32 19.90 29.84 -68.37
C SER E 32 20.59 31.15 -68.73
N ALA E 33 21.05 31.85 -67.70
CA ALA E 33 21.75 33.13 -67.83
C ALA E 33 22.21 33.55 -66.43
N LYS E 34 22.50 34.84 -66.26
CA LYS E 34 22.94 35.35 -64.96
C LYS E 34 21.72 35.82 -64.18
N GLY E 35 21.69 35.51 -62.89
CA GLY E 35 20.56 35.89 -62.06
C GLY E 35 20.05 37.32 -62.25
N ASP E 36 20.96 38.29 -62.29
CA ASP E 36 20.59 39.70 -62.43
C ASP E 36 19.74 40.03 -63.64
N GLN E 37 20.11 39.48 -64.81
CA GLN E 37 19.37 39.75 -66.03
C GLN E 37 18.07 38.95 -66.18
N LEU E 38 18.01 37.76 -65.58
CA LEU E 38 16.80 36.95 -65.69
C LEU E 38 15.65 37.64 -64.97
N ALA E 39 15.93 38.14 -63.77
CA ALA E 39 14.92 38.83 -62.97
C ALA E 39 14.36 40.01 -63.76
N GLY E 40 15.23 40.66 -64.52
CA GLY E 40 14.81 41.79 -65.33
C GLY E 40 13.95 41.29 -66.48
N GLN E 41 14.39 40.20 -67.09
CA GLN E 41 13.65 39.60 -68.21
C GLN E 41 12.28 39.19 -67.73
N ILE E 42 12.18 38.86 -66.44
CA ILE E 42 10.90 38.45 -65.88
C ILE E 42 10.04 39.68 -65.64
N LYS E 43 10.65 40.74 -65.12
CA LYS E 43 9.91 41.96 -64.87
C LYS E 43 9.39 42.54 -66.18
N GLU E 44 10.20 42.44 -67.22
CA GLU E 44 9.84 42.94 -68.54
C GLU E 44 8.63 42.24 -69.12
N GLU E 45 8.63 40.91 -69.05
CA GLU E 45 7.53 40.10 -69.57
C GLU E 45 6.27 40.31 -68.75
N GLY E 46 6.44 40.65 -67.47
CA GLY E 46 5.33 40.88 -66.58
C GLY E 46 4.46 39.64 -66.45
N SER E 47 3.16 39.81 -66.65
CA SER E 47 2.25 38.69 -66.58
C SER E 47 2.58 37.72 -67.71
N ARG E 48 3.32 38.22 -68.70
CA ARG E 48 3.72 37.45 -69.87
C ARG E 48 5.11 36.81 -69.75
N SER E 49 5.44 36.32 -68.56
CA SER E 49 6.73 35.68 -68.35
C SER E 49 6.56 34.16 -68.47
N PRO E 50 7.30 33.53 -69.41
CA PRO E 50 7.24 32.08 -69.62
C PRO E 50 7.63 31.34 -68.35
N ALA E 51 8.54 31.96 -67.60
CA ALA E 51 9.06 31.41 -66.36
C ALA E 51 8.00 30.91 -65.39
N ASP E 52 8.20 29.69 -64.91
CA ASP E 52 7.31 29.11 -63.92
C ASP E 52 8.10 29.22 -62.61
N VAL E 53 9.40 28.96 -62.68
CA VAL E 53 10.28 29.01 -61.53
C VAL E 53 11.50 29.87 -61.86
N PHE E 54 12.07 30.50 -60.85
CA PHE E 54 13.28 31.29 -61.00
C PHE E 54 14.28 30.73 -60.02
N TYR E 55 15.34 30.16 -60.55
CA TYR E 55 16.40 29.56 -59.78
C TYR E 55 17.57 30.50 -59.93
N SER E 56 17.89 31.24 -58.87
CA SER E 56 18.98 32.22 -58.93
C SER E 56 20.16 31.98 -58.01
N GLU E 57 21.34 32.39 -58.49
CA GLU E 57 22.57 32.25 -57.74
C GLU E 57 22.73 33.53 -56.91
N GLN E 58 21.74 34.39 -56.97
CA GLN E 58 21.77 35.66 -56.24
C GLN E 58 20.53 35.84 -55.38
N ILE E 59 20.73 36.30 -54.14
CA ILE E 59 19.61 36.57 -53.26
C ILE E 59 19.04 37.93 -53.64
N PRO E 60 19.91 38.92 -53.88
CA PRO E 60 19.41 40.25 -54.24
C PRO E 60 18.42 40.18 -55.41
N ALA E 61 18.74 39.35 -56.40
CA ALA E 61 17.89 39.17 -57.57
C ALA E 61 16.48 38.71 -57.17
N LEU E 62 16.42 37.89 -56.14
CA LEU E 62 15.14 37.38 -55.65
C LEU E 62 14.38 38.52 -54.95
N ALA E 63 15.09 39.33 -54.17
CA ALA E 63 14.51 40.45 -53.45
C ALA E 63 13.78 41.38 -54.40
N THR E 64 14.43 41.69 -55.51
CA THR E 64 13.89 42.57 -56.53
C THR E 64 12.54 42.07 -57.05
N LEU E 65 12.45 40.78 -57.31
CA LEU E 65 11.21 40.20 -57.82
C LEU E 65 10.12 40.19 -56.74
N SER E 66 10.53 40.08 -55.47
CA SER E 66 9.61 40.09 -54.35
C SER E 66 9.15 41.52 -54.07
N ALA E 67 10.05 42.48 -54.24
CA ALA E 67 9.76 43.88 -54.02
C ALA E 67 8.80 44.40 -55.09
N ALA E 68 8.95 43.92 -56.31
CA ALA E 68 8.06 44.33 -57.40
C ALA E 68 6.82 43.44 -57.36
N ASN E 69 6.79 42.53 -56.40
CA ASN E 69 5.68 41.61 -56.23
C ASN E 69 5.40 40.85 -57.53
N LEU E 70 6.21 39.83 -57.78
CA LEU E 70 6.09 38.98 -58.95
C LEU E 70 6.30 37.53 -58.50
N LEU E 71 6.55 37.36 -57.21
CA LEU E 71 6.81 36.05 -56.63
C LEU E 71 5.67 35.49 -55.78
N GLU E 72 5.24 34.27 -56.11
CA GLU E 72 4.18 33.58 -55.39
C GLU E 72 4.65 33.17 -53.98
N PRO E 73 3.71 32.98 -53.04
CA PRO E 73 4.04 32.58 -51.66
C PRO E 73 4.31 31.07 -51.58
N LEU E 74 5.37 30.69 -50.85
CA LEU E 74 5.73 29.28 -50.73
C LEU E 74 5.25 28.63 -49.46
N PRO E 75 4.69 27.40 -49.56
CA PRO E 75 4.20 26.70 -48.37
C PRO E 75 5.29 26.62 -47.31
N ALA E 76 4.88 26.60 -46.05
CA ALA E 76 5.81 26.55 -44.93
C ALA E 76 6.75 25.33 -44.92
N SER E 77 6.31 24.22 -45.50
CA SER E 77 7.12 22.99 -45.54
C SER E 77 8.40 23.16 -46.37
N THR E 78 8.32 24.04 -47.37
CA THR E 78 9.45 24.30 -48.25
C THR E 78 10.48 25.20 -47.59
N ILE E 79 10.00 26.11 -46.75
CA ILE E 79 10.90 27.04 -46.08
C ILE E 79 11.53 26.47 -44.82
N ASN E 80 10.91 25.47 -44.22
CA ASN E 80 11.48 24.89 -43.01
C ASN E 80 12.72 24.07 -43.35
N GLU E 81 12.64 23.34 -44.46
CA GLU E 81 13.75 22.51 -44.96
C GLU E 81 15.11 23.14 -44.71
N THR E 82 15.40 24.19 -45.47
CA THR E 82 16.66 24.92 -45.40
C THR E 82 16.72 25.93 -44.26
N ARG E 83 15.61 26.08 -43.54
CA ARG E 83 15.53 27.02 -42.43
C ARG E 83 16.69 26.85 -41.47
N GLY E 84 17.52 27.89 -41.37
CA GLY E 84 18.66 27.84 -40.48
C GLY E 84 19.12 29.22 -40.06
N LYS E 85 19.90 29.32 -38.98
CA LYS E 85 20.38 30.61 -38.50
C LYS E 85 21.42 31.19 -39.44
N GLY E 86 21.24 32.46 -39.79
CA GLY E 86 22.15 33.11 -40.71
C GLY E 86 21.59 32.95 -42.10
N VAL E 87 20.81 31.88 -42.28
CA VAL E 87 20.18 31.58 -43.55
C VAL E 87 19.11 32.62 -43.85
N PRO E 88 19.27 33.39 -44.94
CA PRO E 88 18.32 34.41 -45.34
C PRO E 88 16.86 33.94 -45.35
N VAL E 89 15.96 34.80 -44.92
CA VAL E 89 14.53 34.49 -44.88
C VAL E 89 13.80 35.59 -45.66
N ALA E 90 12.67 35.22 -46.26
CA ALA E 90 11.87 36.19 -47.01
C ALA E 90 10.65 36.60 -46.20
N ALA E 91 10.54 37.89 -45.93
CA ALA E 91 9.41 38.41 -45.17
C ALA E 91 8.13 37.94 -45.82
N LYS E 92 8.11 38.01 -47.15
CA LYS E 92 6.95 37.63 -47.96
C LYS E 92 6.72 36.12 -48.09
N LYS E 93 7.72 35.32 -47.72
CA LYS E 93 7.62 33.86 -47.82
C LYS E 93 7.42 33.48 -49.29
N ASP E 94 8.01 34.25 -50.19
CA ASP E 94 7.89 34.01 -51.62
C ASP E 94 9.08 33.31 -52.27
N TRP E 95 10.17 33.15 -51.54
CA TRP E 95 11.33 32.44 -52.07
C TRP E 95 12.01 31.67 -50.95
N VAL E 96 13.06 30.95 -51.29
CA VAL E 96 13.79 30.16 -50.30
C VAL E 96 15.27 30.07 -50.62
N ALA E 97 16.10 29.95 -49.58
CA ALA E 97 17.54 29.82 -49.74
C ALA E 97 17.86 28.32 -49.86
N LEU E 98 18.58 27.94 -50.92
CA LEU E 98 18.91 26.54 -51.16
C LEU E 98 20.34 26.11 -50.82
N SER E 99 21.29 27.03 -50.89
CA SER E 99 22.69 26.72 -50.57
C SER E 99 23.53 27.99 -50.50
N GLY E 100 24.83 27.83 -50.21
CA GLY E 100 25.69 28.99 -50.12
C GLY E 100 27.14 28.77 -50.52
N ARG E 101 27.76 29.81 -51.06
CA ARG E 101 29.15 29.76 -51.48
C ARG E 101 30.02 30.43 -50.43
N SER E 102 31.25 29.95 -50.31
CA SER E 102 32.14 30.47 -49.30
C SER E 102 33.39 31.16 -49.84
N ARG E 103 33.74 32.25 -49.19
CA ARG E 103 34.95 32.99 -49.51
C ARG E 103 36.05 32.14 -48.86
N VAL E 104 37.21 32.04 -49.50
CA VAL E 104 38.30 31.23 -48.94
C VAL E 104 39.68 31.74 -49.32
N VAL E 105 40.69 31.27 -48.60
CA VAL E 105 42.08 31.61 -48.89
C VAL E 105 42.69 30.30 -49.36
N VAL E 106 43.00 30.20 -50.64
CA VAL E 106 43.60 28.98 -51.15
C VAL E 106 45.12 29.15 -51.03
N TYR E 107 45.77 28.24 -50.32
CA TYR E 107 47.22 28.34 -50.14
C TYR E 107 48.04 27.15 -50.68
N ASP E 108 49.35 27.36 -50.74
CA ASP E 108 50.29 26.37 -51.23
C ASP E 108 50.93 25.56 -50.11
N THR E 109 50.51 24.31 -49.94
CA THR E 109 51.04 23.44 -48.89
C THR E 109 52.56 23.20 -48.95
N ARG E 110 53.13 23.30 -50.14
CA ARG E 110 54.56 23.09 -50.29
C ARG E 110 55.35 24.07 -49.44
N LYS E 111 54.96 25.35 -49.47
CA LYS E 111 55.64 26.40 -48.72
C LYS E 111 54.93 26.90 -47.45
N LEU E 112 53.60 26.77 -47.42
CA LEU E 112 52.86 27.24 -46.26
C LEU E 112 52.02 26.19 -45.53
N SER E 113 51.90 26.39 -44.22
CA SER E 113 51.12 25.51 -43.34
C SER E 113 49.90 26.28 -42.82
N GLU E 114 48.84 25.55 -42.46
CA GLU E 114 47.63 26.17 -41.93
C GLU E 114 47.95 27.15 -40.81
N LYS E 115 49.05 26.90 -40.11
CA LYS E 115 49.47 27.76 -39.00
C LYS E 115 50.09 29.09 -39.44
N ASP E 116 50.29 29.26 -40.75
CA ASP E 116 50.89 30.48 -41.27
C ASP E 116 49.90 31.55 -41.72
N LEU E 117 48.73 31.12 -42.17
CA LEU E 117 47.70 32.03 -42.66
C LEU E 117 47.12 32.96 -41.57
N GLU E 118 46.42 34.01 -42.00
CA GLU E 118 45.84 35.00 -41.07
C GLU E 118 44.56 34.56 -40.37
N LYS E 119 44.25 35.28 -39.29
CA LYS E 119 43.04 35.03 -38.50
C LYS E 119 41.87 35.83 -39.08
N SER E 120 42.20 36.87 -39.85
CA SER E 120 41.18 37.73 -40.47
C SER E 120 41.61 38.19 -41.86
N VAL E 121 40.68 38.10 -42.83
CA VAL E 121 40.96 38.48 -44.20
C VAL E 121 41.61 39.86 -44.31
N LEU E 122 41.29 40.73 -43.35
CA LEU E 122 41.80 42.09 -43.33
C LEU E 122 43.29 42.17 -43.06
N ASN E 123 43.83 41.13 -42.44
CA ASN E 123 45.25 41.08 -42.09
C ASN E 123 46.16 40.89 -43.30
N TYR E 124 45.59 40.49 -44.42
CA TYR E 124 46.37 40.26 -45.64
C TYR E 124 46.78 41.53 -46.34
N ALA E 125 46.04 42.61 -46.10
CA ALA E 125 46.34 43.90 -46.71
C ALA E 125 47.40 44.63 -45.88
N THR E 126 48.52 43.95 -45.64
CA THR E 126 49.61 44.49 -44.83
C THR E 126 50.98 44.19 -45.46
N PRO E 127 52.03 44.90 -45.01
CA PRO E 127 53.40 44.71 -45.52
C PRO E 127 53.90 43.28 -45.52
N LYS E 128 53.48 42.51 -44.52
CA LYS E 128 53.91 41.11 -44.40
C LYS E 128 53.54 40.26 -45.61
N TRP E 129 52.39 40.53 -46.21
CA TRP E 129 51.94 39.76 -47.37
C TRP E 129 52.23 40.39 -48.72
N LYS E 130 53.39 41.03 -48.82
CA LYS E 130 53.82 41.66 -50.05
C LYS E 130 54.10 40.58 -51.07
N ASN E 131 53.42 40.66 -52.20
CA ASN E 131 53.57 39.69 -53.28
C ASN E 131 53.27 38.26 -52.84
N ARG E 132 52.62 38.10 -51.70
CA ARG E 132 52.30 36.76 -51.18
C ARG E 132 50.79 36.47 -51.09
N ILE E 133 49.95 37.35 -51.62
CA ILE E 133 48.52 37.13 -51.59
C ILE E 133 47.86 37.76 -52.83
N GLY E 134 47.10 36.94 -53.56
CA GLY E 134 46.44 37.42 -54.76
C GLY E 134 44.97 37.73 -54.55
N TYR E 135 44.38 38.44 -55.51
CA TYR E 135 42.96 38.78 -55.42
C TYR E 135 42.42 39.02 -56.83
N VAL E 136 41.11 39.02 -56.96
CA VAL E 136 40.45 39.23 -58.26
C VAL E 136 39.55 40.46 -58.13
N PRO E 137 40.12 41.66 -58.31
CA PRO E 137 39.38 42.92 -58.23
C PRO E 137 38.25 43.09 -59.25
N THR E 138 38.26 42.27 -60.30
CA THR E 138 37.23 42.34 -61.32
C THR E 138 36.15 41.30 -61.12
N SER E 139 36.14 40.67 -59.94
CA SER E 139 35.13 39.66 -59.65
C SER E 139 34.01 40.19 -58.77
N GLY E 140 32.79 39.75 -59.07
CA GLY E 140 31.64 40.15 -58.30
C GLY E 140 31.74 39.62 -56.88
N ALA E 141 32.48 38.52 -56.70
CA ALA E 141 32.67 37.92 -55.37
C ALA E 141 33.59 38.79 -54.52
N PHE E 142 34.59 39.37 -55.15
CA PHE E 142 35.51 40.25 -54.43
C PHE E 142 34.72 41.49 -54.04
N LEU E 143 33.74 41.85 -54.87
CA LEU E 143 32.89 43.02 -54.64
C LEU E 143 31.94 42.72 -53.49
N GLU E 144 31.37 41.52 -53.53
CA GLU E 144 30.45 41.08 -52.49
C GLU E 144 31.21 41.00 -51.17
N GLN E 145 32.52 40.86 -51.27
CA GLN E 145 33.35 40.80 -50.08
C GLN E 145 33.52 42.22 -49.52
N ILE E 146 33.68 43.19 -50.41
CA ILE E 146 33.85 44.60 -50.01
C ILE E 146 32.58 45.10 -49.34
N VAL E 147 31.44 44.63 -49.85
CA VAL E 147 30.13 45.00 -49.32
C VAL E 147 29.97 44.55 -47.88
N ALA E 148 30.47 43.35 -47.57
CA ALA E 148 30.34 42.80 -46.23
C ALA E 148 31.27 43.40 -45.18
N ILE E 149 32.47 43.83 -45.58
CA ILE E 149 33.38 44.41 -44.59
C ILE E 149 32.79 45.73 -44.15
N VAL E 150 32.23 46.46 -45.11
CA VAL E 150 31.61 47.76 -44.83
C VAL E 150 30.54 47.63 -43.75
N LYS E 151 29.66 46.65 -43.92
CA LYS E 151 28.57 46.42 -42.97
C LYS E 151 29.03 45.90 -41.62
N LEU E 152 30.07 45.08 -41.60
CA LEU E 152 30.58 44.50 -40.36
C LEU E 152 31.60 45.38 -39.65
N LYS E 153 32.41 46.10 -40.43
CA LYS E 153 33.46 46.95 -39.86
C LYS E 153 33.35 48.43 -40.25
N GLY E 154 32.81 48.72 -41.43
CA GLY E 154 32.67 50.10 -41.84
C GLY E 154 33.51 50.53 -43.03
N GLU E 155 33.24 51.75 -43.51
CA GLU E 155 33.96 52.30 -44.65
C GLU E 155 35.45 52.43 -44.40
N ALA E 156 35.83 52.67 -43.15
CA ALA E 156 37.23 52.81 -42.81
C ALA E 156 37.92 51.48 -43.09
N ALA E 157 37.68 50.50 -42.23
CA ALA E 157 38.26 49.17 -42.36
C ALA E 157 38.17 48.63 -43.79
N ALA E 158 37.13 49.02 -44.52
CA ALA E 158 36.93 48.56 -45.90
C ALA E 158 37.88 49.18 -46.92
N LEU E 159 37.91 50.51 -46.98
CA LEU E 159 38.78 51.20 -47.92
C LEU E 159 40.24 50.96 -47.58
N LYS E 160 40.52 50.83 -46.29
CA LYS E 160 41.88 50.61 -45.82
C LYS E 160 42.42 49.28 -46.35
N TRP E 161 41.55 48.28 -46.38
CA TRP E 161 41.89 46.94 -46.86
C TRP E 161 42.16 46.93 -48.37
N LEU E 162 41.45 47.77 -49.10
CA LEU E 162 41.63 47.85 -50.56
C LEU E 162 42.90 48.58 -50.97
N LYS E 163 43.36 49.49 -50.12
CA LYS E 163 44.57 50.24 -50.43
C LYS E 163 45.77 49.38 -50.09
N GLY E 164 45.57 48.46 -49.16
CA GLY E 164 46.64 47.57 -48.74
C GLY E 164 46.89 46.54 -49.81
N LEU E 165 45.86 45.74 -50.11
CA LEU E 165 45.94 44.69 -51.12
C LEU E 165 46.47 45.23 -52.44
N LYS E 166 46.20 46.51 -52.70
CA LYS E 166 46.66 47.15 -53.93
C LYS E 166 48.14 47.46 -53.83
N GLU E 167 48.61 47.78 -52.62
CA GLU E 167 50.01 48.09 -52.42
C GLU E 167 50.89 46.86 -52.24
N TYR E 168 50.32 45.80 -51.68
CA TYR E 168 51.09 44.59 -51.42
C TYR E 168 50.66 43.31 -52.16
N GLY E 169 49.43 43.29 -52.65
CA GLY E 169 48.96 42.11 -53.36
C GLY E 169 48.88 42.30 -54.86
N LYS E 170 48.90 41.19 -55.58
CA LYS E 170 48.82 41.20 -57.04
C LYS E 170 47.45 40.72 -57.49
N PRO E 171 46.84 41.44 -58.43
CA PRO E 171 45.52 41.08 -58.94
C PRO E 171 45.61 40.01 -60.03
N TYR E 172 44.48 39.37 -60.29
CA TYR E 172 44.39 38.36 -61.32
C TYR E 172 43.10 38.58 -62.10
N ALA E 173 43.14 38.35 -63.42
CA ALA E 173 41.96 38.54 -64.25
C ALA E 173 40.74 37.73 -63.79
N LYS E 174 40.94 36.51 -63.29
CA LYS E 174 39.83 35.66 -62.85
C LYS E 174 40.15 34.85 -61.58
N ASN E 175 39.18 34.07 -61.11
CA ASN E 175 39.36 33.21 -59.94
C ASN E 175 40.16 31.98 -60.38
N SER E 176 40.09 31.70 -61.67
CA SER E 176 40.79 30.56 -62.26
C SER E 176 42.30 30.79 -62.18
N VAL E 177 42.75 31.88 -62.80
CA VAL E 177 44.15 32.27 -62.82
C VAL E 177 44.76 32.31 -61.41
N ALA E 178 44.03 32.93 -60.48
CA ALA E 178 44.50 33.06 -59.10
C ALA E 178 44.80 31.71 -58.48
N LEU E 179 43.93 30.75 -58.74
CA LEU E 179 44.05 29.40 -58.23
C LEU E 179 45.19 28.63 -58.91
N GLN E 180 45.37 28.85 -60.20
CA GLN E 180 46.42 28.15 -60.93
C GLN E 180 47.76 28.79 -60.57
N ALA E 181 47.72 30.07 -60.19
CA ALA E 181 48.94 30.78 -59.82
C ALA E 181 49.52 30.14 -58.57
N VAL E 182 48.65 29.85 -57.61
CA VAL E 182 49.07 29.23 -56.36
C VAL E 182 49.47 27.78 -56.62
N GLU E 183 48.65 27.09 -57.43
CA GLU E 183 48.91 25.71 -57.78
C GLU E 183 50.27 25.50 -58.46
N ASN E 184 50.66 26.47 -59.29
CA ASN E 184 51.93 26.40 -60.04
C ASN E 184 53.12 26.88 -59.22
N GLY E 185 52.86 27.42 -58.04
CA GLY E 185 53.93 27.90 -57.19
C GLY E 185 54.38 29.32 -57.51
N GLU E 186 53.47 30.13 -58.03
CA GLU E 186 53.79 31.53 -58.36
C GLU E 186 53.45 32.47 -57.20
N ILE E 187 52.53 32.04 -56.32
CA ILE E 187 52.12 32.84 -55.17
C ILE E 187 51.69 31.95 -53.98
N ASP E 188 52.03 32.39 -52.78
CA ASP E 188 51.69 31.66 -51.55
C ASP E 188 50.22 31.33 -51.43
N ALA E 189 49.39 32.36 -51.31
CA ALA E 189 47.95 32.19 -51.16
C ALA E 189 47.20 33.13 -52.09
N ALA E 190 45.88 33.01 -52.08
CA ALA E 190 45.03 33.86 -52.92
C ALA E 190 43.60 33.80 -52.39
N LEU E 191 42.88 34.90 -52.53
CA LEU E 191 41.48 34.94 -52.08
C LEU E 191 40.58 34.58 -53.25
N ILE E 192 40.00 33.38 -53.21
CA ILE E 192 39.10 32.93 -54.27
C ILE E 192 37.80 32.43 -53.64
N ASN E 193 37.07 31.59 -54.38
CA ASN E 193 35.85 30.99 -53.86
C ASN E 193 36.21 29.52 -53.67
N ASN E 194 35.46 28.77 -52.85
CA ASN E 194 35.80 27.38 -52.61
C ASN E 194 35.46 26.42 -53.73
N TYR E 195 34.28 26.59 -54.33
CA TYR E 195 33.86 25.71 -55.41
C TYR E 195 34.90 25.60 -56.53
N TYR E 196 35.65 26.67 -56.78
CA TYR E 196 36.67 26.64 -57.83
C TYR E 196 37.75 25.58 -57.47
N TRP E 197 38.06 25.41 -56.18
CA TRP E 197 39.07 24.44 -55.73
C TRP E 197 38.59 22.99 -55.77
N HIS E 198 37.49 22.71 -55.08
CA HIS E 198 36.93 21.37 -55.03
C HIS E 198 36.73 20.78 -56.41
N ALA E 199 36.13 21.56 -57.32
CA ALA E 199 35.89 21.08 -58.68
C ALA E 199 37.20 20.68 -59.33
N PHE E 200 38.26 21.40 -58.97
CA PHE E 200 39.60 21.16 -59.48
C PHE E 200 40.23 19.92 -58.84
N ALA E 201 40.15 19.82 -57.51
CA ALA E 201 40.71 18.66 -56.81
C ALA E 201 40.01 17.40 -57.32
N ARG E 202 38.69 17.39 -57.28
CA ARG E 202 37.94 16.23 -57.77
C ARG E 202 38.40 15.95 -59.20
N GLU E 203 38.60 17.01 -59.96
CA GLU E 203 39.02 16.95 -61.36
C GLU E 203 40.39 16.29 -61.59
N LYS E 204 41.42 16.84 -60.96
CA LYS E 204 42.77 16.31 -61.13
C LYS E 204 43.18 15.22 -60.14
N GLY E 205 42.44 15.09 -59.04
CA GLY E 205 42.76 14.10 -58.03
C GLY E 205 43.50 14.89 -56.95
N VAL E 206 42.94 14.95 -55.74
CA VAL E 206 43.54 15.72 -54.65
C VAL E 206 45.01 15.44 -54.33
N GLN E 207 45.43 14.18 -54.45
CA GLN E 207 46.81 13.81 -54.14
C GLN E 207 47.77 14.48 -55.11
N ASN E 208 47.26 14.85 -56.28
CA ASN E 208 48.07 15.50 -57.30
C ASN E 208 47.89 17.02 -57.21
N VAL E 209 47.15 17.47 -56.22
CA VAL E 209 46.88 18.89 -56.00
C VAL E 209 47.67 19.42 -54.81
N HIS E 210 48.52 20.41 -55.09
CA HIS E 210 49.38 21.03 -54.10
C HIS E 210 48.73 22.14 -53.28
N THR E 211 47.62 22.68 -53.76
CA THR E 211 46.95 23.75 -53.04
C THR E 211 45.88 23.21 -52.09
N ARG E 212 45.62 23.96 -51.03
CA ARG E 212 44.59 23.59 -50.05
C ARG E 212 43.80 24.83 -49.62
N LEU E 213 42.59 24.60 -49.09
CA LEU E 213 41.73 25.70 -48.67
C LEU E 213 41.69 25.99 -47.17
N ASN E 214 41.66 27.28 -46.86
CA ASN E 214 41.62 27.75 -45.49
C ASN E 214 40.35 28.56 -45.23
N PHE E 215 39.71 28.30 -44.09
CA PHE E 215 38.50 29.03 -43.72
C PHE E 215 38.77 29.84 -42.45
N VAL E 216 38.54 31.15 -42.51
CA VAL E 216 38.78 32.02 -41.35
C VAL E 216 37.78 31.81 -40.21
N ARG E 217 36.51 31.62 -40.54
CA ARG E 217 35.48 31.42 -39.53
C ARG E 217 35.44 32.57 -38.51
N HIS E 218 34.96 32.27 -37.30
CA HIS E 218 34.85 33.27 -36.23
C HIS E 218 34.00 34.48 -36.63
N ARG E 219 33.10 34.31 -37.60
CA ARG E 219 32.24 35.40 -38.07
C ARG E 219 33.04 36.50 -38.75
N ASP E 220 34.23 36.14 -39.25
CA ASP E 220 35.09 37.09 -39.93
C ASP E 220 34.53 37.46 -41.29
N PRO E 221 34.79 38.69 -41.77
CA PRO E 221 34.29 39.10 -43.08
C PRO E 221 34.75 38.10 -44.14
N GLY E 222 35.94 37.53 -43.93
CA GLY E 222 36.49 36.56 -44.86
C GLY E 222 35.75 35.24 -44.80
N ALA E 223 34.77 35.14 -43.90
CA ALA E 223 33.97 33.93 -43.75
C ALA E 223 32.64 34.09 -44.49
N LEU E 224 32.55 35.15 -45.29
CA LEU E 224 31.35 35.46 -46.06
C LEU E 224 30.85 34.28 -46.87
N VAL E 225 29.53 34.07 -46.84
CA VAL E 225 28.88 33.00 -47.60
C VAL E 225 27.77 33.61 -48.44
N THR E 226 27.80 33.44 -49.76
CA THR E 226 26.75 34.00 -50.61
C THR E 226 25.73 32.89 -50.86
N TYR E 227 24.46 33.22 -50.69
CA TYR E 227 23.41 32.22 -50.86
C TYR E 227 22.68 32.25 -52.20
N SER E 228 22.05 31.12 -52.53
CA SER E 228 21.28 31.01 -53.77
C SER E 228 19.84 30.65 -53.39
N GLY E 229 18.91 30.82 -54.33
CA GLY E 229 17.53 30.50 -54.03
C GLY E 229 16.64 30.36 -55.25
N ALA E 230 15.43 29.84 -55.02
CA ALA E 230 14.46 29.66 -56.10
C ALA E 230 13.11 30.21 -55.68
N ALA E 231 12.24 30.41 -56.67
CA ALA E 231 10.92 30.95 -56.40
C ALA E 231 10.04 30.72 -57.62
N VAL E 232 8.74 30.60 -57.37
CA VAL E 232 7.78 30.40 -58.44
C VAL E 232 7.15 31.76 -58.76
N LEU E 233 7.06 32.08 -60.04
CA LEU E 233 6.47 33.35 -60.47
C LEU E 233 4.96 33.31 -60.37
N LYS E 234 4.37 34.38 -59.83
CA LYS E 234 2.92 34.48 -59.67
C LYS E 234 2.20 34.29 -61.00
N SER E 235 2.85 34.75 -62.06
CA SER E 235 2.31 34.67 -63.41
C SER E 235 2.30 33.25 -63.98
N SER E 236 2.83 32.30 -63.22
CA SER E 236 2.94 30.90 -63.63
C SER E 236 1.65 30.17 -64.03
N GLN E 237 1.71 29.45 -65.14
CA GLN E 237 0.57 28.69 -65.65
C GLN E 237 0.64 27.22 -65.22
N ASN E 238 1.78 26.85 -64.65
CA ASN E 238 2.01 25.48 -64.17
C ASN E 238 2.41 25.63 -62.71
N LYS E 239 1.59 26.36 -61.97
CA LYS E 239 1.81 26.65 -60.55
C LYS E 239 2.24 25.48 -59.71
N ASP E 240 1.35 24.50 -59.59
CA ASP E 240 1.63 23.32 -58.77
C ASP E 240 2.95 22.63 -59.11
N GLU E 241 3.20 22.34 -60.39
CA GLU E 241 4.44 21.70 -60.79
C GLU E 241 5.64 22.59 -60.49
N ALA E 242 5.43 23.91 -60.52
CA ALA E 242 6.49 24.88 -60.23
C ALA E 242 6.82 24.86 -58.74
N LYS E 243 5.77 24.72 -57.92
CA LYS E 243 5.94 24.66 -56.47
C LYS E 243 6.63 23.32 -56.17
N LYS E 244 6.22 22.29 -56.92
CA LYS E 244 6.77 20.94 -56.79
C LYS E 244 8.29 20.99 -56.97
N PHE E 245 8.75 21.70 -57.99
CA PHE E 245 10.17 21.82 -58.27
C PHE E 245 10.95 22.50 -57.15
N VAL E 246 10.49 23.66 -56.68
CA VAL E 246 11.17 24.38 -55.60
C VAL E 246 11.23 23.52 -54.36
N ALA E 247 10.14 22.80 -54.10
CA ALA E 247 10.05 21.89 -52.97
C ALA E 247 11.08 20.78 -53.15
N PHE E 248 11.29 20.40 -54.41
CA PHE E 248 12.28 19.38 -54.73
C PHE E 248 13.66 19.95 -54.44
N LEU E 249 13.90 21.16 -54.93
CA LEU E 249 15.17 21.86 -54.75
C LEU E 249 15.59 21.93 -53.29
N ALA E 250 14.63 22.13 -52.40
CA ALA E 250 14.93 22.24 -50.97
C ALA E 250 14.97 20.93 -50.20
N GLY E 251 14.46 19.86 -50.79
CA GLY E 251 14.45 18.56 -50.12
C GLY E 251 15.79 17.84 -50.21
N LYS E 252 15.86 16.62 -49.69
CA LYS E 252 17.09 15.80 -49.69
C LYS E 252 17.51 15.40 -51.09
N GLU E 253 16.70 14.59 -51.75
CA GLU E 253 17.02 14.15 -53.09
C GLU E 253 17.32 15.35 -53.96
N GLY E 254 16.65 16.47 -53.66
CA GLY E 254 16.88 17.69 -54.42
C GLY E 254 18.24 18.29 -54.11
N GLN E 255 18.57 18.33 -52.82
CA GLN E 255 19.85 18.85 -52.35
C GLN E 255 20.98 17.85 -52.51
N ARG E 256 20.63 16.57 -52.53
CA ARG E 256 21.58 15.48 -52.70
C ARG E 256 22.10 15.47 -54.13
N ALA E 257 21.19 15.68 -55.08
CA ALA E 257 21.54 15.72 -56.50
C ALA E 257 22.43 16.92 -56.78
N LEU E 258 22.17 18.00 -56.05
CA LEU E 258 22.94 19.23 -56.21
C LEU E 258 24.34 19.13 -55.61
N THR E 259 24.41 18.69 -54.37
CA THR E 259 25.67 18.57 -53.67
C THR E 259 26.52 17.42 -54.21
N ALA E 260 26.02 16.78 -55.27
CA ALA E 260 26.72 15.67 -55.90
C ALA E 260 27.62 16.15 -57.04
N VAL E 261 27.29 17.29 -57.64
CA VAL E 261 28.07 17.82 -58.77
C VAL E 261 28.73 19.18 -58.54
N ARG E 262 28.31 19.90 -57.51
CA ARG E 262 28.89 21.20 -57.22
C ARG E 262 29.19 21.28 -55.74
N ALA E 263 30.33 21.85 -55.40
CA ALA E 263 30.75 21.99 -54.01
C ALA E 263 29.99 23.11 -53.29
N GLU E 264 28.65 23.10 -53.43
CA GLU E 264 27.78 24.09 -52.79
C GLU E 264 27.39 23.54 -51.42
N TYR E 265 27.32 24.43 -50.42
CA TYR E 265 26.95 24.01 -49.07
C TYR E 265 25.46 23.84 -48.90
N PRO E 266 25.01 22.59 -48.69
CA PRO E 266 23.58 22.33 -48.51
C PRO E 266 23.04 23.00 -47.25
N LEU E 267 21.90 23.69 -47.41
CA LEU E 267 21.26 24.40 -46.32
C LEU E 267 20.31 23.45 -45.61
N ASN E 268 20.16 22.25 -46.17
CA ASN E 268 19.33 21.22 -45.57
C ASN E 268 20.32 20.35 -44.77
N PRO E 269 20.25 20.41 -43.43
CA PRO E 269 21.12 19.66 -42.50
C PRO E 269 21.05 18.13 -42.49
N HIS E 270 20.12 17.56 -43.26
CA HIS E 270 19.98 16.10 -43.31
C HIS E 270 20.63 15.52 -44.56
N VAL E 271 21.50 16.31 -45.18
CA VAL E 271 22.19 15.92 -46.41
C VAL E 271 23.71 15.92 -46.26
N VAL E 272 24.34 14.81 -46.63
CA VAL E 272 25.79 14.70 -46.55
C VAL E 272 26.38 15.10 -47.89
N SER E 273 27.27 16.10 -47.87
CA SER E 273 27.87 16.56 -49.11
C SER E 273 28.69 15.47 -49.78
N THR E 274 28.86 15.60 -51.10
CA THR E 274 29.63 14.67 -51.90
C THR E 274 31.10 15.11 -51.97
N PHE E 275 31.34 16.39 -51.69
CA PHE E 275 32.71 16.91 -51.66
C PHE E 275 32.99 17.01 -50.17
N ASN E 276 34.26 17.12 -49.80
CA ASN E 276 34.64 17.23 -48.40
C ASN E 276 34.11 18.50 -47.75
N LEU E 277 32.82 18.77 -47.92
CA LEU E 277 32.23 19.96 -47.35
C LEU E 277 31.80 19.74 -45.92
N GLU E 278 32.07 20.75 -45.11
CA GLU E 278 31.75 20.76 -43.70
C GLU E 278 30.36 21.37 -43.54
N PRO E 279 29.66 21.05 -42.46
CA PRO E 279 28.32 21.61 -42.25
C PRO E 279 28.43 23.13 -42.27
N ILE E 280 27.69 23.76 -43.17
CA ILE E 280 27.72 25.21 -43.33
C ILE E 280 27.69 25.96 -41.99
N ALA E 281 27.13 25.31 -40.96
CA ALA E 281 27.05 25.90 -39.64
C ALA E 281 28.43 26.04 -39.01
N LYS E 282 29.29 25.05 -39.22
CA LYS E 282 30.65 25.04 -38.68
C LYS E 282 31.51 26.15 -39.31
N LEU E 283 31.06 26.67 -40.45
CA LEU E 283 31.80 27.73 -41.14
C LEU E 283 31.85 29.03 -40.35
N GLU E 284 30.97 29.16 -39.36
CA GLU E 284 30.92 30.36 -38.54
C GLU E 284 30.86 31.63 -39.40
N ALA E 285 30.02 31.59 -40.42
CA ALA E 285 29.84 32.71 -41.35
C ALA E 285 29.07 33.83 -40.65
N PRO E 286 29.48 35.09 -40.87
CA PRO E 286 28.83 36.25 -40.26
C PRO E 286 27.46 36.59 -40.82
N GLN E 287 26.69 37.36 -40.03
CA GLN E 287 25.36 37.81 -40.43
C GLN E 287 25.58 39.06 -41.26
N VAL E 288 24.87 39.16 -42.39
CA VAL E 288 24.98 40.31 -43.27
C VAL E 288 23.73 40.39 -44.14
N SER E 289 23.14 41.58 -44.24
CA SER E 289 21.95 41.77 -45.07
C SER E 289 22.33 41.63 -46.53
N ALA E 290 21.34 41.41 -47.38
CA ALA E 290 21.56 41.26 -48.81
C ALA E 290 22.19 42.52 -49.41
N THR E 291 22.91 42.33 -50.50
CA THR E 291 23.58 43.42 -51.20
C THR E 291 22.59 44.19 -52.09
N THR E 292 22.68 45.53 -52.07
CA THR E 292 21.81 46.38 -52.88
C THR E 292 22.59 47.09 -53.98
N VAL E 293 21.86 47.83 -54.82
CA VAL E 293 22.43 48.57 -55.94
C VAL E 293 23.40 49.65 -55.49
N SER E 294 23.00 50.42 -54.48
CA SER E 294 23.84 51.49 -53.97
C SER E 294 25.06 50.96 -53.21
N GLU E 295 24.88 49.82 -52.54
CA GLU E 295 25.98 49.20 -51.80
C GLU E 295 27.00 48.68 -52.80
N LYS E 296 26.52 48.15 -53.92
CA LYS E 296 27.42 47.67 -54.96
C LYS E 296 28.03 48.91 -55.61
N GLU E 297 27.18 49.92 -55.86
CA GLU E 297 27.64 51.18 -56.47
C GLU E 297 28.67 51.83 -55.55
N HIS E 298 28.44 51.69 -54.24
CA HIS E 298 29.32 52.24 -53.20
C HIS E 298 30.69 51.57 -53.21
N ALA E 299 30.69 50.24 -53.19
CA ALA E 299 31.94 49.47 -53.21
C ALA E 299 32.71 49.77 -54.48
N THR E 300 31.96 50.04 -55.56
CA THR E 300 32.55 50.34 -56.86
C THR E 300 33.33 51.65 -56.85
N ARG E 301 33.06 52.50 -55.87
CA ARG E 301 33.78 53.78 -55.75
C ARG E 301 35.02 53.54 -54.91
N LEU E 302 34.88 52.68 -53.91
CA LEU E 302 35.99 52.34 -53.02
C LEU E 302 37.07 51.61 -53.79
N LEU E 303 36.68 50.93 -54.86
CA LEU E 303 37.63 50.21 -55.70
C LEU E 303 38.44 51.21 -56.53
N GLU E 304 37.83 52.33 -56.89
CA GLU E 304 38.52 53.36 -57.66
C GLU E 304 39.43 54.17 -56.75
N GLN E 305 38.98 54.38 -55.51
CA GLN E 305 39.75 55.13 -54.53
C GLN E 305 40.94 54.29 -54.09
N ALA E 306 40.89 53.00 -54.40
CA ALA E 306 41.97 52.09 -54.05
C ALA E 306 42.88 51.90 -55.27
N GLY E 307 42.32 52.16 -56.45
CA GLY E 307 43.07 52.04 -57.69
C GLY E 307 43.00 50.71 -58.41
N MET E 308 42.03 49.88 -58.04
CA MET E 308 41.89 48.58 -58.68
C MET E 308 41.02 48.58 -59.93
N LYS E 309 40.13 49.56 -60.03
CA LYS E 309 39.23 49.68 -61.18
C LYS E 309 39.46 50.99 -61.92
N ASP F 1 -9.31 11.75 15.86
CA ASP F 1 -7.83 12.01 15.82
C ASP F 1 -7.52 13.42 16.30
N ILE F 2 -6.24 13.76 16.40
CA ILE F 2 -5.86 15.08 16.88
C ILE F 2 -4.71 15.70 16.09
N THR F 3 -4.63 17.04 16.15
CA THR F 3 -3.58 17.82 15.49
C THR F 3 -2.87 18.60 16.57
N VAL F 4 -1.58 18.34 16.79
CA VAL F 4 -0.87 19.06 17.85
C VAL F 4 0.25 19.97 17.35
N TYR F 5 0.21 21.23 17.78
CA TYR F 5 1.23 22.19 17.43
C TYR F 5 2.36 21.93 18.40
N ASN F 6 3.41 21.26 17.92
CA ASN F 6 4.54 20.92 18.75
C ASN F 6 5.68 21.95 18.70
N GLY F 7 6.18 22.28 19.88
CA GLY F 7 7.28 23.22 20.01
C GLY F 7 8.44 22.52 20.70
N GLN F 8 8.15 21.40 21.34
CA GLN F 8 9.19 20.63 22.02
C GLN F 8 10.04 19.87 21.00
N HIS F 9 10.88 18.96 21.48
CA HIS F 9 11.72 18.18 20.59
C HIS F 9 10.86 17.33 19.67
N LYS F 10 11.28 17.27 18.40
CA LYS F 10 10.56 16.52 17.38
C LYS F 10 10.64 15.01 17.62
N GLU F 11 11.79 14.53 18.09
CA GLU F 11 11.96 13.11 18.38
C GLU F 11 11.07 12.71 19.54
N ALA F 12 10.95 13.61 20.52
CA ALA F 12 10.10 13.37 21.68
C ALA F 12 8.64 13.43 21.25
N ALA F 13 8.32 14.42 20.42
CA ALA F 13 6.95 14.60 19.94
C ALA F 13 6.38 13.34 19.29
N GLN F 14 7.07 12.82 18.29
CA GLN F 14 6.59 11.60 17.62
C GLN F 14 6.63 10.43 18.60
N ALA F 15 7.63 10.45 19.48
CA ALA F 15 7.78 9.39 20.47
C ALA F 15 6.50 9.21 21.31
N VAL F 16 6.11 10.27 22.02
CA VAL F 16 4.91 10.24 22.85
C VAL F 16 3.67 10.03 22.00
N ALA F 17 3.59 10.75 20.89
CA ALA F 17 2.44 10.62 19.98
C ALA F 17 2.30 9.14 19.61
N ASP F 18 3.43 8.50 19.33
CA ASP F 18 3.47 7.09 18.97
C ASP F 18 2.94 6.16 20.06
N ALA F 19 3.25 6.48 21.31
CA ALA F 19 2.81 5.68 22.44
C ALA F 19 1.32 5.92 22.70
N PHE F 20 0.88 7.16 22.49
CA PHE F 20 -0.51 7.53 22.68
C PHE F 20 -1.38 6.75 21.68
N THR F 21 -0.90 6.67 20.45
CA THR F 21 -1.59 5.99 19.37
C THR F 21 -1.76 4.48 19.56
N ARG F 22 -0.74 3.80 20.10
CA ARG F 22 -0.82 2.36 20.29
C ARG F 22 -1.71 1.99 21.46
N ALA F 23 -1.94 2.94 22.35
CA ALA F 23 -2.75 2.70 23.52
C ALA F 23 -4.22 3.11 23.39
N THR F 24 -4.52 3.97 22.42
CA THR F 24 -5.89 4.45 22.22
C THR F 24 -6.40 4.25 20.80
N GLY F 25 -5.50 4.32 19.83
CA GLY F 25 -5.88 4.17 18.45
C GLY F 25 -6.08 5.49 17.72
N ILE F 26 -5.85 6.61 18.43
CA ILE F 26 -6.01 7.96 17.89
C ILE F 26 -4.74 8.39 17.17
N LYS F 27 -4.87 8.84 15.93
CA LYS F 27 -3.71 9.28 15.16
C LYS F 27 -3.29 10.66 15.65
N VAL F 28 -2.06 11.06 15.32
CA VAL F 28 -1.54 12.35 15.76
C VAL F 28 -0.86 13.15 14.66
N LYS F 29 -1.51 14.25 14.25
CA LYS F 29 -0.98 15.12 13.21
C LYS F 29 -0.12 16.16 13.93
N LEU F 30 1.18 16.09 13.71
CA LEU F 30 2.11 17.02 14.36
C LEU F 30 2.41 18.28 13.56
N ASN F 31 2.31 19.41 14.24
CA ASN F 31 2.58 20.71 13.66
C ASN F 31 3.79 21.20 14.46
N SER F 32 4.98 20.79 14.02
CA SER F 32 6.24 21.13 14.69
C SER F 32 6.90 22.44 14.27
N ALA F 33 7.26 23.24 15.27
CA ALA F 33 7.93 24.52 15.09
C ALA F 33 8.30 25.00 16.48
N LYS F 34 8.76 26.24 16.58
CA LYS F 34 9.14 26.80 17.87
C LYS F 34 7.89 27.21 18.64
N GLY F 35 7.94 27.11 19.97
CA GLY F 35 6.81 27.46 20.80
C GLY F 35 6.14 28.76 20.43
N ASP F 36 6.95 29.79 20.17
CA ASP F 36 6.44 31.11 19.80
C ASP F 36 5.80 31.11 18.42
N GLN F 37 6.47 30.46 17.46
CA GLN F 37 5.98 30.38 16.09
C GLN F 37 4.60 29.71 16.04
N LEU F 38 4.23 29.07 17.15
CA LEU F 38 2.96 28.38 17.24
C LEU F 38 1.95 29.14 18.09
N ALA F 39 2.41 29.72 19.20
CA ALA F 39 1.55 30.47 20.09
C ALA F 39 0.82 31.55 19.29
N GLY F 40 1.54 32.16 18.35
CA GLY F 40 0.97 33.21 17.52
C GLY F 40 0.08 32.64 16.42
N GLN F 41 0.52 31.55 15.80
CA GLN F 41 -0.24 30.92 14.73
C GLN F 41 -1.61 30.51 15.25
N ILE F 42 -1.67 30.16 16.52
CA ILE F 42 -2.91 29.75 17.16
C ILE F 42 -3.73 30.99 17.51
N LYS F 43 -3.08 32.15 17.45
CA LYS F 43 -3.73 33.43 17.73
C LYS F 43 -4.41 33.97 16.49
N GLU F 44 -3.65 34.16 15.42
CA GLU F 44 -4.19 34.69 14.18
C GLU F 44 -5.23 33.76 13.57
N GLU F 45 -5.16 32.48 13.89
CA GLU F 45 -6.15 31.52 13.39
C GLU F 45 -7.34 31.61 14.33
N GLY F 46 -7.07 32.02 15.56
CA GLY F 46 -8.10 32.18 16.56
C GLY F 46 -9.06 31.01 16.65
N SER F 47 -10.34 31.33 16.81
CA SER F 47 -11.38 30.32 16.91
C SER F 47 -11.32 29.36 15.73
N ARG F 48 -10.62 29.77 14.68
CA ARG F 48 -10.47 28.97 13.46
C ARG F 48 -9.05 28.41 13.37
N SER F 49 -8.60 27.75 14.44
CA SER F 49 -7.27 27.16 14.48
C SER F 49 -7.44 25.65 14.44
N PRO F 50 -6.73 24.97 13.52
CA PRO F 50 -6.82 23.51 13.38
C PRO F 50 -6.26 22.76 14.59
N ALA F 51 -5.38 23.43 15.34
CA ALA F 51 -4.72 22.86 16.51
C ALA F 51 -5.67 22.44 17.63
N ASP F 52 -5.45 21.22 18.13
CA ASP F 52 -6.23 20.65 19.23
C ASP F 52 -5.39 20.69 20.52
N VAL F 53 -4.06 20.76 20.35
CA VAL F 53 -3.12 20.83 21.46
C VAL F 53 -1.84 21.57 21.09
N PHE F 54 -1.24 22.22 22.09
CA PHE F 54 -0.01 22.96 21.89
C PHE F 54 1.02 22.40 22.88
N TYR F 55 1.84 21.49 22.39
CA TYR F 55 2.89 20.87 23.21
C TYR F 55 4.05 21.86 23.18
N SER F 56 4.01 22.80 24.12
CA SER F 56 5.01 23.86 24.21
C SER F 56 6.33 23.54 24.91
N GLU F 57 7.41 24.03 24.30
CA GLU F 57 8.76 23.86 24.81
C GLU F 57 8.96 24.74 26.03
N GLN F 58 8.46 25.97 25.93
CA GLN F 58 8.56 26.95 27.00
C GLN F 58 7.20 27.26 27.61
N ILE F 59 7.22 27.83 28.81
CA ILE F 59 5.99 28.18 29.51
C ILE F 59 5.42 29.53 29.07
N PRO F 60 6.28 30.54 28.84
CA PRO F 60 5.75 31.83 28.42
C PRO F 60 4.77 31.75 27.25
N ALA F 61 5.09 30.92 26.27
CA ALA F 61 4.24 30.73 25.09
C ALA F 61 2.88 30.19 25.53
N LEU F 62 2.86 29.53 26.69
CA LEU F 62 1.64 28.98 27.27
C LEU F 62 0.92 30.08 28.06
N ALA F 63 1.69 30.94 28.70
CA ALA F 63 1.11 32.05 29.48
C ALA F 63 0.57 33.15 28.56
N THR F 64 0.92 33.08 27.27
CA THR F 64 0.47 34.05 26.29
C THR F 64 -0.93 33.72 25.79
N LEU F 65 -1.16 32.43 25.57
CA LEU F 65 -2.44 31.95 25.07
C LEU F 65 -3.47 31.91 26.18
N SER F 66 -3.00 31.82 27.42
CA SER F 66 -3.91 31.77 28.55
C SER F 66 -4.50 33.15 28.73
N ALA F 67 -3.68 34.17 28.51
CA ALA F 67 -4.12 35.55 28.65
C ALA F 67 -5.27 35.85 27.70
N ALA F 68 -5.08 35.50 26.43
CA ALA F 68 -6.10 35.74 25.42
C ALA F 68 -7.30 34.82 25.64
N ASN F 69 -7.22 33.97 26.66
CA ASN F 69 -8.28 33.03 27.00
C ASN F 69 -8.58 32.09 25.84
N LEU F 70 -7.54 31.50 25.27
CA LEU F 70 -7.71 30.59 24.16
C LEU F 70 -7.47 29.14 24.57
N LEU F 71 -7.21 28.93 25.86
CA LEU F 71 -6.95 27.60 26.38
C LEU F 71 -8.17 26.96 27.00
N GLU F 72 -8.16 25.63 27.04
CA GLU F 72 -9.27 24.87 27.61
C GLU F 72 -8.86 24.35 28.99
N PRO F 73 -9.68 24.62 30.02
CA PRO F 73 -9.35 24.14 31.37
C PRO F 73 -9.28 22.61 31.45
N LEU F 74 -8.30 22.12 32.20
CA LEU F 74 -8.07 20.68 32.35
C LEU F 74 -8.54 20.13 33.70
N PRO F 75 -8.82 18.80 33.77
CA PRO F 75 -9.29 18.17 35.01
C PRO F 75 -8.21 18.22 36.11
N ALA F 76 -8.66 18.41 37.34
CA ALA F 76 -7.76 18.49 38.48
C ALA F 76 -6.76 17.35 38.58
N SER F 77 -7.12 16.20 37.98
CA SER F 77 -6.26 15.02 38.00
C SER F 77 -5.08 15.13 37.04
N THR F 78 -5.34 15.55 35.81
CA THR F 78 -4.29 15.72 34.83
C THR F 78 -3.14 16.55 35.40
N ILE F 79 -3.50 17.64 36.07
CA ILE F 79 -2.51 18.54 36.67
C ILE F 79 -1.86 17.95 37.92
N ASN F 80 -2.66 17.27 38.73
CA ASN F 80 -2.15 16.69 39.96
C ASN F 80 -1.17 15.55 39.72
N GLU F 81 -0.79 15.36 38.47
CA GLU F 81 0.16 14.29 38.13
C GLU F 81 1.59 14.75 37.97
N THR F 82 1.79 16.06 37.88
CA THR F 82 3.11 16.62 37.74
C THR F 82 3.33 17.59 38.87
N ARG F 83 2.24 17.83 39.61
CA ARG F 83 2.21 18.72 40.75
C ARG F 83 3.42 18.49 41.65
N GLY F 84 4.13 19.57 41.98
CA GLY F 84 5.30 19.47 42.83
C GLY F 84 5.69 20.79 43.46
N LYS F 85 6.73 20.77 44.30
CA LYS F 85 7.22 21.99 44.94
C LYS F 85 8.21 22.66 44.01
N GLY F 86 7.80 23.78 43.42
CA GLY F 86 8.67 24.50 42.52
C GLY F 86 8.25 24.30 41.09
N VAL F 87 7.17 23.55 40.89
CA VAL F 87 6.65 23.27 39.55
C VAL F 87 5.51 24.19 39.15
N PRO F 88 5.60 24.78 37.93
CA PRO F 88 4.63 25.70 37.32
C PRO F 88 3.15 25.33 37.42
N VAL F 89 2.37 26.20 38.07
CA VAL F 89 0.94 25.96 38.21
C VAL F 89 0.16 27.03 37.47
N ALA F 90 -0.59 26.61 36.44
CA ALA F 90 -1.37 27.54 35.67
C ALA F 90 -2.47 28.10 36.57
N ALA F 91 -2.57 29.42 36.64
CA ALA F 91 -3.58 30.04 37.48
C ALA F 91 -4.98 29.57 37.08
N LYS F 92 -5.31 29.77 35.81
CA LYS F 92 -6.62 29.39 35.28
C LYS F 92 -6.73 27.89 35.09
N LYS F 93 -5.67 27.17 35.46
CA LYS F 93 -5.65 25.72 35.33
C LYS F 93 -5.87 25.34 33.87
N ASP F 94 -5.32 26.14 32.95
CA ASP F 94 -5.45 25.92 31.52
C ASP F 94 -4.48 24.88 30.97
N TRP F 95 -3.22 24.99 31.38
CA TRP F 95 -2.17 24.07 30.95
C TRP F 95 -1.64 23.26 32.10
N VAL F 96 -0.61 22.48 31.79
CA VAL F 96 0.05 21.61 32.76
C VAL F 96 1.53 21.49 32.41
N ALA F 97 2.39 21.53 33.43
CA ALA F 97 3.83 21.41 33.22
C ALA F 97 4.10 19.93 32.96
N LEU F 98 5.12 19.62 32.16
CA LEU F 98 5.39 18.23 31.82
C LEU F 98 6.81 17.75 32.16
N SER F 99 7.81 18.53 31.77
CA SER F 99 9.19 18.18 32.04
C SER F 99 10.06 19.41 32.25
N GLY F 100 11.37 19.19 32.43
CA GLY F 100 12.27 20.31 32.66
C GLY F 100 13.68 20.04 32.13
N ARG F 101 14.41 21.12 31.84
CA ARG F 101 15.79 21.02 31.35
C ARG F 101 16.69 21.80 32.30
N SER F 102 17.80 21.19 32.72
CA SER F 102 18.73 21.80 33.68
C SER F 102 20.02 22.45 33.16
N ARG F 103 20.38 23.55 33.81
CA ARG F 103 21.60 24.30 33.50
C ARG F 103 22.75 23.53 34.16
N VAL F 104 23.74 23.12 33.37
CA VAL F 104 24.86 22.38 33.93
C VAL F 104 26.21 22.96 33.52
N VAL F 105 27.25 22.46 34.19
CA VAL F 105 28.61 22.88 33.91
C VAL F 105 29.42 21.63 33.59
N VAL F 106 29.60 21.36 32.30
CA VAL F 106 30.37 20.20 31.90
C VAL F 106 31.86 20.50 32.10
N TYR F 107 32.56 19.56 32.73
CA TYR F 107 33.98 19.71 33.00
C TYR F 107 34.72 18.51 32.40
N ASP F 108 36.04 18.48 32.56
CA ASP F 108 36.84 17.39 32.03
C ASP F 108 37.40 16.58 33.21
N THR F 109 37.08 15.30 33.24
CA THR F 109 37.54 14.43 34.30
C THR F 109 39.07 14.26 34.27
N ARG F 110 39.67 14.69 33.17
CA ARG F 110 41.13 14.61 33.01
C ARG F 110 41.77 15.89 33.53
N LYS F 111 41.18 17.04 33.19
CA LYS F 111 41.68 18.33 33.62
C LYS F 111 41.21 18.75 35.02
N LEU F 112 39.96 18.46 35.35
CA LEU F 112 39.44 18.86 36.66
C LEU F 112 38.55 17.82 37.32
N SER F 113 38.25 18.09 38.60
CA SER F 113 37.40 17.22 39.41
C SER F 113 36.29 18.10 39.99
N GLU F 114 35.09 17.53 40.15
CA GLU F 114 33.95 18.28 40.69
C GLU F 114 34.30 18.98 42.00
N LYS F 115 35.32 18.48 42.68
CA LYS F 115 35.76 19.05 43.95
C LYS F 115 36.28 20.47 43.70
N ASP F 116 36.83 20.68 42.51
CA ASP F 116 37.37 21.98 42.12
C ASP F 116 36.28 22.99 41.76
N LEU F 117 35.31 22.56 40.94
CA LEU F 117 34.22 23.42 40.48
C LEU F 117 33.57 24.29 41.55
N GLU F 118 32.99 25.41 41.10
CA GLU F 118 32.34 26.38 41.98
C GLU F 118 31.04 25.92 42.61
N LYS F 119 30.64 26.59 43.69
CA LYS F 119 29.40 26.30 44.39
C LYS F 119 28.30 27.26 43.92
N SER F 120 28.62 28.06 42.90
CA SER F 120 27.69 29.04 42.32
C SER F 120 28.16 29.37 40.91
N VAL F 121 27.22 29.46 39.96
CA VAL F 121 27.59 29.77 38.60
C VAL F 121 28.20 31.17 38.51
N LEU F 122 28.11 31.92 39.60
CA LEU F 122 28.63 33.29 39.64
C LEU F 122 30.13 33.43 39.91
N ASN F 123 30.81 32.35 40.26
CA ASN F 123 32.24 32.42 40.53
C ASN F 123 33.09 32.02 39.34
N TYR F 124 32.45 31.96 38.17
CA TYR F 124 33.13 31.63 36.93
C TYR F 124 33.60 32.92 36.24
N ALA F 125 33.20 34.04 36.82
CA ALA F 125 33.55 35.36 36.29
C ALA F 125 34.62 35.98 37.18
N THR F 126 35.55 35.15 37.64
CA THR F 126 36.64 35.60 38.51
C THR F 126 38.00 35.32 37.87
N PRO F 127 39.08 35.92 38.42
CA PRO F 127 40.44 35.72 37.90
C PRO F 127 40.85 34.24 37.87
N LYS F 128 40.27 33.47 38.76
CA LYS F 128 40.56 32.04 38.85
C LYS F 128 40.22 31.25 37.60
N TRP F 129 39.27 31.75 36.80
CA TRP F 129 38.88 31.03 35.60
C TRP F 129 39.23 31.66 34.26
N LYS F 130 40.36 32.33 34.18
CA LYS F 130 40.78 32.94 32.92
C LYS F 130 41.09 31.83 31.92
N ASN F 131 40.31 31.78 30.83
CA ASN F 131 40.50 30.77 29.79
C ASN F 131 40.33 29.34 30.29
N ARG F 132 39.37 29.12 31.19
CA ARG F 132 39.13 27.80 31.74
C ARG F 132 37.65 27.46 31.73
N ILE F 133 36.82 28.45 31.40
CA ILE F 133 35.39 28.26 31.37
C ILE F 133 34.80 28.82 30.07
N GLY F 134 33.82 28.12 29.52
CA GLY F 134 33.23 28.58 28.28
C GLY F 134 31.75 28.92 28.42
N TYR F 135 31.22 29.64 27.42
CA TYR F 135 29.82 30.02 27.44
C TYR F 135 29.39 30.39 26.02
N VAL F 136 28.08 30.44 25.80
CA VAL F 136 27.52 30.78 24.50
C VAL F 136 26.62 32.01 24.67
N PRO F 137 27.19 33.21 24.54
CA PRO F 137 26.45 34.46 24.68
C PRO F 137 25.38 34.69 23.60
N THR F 138 25.01 33.63 22.89
CA THR F 138 24.01 33.75 21.84
C THR F 138 22.92 32.69 21.90
N SER F 139 22.95 31.85 22.92
CA SER F 139 21.93 30.81 23.07
C SER F 139 20.81 31.34 23.97
N GLY F 140 19.57 31.00 23.63
CA GLY F 140 18.43 31.45 24.40
C GLY F 140 18.44 31.04 25.85
N ALA F 141 19.22 30.00 26.17
CA ALA F 141 19.31 29.49 27.54
C ALA F 141 20.26 30.35 28.37
N PHE F 142 21.36 30.78 27.75
CA PHE F 142 22.32 31.63 28.44
C PHE F 142 21.59 32.92 28.76
N LEU F 143 20.60 33.25 27.94
CA LEU F 143 19.79 34.46 28.11
C LEU F 143 18.83 34.32 29.30
N GLU F 144 18.28 33.12 29.49
CA GLU F 144 17.36 32.89 30.60
C GLU F 144 18.15 32.74 31.89
N GLN F 145 19.46 32.58 31.75
CA GLN F 145 20.36 32.44 32.89
C GLN F 145 20.49 33.84 33.50
N ILE F 146 20.58 34.83 32.62
CA ILE F 146 20.69 36.24 32.99
C ILE F 146 19.34 36.69 33.54
N VAL F 147 18.27 36.32 32.85
CA VAL F 147 16.91 36.66 33.27
C VAL F 147 16.77 36.22 34.72
N ALA F 148 17.09 34.95 34.96
CA ALA F 148 17.02 34.32 36.28
C ALA F 148 17.90 34.96 37.35
N ILE F 149 19.15 35.24 37.01
CA ILE F 149 20.08 35.85 37.95
C ILE F 149 19.56 37.21 38.43
N VAL F 150 19.00 37.98 37.50
CA VAL F 150 18.47 39.31 37.83
C VAL F 150 17.30 39.21 38.82
N LYS F 151 16.45 38.20 38.64
CA LYS F 151 15.30 37.99 39.50
C LYS F 151 15.67 37.42 40.87
N LEU F 152 16.85 36.83 40.98
CA LEU F 152 17.28 36.22 42.23
C LEU F 152 18.33 37.04 42.95
N LYS F 153 19.20 37.71 42.19
CA LYS F 153 20.28 38.50 42.76
C LYS F 153 20.18 39.98 42.40
N GLY F 154 19.34 40.30 41.42
CA GLY F 154 19.18 41.69 41.01
C GLY F 154 19.98 42.03 39.77
N GLU F 155 19.79 43.22 39.24
CA GLU F 155 20.50 43.64 38.03
C GLU F 155 22.01 43.74 38.23
N ALA F 156 22.44 44.26 39.38
CA ALA F 156 23.85 44.41 39.66
C ALA F 156 24.64 43.12 39.45
N ALA F 157 24.38 42.13 40.31
CA ALA F 157 25.07 40.84 40.25
C ALA F 157 25.07 40.20 38.86
N ALA F 158 24.08 40.58 38.04
CA ALA F 158 23.97 40.04 36.69
C ALA F 158 24.99 40.66 35.75
N LEU F 159 25.05 41.99 35.73
CA LEU F 159 25.97 42.73 34.87
C LEU F 159 27.43 42.42 35.22
N LYS F 160 27.69 42.17 36.50
CA LYS F 160 29.05 41.87 36.95
C LYS F 160 29.49 40.49 36.44
N TRP F 161 28.56 39.53 36.51
CA TRP F 161 28.82 38.17 36.06
C TRP F 161 29.15 38.23 34.56
N LEU F 162 28.21 38.76 33.77
CA LEU F 162 28.42 38.87 32.32
C LEU F 162 29.73 39.58 31.98
N LYS F 163 30.21 40.38 32.91
CA LYS F 163 31.46 41.11 32.71
C LYS F 163 32.60 40.13 32.90
N GLY F 164 32.61 39.50 34.08
CA GLY F 164 33.64 38.53 34.41
C GLY F 164 33.79 37.42 33.38
N LEU F 165 32.75 37.16 32.60
CA LEU F 165 32.81 36.12 31.59
C LEU F 165 33.39 36.67 30.30
N LYS F 166 33.00 37.90 29.96
CA LYS F 166 33.47 38.56 28.74
C LYS F 166 34.99 38.64 28.70
N GLU F 167 35.59 38.99 29.84
CA GLU F 167 37.04 39.10 29.90
C GLU F 167 37.78 37.85 30.39
N TYR F 168 37.09 37.01 31.15
CA TYR F 168 37.72 35.80 31.70
C TYR F 168 37.37 34.48 31.01
N GLY F 169 36.09 34.30 30.66
CA GLY F 169 35.66 33.08 30.00
C GLY F 169 35.82 33.13 28.49
N LYS F 170 35.40 32.07 27.80
CA LYS F 170 35.51 31.99 26.35
C LYS F 170 34.15 31.66 25.71
N PRO F 171 33.73 32.46 24.71
CA PRO F 171 32.44 32.21 24.07
C PRO F 171 32.48 31.28 22.85
N TYR F 172 31.37 30.58 22.64
CA TYR F 172 31.23 29.65 21.52
C TYR F 172 29.89 29.97 20.86
N ALA F 173 29.82 29.78 19.55
CA ALA F 173 28.60 30.08 18.82
C ALA F 173 27.46 29.11 19.10
N LYS F 174 27.80 27.90 19.57
CA LYS F 174 26.79 26.87 19.87
C LYS F 174 27.06 26.10 21.16
N ASN F 175 26.00 25.50 21.70
CA ASN F 175 26.10 24.71 22.92
C ASN F 175 26.86 23.41 22.68
N SER F 176 26.85 22.95 21.42
CA SER F 176 27.53 21.71 21.05
C SER F 176 29.04 21.94 20.94
N VAL F 177 29.40 23.03 20.27
CA VAL F 177 30.79 23.41 20.08
C VAL F 177 31.55 23.49 21.40
N ALA F 178 30.89 24.06 22.41
CA ALA F 178 31.47 24.19 23.73
C ALA F 178 31.75 22.82 24.33
N LEU F 179 30.88 21.84 24.04
CA LEU F 179 31.09 20.49 24.55
C LEU F 179 32.20 19.84 23.76
N GLN F 180 32.08 19.86 22.43
CA GLN F 180 33.09 19.28 21.56
C GLN F 180 34.44 19.95 21.84
N ALA F 181 34.42 20.94 22.72
CA ALA F 181 35.61 21.69 23.11
C ALA F 181 36.20 21.17 24.40
N VAL F 182 35.35 20.91 25.39
CA VAL F 182 35.81 20.41 26.68
C VAL F 182 36.34 18.98 26.44
N GLU F 183 35.84 18.35 25.37
CA GLU F 183 36.22 16.99 24.98
C GLU F 183 37.66 16.89 24.48
N ASN F 184 38.16 17.96 23.88
CA ASN F 184 39.53 17.98 23.34
C ASN F 184 40.42 18.95 24.10
N GLY F 185 40.50 18.81 25.41
CA GLY F 185 41.31 19.71 26.21
C GLY F 185 40.73 21.12 26.14
N GLU F 186 41.38 21.98 25.36
CA GLU F 186 40.96 23.36 25.15
C GLU F 186 40.48 24.12 26.40
N ILE F 187 39.23 23.90 26.83
CA ILE F 187 38.72 24.59 28.00
C ILE F 187 38.34 23.61 29.11
N ASP F 188 38.66 23.95 30.35
CA ASP F 188 38.38 23.09 31.49
C ASP F 188 36.90 22.72 31.62
N ALA F 189 36.01 23.72 31.57
CA ALA F 189 34.59 23.46 31.68
C ALA F 189 33.78 24.37 30.76
N ALA F 190 32.47 24.37 30.96
CA ALA F 190 31.56 25.17 30.15
C ALA F 190 30.13 25.08 30.67
N LEU F 191 29.44 26.22 30.68
CA LEU F 191 28.06 26.30 31.14
C LEU F 191 27.16 25.92 29.96
N ILE F 192 26.44 24.81 30.09
CA ILE F 192 25.55 24.35 29.04
C ILE F 192 24.26 23.76 29.61
N ASN F 193 23.53 23.05 28.76
CA ASN F 193 22.29 22.40 29.14
C ASN F 193 22.59 20.94 29.41
N ASN F 194 21.76 20.29 30.21
CA ASN F 194 22.02 18.89 30.51
C ASN F 194 21.63 17.90 29.40
N TYR F 195 20.64 18.28 28.56
CA TYR F 195 20.09 17.36 27.52
C TYR F 195 20.98 17.15 26.31
N TYR F 196 22.16 17.83 26.21
CA TYR F 196 23.00 17.50 25.08
C TYR F 196 24.09 16.50 25.53
N TRP F 197 24.48 16.54 26.81
CA TRP F 197 25.52 15.63 27.32
C TRP F 197 25.09 14.18 27.59
N HIS F 198 23.84 14.00 27.99
CA HIS F 198 23.32 12.67 28.25
C HIS F 198 23.06 12.01 26.89
N ALA F 199 22.72 12.80 25.88
CA ALA F 199 22.41 12.26 24.54
C ALA F 199 23.69 12.04 23.73
N PHE F 200 24.69 12.87 24.00
CA PHE F 200 25.99 12.77 23.33
C PHE F 200 26.71 11.54 23.86
N ALA F 201 26.36 11.17 25.09
CA ALA F 201 26.94 10.01 25.75
C ALA F 201 26.23 8.74 25.29
N ARG F 202 24.96 8.85 24.97
CA ARG F 202 24.16 7.72 24.50
C ARG F 202 24.49 7.34 23.07
N GLU F 203 24.71 8.36 22.23
CA GLU F 203 25.03 8.12 20.82
C GLU F 203 26.44 7.56 20.70
N LYS F 204 27.39 8.18 21.40
CA LYS F 204 28.78 7.75 21.36
C LYS F 204 29.03 6.59 22.32
N GLY F 205 29.17 6.90 23.60
CA GLY F 205 29.41 5.89 24.61
C GLY F 205 30.12 6.49 25.80
N VAL F 206 29.43 6.52 26.95
CA VAL F 206 29.98 7.07 28.18
C VAL F 206 31.45 6.74 28.44
N GLN F 207 31.88 5.55 28.03
CA GLN F 207 33.27 5.16 28.24
C GLN F 207 34.23 6.03 27.44
N ASN F 208 33.87 6.30 26.19
CA ASN F 208 34.69 7.12 25.31
C ASN F 208 34.79 8.58 25.78
N VAL F 209 33.64 9.18 26.05
CA VAL F 209 33.54 10.57 26.51
C VAL F 209 34.35 10.87 27.78
N HIS F 210 35.15 11.93 27.73
CA HIS F 210 35.99 12.32 28.88
C HIS F 210 35.32 13.32 29.81
N THR F 211 34.41 14.13 29.26
CA THR F 211 33.71 15.14 30.05
C THR F 211 32.55 14.59 30.87
N ARG F 212 32.25 15.26 31.98
CA ARG F 212 31.14 14.87 32.83
C ARG F 212 30.35 16.13 33.24
N LEU F 213 29.20 15.95 33.88
CA LEU F 213 28.37 17.09 34.27
C LEU F 213 28.25 17.33 35.77
N ASN F 214 28.27 18.61 36.14
CA ASN F 214 28.16 19.00 37.54
C ASN F 214 26.97 19.95 37.73
N PHE F 215 26.16 19.65 38.75
CA PHE F 215 24.99 20.47 39.07
C PHE F 215 25.27 21.26 40.35
N VAL F 216 24.99 22.56 40.32
CA VAL F 216 25.22 23.43 41.47
C VAL F 216 24.21 23.19 42.60
N ARG F 217 22.93 23.12 42.26
CA ARG F 217 21.88 22.91 43.26
C ARG F 217 21.89 24.06 44.26
N HIS F 218 21.14 23.91 45.34
CA HIS F 218 21.04 24.90 46.40
C HIS F 218 20.38 26.23 45.98
N ARG F 219 19.40 26.14 45.08
CA ARG F 219 18.66 27.32 44.59
C ARG F 219 19.50 28.37 43.87
N ASP F 220 20.77 28.08 43.63
CA ASP F 220 21.65 29.02 42.95
C ASP F 220 21.12 29.32 41.56
N PRO F 221 21.45 30.50 41.02
CA PRO F 221 20.98 30.87 39.67
C PRO F 221 21.49 29.90 38.60
N GLY F 222 22.58 29.19 38.91
CA GLY F 222 23.15 28.24 37.97
C GLY F 222 22.42 26.91 38.00
N ALA F 223 21.51 26.76 38.97
CA ALA F 223 20.72 25.53 39.11
C ALA F 223 19.38 25.69 38.41
N LEU F 224 19.30 26.72 37.57
CA LEU F 224 18.09 27.06 36.82
C LEU F 224 17.49 25.92 36.02
N VAL F 225 16.17 25.80 36.07
CA VAL F 225 15.43 24.79 35.33
C VAL F 225 14.23 25.43 34.64
N THR F 226 14.09 25.15 33.35
CA THR F 226 12.96 25.68 32.59
C THR F 226 12.13 24.47 32.17
N TYR F 227 10.81 24.63 32.19
CA TYR F 227 9.91 23.52 31.87
C TYR F 227 9.23 23.57 30.51
N SER F 228 8.61 22.45 30.18
CA SER F 228 7.87 22.28 28.94
C SER F 228 6.48 21.92 29.45
N GLY F 229 5.46 22.05 28.61
CA GLY F 229 4.11 21.75 29.03
C GLY F 229 3.18 21.73 27.85
N ALA F 230 1.93 21.32 28.08
CA ALA F 230 0.96 21.27 27.00
C ALA F 230 -0.40 21.77 27.47
N ALA F 231 -1.26 22.09 26.52
CA ALA F 231 -2.60 22.59 26.83
C ALA F 231 -3.55 22.33 25.67
N VAL F 232 -4.84 22.17 26.00
CA VAL F 232 -5.89 21.94 25.02
C VAL F 232 -6.44 23.33 24.65
N LEU F 233 -6.82 23.50 23.38
CA LEU F 233 -7.35 24.79 22.91
C LEU F 233 -8.88 24.86 22.97
N LYS F 234 -9.39 26.08 23.16
CA LYS F 234 -10.84 26.28 23.23
C LYS F 234 -11.39 26.05 21.82
N SER F 235 -10.58 26.40 20.83
CA SER F 235 -10.93 26.24 19.43
C SER F 235 -10.53 24.82 19.04
N SER F 236 -11.09 23.84 19.74
CA SER F 236 -10.78 22.43 19.48
C SER F 236 -12.01 21.59 19.13
N GLN F 237 -12.09 21.21 17.86
CA GLN F 237 -13.17 20.38 17.37
C GLN F 237 -13.08 18.99 18.00
N ASN F 238 -11.97 18.73 18.68
CA ASN F 238 -11.73 17.45 19.34
C ASN F 238 -11.13 17.65 20.74
N LYS F 239 -11.96 18.09 21.68
CA LYS F 239 -11.52 18.33 23.05
C LYS F 239 -11.44 17.05 23.88
N ASP F 240 -12.21 16.05 23.49
CA ASP F 240 -12.21 14.80 24.23
C ASP F 240 -10.92 14.04 23.97
N GLU F 241 -10.50 13.98 22.71
CA GLU F 241 -9.28 13.28 22.36
C GLU F 241 -8.05 14.16 22.51
N ALA F 242 -8.27 15.46 22.70
CA ALA F 242 -7.16 16.41 22.88
C ALA F 242 -6.77 16.43 24.37
N LYS F 243 -7.77 16.43 25.23
CA LYS F 243 -7.57 16.44 26.68
C LYS F 243 -7.13 15.04 27.12
N LYS F 244 -7.68 14.02 26.46
CA LYS F 244 -7.33 12.64 26.75
C LYS F 244 -5.84 12.47 26.45
N PHE F 245 -5.33 13.27 25.52
CA PHE F 245 -3.92 13.23 25.14
C PHE F 245 -3.08 14.04 26.13
N VAL F 246 -3.60 15.20 26.55
CA VAL F 246 -2.87 16.04 27.48
C VAL F 246 -2.73 15.34 28.83
N ALA F 247 -3.65 14.43 29.14
CA ALA F 247 -3.60 13.68 30.38
C ALA F 247 -2.52 12.61 30.17
N PHE F 248 -2.51 12.05 28.96
CA PHE F 248 -1.54 11.03 28.57
C PHE F 248 -0.13 11.58 28.73
N LEU F 249 0.04 12.84 28.34
CA LEU F 249 1.33 13.51 28.42
C LEU F 249 1.85 13.67 29.85
N ALA F 250 0.94 13.70 30.82
CA ALA F 250 1.36 13.85 32.20
C ALA F 250 1.43 12.51 32.95
N GLY F 251 0.88 11.46 32.36
CA GLY F 251 0.88 10.14 32.99
C GLY F 251 2.15 9.31 32.91
N LYS F 252 2.25 8.32 33.79
CA LYS F 252 3.42 7.43 33.86
C LYS F 252 3.90 6.88 32.51
N GLU F 253 2.98 6.26 31.76
CA GLU F 253 3.35 5.70 30.47
C GLU F 253 3.69 6.81 29.47
N GLY F 254 3.07 7.97 29.64
CA GLY F 254 3.35 9.09 28.76
C GLY F 254 4.72 9.66 29.07
N GLN F 255 4.97 9.91 30.35
CA GLN F 255 6.25 10.45 30.82
C GLN F 255 7.44 9.54 30.48
N ARG F 256 7.20 8.23 30.43
CA ARG F 256 8.25 7.26 30.10
C ARG F 256 8.64 7.32 28.63
N ALA F 257 7.65 7.45 27.77
CA ALA F 257 7.89 7.53 26.34
C ALA F 257 8.74 8.75 26.04
N LEU F 258 8.68 9.73 26.93
CA LEU F 258 9.44 10.96 26.79
C LEU F 258 10.90 10.76 27.19
N THR F 259 11.13 10.35 28.44
CA THR F 259 12.49 10.15 28.93
C THR F 259 13.20 8.92 28.37
N ALA F 260 12.75 8.47 27.21
CA ALA F 260 13.36 7.33 26.55
C ALA F 260 14.12 7.92 25.37
N VAL F 261 13.57 8.99 24.82
CA VAL F 261 14.14 9.66 23.67
C VAL F 261 14.89 10.95 23.98
N ARG F 262 14.45 11.67 25.01
CA ARG F 262 15.05 12.95 25.39
C ARG F 262 15.45 12.97 26.86
N ALA F 263 16.56 13.63 27.17
CA ALA F 263 17.02 13.72 28.55
C ALA F 263 16.48 14.94 29.30
N GLU F 264 15.21 14.87 29.71
CA GLU F 264 14.55 15.93 30.46
C GLU F 264 14.08 15.34 31.80
N TYR F 265 14.02 16.17 32.83
CA TYR F 265 13.58 15.70 34.12
C TYR F 265 12.06 15.59 34.15
N PRO F 266 11.54 14.36 34.25
CA PRO F 266 10.10 14.08 34.29
C PRO F 266 9.51 14.71 35.53
N LEU F 267 8.31 15.25 35.42
CA LEU F 267 7.67 15.86 36.57
C LEU F 267 6.82 14.85 37.31
N ASN F 268 6.54 13.73 36.64
CA ASN F 268 5.77 12.65 37.25
C ASN F 268 6.72 11.94 38.20
N PRO F 269 6.31 11.77 39.48
CA PRO F 269 7.15 11.10 40.46
C PRO F 269 7.30 9.59 40.31
N HIS F 270 6.43 8.98 39.51
CA HIS F 270 6.45 7.53 39.31
C HIS F 270 7.23 7.07 38.09
N VAL F 271 8.15 7.90 37.59
CA VAL F 271 8.93 7.56 36.40
C VAL F 271 10.44 7.46 36.61
N VAL F 272 11.09 6.61 35.81
CA VAL F 272 12.53 6.39 35.88
C VAL F 272 13.17 6.59 34.53
N SER F 273 13.79 7.76 34.32
CA SER F 273 14.43 8.05 33.06
C SER F 273 15.37 6.93 32.61
N THR F 274 15.54 6.79 31.30
CA THR F 274 16.44 5.79 30.74
C THR F 274 17.80 6.45 30.74
N PHE F 275 17.81 7.70 31.20
CA PHE F 275 19.03 8.50 31.31
C PHE F 275 19.27 8.66 32.81
N ASN F 276 20.54 8.72 33.18
CA ASN F 276 20.91 8.85 34.58
C ASN F 276 20.62 10.23 35.15
N LEU F 277 19.34 10.51 35.30
CA LEU F 277 18.88 11.78 35.85
C LEU F 277 18.28 11.44 37.21
N GLU F 278 18.43 12.36 38.17
CA GLU F 278 17.90 12.16 39.51
C GLU F 278 16.52 12.80 39.60
N PRO F 279 15.77 12.54 40.67
CA PRO F 279 14.44 13.14 40.81
C PRO F 279 14.58 14.65 40.71
N ILE F 280 13.86 15.27 39.78
CA ILE F 280 13.94 16.72 39.57
C ILE F 280 14.08 17.54 40.86
N ALA F 281 13.45 17.08 41.94
CA ALA F 281 13.52 17.78 43.22
C ALA F 281 14.94 17.91 43.72
N LYS F 282 15.77 16.90 43.41
CA LYS F 282 17.16 16.87 43.84
C LYS F 282 18.01 17.96 43.18
N LEU F 283 17.55 18.48 42.05
CA LEU F 283 18.28 19.52 41.33
C LEU F 283 18.37 20.81 42.16
N GLU F 284 17.41 20.98 43.08
CA GLU F 284 17.37 22.16 43.93
C GLU F 284 17.43 23.43 43.09
N ALA F 285 16.63 23.45 42.02
CA ALA F 285 16.58 24.59 41.12
C ALA F 285 15.90 25.76 41.82
N PRO F 286 16.26 26.99 41.45
CA PRO F 286 15.63 28.14 42.10
C PRO F 286 14.18 28.31 41.67
N GLN F 287 13.47 29.15 42.43
CA GLN F 287 12.08 29.47 42.15
C GLN F 287 12.14 30.72 41.30
N VAL F 288 11.64 30.64 40.07
CA VAL F 288 11.68 31.78 39.16
C VAL F 288 10.34 32.04 38.46
N SER F 289 9.90 33.29 38.42
CA SER F 289 8.65 33.60 37.73
C SER F 289 8.93 33.45 36.23
N ALA F 290 7.88 33.25 35.45
CA ALA F 290 8.04 33.08 34.01
C ALA F 290 8.86 34.21 33.41
N THR F 291 9.25 34.06 32.16
CA THR F 291 10.02 35.09 31.47
C THR F 291 9.11 35.94 30.59
N THR F 292 9.28 37.25 30.69
CA THR F 292 8.48 38.19 29.91
C THR F 292 9.29 38.78 28.78
N VAL F 293 8.62 39.57 27.95
CA VAL F 293 9.25 40.21 26.82
C VAL F 293 10.26 41.30 27.23
N SER F 294 9.80 42.19 28.11
CA SER F 294 10.65 43.28 28.58
C SER F 294 11.83 42.79 29.41
N GLU F 295 11.64 41.64 30.05
CA GLU F 295 12.70 41.05 30.85
C GLU F 295 13.85 40.58 29.96
N LYS F 296 13.51 39.99 28.81
CA LYS F 296 14.53 39.53 27.88
C LYS F 296 15.17 40.75 27.22
N GLU F 297 14.37 41.78 26.99
CA GLU F 297 14.85 43.04 26.39
C GLU F 297 15.93 43.61 27.30
N HIS F 298 15.70 43.48 28.59
CA HIS F 298 16.61 43.96 29.62
C HIS F 298 17.84 43.06 29.69
N ALA F 299 17.65 41.76 29.45
CA ALA F 299 18.75 40.82 29.48
C ALA F 299 19.63 41.04 28.25
N THR F 300 18.99 41.38 27.14
CA THR F 300 19.70 41.63 25.89
C THR F 300 20.54 42.91 25.99
N ARG F 301 20.08 43.85 26.79
CA ARG F 301 20.78 45.11 26.98
C ARG F 301 22.02 44.86 27.82
N LEU F 302 21.85 44.09 28.89
CA LEU F 302 22.95 43.76 29.79
C LEU F 302 24.04 43.03 29.03
N LEU F 303 23.69 42.44 27.89
CA LEU F 303 24.65 41.74 27.06
C LEU F 303 25.46 42.78 26.32
N GLU F 304 24.75 43.66 25.60
CA GLU F 304 25.38 44.73 24.85
C GLU F 304 26.19 45.58 25.83
N GLN F 305 25.77 45.56 27.10
CA GLN F 305 26.44 46.31 28.17
C GLN F 305 27.69 45.59 28.67
N ALA F 306 27.67 44.25 28.62
CA ALA F 306 28.80 43.45 29.06
C ALA F 306 29.85 43.32 27.96
N GLY F 307 29.46 43.63 26.73
CA GLY F 307 30.39 43.56 25.61
C GLY F 307 30.32 42.27 24.82
N MET F 308 29.28 41.49 25.06
CA MET F 308 29.10 40.22 24.37
C MET F 308 28.36 40.44 23.06
N LYS F 309 27.22 41.13 23.15
CA LYS F 309 26.41 41.43 21.97
C LYS F 309 26.79 42.79 21.42
N ASP G 1 31.60 21.21 6.67
CA ASP G 1 31.30 21.30 5.22
C ASP G 1 31.27 19.91 4.60
N ILE G 2 30.49 19.75 3.53
CA ILE G 2 30.38 18.46 2.84
C ILE G 2 30.43 18.61 1.32
N THR G 3 30.88 17.55 0.66
CA THR G 3 30.96 17.51 -0.80
C THR G 3 29.81 16.62 -1.26
N VAL G 4 28.76 17.25 -1.78
CA VAL G 4 27.59 16.50 -2.24
C VAL G 4 27.61 16.15 -3.73
N TYR G 5 27.45 14.86 -3.99
CA TYR G 5 27.38 14.36 -5.35
C TYR G 5 25.95 14.64 -5.74
N ASN G 6 25.76 15.57 -6.67
CA ASN G 6 24.45 15.98 -7.12
C ASN G 6 23.99 15.36 -8.44
N GLY G 7 22.81 14.76 -8.41
CA GLY G 7 22.24 14.16 -9.60
C GLY G 7 21.04 15.00 -9.99
N GLN G 8 20.44 15.63 -9.00
CA GLN G 8 19.27 16.50 -9.19
C GLN G 8 19.57 17.66 -10.13
N HIS G 9 18.62 18.58 -10.24
CA HIS G 9 18.77 19.74 -11.12
C HIS G 9 19.68 20.77 -10.46
N LYS G 10 20.73 21.17 -11.17
CA LYS G 10 21.70 22.14 -10.66
C LYS G 10 21.07 23.29 -9.88
N GLU G 11 20.15 24.00 -10.51
CA GLU G 11 19.48 25.15 -9.88
C GLU G 11 18.57 24.74 -8.70
N ALA G 12 18.07 23.52 -8.71
CA ALA G 12 17.21 23.02 -7.64
C ALA G 12 18.08 22.52 -6.50
N ALA G 13 19.16 21.85 -6.87
CA ALA G 13 20.10 21.29 -5.91
C ALA G 13 20.85 22.44 -5.28
N GLN G 14 21.10 23.46 -6.09
CA GLN G 14 21.81 24.61 -5.58
C GLN G 14 20.97 25.44 -4.64
N ALA G 15 19.69 25.57 -4.97
CA ALA G 15 18.77 26.33 -4.15
C ALA G 15 18.63 25.63 -2.81
N VAL G 16 18.42 24.33 -2.85
CA VAL G 16 18.27 23.53 -1.63
C VAL G 16 19.59 23.41 -0.89
N ALA G 17 20.68 23.85 -1.53
CA ALA G 17 22.00 23.81 -0.92
C ALA G 17 22.23 25.15 -0.23
N ASP G 18 22.03 26.23 -0.97
CA ASP G 18 22.17 27.58 -0.42
C ASP G 18 21.20 27.64 0.75
N ALA G 19 20.09 26.91 0.61
CA ALA G 19 19.05 26.84 1.62
C ALA G 19 19.46 26.04 2.85
N PHE G 20 20.56 25.31 2.74
CA PHE G 20 21.06 24.53 3.88
C PHE G 20 22.17 25.29 4.57
N THR G 21 23.02 25.92 3.78
CA THR G 21 24.13 26.70 4.31
C THR G 21 23.66 27.89 5.13
N ARG G 22 22.99 28.83 4.48
CA ARG G 22 22.47 30.03 5.12
C ARG G 22 21.75 29.74 6.45
N ALA G 23 21.11 28.59 6.55
CA ALA G 23 20.37 28.22 7.77
C ALA G 23 21.17 27.48 8.84
N THR G 24 22.31 26.92 8.49
CA THR G 24 23.14 26.20 9.46
C THR G 24 24.59 26.65 9.46
N GLY G 25 24.95 27.47 8.48
CA GLY G 25 26.32 27.95 8.38
C GLY G 25 27.17 26.98 7.59
N ILE G 26 26.80 25.70 7.63
CA ILE G 26 27.53 24.65 6.93
C ILE G 26 27.48 24.87 5.41
N LYS G 27 28.60 24.65 4.73
CA LYS G 27 28.66 24.84 3.29
C LYS G 27 28.66 23.50 2.55
N VAL G 28 28.12 23.51 1.33
CA VAL G 28 28.01 22.30 0.52
C VAL G 28 28.60 22.47 -0.90
N LYS G 29 29.51 21.58 -1.28
CA LYS G 29 30.12 21.60 -2.60
C LYS G 29 29.40 20.58 -3.49
N LEU G 30 28.76 21.07 -4.55
CA LEU G 30 28.03 20.19 -5.45
C LEU G 30 28.86 19.67 -6.64
N ASN G 31 28.90 18.35 -6.77
CA ASN G 31 29.61 17.67 -7.85
C ASN G 31 28.50 17.08 -8.72
N SER G 32 28.23 17.72 -9.85
CA SER G 32 27.16 17.26 -10.72
C SER G 32 27.54 16.22 -11.78
N ALA G 33 26.59 15.32 -12.01
CA ALA G 33 26.72 14.24 -12.97
C ALA G 33 25.50 13.35 -12.74
N LYS G 34 24.96 12.79 -13.82
CA LYS G 34 23.78 11.93 -13.71
C LYS G 34 23.90 10.88 -12.61
N GLY G 35 22.76 10.52 -12.03
CA GLY G 35 22.72 9.53 -10.96
C GLY G 35 23.61 8.31 -11.12
N ASP G 36 23.54 7.68 -12.30
CA ASP G 36 24.34 6.50 -12.60
C ASP G 36 25.83 6.81 -12.68
N GLN G 37 26.15 7.97 -13.25
CA GLN G 37 27.54 8.40 -13.40
C GLN G 37 28.21 8.55 -12.04
N LEU G 38 27.53 9.23 -11.12
CA LEU G 38 28.06 9.47 -9.77
C LEU G 38 28.13 8.19 -8.93
N ALA G 39 27.07 7.39 -8.97
CA ALA G 39 27.05 6.15 -8.21
C ALA G 39 28.17 5.27 -8.74
N GLY G 40 28.15 5.04 -10.04
CA GLY G 40 29.18 4.22 -10.67
C GLY G 40 30.58 4.72 -10.35
N GLN G 41 30.70 6.03 -10.16
CA GLN G 41 31.99 6.65 -9.85
C GLN G 41 32.39 6.39 -8.41
N ILE G 42 31.40 6.25 -7.53
CA ILE G 42 31.67 6.00 -6.12
C ILE G 42 32.12 4.56 -5.92
N LYS G 43 31.61 3.64 -6.74
CA LYS G 43 31.99 2.24 -6.63
C LYS G 43 33.46 2.10 -6.99
N GLU G 44 33.96 3.06 -7.77
CA GLU G 44 35.36 3.06 -8.20
C GLU G 44 36.18 3.72 -7.10
N GLU G 45 35.64 4.81 -6.55
CA GLU G 45 36.31 5.55 -5.49
C GLU G 45 36.39 4.72 -4.22
N GLY G 46 35.26 4.16 -3.82
CA GLY G 46 35.21 3.36 -2.62
C GLY G 46 35.49 4.18 -1.39
N SER G 47 36.10 3.56 -0.38
CA SER G 47 36.43 4.24 0.87
C SER G 47 37.21 5.53 0.62
N ARG G 48 37.74 5.68 -0.59
CA ARG G 48 38.51 6.85 -0.97
C ARG G 48 37.64 7.90 -1.67
N SER G 49 36.33 7.79 -1.52
CA SER G 49 35.39 8.72 -2.15
C SER G 49 35.26 10.05 -1.41
N PRO G 50 35.17 11.17 -2.16
CA PRO G 50 35.05 12.51 -1.58
C PRO G 50 33.60 12.85 -1.22
N ALA G 51 32.68 12.03 -1.71
CA ALA G 51 31.25 12.20 -1.48
C ALA G 51 30.82 11.88 -0.04
N ASP G 52 30.01 12.77 0.52
CA ASP G 52 29.50 12.60 1.87
C ASP G 52 28.02 12.31 1.72
N VAL G 53 27.46 12.81 0.63
CA VAL G 53 26.05 12.63 0.31
C VAL G 53 25.85 12.51 -1.19
N PHE G 54 24.96 11.60 -1.59
CA PHE G 54 24.66 11.39 -2.98
C PHE G 54 23.23 11.85 -3.28
N TYR G 55 23.12 13.11 -3.70
CA TYR G 55 21.83 13.71 -4.03
C TYR G 55 21.46 13.13 -5.40
N SER G 56 20.77 11.99 -5.40
CA SER G 56 20.39 11.29 -6.63
C SER G 56 18.97 11.50 -7.12
N GLU G 57 18.79 11.45 -8.44
CA GLU G 57 17.47 11.63 -9.06
C GLU G 57 16.93 10.30 -9.55
N GLN G 58 17.10 9.25 -8.76
CA GLN G 58 16.63 7.91 -9.12
C GLN G 58 17.02 6.91 -8.05
N ILE G 59 16.04 6.17 -7.52
CA ILE G 59 16.35 5.19 -6.49
C ILE G 59 17.18 4.01 -7.06
N PRO G 60 17.19 3.83 -8.39
CA PRO G 60 17.99 2.71 -8.92
C PRO G 60 19.49 2.96 -8.66
N ALA G 61 19.96 4.16 -8.98
CA ALA G 61 21.36 4.53 -8.78
C ALA G 61 21.70 4.49 -7.29
N LEU G 62 20.66 4.60 -6.46
CA LEU G 62 20.83 4.54 -5.01
C LEU G 62 20.94 3.07 -4.59
N ALA G 63 20.16 2.21 -5.25
CA ALA G 63 20.16 0.78 -4.98
C ALA G 63 21.55 0.19 -5.23
N THR G 64 22.13 0.57 -6.38
CA THR G 64 23.46 0.13 -6.75
C THR G 64 24.40 0.29 -5.57
N LEU G 65 24.66 1.54 -5.19
CA LEU G 65 25.54 1.86 -4.06
C LEU G 65 24.99 1.27 -2.76
N SER G 66 23.73 0.84 -2.78
CA SER G 66 23.10 0.25 -1.60
C SER G 66 23.51 -1.21 -1.52
N ALA G 67 23.36 -1.93 -2.63
CA ALA G 67 23.73 -3.34 -2.68
C ALA G 67 25.18 -3.52 -2.28
N ALA G 68 26.04 -2.64 -2.77
CA ALA G 68 27.47 -2.72 -2.47
C ALA G 68 27.85 -2.17 -1.10
N ASN G 69 26.92 -2.22 -0.16
CA ASN G 69 27.13 -1.75 1.22
C ASN G 69 28.04 -0.52 1.35
N LEU G 70 27.69 0.56 0.67
CA LEU G 70 28.48 1.80 0.72
C LEU G 70 27.70 2.97 1.30
N LEU G 71 26.43 2.75 1.62
CA LEU G 71 25.58 3.81 2.16
C LEU G 71 25.44 3.77 3.67
N GLU G 72 25.58 4.93 4.28
CA GLU G 72 25.48 5.08 5.73
C GLU G 72 24.03 5.10 6.22
N PRO G 73 23.73 4.38 7.31
CA PRO G 73 22.38 4.31 7.88
C PRO G 73 21.97 5.63 8.53
N LEU G 74 20.70 5.98 8.36
CA LEU G 74 20.16 7.20 8.94
C LEU G 74 18.96 6.88 9.82
N PRO G 75 18.74 7.69 10.86
CA PRO G 75 17.61 7.46 11.77
C PRO G 75 16.28 7.51 11.03
N ALA G 76 15.32 6.72 11.50
CA ALA G 76 14.01 6.68 10.88
C ALA G 76 13.42 8.10 10.86
N SER G 77 13.85 8.91 11.82
CA SER G 77 13.38 10.30 11.93
C SER G 77 13.62 11.07 10.65
N THR G 78 14.39 10.48 9.74
CA THR G 78 14.67 11.10 8.44
C THR G 78 13.93 10.32 7.37
N ILE G 79 14.09 9.00 7.44
CA ILE G 79 13.49 8.09 6.48
C ILE G 79 11.97 8.11 6.43
N ASN G 80 11.33 8.18 7.60
CA ASN G 80 9.88 8.17 7.66
C ASN G 80 9.19 9.52 7.48
N GLU G 81 9.97 10.58 7.25
CA GLU G 81 9.40 11.91 7.05
C GLU G 81 8.84 12.06 5.64
N THR G 82 9.01 11.03 4.81
CA THR G 82 8.53 11.07 3.44
C THR G 82 7.70 9.82 3.16
N ARG G 83 7.89 8.81 3.99
CA ARG G 83 7.17 7.55 3.83
C ARG G 83 5.69 7.79 3.57
N GLY G 84 5.21 7.16 2.51
CA GLY G 84 3.82 7.27 2.14
C GLY G 84 3.58 6.08 1.26
N LYS G 85 2.32 5.78 0.95
CA LYS G 85 2.02 4.63 0.11
C LYS G 85 2.63 4.82 -1.28
N GLY G 86 3.27 3.77 -1.79
CA GLY G 86 3.89 3.84 -3.11
C GLY G 86 5.26 4.48 -3.09
N VAL G 87 5.53 5.28 -2.06
CA VAL G 87 6.81 5.95 -1.93
C VAL G 87 7.87 4.92 -1.59
N PRO G 88 8.88 4.77 -2.46
CA PRO G 88 9.98 3.83 -2.27
C PRO G 88 10.60 3.90 -0.88
N VAL G 89 10.71 2.73 -0.24
CA VAL G 89 11.30 2.63 1.09
C VAL G 89 12.61 1.88 0.97
N ALA G 90 13.61 2.28 1.76
CA ALA G 90 14.91 1.63 1.74
C ALA G 90 14.93 0.55 2.80
N ALA G 91 14.80 -0.71 2.36
CA ALA G 91 14.79 -1.86 3.27
C ALA G 91 15.93 -1.79 4.27
N LYS G 92 17.14 -1.55 3.78
CA LYS G 92 18.31 -1.46 4.63
C LYS G 92 18.39 -0.06 5.23
N LYS G 93 17.44 0.79 4.86
CA LYS G 93 17.38 2.17 5.33
C LYS G 93 18.66 2.93 5.02
N ASP G 94 19.18 2.71 3.82
CA ASP G 94 20.41 3.36 3.37
C ASP G 94 20.11 4.76 2.83
N TRP G 95 19.01 4.87 2.11
CA TRP G 95 18.61 6.13 1.52
C TRP G 95 17.17 6.50 1.87
N VAL G 96 16.71 7.59 1.26
CA VAL G 96 15.36 8.09 1.47
C VAL G 96 14.87 8.84 0.25
N ALA G 97 13.64 8.55 -0.17
CA ALA G 97 13.04 9.21 -1.31
C ALA G 97 12.49 10.54 -0.80
N LEU G 98 12.77 11.61 -1.53
CA LEU G 98 12.31 12.94 -1.14
C LEU G 98 11.15 13.47 -1.98
N SER G 99 11.32 13.53 -3.30
CA SER G 99 10.25 14.02 -4.17
C SER G 99 10.04 13.10 -5.37
N GLY G 100 9.29 13.57 -6.35
CA GLY G 100 9.04 12.76 -7.53
C GLY G 100 8.47 13.53 -8.70
N ARG G 101 8.78 13.04 -9.89
CA ARG G 101 8.30 13.64 -11.13
C ARG G 101 7.32 12.66 -11.71
N SER G 102 6.36 13.16 -12.49
CA SER G 102 5.37 12.27 -13.07
C SER G 102 5.40 12.32 -14.60
N ARG G 103 4.77 11.33 -15.21
CA ARG G 103 4.67 11.25 -16.67
C ARG G 103 3.44 12.06 -17.01
N VAL G 104 3.58 13.01 -17.93
CA VAL G 104 2.45 13.84 -18.31
C VAL G 104 2.24 13.85 -19.81
N VAL G 105 1.19 14.53 -20.23
CA VAL G 105 0.86 14.67 -21.64
C VAL G 105 0.56 16.14 -21.87
N VAL G 106 1.49 16.84 -22.51
CA VAL G 106 1.28 18.25 -22.79
C VAL G 106 0.51 18.30 -24.10
N TYR G 107 -0.61 19.01 -24.09
CA TYR G 107 -1.43 19.13 -25.29
C TYR G 107 -1.64 20.61 -25.64
N ASP G 108 -1.96 20.87 -26.90
CA ASP G 108 -2.19 22.22 -27.38
C ASP G 108 -3.64 22.65 -27.18
N THR G 109 -3.83 23.65 -26.31
CA THR G 109 -5.15 24.20 -26.01
C THR G 109 -5.91 24.49 -27.29
N ARG G 110 -5.22 25.13 -28.23
CA ARG G 110 -5.79 25.49 -29.52
C ARG G 110 -6.17 24.28 -30.36
N LYS G 111 -5.87 23.08 -29.86
CA LYS G 111 -6.16 21.85 -30.59
C LYS G 111 -6.98 20.81 -29.81
N LEU G 112 -6.63 20.59 -28.55
CA LEU G 112 -7.32 19.58 -27.75
C LEU G 112 -7.80 20.03 -26.37
N SER G 113 -8.75 19.27 -25.83
CA SER G 113 -9.33 19.50 -24.51
C SER G 113 -9.29 18.18 -23.76
N GLU G 114 -9.38 18.24 -22.43
CA GLU G 114 -9.33 17.01 -21.62
C GLU G 114 -10.27 15.92 -22.11
N LYS G 115 -11.38 16.31 -22.73
CA LYS G 115 -12.37 15.37 -23.25
C LYS G 115 -11.80 14.53 -24.38
N ASP G 116 -10.73 15.00 -25.01
CA ASP G 116 -10.11 14.32 -26.14
C ASP G 116 -8.95 13.40 -25.78
N LEU G 117 -8.15 13.81 -24.81
CA LEU G 117 -7.02 13.00 -24.39
C LEU G 117 -7.44 11.57 -24.09
N GLU G 118 -6.49 10.64 -24.19
CA GLU G 118 -6.78 9.23 -23.93
C GLU G 118 -6.77 8.93 -22.43
N LYS G 119 -7.70 8.05 -22.02
CA LYS G 119 -7.84 7.66 -20.63
C LYS G 119 -6.69 6.75 -20.21
N SER G 120 -5.85 6.42 -21.19
CA SER G 120 -4.67 5.57 -20.97
C SER G 120 -3.59 5.99 -21.99
N VAL G 121 -2.34 5.74 -21.64
CA VAL G 121 -1.21 6.10 -22.49
C VAL G 121 -0.97 5.06 -23.58
N LEU G 122 -1.48 3.84 -23.37
CA LEU G 122 -1.32 2.76 -24.34
C LEU G 122 -2.05 3.08 -25.65
N ASN G 123 -3.11 3.87 -25.55
CA ASN G 123 -3.94 4.24 -26.68
C ASN G 123 -3.39 5.29 -27.65
N TYR G 124 -2.28 5.91 -27.30
CA TYR G 124 -1.66 6.92 -28.16
C TYR G 124 -0.80 6.18 -29.19
N ALA G 125 -0.86 4.84 -29.13
CA ALA G 125 -0.12 3.96 -30.02
C ALA G 125 -1.07 3.34 -31.03
N THR G 126 -1.95 4.16 -31.58
CA THR G 126 -2.91 3.70 -32.59
C THR G 126 -3.06 4.77 -33.67
N PRO G 127 -3.64 4.40 -34.82
CA PRO G 127 -3.85 5.30 -35.97
C PRO G 127 -4.40 6.68 -35.62
N LYS G 128 -5.41 6.72 -34.76
CA LYS G 128 -6.05 7.97 -34.35
C LYS G 128 -5.09 9.13 -34.05
N TRP G 129 -4.02 8.85 -33.31
CA TRP G 129 -3.07 9.88 -32.95
C TRP G 129 -1.90 9.98 -33.92
N LYS G 130 -2.10 9.49 -35.14
CA LYS G 130 -1.06 9.54 -36.16
C LYS G 130 -0.68 10.99 -36.38
N ASN G 131 0.60 11.30 -36.19
CA ASN G 131 1.12 12.67 -36.36
C ASN G 131 0.44 13.72 -35.47
N ARG G 132 -0.28 13.28 -34.45
CA ARG G 132 -0.95 14.20 -33.55
C ARG G 132 -0.42 14.03 -32.13
N ILE G 133 0.62 13.22 -31.98
CA ILE G 133 1.22 12.98 -30.67
C ILE G 133 2.73 13.05 -30.83
N GLY G 134 3.45 13.05 -29.71
CA GLY G 134 4.90 13.12 -29.78
C GLY G 134 5.57 12.42 -28.62
N TYR G 135 6.73 11.83 -28.90
CA TYR G 135 7.51 11.11 -27.90
C TYR G 135 9.02 11.35 -28.09
N VAL G 136 9.78 11.08 -27.03
CA VAL G 136 11.24 11.26 -27.02
C VAL G 136 11.87 9.87 -26.84
N PRO G 137 12.14 9.17 -27.96
CA PRO G 137 12.74 7.82 -27.99
C PRO G 137 14.07 7.66 -27.27
N THR G 138 14.74 8.78 -26.98
CA THR G 138 16.03 8.76 -26.30
C THR G 138 15.90 9.23 -24.86
N SER G 139 14.66 9.50 -24.45
CA SER G 139 14.38 9.97 -23.11
C SER G 139 14.56 8.86 -22.07
N GLY G 140 15.46 9.07 -21.11
CA GLY G 140 15.68 8.08 -20.07
C GLY G 140 14.38 7.83 -19.34
N ALA G 141 13.50 8.83 -19.37
CA ALA G 141 12.20 8.72 -18.74
C ALA G 141 11.31 7.90 -19.65
N PHE G 142 11.55 8.01 -20.95
CA PHE G 142 10.76 7.25 -21.92
C PHE G 142 11.08 5.77 -21.76
N LEU G 143 12.32 5.49 -21.35
CA LEU G 143 12.75 4.12 -21.13
C LEU G 143 12.03 3.56 -19.92
N GLU G 144 12.02 4.34 -18.85
CA GLU G 144 11.35 3.95 -17.61
C GLU G 144 9.89 3.64 -17.87
N GLN G 145 9.28 4.33 -18.85
CA GLN G 145 7.88 4.12 -19.20
C GLN G 145 7.70 2.74 -19.80
N ILE G 146 8.65 2.33 -20.62
CA ILE G 146 8.59 1.01 -21.24
C ILE G 146 8.70 0.01 -20.10
N VAL G 147 9.69 0.23 -19.23
CA VAL G 147 9.92 -0.63 -18.08
C VAL G 147 8.66 -0.73 -17.22
N ALA G 148 7.97 0.38 -17.03
CA ALA G 148 6.75 0.38 -16.22
C ALA G 148 5.68 -0.47 -16.90
N ILE G 149 5.61 -0.41 -18.23
CA ILE G 149 4.60 -1.18 -18.96
C ILE G 149 4.86 -2.69 -18.96
N VAL G 150 6.10 -3.11 -19.17
CA VAL G 150 6.41 -4.53 -19.17
C VAL G 150 6.07 -5.15 -17.82
N LYS G 151 6.27 -4.38 -16.74
CA LYS G 151 5.97 -4.86 -15.39
C LYS G 151 4.49 -4.74 -15.05
N LEU G 152 3.78 -3.86 -15.75
CA LEU G 152 2.36 -3.66 -15.48
C LEU G 152 1.44 -4.44 -16.40
N LYS G 153 1.76 -4.45 -17.70
CA LYS G 153 0.93 -5.16 -18.67
C LYS G 153 1.58 -6.42 -19.24
N GLY G 154 2.91 -6.41 -19.31
CA GLY G 154 3.63 -7.55 -19.85
C GLY G 154 4.54 -7.10 -20.98
N GLU G 155 5.28 -8.04 -21.56
CA GLU G 155 6.20 -7.72 -22.66
C GLU G 155 5.50 -7.45 -23.99
N ALA G 156 4.36 -8.09 -24.20
CA ALA G 156 3.61 -7.93 -25.44
C ALA G 156 2.94 -6.56 -25.56
N ALA G 157 2.41 -6.04 -24.47
CA ALA G 157 1.76 -4.73 -24.48
C ALA G 157 2.78 -3.60 -24.56
N ALA G 158 3.97 -3.84 -23.99
CA ALA G 158 5.03 -2.84 -24.01
C ALA G 158 5.67 -2.77 -25.38
N LEU G 159 5.64 -3.88 -26.09
CA LEU G 159 6.19 -3.95 -27.43
C LEU G 159 5.12 -3.45 -28.40
N LYS G 160 3.88 -3.83 -28.11
CA LYS G 160 2.73 -3.43 -28.91
C LYS G 160 2.57 -1.92 -28.81
N TRP G 161 3.00 -1.36 -27.69
CA TRP G 161 2.90 0.07 -27.46
C TRP G 161 4.01 0.82 -28.20
N LEU G 162 5.23 0.30 -28.16
CA LEU G 162 6.34 0.95 -28.84
C LEU G 162 6.19 0.92 -30.36
N LYS G 163 5.43 -0.04 -30.87
CA LYS G 163 5.21 -0.15 -32.31
C LYS G 163 4.22 0.90 -32.80
N GLY G 164 3.14 1.10 -32.03
CA GLY G 164 2.14 2.08 -32.41
C GLY G 164 2.70 3.49 -32.40
N LEU G 165 3.76 3.70 -31.63
CA LEU G 165 4.43 5.01 -31.52
C LEU G 165 5.44 5.23 -32.62
N LYS G 166 5.94 4.15 -33.21
CA LYS G 166 6.94 4.25 -34.27
C LYS G 166 6.28 4.39 -35.64
N GLU G 167 5.07 3.89 -35.77
CA GLU G 167 4.34 3.97 -37.03
C GLU G 167 3.32 5.11 -37.00
N TYR G 168 2.90 5.50 -35.81
CA TYR G 168 1.92 6.56 -35.64
C TYR G 168 2.42 7.82 -34.93
N GLY G 169 3.52 7.69 -34.19
CA GLY G 169 4.08 8.81 -33.46
C GLY G 169 5.06 9.69 -34.20
N LYS G 170 5.49 10.75 -33.53
CA LYS G 170 6.44 11.72 -34.06
C LYS G 170 7.53 11.96 -33.01
N PRO G 171 8.73 11.41 -33.24
CA PRO G 171 9.89 11.52 -32.34
C PRO G 171 10.60 12.87 -32.33
N TYR G 172 10.98 13.30 -31.13
CA TYR G 172 11.68 14.57 -30.92
C TYR G 172 12.96 14.35 -30.12
N ALA G 173 13.93 15.24 -30.34
CA ALA G 173 15.22 15.15 -29.66
C ALA G 173 15.09 15.03 -28.15
N LYS G 174 14.77 16.15 -27.49
CA LYS G 174 14.61 16.16 -26.04
C LYS G 174 13.20 16.57 -25.66
N ASN G 175 12.89 16.47 -24.37
CA ASN G 175 11.56 16.82 -23.85
C ASN G 175 11.26 18.29 -24.03
N SER G 176 12.29 19.12 -23.90
CA SER G 176 12.12 20.56 -24.07
C SER G 176 11.87 20.83 -25.55
N VAL G 177 12.45 20.00 -26.40
CA VAL G 177 12.29 20.13 -27.86
C VAL G 177 10.85 19.83 -28.27
N ALA G 178 10.33 18.68 -27.84
CA ALA G 178 8.97 18.28 -28.15
C ALA G 178 7.95 19.21 -27.49
N LEU G 179 8.31 19.73 -26.33
CA LEU G 179 7.44 20.65 -25.60
C LEU G 179 7.21 21.87 -26.46
N GLN G 180 8.29 22.36 -27.08
CA GLN G 180 8.24 23.52 -27.95
C GLN G 180 7.35 23.28 -29.16
N ALA G 181 7.41 22.07 -29.70
CA ALA G 181 6.62 21.69 -30.87
C ALA G 181 5.12 21.86 -30.66
N VAL G 182 4.61 21.46 -29.50
CA VAL G 182 3.18 21.56 -29.21
C VAL G 182 2.76 22.99 -28.88
N GLU G 183 3.69 23.79 -28.35
CA GLU G 183 3.43 25.18 -27.98
C GLU G 183 3.38 26.05 -29.24
N ASN G 184 4.07 25.60 -30.28
CA ASN G 184 4.11 26.32 -31.55
C ASN G 184 3.32 25.60 -32.64
N GLY G 185 2.19 25.02 -32.24
CA GLY G 185 1.31 24.33 -33.16
C GLY G 185 1.83 23.25 -34.10
N GLU G 186 2.97 22.64 -33.76
CA GLU G 186 3.51 21.58 -34.61
C GLU G 186 2.64 20.33 -34.51
N ILE G 187 2.65 19.68 -33.34
CA ILE G 187 1.86 18.47 -33.11
C ILE G 187 0.85 18.71 -31.98
N ASP G 188 -0.26 17.98 -32.03
CA ASP G 188 -1.32 18.08 -31.05
C ASP G 188 -0.89 17.83 -29.61
N ALA G 189 -0.43 16.62 -29.32
CA ALA G 189 -0.01 16.25 -27.97
C ALA G 189 1.41 15.69 -27.92
N ALA G 190 1.96 15.60 -26.72
CA ALA G 190 3.30 15.07 -26.53
C ALA G 190 3.46 14.44 -25.13
N LEU G 191 4.18 13.33 -25.07
CA LEU G 191 4.43 12.63 -23.81
C LEU G 191 5.74 13.14 -23.22
N ILE G 192 5.67 13.78 -22.06
CA ILE G 192 6.86 14.30 -21.40
C ILE G 192 6.75 14.19 -19.89
N ASN G 193 7.73 14.78 -19.20
CA ASN G 193 7.75 14.77 -17.74
C ASN G 193 7.15 16.09 -17.26
N ASN G 194 6.34 16.01 -16.21
CA ASN G 194 5.65 17.18 -15.64
C ASN G 194 6.48 18.43 -15.37
N TYR G 195 7.62 18.29 -14.71
CA TYR G 195 8.46 19.40 -14.31
C TYR G 195 8.91 20.33 -15.44
N TYR G 196 8.99 19.81 -16.67
CA TYR G 196 9.41 20.64 -17.80
C TYR G 196 8.39 21.76 -18.11
N TRP G 197 7.09 21.44 -18.03
CA TRP G 197 6.05 22.44 -18.33
C TRP G 197 5.85 23.54 -17.30
N HIS G 198 5.57 23.14 -16.07
CA HIS G 198 5.31 24.06 -14.95
C HIS G 198 6.19 25.32 -14.85
N ALA G 199 7.41 25.25 -15.38
CA ALA G 199 8.31 26.39 -15.31
C ALA G 199 8.35 27.24 -16.59
N PHE G 200 8.25 26.60 -17.75
CA PHE G 200 8.23 27.37 -18.99
C PHE G 200 7.00 28.26 -18.92
N ALA G 201 6.04 27.81 -18.11
CA ALA G 201 4.80 28.54 -17.91
C ALA G 201 4.99 29.64 -16.86
N ARG G 202 5.86 29.40 -15.88
CA ARG G 202 6.10 30.39 -14.83
C ARG G 202 6.96 31.57 -15.31
N GLU G 203 8.04 31.26 -16.02
CA GLU G 203 8.96 32.27 -16.54
C GLU G 203 8.30 33.10 -17.64
N LYS G 204 7.32 32.50 -18.31
CA LYS G 204 6.61 33.18 -19.39
C LYS G 204 5.25 33.72 -18.92
N GLY G 205 4.63 33.02 -17.98
CA GLY G 205 3.32 33.42 -17.49
C GLY G 205 2.27 32.48 -18.06
N VAL G 206 1.49 31.85 -17.19
CA VAL G 206 0.48 30.90 -17.67
C VAL G 206 -0.39 31.41 -18.81
N GLN G 207 -1.10 32.51 -18.60
CA GLN G 207 -2.00 33.08 -19.61
C GLN G 207 -1.36 33.21 -21.01
N ASN G 208 -0.03 33.20 -21.07
CA ASN G 208 0.69 33.34 -22.33
C ASN G 208 0.94 32.03 -23.09
N VAL G 209 1.10 30.94 -22.34
CA VAL G 209 1.36 29.65 -22.96
C VAL G 209 0.06 28.94 -23.39
N HIS G 210 0.10 28.32 -24.56
CA HIS G 210 -1.06 27.62 -25.14
C HIS G 210 -1.18 26.17 -24.64
N THR G 211 -0.08 25.62 -24.14
CA THR G 211 -0.08 24.26 -23.64
C THR G 211 -0.58 24.14 -22.21
N ARG G 212 -0.95 22.92 -21.85
CA ARG G 212 -1.45 22.59 -20.52
C ARG G 212 -1.24 21.09 -20.33
N LEU G 213 -1.05 20.64 -19.10
CA LEU G 213 -0.79 19.23 -18.84
C LEU G 213 -2.03 18.36 -18.57
N ASN G 214 -1.87 17.09 -18.90
CA ASN G 214 -2.92 16.09 -18.72
C ASN G 214 -2.36 14.96 -17.86
N PHE G 215 -3.22 14.34 -17.07
CA PHE G 215 -2.82 13.23 -16.21
C PHE G 215 -3.81 12.08 -16.39
N VAL G 216 -3.29 10.91 -16.76
CA VAL G 216 -4.12 9.73 -16.98
C VAL G 216 -4.53 9.06 -15.67
N ARG G 217 -3.67 9.16 -14.66
CA ARG G 217 -3.94 8.59 -13.34
C ARG G 217 -4.46 7.15 -13.40
N HIS G 218 -5.15 6.74 -12.35
CA HIS G 218 -5.72 5.39 -12.26
C HIS G 218 -4.67 4.28 -12.38
N ARG G 219 -3.53 4.48 -11.71
CA ARG G 219 -2.43 3.53 -11.72
C ARG G 219 -2.01 3.16 -13.15
N ASP G 220 -2.62 3.81 -14.12
CA ASP G 220 -2.29 3.59 -15.52
C ASP G 220 -0.80 3.83 -15.68
N PRO G 221 -0.12 3.05 -16.54
CA PRO G 221 1.32 3.25 -16.73
C PRO G 221 1.66 4.70 -17.10
N GLY G 222 0.80 5.36 -17.87
CA GLY G 222 1.04 6.73 -18.26
C GLY G 222 1.14 7.69 -17.07
N ALA G 223 0.78 7.19 -15.90
CA ALA G 223 0.82 7.98 -14.67
C ALA G 223 2.11 7.69 -13.90
N LEU G 224 3.09 7.12 -14.58
CA LEU G 224 4.37 6.78 -13.97
C LEU G 224 5.03 7.97 -13.27
N VAL G 225 5.34 7.78 -11.99
CA VAL G 225 6.00 8.82 -11.20
C VAL G 225 7.36 8.31 -10.74
N THR G 226 8.43 8.95 -11.22
CA THR G 226 9.78 8.56 -10.84
C THR G 226 10.22 9.27 -9.55
N TYR G 227 10.94 8.56 -8.69
CA TYR G 227 11.39 9.13 -7.42
C TYR G 227 12.89 9.39 -7.31
N SER G 228 13.23 10.45 -6.59
CA SER G 228 14.62 10.80 -6.36
C SER G 228 14.90 10.65 -4.87
N GLY G 229 16.16 10.63 -4.49
CA GLY G 229 16.50 10.48 -3.09
C GLY G 229 17.90 11.00 -2.80
N ALA G 230 18.44 10.59 -1.66
CA ALA G 230 19.78 11.00 -1.27
C ALA G 230 20.25 10.08 -0.15
N ALA G 231 21.56 10.06 0.07
CA ALA G 231 22.13 9.21 1.11
C ALA G 231 23.55 9.63 1.42
N VAL G 232 24.00 9.24 2.61
CA VAL G 232 25.35 9.52 3.08
C VAL G 232 26.13 8.24 2.81
N LEU G 233 27.42 8.39 2.54
CA LEU G 233 28.28 7.25 2.28
C LEU G 233 29.02 6.88 3.56
N LYS G 234 29.29 5.59 3.75
CA LYS G 234 30.00 5.13 4.94
C LYS G 234 31.39 5.75 4.97
N SER G 235 31.94 5.97 3.77
CA SER G 235 33.26 6.56 3.60
C SER G 235 33.20 8.06 3.84
N SER G 236 32.03 8.56 4.21
CA SER G 236 31.86 9.98 4.48
C SER G 236 32.72 10.37 5.68
N GLN G 237 33.46 11.46 5.55
CA GLN G 237 34.34 11.92 6.61
C GLN G 237 33.70 13.09 7.39
N ASN G 238 32.56 13.56 6.92
CA ASN G 238 31.81 14.64 7.56
C ASN G 238 30.37 14.14 7.71
N LYS G 239 30.27 12.83 7.93
CA LYS G 239 29.01 12.12 8.09
C LYS G 239 28.02 12.75 9.07
N ASP G 240 28.52 13.45 10.08
CA ASP G 240 27.65 14.09 11.07
C ASP G 240 26.87 15.19 10.38
N GLU G 241 27.52 15.84 9.42
CA GLU G 241 26.91 16.93 8.67
C GLU G 241 26.28 16.40 7.39
N ALA G 242 26.85 15.33 6.85
CA ALA G 242 26.35 14.72 5.62
C ALA G 242 24.96 14.17 5.92
N LYS G 243 24.76 13.75 7.16
CA LYS G 243 23.48 13.21 7.59
C LYS G 243 22.51 14.36 7.81
N LYS G 244 23.01 15.48 8.33
CA LYS G 244 22.20 16.65 8.58
C LYS G 244 21.66 17.17 7.26
N PHE G 245 22.49 17.11 6.22
CA PHE G 245 22.07 17.58 4.92
C PHE G 245 20.91 16.74 4.39
N VAL G 246 21.01 15.43 4.57
CA VAL G 246 19.96 14.52 4.12
C VAL G 246 18.71 14.68 5.00
N ALA G 247 18.93 14.99 6.27
CA ALA G 247 17.82 15.18 7.20
C ALA G 247 17.15 16.52 6.90
N PHE G 248 17.94 17.47 6.39
CA PHE G 248 17.44 18.79 6.03
C PHE G 248 16.61 18.68 4.75
N LEU G 249 17.17 17.98 3.77
CA LEU G 249 16.50 17.78 2.48
C LEU G 249 15.09 17.23 2.66
N ALA G 250 14.87 16.45 3.72
CA ALA G 250 13.57 15.87 4.00
C ALA G 250 12.66 16.85 4.75
N GLY G 251 13.22 17.49 5.77
CA GLY G 251 12.47 18.45 6.55
C GLY G 251 11.67 19.43 5.71
N LYS G 252 10.56 19.90 6.27
CA LYS G 252 9.67 20.84 5.60
C LYS G 252 10.44 21.92 4.84
N GLU G 253 11.33 22.60 5.55
CA GLU G 253 12.11 23.67 4.94
C GLU G 253 12.88 23.18 3.72
N GLY G 254 13.41 21.96 3.82
CA GLY G 254 14.16 21.40 2.70
C GLY G 254 13.22 21.19 1.51
N GLN G 255 12.01 20.74 1.82
CA GLN G 255 10.98 20.51 0.81
C GLN G 255 10.54 21.84 0.21
N ARG G 256 10.38 22.83 1.09
CA ARG G 256 9.95 24.15 0.68
C ARG G 256 11.02 24.82 -0.17
N ALA G 257 12.27 24.78 0.28
CA ALA G 257 13.36 25.39 -0.47
C ALA G 257 13.37 24.77 -1.86
N LEU G 258 13.00 23.48 -1.93
CA LEU G 258 12.97 22.78 -3.20
C LEU G 258 11.74 23.15 -4.01
N THR G 259 10.57 22.94 -3.43
CA THR G 259 9.30 23.23 -4.07
C THR G 259 9.15 24.69 -4.49
N ALA G 260 10.13 25.50 -4.14
CA ALA G 260 10.13 26.91 -4.49
C ALA G 260 10.72 27.13 -5.88
N VAL G 261 11.47 26.15 -6.37
CA VAL G 261 12.10 26.27 -7.68
C VAL G 261 11.84 25.15 -8.68
N ARG G 262 11.65 23.92 -8.20
CA ARG G 262 11.42 22.80 -9.09
C ARG G 262 10.02 22.21 -9.02
N ALA G 263 9.42 21.98 -10.18
CA ALA G 263 8.06 21.43 -10.25
C ALA G 263 8.03 19.94 -9.92
N GLU G 264 8.36 19.62 -8.67
CA GLU G 264 8.37 18.24 -8.23
C GLU G 264 7.38 18.01 -7.09
N TYR G 265 6.82 16.81 -7.02
CA TYR G 265 5.88 16.51 -5.96
C TYR G 265 6.61 16.10 -4.68
N PRO G 266 6.35 16.81 -3.57
CA PRO G 266 7.00 16.52 -2.30
C PRO G 266 6.45 15.23 -1.72
N LEU G 267 7.28 14.48 -1.01
CA LEU G 267 6.82 13.24 -0.39
C LEU G 267 6.53 13.54 1.07
N ASN G 268 6.67 14.81 1.43
CA ASN G 268 6.40 15.31 2.77
C ASN G 268 4.95 15.80 2.71
N PRO G 269 4.06 15.15 3.49
CA PRO G 269 2.63 15.50 3.52
C PRO G 269 2.32 16.91 3.98
N HIS G 270 3.29 17.56 4.62
CA HIS G 270 3.10 18.92 5.11
C HIS G 270 3.27 19.96 4.00
N VAL G 271 4.52 20.30 3.75
CA VAL G 271 4.92 21.29 2.76
C VAL G 271 4.06 21.41 1.52
N VAL G 272 3.77 22.66 1.16
CA VAL G 272 2.97 23.00 0.01
C VAL G 272 3.89 23.45 -1.12
N SER G 273 3.46 23.22 -2.36
CA SER G 273 4.26 23.61 -3.53
C SER G 273 4.04 25.06 -3.94
N THR G 274 4.98 25.57 -4.73
CA THR G 274 4.93 26.93 -5.24
C THR G 274 4.39 26.86 -6.66
N PHE G 275 4.18 25.63 -7.13
CA PHE G 275 3.64 25.38 -8.46
C PHE G 275 2.25 24.76 -8.35
N ASN G 276 1.54 24.73 -9.48
CA ASN G 276 0.20 24.17 -9.55
C ASN G 276 0.21 22.63 -9.44
N LEU G 277 0.72 22.12 -8.34
CA LEU G 277 0.78 20.67 -8.14
C LEU G 277 -0.21 20.16 -7.12
N GLU G 278 -0.93 19.09 -7.50
CA GLU G 278 -1.93 18.47 -6.64
C GLU G 278 -1.31 17.44 -5.69
N PRO G 279 -2.04 17.02 -4.64
CA PRO G 279 -1.53 16.03 -3.68
C PRO G 279 -0.97 14.83 -4.42
N ILE G 280 0.32 14.59 -4.27
CA ILE G 280 0.97 13.49 -4.96
C ILE G 280 0.19 12.17 -4.88
N ALA G 281 -0.49 11.92 -3.77
CA ALA G 281 -1.28 10.70 -3.62
C ALA G 281 -2.48 10.71 -4.56
N LYS G 282 -2.92 11.90 -4.94
CA LYS G 282 -4.06 12.07 -5.83
C LYS G 282 -3.69 11.78 -7.28
N LEU G 283 -2.40 11.61 -7.54
CA LEU G 283 -1.94 11.30 -8.89
C LEU G 283 -2.23 9.85 -9.21
N GLU G 284 -2.32 9.03 -8.16
CA GLU G 284 -2.62 7.61 -8.32
C GLU G 284 -1.68 6.97 -9.33
N ALA G 285 -0.38 7.05 -9.06
CA ALA G 285 0.63 6.48 -9.95
C ALA G 285 0.84 5.00 -9.66
N PRO G 286 0.91 4.17 -10.72
CA PRO G 286 1.12 2.75 -10.50
C PRO G 286 2.36 2.53 -9.65
N GLN G 287 2.32 1.54 -8.76
CA GLN G 287 3.47 1.24 -7.94
C GLN G 287 4.29 0.21 -8.71
N VAL G 288 5.55 0.52 -8.95
CA VAL G 288 6.44 -0.36 -9.69
C VAL G 288 7.80 -0.46 -9.01
N SER G 289 8.34 -1.67 -8.94
CA SER G 289 9.63 -1.88 -8.32
C SER G 289 10.66 -0.98 -9.00
N ALA G 290 11.79 -0.78 -8.34
CA ALA G 290 12.84 0.05 -8.92
C ALA G 290 13.25 -0.64 -10.21
N THR G 291 14.08 0.01 -11.02
CA THR G 291 14.51 -0.58 -12.29
C THR G 291 15.96 -1.06 -12.25
N THR G 292 16.15 -2.36 -12.48
CA THR G 292 17.50 -2.92 -12.47
C THR G 292 18.20 -2.78 -13.81
N VAL G 293 19.41 -3.32 -13.86
CA VAL G 293 20.24 -3.28 -15.04
C VAL G 293 19.73 -4.13 -16.20
N SER G 294 19.06 -5.23 -15.85
CA SER G 294 18.51 -6.16 -16.85
C SER G 294 17.27 -5.62 -17.54
N GLU G 295 16.43 -4.95 -16.77
CA GLU G 295 15.19 -4.38 -17.27
C GLU G 295 15.46 -3.27 -18.29
N LYS G 296 16.39 -2.37 -17.98
CA LYS G 296 16.71 -1.31 -18.92
C LYS G 296 17.18 -1.97 -20.21
N GLU G 297 17.86 -3.10 -20.05
CA GLU G 297 18.37 -3.88 -21.18
C GLU G 297 17.22 -4.45 -22.00
N HIS G 298 16.24 -5.02 -21.32
CA HIS G 298 15.10 -5.58 -22.01
C HIS G 298 14.36 -4.47 -22.75
N ALA G 299 14.24 -3.32 -22.09
CA ALA G 299 13.56 -2.15 -22.65
C ALA G 299 14.32 -1.55 -23.84
N THR G 300 15.64 -1.62 -23.78
CA THR G 300 16.47 -1.07 -24.86
C THR G 300 16.34 -1.91 -26.13
N ARG G 301 16.25 -3.23 -25.97
CA ARG G 301 16.11 -4.12 -27.11
C ARG G 301 14.74 -3.99 -27.74
N LEU G 302 13.74 -3.68 -26.92
CA LEU G 302 12.38 -3.50 -27.41
C LEU G 302 12.31 -2.22 -28.25
N LEU G 303 13.18 -1.26 -27.91
CA LEU G 303 13.25 0.01 -28.63
C LEU G 303 13.65 -0.25 -30.07
N GLU G 304 14.86 -0.76 -30.25
CA GLU G 304 15.37 -1.05 -31.58
C GLU G 304 14.46 -2.03 -32.33
N GLN G 305 13.86 -2.96 -31.61
CA GLN G 305 12.95 -3.91 -32.24
C GLN G 305 11.90 -3.08 -32.98
N ALA G 306 11.30 -2.15 -32.25
CA ALA G 306 10.29 -1.26 -32.81
C ALA G 306 10.93 -0.35 -33.85
N GLY G 307 12.25 -0.39 -33.94
CA GLY G 307 12.95 0.44 -34.91
C GLY G 307 13.35 1.81 -34.40
N MET G 308 13.24 2.01 -33.09
CA MET G 308 13.59 3.29 -32.48
C MET G 308 15.07 3.38 -32.13
N LYS G 309 15.82 2.31 -32.40
CA LYS G 309 17.25 2.28 -32.09
C LYS G 309 17.99 1.32 -33.02
N ASP H 1 -42.54 -15.23 34.02
CA ASP H 1 -42.30 -15.12 32.55
C ASP H 1 -42.17 -16.50 31.92
N ILE H 2 -43.08 -16.82 31.00
CA ILE H 2 -43.09 -18.10 30.33
C ILE H 2 -42.83 -17.95 28.83
N THR H 3 -42.50 -19.08 28.18
CA THR H 3 -42.24 -19.11 26.74
C THR H 3 -43.40 -19.91 26.15
N VAL H 4 -44.03 -19.38 25.10
CA VAL H 4 -45.17 -20.06 24.50
C VAL H 4 -45.09 -20.29 22.99
N TYR H 5 -45.05 -21.56 22.61
CA TYR H 5 -45.04 -21.94 21.20
C TYR H 5 -46.49 -21.78 20.79
N ASN H 6 -46.74 -20.73 20.03
CA ASN H 6 -48.09 -20.40 19.56
C ASN H 6 -48.39 -20.83 18.13
N GLY H 7 -49.49 -21.54 17.96
CA GLY H 7 -49.90 -21.98 16.64
C GLY H 7 -51.07 -21.11 16.20
N GLN H 8 -51.95 -20.81 17.15
CA GLN H 8 -53.12 -19.98 16.93
C GLN H 8 -52.76 -18.62 16.33
N HIS H 9 -53.75 -17.95 15.76
CA HIS H 9 -53.56 -16.63 15.15
C HIS H 9 -52.82 -15.67 16.06
N LYS H 10 -51.79 -15.03 15.50
CA LYS H 10 -50.96 -14.09 16.24
C LYS H 10 -51.72 -13.05 17.03
N GLU H 11 -52.48 -12.22 16.34
CA GLU H 11 -53.27 -11.15 16.96
C GLU H 11 -54.10 -11.68 18.13
N ALA H 12 -54.64 -12.88 17.97
CA ALA H 12 -55.45 -13.51 19.01
C ALA H 12 -54.61 -13.91 20.21
N ALA H 13 -53.55 -14.68 19.98
CA ALA H 13 -52.68 -15.11 21.07
C ALA H 13 -52.00 -13.89 21.67
N GLN H 14 -51.80 -12.88 20.81
CA GLN H 14 -51.16 -11.63 21.20
C GLN H 14 -51.94 -10.87 22.26
N ALA H 15 -53.19 -10.55 21.95
CA ALA H 15 -54.06 -9.82 22.88
C ALA H 15 -54.28 -10.64 24.13
N VAL H 16 -54.44 -11.94 23.97
CA VAL H 16 -54.68 -12.82 25.10
C VAL H 16 -53.41 -13.00 25.93
N ALA H 17 -52.27 -12.66 25.32
CA ALA H 17 -50.99 -12.76 26.00
C ALA H 17 -50.88 -11.54 26.91
N ASP H 18 -51.24 -10.39 26.37
CA ASP H 18 -51.20 -9.16 27.14
C ASP H 18 -52.23 -9.27 28.24
N ALA H 19 -53.35 -9.93 27.94
CA ALA H 19 -54.44 -10.13 28.91
C ALA H 19 -53.94 -10.93 30.10
N PHE H 20 -52.90 -11.72 29.89
CA PHE H 20 -52.32 -12.51 30.96
C PHE H 20 -51.23 -11.64 31.56
N THR H 21 -50.33 -11.18 30.69
CA THR H 21 -49.21 -10.33 31.07
C THR H 21 -49.63 -9.19 32.00
N ARG H 22 -50.78 -8.58 31.71
CA ARG H 22 -51.27 -7.47 32.51
C ARG H 22 -51.97 -7.94 33.78
N ALA H 23 -52.80 -8.97 33.64
CA ALA H 23 -53.56 -9.52 34.76
C ALA H 23 -52.67 -10.24 35.76
N THR H 24 -51.38 -10.40 35.43
CA THR H 24 -50.46 -11.09 36.33
C THR H 24 -49.11 -10.42 36.53
N GLY H 25 -48.47 -10.01 35.44
CA GLY H 25 -47.16 -9.40 35.54
C GLY H 25 -46.17 -10.48 35.15
N ILE H 26 -46.70 -11.46 34.43
CA ILE H 26 -45.94 -12.59 33.95
C ILE H 26 -45.98 -12.51 32.42
N LYS H 27 -45.26 -11.54 31.88
CA LYS H 27 -45.22 -11.33 30.43
C LYS H 27 -44.95 -12.64 29.70
N VAL H 28 -45.49 -12.78 28.50
CA VAL H 28 -45.30 -14.00 27.72
C VAL H 28 -44.53 -13.80 26.42
N LYS H 29 -43.74 -14.81 26.07
CA LYS H 29 -42.93 -14.82 24.86
C LYS H 29 -43.69 -15.64 23.81
N LEU H 30 -43.90 -15.07 22.63
CA LEU H 30 -44.63 -15.76 21.57
C LEU H 30 -43.76 -16.24 20.41
N ASN H 31 -43.50 -17.54 20.37
CA ASN H 31 -42.73 -18.13 19.28
C ASN H 31 -43.83 -18.78 18.46
N SER H 32 -44.19 -18.12 17.35
CA SER H 32 -45.27 -18.62 16.50
C SER H 32 -44.86 -19.38 15.25
N ALA H 33 -45.65 -20.42 14.96
CA ALA H 33 -45.46 -21.30 13.81
C ALA H 33 -46.61 -22.30 13.85
N LYS H 34 -46.90 -22.94 12.72
CA LYS H 34 -47.98 -23.94 12.66
C LYS H 34 -47.93 -24.84 13.89
N GLY H 35 -49.09 -25.30 14.34
CA GLY H 35 -49.12 -26.19 15.49
C GLY H 35 -48.28 -27.44 15.26
N ASP H 36 -48.55 -28.13 14.15
CA ASP H 36 -47.82 -29.34 13.81
C ASP H 36 -46.32 -29.09 13.76
N GLN H 37 -45.92 -27.89 13.32
CA GLN H 37 -44.51 -27.51 13.23
C GLN H 37 -43.94 -27.42 14.64
N LEU H 38 -44.67 -26.76 15.52
CA LEU H 38 -44.24 -26.59 16.91
C LEU H 38 -44.16 -27.93 17.62
N ALA H 39 -45.16 -28.78 17.40
CA ALA H 39 -45.20 -30.12 18.01
C ALA H 39 -43.96 -30.90 17.56
N GLY H 40 -43.68 -30.85 16.26
CA GLY H 40 -42.52 -31.54 15.73
C GLY H 40 -41.23 -30.96 16.29
N GLN H 41 -41.22 -29.63 16.48
CA GLN H 41 -40.04 -28.97 17.02
C GLN H 41 -39.84 -29.43 18.46
N ILE H 42 -40.89 -29.32 19.27
CA ILE H 42 -40.83 -29.71 20.68
C ILE H 42 -40.38 -31.16 20.81
N LYS H 43 -40.97 -32.04 20.02
CA LYS H 43 -40.59 -33.45 20.09
C LYS H 43 -39.07 -33.54 19.92
N GLU H 44 -38.54 -32.81 18.95
CA GLU H 44 -37.11 -32.80 18.67
C GLU H 44 -36.29 -32.19 19.81
N GLU H 45 -36.67 -30.99 20.24
CA GLU H 45 -35.97 -30.31 21.32
C GLU H 45 -35.95 -31.16 22.60
N GLY H 46 -36.98 -31.99 22.77
CA GLY H 46 -37.06 -32.82 23.95
C GLY H 46 -37.08 -31.99 25.22
N SER H 47 -36.40 -32.49 26.24
CA SER H 47 -36.34 -31.82 27.54
C SER H 47 -35.54 -30.51 27.50
N ARG H 48 -34.88 -30.26 26.38
CA ARG H 48 -34.08 -29.05 26.19
C ARG H 48 -34.90 -27.92 25.58
N SER H 49 -36.22 -28.13 25.51
CA SER H 49 -37.16 -27.15 24.94
C SER H 49 -37.46 -25.94 25.85
N PRO H 50 -37.40 -24.73 25.29
CA PRO H 50 -37.68 -23.48 26.02
C PRO H 50 -39.17 -23.30 26.33
N ALA H 51 -39.99 -23.83 25.43
CA ALA H 51 -41.45 -23.76 25.55
C ALA H 51 -41.97 -24.24 26.90
N ASP H 52 -42.92 -23.49 27.46
CA ASP H 52 -43.53 -23.81 28.73
C ASP H 52 -44.97 -24.23 28.49
N VAL H 53 -45.55 -23.71 27.41
CA VAL H 53 -46.93 -23.99 27.03
C VAL H 53 -47.07 -24.04 25.50
N PHE H 54 -47.90 -24.94 25.00
CA PHE H 54 -48.14 -25.06 23.57
C PHE H 54 -49.58 -24.67 23.23
N TYR H 55 -49.72 -23.49 22.65
CA TYR H 55 -51.01 -22.95 22.27
C TYR H 55 -51.29 -23.45 20.85
N SER H 56 -52.01 -24.57 20.76
CA SER H 56 -52.31 -25.18 19.47
C SER H 56 -53.70 -24.88 18.93
N GLU H 57 -53.78 -24.65 17.63
CA GLU H 57 -55.05 -24.37 16.97
C GLU H 57 -55.62 -25.69 16.46
N GLN H 58 -54.97 -26.78 16.82
CA GLN H 58 -55.39 -28.11 16.40
C GLN H 58 -55.23 -29.10 17.55
N ILE H 59 -56.16 -30.05 17.62
CA ILE H 59 -56.12 -31.08 18.66
C ILE H 59 -55.13 -32.21 18.31
N PRO H 60 -54.88 -32.44 17.01
CA PRO H 60 -53.94 -33.52 16.61
C PRO H 60 -52.46 -33.25 16.95
N ALA H 61 -52.10 -31.98 17.12
CA ALA H 61 -50.73 -31.62 17.46
C ALA H 61 -50.53 -31.87 18.95
N LEU H 62 -51.58 -31.63 19.73
CA LEU H 62 -51.56 -31.82 21.17
C LEU H 62 -51.61 -33.31 21.47
N ALA H 63 -52.41 -34.03 20.70
CA ALA H 63 -52.58 -35.48 20.87
C ALA H 63 -51.30 -36.27 20.64
N THR H 64 -50.43 -35.79 19.74
CA THR H 64 -49.18 -36.49 19.47
C THR H 64 -48.18 -36.20 20.57
N LEU H 65 -48.09 -34.94 21.00
CA LEU H 65 -47.17 -34.58 22.07
C LEU H 65 -47.61 -35.27 23.35
N SER H 66 -48.85 -35.73 23.35
CA SER H 66 -49.41 -36.44 24.49
C SER H 66 -49.00 -37.91 24.41
N ALA H 67 -49.00 -38.46 23.19
CA ALA H 67 -48.61 -39.85 22.99
C ALA H 67 -47.11 -40.02 23.18
N ALA H 68 -46.42 -38.91 23.39
CA ALA H 68 -44.97 -38.92 23.60
C ALA H 68 -44.66 -38.37 24.99
N ASN H 69 -45.68 -38.36 25.83
CA ASN H 69 -45.57 -37.89 27.21
C ASN H 69 -44.67 -36.67 27.39
N LEU H 70 -44.95 -35.62 26.63
CA LEU H 70 -44.18 -34.38 26.70
C LEU H 70 -45.08 -33.30 27.27
N LEU H 71 -46.29 -33.71 27.65
CA LEU H 71 -47.27 -32.81 28.22
C LEU H 71 -47.46 -33.10 29.71
N GLU H 72 -47.78 -32.07 30.46
CA GLU H 72 -47.98 -32.22 31.90
C GLU H 72 -49.45 -32.19 32.30
N PRO H 73 -49.82 -33.01 33.32
CA PRO H 73 -51.20 -33.08 33.80
C PRO H 73 -51.77 -31.73 34.23
N LEU H 74 -52.88 -31.35 33.60
CA LEU H 74 -53.55 -30.09 33.92
C LEU H 74 -54.52 -30.34 35.07
N PRO H 75 -54.73 -29.32 35.92
CA PRO H 75 -55.65 -29.49 37.04
C PRO H 75 -57.05 -29.79 36.49
N ALA H 76 -57.76 -30.74 37.09
CA ALA H 76 -59.09 -31.08 36.60
C ALA H 76 -59.95 -29.80 36.55
N SER H 77 -59.48 -28.76 37.23
CA SER H 77 -60.17 -27.48 37.30
C SER H 77 -60.11 -26.78 35.94
N THR H 78 -58.95 -26.85 35.30
CA THR H 78 -58.71 -26.23 34.01
C THR H 78 -59.54 -26.87 32.89
N ILE H 79 -59.55 -28.20 32.87
CA ILE H 79 -60.28 -28.95 31.85
C ILE H 79 -61.79 -28.79 31.96
N ASN H 80 -62.32 -28.92 33.18
CA ASN H 80 -63.75 -28.77 33.39
C ASN H 80 -64.21 -27.36 33.06
N GLU H 81 -63.25 -26.45 32.88
CA GLU H 81 -63.57 -25.06 32.55
C GLU H 81 -64.17 -24.95 31.16
N THR H 82 -63.86 -25.93 30.30
CA THR H 82 -64.36 -25.97 28.94
C THR H 82 -65.18 -27.24 28.71
N ARG H 83 -65.14 -28.11 29.71
CA ARG H 83 -65.85 -29.40 29.71
C ARG H 83 -67.26 -29.25 29.15
N GLY H 84 -67.45 -29.67 27.90
CA GLY H 84 -68.76 -29.57 27.27
C GLY H 84 -69.05 -30.76 26.37
N LYS H 85 -70.21 -30.76 25.73
CA LYS H 85 -70.60 -31.86 24.85
C LYS H 85 -70.03 -31.77 23.44
N GLY H 86 -69.36 -32.82 22.99
CA GLY H 86 -68.77 -32.81 21.66
C GLY H 86 -67.38 -32.21 21.68
N VAL H 87 -67.03 -31.58 22.81
CA VAL H 87 -65.72 -30.96 22.96
C VAL H 87 -64.67 -32.01 23.26
N PRO H 88 -63.64 -32.09 22.41
CA PRO H 88 -62.56 -33.06 22.58
C PRO H 88 -62.02 -33.06 24.02
N VAL H 89 -61.86 -34.24 24.60
CA VAL H 89 -61.34 -34.37 25.96
C VAL H 89 -60.04 -35.17 25.98
N ALA H 90 -59.07 -34.72 26.77
CA ALA H 90 -57.79 -35.40 26.88
C ALA H 90 -57.94 -36.69 27.68
N ALA H 91 -57.58 -37.81 27.06
CA ALA H 91 -57.68 -39.11 27.73
C ALA H 91 -56.67 -39.24 28.87
N LYS H 92 -55.70 -38.32 28.90
CA LYS H 92 -54.67 -38.34 29.94
C LYS H 92 -54.58 -37.00 30.68
N LYS H 93 -55.64 -36.20 30.55
CA LYS H 93 -55.72 -34.90 31.22
C LYS H 93 -54.47 -34.02 31.05
N ASP H 94 -53.85 -34.04 29.88
CA ASP H 94 -52.65 -33.22 29.69
C ASP H 94 -52.80 -32.06 28.69
N TRP H 95 -54.04 -31.75 28.34
CA TRP H 95 -54.35 -30.64 27.45
C TRP H 95 -55.83 -30.34 27.56
N VAL H 96 -56.21 -29.11 27.23
CA VAL H 96 -57.60 -28.72 27.33
C VAL H 96 -58.04 -27.93 26.10
N ALA H 97 -59.25 -28.24 25.61
CA ALA H 97 -59.78 -27.57 24.44
C ALA H 97 -60.16 -26.15 24.84
N LEU H 98 -59.98 -25.21 23.93
CA LEU H 98 -60.28 -23.81 24.22
C LEU H 98 -61.46 -23.25 23.44
N SER H 99 -61.36 -23.23 22.11
CA SER H 99 -62.43 -22.69 21.29
C SER H 99 -62.68 -23.55 20.05
N GLY H 100 -63.40 -22.98 19.10
CA GLY H 100 -63.69 -23.72 17.88
C GLY H 100 -63.83 -22.87 16.64
N ARG H 101 -63.37 -23.42 15.52
CA ARG H 101 -63.44 -22.77 14.22
C ARG H 101 -64.59 -23.50 13.52
N SER H 102 -65.24 -22.85 12.57
CA SER H 102 -66.35 -23.50 11.88
C SER H 102 -66.36 -23.30 10.37
N ARG H 103 -66.66 -24.38 9.66
CA ARG H 103 -66.75 -24.37 8.20
C ARG H 103 -68.00 -23.57 7.85
N VAL H 104 -67.92 -22.74 6.81
CA VAL H 104 -69.07 -21.93 6.43
C VAL H 104 -69.15 -21.71 4.93
N VAL H 105 -70.33 -21.31 4.48
CA VAL H 105 -70.57 -21.00 3.07
C VAL H 105 -70.83 -19.51 2.98
N VAL H 106 -69.87 -18.77 2.46
CA VAL H 106 -70.01 -17.33 2.29
C VAL H 106 -70.61 -17.14 0.88
N TYR H 107 -71.73 -16.44 0.79
CA TYR H 107 -72.39 -16.22 -0.50
C TYR H 107 -72.71 -14.75 -0.77
N ASP H 108 -72.82 -14.41 -2.05
CA ASP H 108 -73.13 -13.05 -2.47
C ASP H 108 -74.63 -12.78 -2.40
N THR H 109 -75.03 -11.91 -1.48
CA THR H 109 -76.44 -11.56 -1.27
C THR H 109 -77.12 -10.94 -2.49
N ARG H 110 -76.34 -10.28 -3.35
CA ARG H 110 -76.87 -9.67 -4.55
C ARG H 110 -77.18 -10.76 -5.57
N LYS H 111 -76.49 -11.89 -5.44
CA LYS H 111 -76.66 -13.04 -6.33
C LYS H 111 -77.29 -14.26 -5.66
N LEU H 112 -77.50 -14.18 -4.35
CA LEU H 112 -78.09 -15.29 -3.60
C LEU H 112 -78.76 -14.89 -2.30
N SER H 113 -79.32 -15.90 -1.63
CA SER H 113 -80.01 -15.74 -0.36
C SER H 113 -80.00 -17.08 0.35
N GLU H 114 -80.02 -17.07 1.68
CA GLU H 114 -80.02 -18.31 2.46
C GLU H 114 -80.93 -19.38 1.85
N LYS H 115 -82.03 -18.94 1.25
CA LYS H 115 -82.99 -19.84 0.63
C LYS H 115 -82.38 -20.69 -0.48
N ASP H 116 -81.61 -20.05 -1.35
CA ASP H 116 -81.00 -20.75 -2.49
C ASP H 116 -79.76 -21.57 -2.15
N LEU H 117 -79.49 -21.74 -0.87
CA LEU H 117 -78.30 -22.50 -0.45
C LEU H 117 -78.63 -23.95 -0.09
N GLU H 118 -77.67 -24.83 -0.36
CA GLU H 118 -77.82 -26.27 -0.09
C GLU H 118 -77.98 -26.63 1.38
N LYS H 119 -78.74 -27.70 1.62
CA LYS H 119 -79.00 -28.19 2.97
C LYS H 119 -77.85 -29.11 3.40
N SER H 120 -77.01 -29.49 2.45
CA SER H 120 -75.86 -30.34 2.71
C SER H 120 -74.70 -29.86 1.84
N VAL H 121 -73.51 -29.84 2.42
CA VAL H 121 -72.32 -29.40 1.69
C VAL H 121 -71.93 -30.44 0.65
N LEU H 122 -72.54 -31.62 0.74
CA LEU H 122 -72.26 -32.70 -0.18
C LEU H 122 -73.04 -32.51 -1.48
N ASN H 123 -73.78 -31.41 -1.58
CA ASN H 123 -74.58 -31.12 -2.77
C ASN H 123 -73.97 -30.05 -3.68
N TYR H 124 -72.96 -29.33 -3.19
CA TYR H 124 -72.30 -28.31 -3.99
C TYR H 124 -71.43 -29.00 -5.03
N ALA H 125 -71.33 -30.33 -4.94
CA ALA H 125 -70.52 -31.10 -5.89
C ALA H 125 -71.41 -31.69 -6.99
N THR H 126 -72.52 -31.02 -7.25
CA THR H 126 -73.46 -31.43 -8.28
C THR H 126 -73.38 -30.48 -9.46
N PRO H 127 -74.01 -30.83 -10.58
CA PRO H 127 -73.99 -29.98 -11.77
C PRO H 127 -74.66 -28.61 -11.60
N LYS H 128 -75.50 -28.48 -10.57
CA LYS H 128 -76.22 -27.23 -10.31
C LYS H 128 -75.34 -26.01 -9.99
N TRP H 129 -74.19 -26.24 -9.37
CA TRP H 129 -73.32 -25.11 -9.03
C TRP H 129 -72.10 -24.99 -9.94
N LYS H 130 -72.32 -25.16 -11.25
CA LYS H 130 -71.22 -25.06 -12.22
C LYS H 130 -70.66 -23.63 -12.20
N ASN H 131 -69.43 -23.51 -11.73
CA ASN H 131 -68.73 -22.23 -11.63
C ASN H 131 -69.44 -21.25 -10.70
N ARG H 132 -70.25 -21.81 -9.81
CA ARG H 132 -71.01 -21.02 -8.84
C ARG H 132 -70.52 -21.24 -7.40
N ILE H 133 -69.72 -22.28 -7.21
CA ILE H 133 -69.18 -22.59 -5.89
C ILE H 133 -67.65 -22.62 -5.97
N GLY H 134 -67.01 -22.11 -4.92
CA GLY H 134 -65.56 -22.09 -4.89
C GLY H 134 -64.99 -22.85 -3.71
N TYR H 135 -63.81 -23.43 -3.88
CA TYR H 135 -63.14 -24.19 -2.83
C TYR H 135 -61.63 -23.97 -2.83
N VAL H 136 -60.98 -24.35 -1.72
CA VAL H 136 -59.53 -24.21 -1.57
C VAL H 136 -58.86 -25.59 -1.51
N PRO H 137 -58.51 -26.16 -2.68
CA PRO H 137 -57.87 -27.47 -2.85
C PRO H 137 -56.45 -27.59 -2.28
N THR H 138 -56.07 -26.66 -1.40
CA THR H 138 -54.75 -26.67 -0.80
C THR H 138 -54.85 -26.18 0.65
N SER H 139 -56.10 -26.06 1.12
CA SER H 139 -56.37 -25.58 2.48
C SER H 139 -56.24 -26.68 3.53
N GLY H 140 -55.74 -26.31 4.71
CA GLY H 140 -55.59 -27.29 5.77
C GLY H 140 -56.95 -27.62 6.34
N ALA H 141 -57.83 -26.63 6.32
CA ALA H 141 -59.19 -26.80 6.83
C ALA H 141 -60.03 -27.55 5.84
N PHE H 142 -59.66 -27.46 4.56
CA PHE H 142 -60.40 -28.16 3.51
C PHE H 142 -60.14 -29.67 3.59
N LEU H 143 -58.94 -30.06 4.02
CA LEU H 143 -58.59 -31.47 4.15
C LEU H 143 -59.32 -32.07 5.35
N GLU H 144 -59.56 -31.25 6.38
CA GLU H 144 -60.27 -31.72 7.57
C GLU H 144 -61.71 -32.04 7.22
N GLN H 145 -62.22 -31.37 6.18
CA GLN H 145 -63.59 -31.56 5.70
C GLN H 145 -63.73 -32.88 4.97
N ILE H 146 -62.71 -33.26 4.21
CA ILE H 146 -62.68 -34.52 3.48
C ILE H 146 -62.63 -35.62 4.53
N VAL H 147 -61.74 -35.45 5.49
CA VAL H 147 -61.54 -36.40 6.59
C VAL H 147 -62.83 -36.68 7.36
N ALA H 148 -63.62 -35.63 7.56
CA ALA H 148 -64.86 -35.76 8.29
C ALA H 148 -65.90 -36.51 7.46
N ILE H 149 -66.02 -36.14 6.18
CA ILE H 149 -66.97 -36.80 5.29
C ILE H 149 -66.72 -38.30 5.22
N VAL H 150 -65.44 -38.68 5.18
CA VAL H 150 -65.05 -40.08 5.11
C VAL H 150 -65.55 -40.85 6.32
N LYS H 151 -65.12 -40.42 7.51
CA LYS H 151 -65.53 -41.08 8.74
C LYS H 151 -67.04 -40.99 8.96
N LEU H 152 -67.64 -39.91 8.49
CA LEU H 152 -69.07 -39.70 8.67
C LEU H 152 -69.98 -40.29 7.61
N LYS H 153 -69.50 -40.35 6.37
CA LYS H 153 -70.31 -40.86 5.27
C LYS H 153 -69.70 -42.03 4.49
N GLY H 154 -68.44 -42.33 4.73
CA GLY H 154 -67.78 -43.41 4.01
C GLY H 154 -66.87 -42.83 2.95
N GLU H 155 -65.90 -43.62 2.48
CA GLU H 155 -64.95 -43.15 1.48
C GLU H 155 -65.50 -42.86 0.08
N ALA H 156 -66.55 -43.57 -0.32
CA ALA H 156 -67.13 -43.38 -1.65
C ALA H 156 -67.78 -42.01 -1.85
N ALA H 157 -68.34 -41.47 -0.77
CA ALA H 157 -69.00 -40.18 -0.76
C ALA H 157 -67.98 -39.04 -0.78
N ALA H 158 -67.05 -39.09 0.17
CA ALA H 158 -66.01 -38.06 0.25
C ALA H 158 -65.31 -37.97 -1.09
N LEU H 159 -65.15 -39.12 -1.74
CA LEU H 159 -64.50 -39.21 -3.04
C LEU H 159 -65.45 -38.73 -4.15
N LYS H 160 -66.75 -38.99 -3.97
CA LYS H 160 -67.75 -38.56 -4.94
C LYS H 160 -67.92 -37.04 -4.83
N TRP H 161 -67.70 -36.52 -3.63
CA TRP H 161 -67.81 -35.10 -3.36
C TRP H 161 -66.66 -34.28 -3.97
N LEU H 162 -65.44 -34.80 -3.84
CA LEU H 162 -64.26 -34.13 -4.38
C LEU H 162 -64.20 -34.21 -5.91
N LYS H 163 -64.75 -35.27 -6.47
CA LYS H 163 -64.78 -35.46 -7.92
C LYS H 163 -65.81 -34.52 -8.51
N GLY H 164 -66.83 -34.19 -7.72
CA GLY H 164 -67.89 -33.30 -8.17
C GLY H 164 -67.46 -31.85 -8.10
N LEU H 165 -66.53 -31.55 -7.19
CA LEU H 165 -66.01 -30.19 -7.02
C LEU H 165 -64.93 -29.91 -8.06
N LYS H 166 -64.29 -30.96 -8.54
CA LYS H 166 -63.23 -30.83 -9.53
C LYS H 166 -63.73 -30.39 -10.91
N GLU H 167 -64.84 -30.97 -11.36
CA GLU H 167 -65.40 -30.64 -12.67
C GLU H 167 -66.52 -29.60 -12.60
N TYR H 168 -66.97 -29.27 -11.39
CA TYR H 168 -68.06 -28.31 -11.22
C TYR H 168 -67.65 -27.00 -10.53
N GLY H 169 -66.95 -27.11 -9.40
CA GLY H 169 -66.52 -25.93 -8.67
C GLY H 169 -65.25 -25.29 -9.21
N LYS H 170 -64.87 -24.14 -8.66
CA LYS H 170 -63.68 -23.42 -9.10
C LYS H 170 -62.65 -23.32 -7.97
N PRO H 171 -61.37 -23.63 -8.27
CA PRO H 171 -60.28 -23.57 -7.29
C PRO H 171 -59.70 -22.18 -7.00
N TYR H 172 -59.33 -21.96 -5.75
CA TYR H 172 -58.75 -20.70 -5.30
C TYR H 172 -57.50 -21.02 -4.48
N ALA H 173 -56.54 -20.09 -4.48
CA ALA H 173 -55.28 -20.29 -3.78
C ALA H 173 -55.36 -20.24 -2.25
N LYS H 174 -56.17 -19.33 -1.71
CA LYS H 174 -56.33 -19.18 -0.27
C LYS H 174 -57.78 -18.85 0.08
N ASN H 175 -58.09 -18.93 1.36
CA ASN H 175 -59.43 -18.61 1.84
C ASN H 175 -59.69 -17.13 1.61
N SER H 176 -58.62 -16.36 1.79
CA SER H 176 -58.65 -14.91 1.61
C SER H 176 -59.09 -14.54 0.20
N VAL H 177 -58.47 -15.17 -0.79
CA VAL H 177 -58.81 -14.92 -2.18
C VAL H 177 -60.22 -15.42 -2.45
N ALA H 178 -60.50 -16.64 -2.03
CA ALA H 178 -61.80 -17.27 -2.20
C ALA H 178 -62.92 -16.34 -1.73
N LEU H 179 -62.79 -15.85 -0.50
CA LEU H 179 -63.78 -14.94 0.06
C LEU H 179 -63.88 -13.70 -0.82
N GLN H 180 -62.74 -13.03 -1.00
CA GLN H 180 -62.70 -11.84 -1.81
C GLN H 180 -63.26 -12.04 -3.21
N ALA H 181 -63.16 -13.27 -3.72
CA ALA H 181 -63.68 -13.56 -5.04
C ALA H 181 -65.20 -13.41 -5.04
N VAL H 182 -65.84 -13.76 -3.93
CA VAL H 182 -67.29 -13.68 -3.80
C VAL H 182 -67.74 -12.29 -3.33
N GLU H 183 -66.82 -11.57 -2.69
CA GLU H 183 -67.13 -10.23 -2.20
C GLU H 183 -67.28 -9.28 -3.38
N ASN H 184 -66.33 -9.38 -4.32
CA ASN H 184 -66.32 -8.54 -5.50
C ASN H 184 -67.23 -9.05 -6.61
N GLY H 185 -67.67 -10.30 -6.49
CA GLY H 185 -68.56 -10.86 -7.49
C GLY H 185 -67.93 -11.69 -8.60
N GLU H 186 -66.90 -12.47 -8.24
CA GLU H 186 -66.22 -13.34 -9.19
C GLU H 186 -66.90 -14.71 -9.26
N ILE H 187 -67.67 -15.03 -8.23
CA ILE H 187 -68.41 -16.28 -8.16
C ILE H 187 -69.50 -16.10 -7.11
N ASP H 188 -70.55 -16.92 -7.17
CA ASP H 188 -71.66 -16.80 -6.24
C ASP H 188 -71.33 -17.18 -4.79
N ALA H 189 -70.84 -18.39 -4.58
CA ALA H 189 -70.51 -18.85 -3.23
C ALA H 189 -69.11 -19.44 -3.14
N ALA H 190 -68.71 -19.80 -1.91
CA ALA H 190 -67.38 -20.38 -1.67
C ALA H 190 -67.28 -21.00 -0.28
N LEU H 191 -66.71 -22.19 -0.20
CA LEU H 191 -66.54 -22.93 1.06
C LEU H 191 -65.29 -22.44 1.80
N ILE H 192 -65.47 -21.83 2.97
CA ILE H 192 -64.34 -21.30 3.75
C ILE H 192 -64.63 -21.41 5.25
N ASN H 193 -63.85 -20.67 6.05
CA ASN H 193 -64.00 -20.65 7.51
C ASN H 193 -64.64 -19.34 7.96
N ASN H 194 -65.43 -19.40 9.03
CA ASN H 194 -66.14 -18.22 9.53
C ASN H 194 -65.27 -17.12 10.12
N TYR H 195 -64.14 -17.49 10.72
CA TYR H 195 -63.27 -16.48 11.31
C TYR H 195 -62.79 -15.52 10.21
N TYR H 196 -62.54 -16.06 9.02
CA TYR H 196 -62.07 -15.27 7.89
C TYR H 196 -63.04 -14.15 7.47
N TRP H 197 -64.35 -14.32 7.70
CA TRP H 197 -65.36 -13.31 7.32
C TRP H 197 -65.64 -12.24 8.38
N HIS H 198 -66.08 -12.68 9.55
CA HIS H 198 -66.41 -11.78 10.66
C HIS H 198 -65.44 -10.62 10.83
N ALA H 199 -64.16 -10.93 10.82
CA ALA H 199 -63.12 -9.91 10.97
C ALA H 199 -63.21 -8.93 9.80
N PHE H 200 -63.61 -9.44 8.63
CA PHE H 200 -63.74 -8.61 7.44
C PHE H 200 -64.96 -7.70 7.59
N ALA H 201 -66.10 -8.30 7.95
CA ALA H 201 -67.31 -7.52 8.14
C ALA H 201 -66.98 -6.42 9.13
N ARG H 202 -66.30 -6.79 10.21
CA ARG H 202 -65.91 -5.83 11.24
C ARG H 202 -64.93 -4.78 10.70
N GLU H 203 -64.15 -5.15 9.70
CA GLU H 203 -63.17 -4.24 9.10
C GLU H 203 -63.85 -3.03 8.48
N LYS H 204 -64.66 -3.29 7.46
CA LYS H 204 -65.38 -2.27 6.71
C LYS H 204 -66.62 -1.81 7.46
N GLY H 205 -67.35 -2.78 8.00
CA GLY H 205 -68.59 -2.51 8.69
C GLY H 205 -69.58 -3.41 7.97
N VAL H 206 -70.36 -4.19 8.71
CA VAL H 206 -71.30 -5.13 8.11
C VAL H 206 -72.22 -4.57 7.02
N GLN H 207 -72.56 -3.30 7.11
CA GLN H 207 -73.44 -2.66 6.14
C GLN H 207 -72.79 -2.36 4.79
N ASN H 208 -71.53 -2.73 4.64
CA ASN H 208 -70.80 -2.48 3.39
C ASN H 208 -70.37 -3.81 2.77
N VAL H 209 -70.46 -4.86 3.56
CA VAL H 209 -70.09 -6.21 3.12
C VAL H 209 -71.21 -6.77 2.23
N HIS H 210 -70.83 -7.25 1.06
CA HIS H 210 -71.79 -7.81 0.12
C HIS H 210 -72.08 -9.28 0.40
N THR H 211 -71.20 -9.92 1.17
CA THR H 211 -71.34 -11.34 1.48
C THR H 211 -71.81 -11.67 2.89
N ARG H 212 -72.36 -12.87 3.06
CA ARG H 212 -72.85 -13.35 4.34
C ARG H 212 -72.50 -14.84 4.47
N LEU H 213 -72.63 -15.39 5.68
CA LEU H 213 -72.31 -16.79 5.92
C LEU H 213 -73.51 -17.70 6.10
N ASN H 214 -73.41 -18.90 5.56
CA ASN H 214 -74.46 -19.91 5.66
C ASN H 214 -73.95 -21.05 6.54
N PHE H 215 -74.83 -21.62 7.36
CA PHE H 215 -74.47 -22.73 8.25
C PHE H 215 -75.45 -23.88 8.03
N VAL H 216 -74.97 -24.99 7.49
CA VAL H 216 -75.84 -26.15 7.23
C VAL H 216 -76.45 -26.70 8.52
N ARG H 217 -75.60 -26.92 9.52
CA ARG H 217 -76.02 -27.44 10.81
C ARG H 217 -76.41 -28.92 10.73
N HIS H 218 -77.44 -29.28 11.50
CA HIS H 218 -77.96 -30.64 11.59
C HIS H 218 -76.95 -31.77 11.44
N ARG H 219 -75.80 -31.61 12.08
CA ARG H 219 -74.74 -32.61 12.07
C ARG H 219 -74.19 -32.94 10.67
N ASP H 220 -74.48 -32.08 9.70
CA ASP H 220 -74.01 -32.25 8.32
C ASP H 220 -72.49 -32.13 8.23
N PRO H 221 -71.87 -32.77 7.22
CA PRO H 221 -70.41 -32.69 7.08
C PRO H 221 -69.93 -31.24 6.92
N GLY H 222 -70.79 -30.39 6.38
CA GLY H 222 -70.44 -29.00 6.17
C GLY H 222 -70.67 -28.16 7.41
N ALA H 223 -70.90 -28.82 8.54
CA ALA H 223 -71.12 -28.14 9.80
C ALA H 223 -69.99 -28.56 10.74
N LEU H 224 -68.81 -28.80 10.18
CA LEU H 224 -67.66 -29.21 10.97
C LEU H 224 -67.07 -28.06 11.78
N VAL H 225 -66.68 -28.36 13.00
CA VAL H 225 -66.07 -27.37 13.87
C VAL H 225 -64.67 -27.84 14.22
N THR H 226 -63.68 -27.01 13.89
CA THR H 226 -62.29 -27.33 14.18
C THR H 226 -61.98 -26.81 15.57
N TYR H 227 -61.26 -27.61 16.35
CA TYR H 227 -60.95 -27.19 17.71
C TYR H 227 -59.55 -26.68 17.96
N SER H 228 -59.45 -25.88 19.00
CA SER H 228 -58.20 -25.27 19.44
C SER H 228 -57.97 -25.64 20.89
N GLY H 229 -56.73 -25.55 21.33
CA GLY H 229 -56.42 -25.89 22.71
C GLY H 229 -54.99 -25.58 23.12
N ALA H 230 -54.66 -25.85 24.38
CA ALA H 230 -53.32 -25.60 24.88
C ALA H 230 -52.91 -26.64 25.89
N ALA H 231 -51.61 -26.73 26.12
CA ALA H 231 -51.05 -27.69 27.07
C ALA H 231 -49.79 -27.10 27.69
N VAL H 232 -49.40 -27.64 28.84
CA VAL H 232 -48.18 -27.21 29.49
C VAL H 232 -47.15 -28.32 29.32
N LEU H 233 -45.94 -27.97 28.90
CA LEU H 233 -44.89 -28.95 28.68
C LEU H 233 -44.29 -29.49 29.97
N LYS H 234 -43.85 -30.74 29.94
CA LYS H 234 -43.23 -31.36 31.10
C LYS H 234 -41.80 -30.86 31.32
N SER H 235 -41.20 -30.33 30.25
CA SER H 235 -39.84 -29.80 30.31
C SER H 235 -39.86 -28.36 30.83
N SER H 236 -41.08 -27.84 31.00
CA SER H 236 -41.31 -26.47 31.46
C SER H 236 -40.51 -26.06 32.70
N GLN H 237 -39.76 -24.98 32.58
CA GLN H 237 -38.95 -24.45 33.69
C GLN H 237 -39.70 -23.39 34.50
N ASN H 238 -40.92 -23.10 34.09
CA ASN H 238 -41.79 -22.14 34.77
C ASN H 238 -43.16 -22.80 34.88
N LYS H 239 -43.13 -24.09 35.21
CA LYS H 239 -44.31 -24.94 35.35
C LYS H 239 -45.63 -24.33 35.82
N ASP H 240 -45.80 -24.20 37.14
CA ASP H 240 -47.04 -23.64 37.68
C ASP H 240 -47.35 -22.22 37.19
N GLU H 241 -46.33 -21.53 36.68
CA GLU H 241 -46.50 -20.18 36.14
C GLU H 241 -47.15 -20.36 34.76
N ALA H 242 -46.83 -21.49 34.13
CA ALA H 242 -47.36 -21.82 32.82
C ALA H 242 -48.72 -22.51 32.98
N LYS H 243 -48.92 -23.17 34.12
CA LYS H 243 -50.18 -23.85 34.41
C LYS H 243 -51.24 -22.81 34.82
N LYS H 244 -50.76 -21.60 35.14
CA LYS H 244 -51.65 -20.52 35.51
C LYS H 244 -51.99 -19.74 34.24
N PHE H 245 -51.36 -20.14 33.13
CA PHE H 245 -51.57 -19.50 31.84
C PHE H 245 -52.63 -20.24 31.04
N VAL H 246 -52.56 -21.56 31.07
CA VAL H 246 -53.53 -22.40 30.37
C VAL H 246 -54.84 -22.25 31.12
N ALA H 247 -54.73 -22.09 32.43
CA ALA H 247 -55.91 -21.91 33.28
C ALA H 247 -56.60 -20.59 32.91
N PHE H 248 -55.80 -19.59 32.55
CA PHE H 248 -56.32 -18.28 32.17
C PHE H 248 -57.11 -18.36 30.86
N LEU H 249 -56.61 -19.17 29.95
CA LEU H 249 -57.23 -19.36 28.64
C LEU H 249 -58.57 -20.06 28.69
N ALA H 250 -58.90 -20.66 29.83
CA ALA H 250 -60.16 -21.39 29.98
C ALA H 250 -61.29 -20.59 30.61
N GLY H 251 -60.96 -19.62 31.44
CA GLY H 251 -61.98 -18.83 32.09
C GLY H 251 -62.47 -17.63 31.31
N LYS H 252 -63.48 -16.96 31.85
CA LYS H 252 -64.05 -15.76 31.22
C LYS H 252 -62.94 -14.77 30.87
N GLU H 253 -62.09 -14.46 31.84
CA GLU H 253 -60.99 -13.53 31.62
C GLU H 253 -60.29 -13.79 30.29
N GLY H 254 -59.77 -15.00 30.14
CA GLY H 254 -59.08 -15.38 28.92
C GLY H 254 -60.02 -15.52 27.74
N GLN H 255 -61.15 -16.21 27.95
CA GLN H 255 -62.13 -16.40 26.89
C GLN H 255 -62.61 -15.06 26.37
N ARG H 256 -62.94 -14.16 27.29
CA ARG H 256 -63.42 -12.83 26.93
C ARG H 256 -62.37 -12.07 26.14
N ALA H 257 -61.10 -12.28 26.49
CA ALA H 257 -60.00 -11.63 25.81
C ALA H 257 -59.94 -12.06 24.34
N LEU H 258 -60.04 -13.37 24.10
CA LEU H 258 -60.01 -13.93 22.75
C LEU H 258 -61.24 -13.45 21.99
N THR H 259 -62.38 -13.54 22.67
CA THR H 259 -63.67 -13.11 22.16
C THR H 259 -63.66 -11.72 21.55
N ALA H 260 -63.05 -10.78 22.26
CA ALA H 260 -62.96 -9.38 21.85
C ALA H 260 -62.23 -9.12 20.53
N VAL H 261 -61.35 -10.03 20.14
CA VAL H 261 -60.58 -9.82 18.92
C VAL H 261 -60.64 -10.93 17.88
N ARG H 262 -60.90 -12.16 18.31
CA ARG H 262 -60.96 -13.30 17.41
C ARG H 262 -62.36 -13.90 17.28
N ALA H 263 -62.83 -13.98 16.04
CA ALA H 263 -64.16 -14.50 15.72
C ALA H 263 -64.30 -16.00 15.96
N GLU H 264 -63.75 -16.48 17.07
CA GLU H 264 -63.83 -17.89 17.40
C GLU H 264 -64.85 -18.18 18.49
N TYR H 265 -65.39 -19.40 18.45
CA TYR H 265 -66.40 -19.83 19.41
C TYR H 265 -65.80 -20.34 20.72
N PRO H 266 -66.09 -19.64 21.84
CA PRO H 266 -65.60 -20.00 23.16
C PRO H 266 -66.20 -21.31 23.66
N LEU H 267 -65.41 -22.11 24.37
CA LEU H 267 -65.93 -23.37 24.88
C LEU H 267 -66.42 -23.18 26.31
N ASN H 268 -66.23 -21.95 26.81
CA ASN H 268 -66.67 -21.56 28.14
C ASN H 268 -68.00 -20.83 27.89
N PRO H 269 -69.13 -21.47 28.19
CA PRO H 269 -70.47 -20.90 28.00
C PRO H 269 -70.75 -19.61 28.75
N HIS H 270 -69.79 -19.17 29.56
CA HIS H 270 -69.93 -17.94 30.34
C HIS H 270 -69.50 -16.68 29.61
N VAL H 271 -69.07 -16.82 28.36
CA VAL H 271 -68.62 -15.65 27.60
C VAL H 271 -69.42 -15.40 26.33
N VAL H 272 -69.76 -14.12 26.12
CA VAL H 272 -70.50 -13.69 24.95
C VAL H 272 -69.49 -13.05 24.00
N SER H 273 -69.58 -13.38 22.72
CA SER H 273 -68.66 -12.82 21.74
C SER H 273 -68.97 -11.38 21.40
N THR H 274 -68.03 -10.72 20.74
CA THR H 274 -68.19 -9.34 20.30
C THR H 274 -68.50 -9.39 18.81
N PHE H 275 -68.55 -10.63 18.29
CA PHE H 275 -68.88 -10.89 16.88
C PHE H 275 -70.21 -11.65 16.88
N ASN H 276 -70.95 -11.56 15.78
CA ASN H 276 -72.24 -12.26 15.70
C ASN H 276 -72.08 -13.76 15.53
N LEU H 277 -71.83 -14.45 16.64
CA LEU H 277 -71.67 -15.90 16.64
C LEU H 277 -72.69 -16.55 17.56
N GLU H 278 -73.46 -17.48 17.02
CA GLU H 278 -74.48 -18.19 17.81
C GLU H 278 -73.78 -19.11 18.82
N PRO H 279 -74.50 -19.54 19.88
CA PRO H 279 -73.86 -20.42 20.86
C PRO H 279 -73.28 -21.61 20.11
N ILE H 280 -72.04 -21.96 20.42
CA ILE H 280 -71.38 -23.07 19.75
C ILE H 280 -72.25 -24.33 19.67
N ALA H 281 -73.19 -24.46 20.59
CA ALA H 281 -74.09 -25.60 20.63
C ALA H 281 -75.25 -25.47 19.65
N LYS H 282 -75.44 -24.28 19.11
CA LYS H 282 -76.52 -24.05 18.15
C LYS H 282 -76.12 -24.52 16.76
N LEU H 283 -74.80 -24.53 16.50
CA LEU H 283 -74.23 -24.94 15.22
C LEU H 283 -74.55 -26.40 14.86
N GLU H 284 -74.87 -27.19 15.88
CA GLU H 284 -75.19 -28.60 15.70
C GLU H 284 -74.15 -29.31 14.86
N ALA H 285 -72.90 -29.14 15.24
CA ALA H 285 -71.76 -29.76 14.55
C ALA H 285 -71.71 -31.25 14.84
N PRO H 286 -71.35 -32.05 13.84
CA PRO H 286 -71.27 -33.50 14.04
C PRO H 286 -70.10 -33.83 14.95
N GLN H 287 -70.23 -34.89 15.73
CA GLN H 287 -69.15 -35.30 16.63
C GLN H 287 -68.17 -36.18 15.84
N VAL H 288 -66.90 -35.81 15.90
CA VAL H 288 -65.87 -36.55 15.19
C VAL H 288 -64.60 -36.71 16.01
N SER H 289 -63.80 -37.71 15.64
CA SER H 289 -62.54 -37.98 16.30
C SER H 289 -61.48 -37.09 15.65
N ALA H 290 -60.40 -36.81 16.39
CA ALA H 290 -59.32 -35.98 15.87
C ALA H 290 -58.69 -36.73 14.69
N THR H 291 -58.12 -35.99 13.73
CA THR H 291 -57.49 -36.60 12.57
C THR H 291 -56.18 -37.27 12.93
N THR H 292 -55.95 -38.45 12.37
CA THR H 292 -54.72 -39.20 12.62
C THR H 292 -53.74 -38.98 11.48
N VAL H 293 -52.61 -39.66 11.58
CA VAL H 293 -51.55 -39.59 10.59
C VAL H 293 -52.04 -40.21 9.28
N SER H 294 -52.65 -41.38 9.40
CA SER H 294 -53.16 -42.12 8.25
C SER H 294 -54.38 -41.49 7.58
N GLU H 295 -55.31 -41.00 8.40
CA GLU H 295 -56.54 -40.38 7.88
C GLU H 295 -56.26 -39.13 7.07
N LYS H 296 -55.12 -38.50 7.32
CA LYS H 296 -54.73 -37.31 6.59
C LYS H 296 -54.16 -37.78 5.25
N GLU H 297 -53.46 -38.91 5.29
CA GLU H 297 -52.86 -39.52 4.10
C GLU H 297 -53.96 -40.06 3.19
N HIS H 298 -55.10 -40.40 3.80
CA HIS H 298 -56.25 -40.94 3.07
C HIS H 298 -56.92 -39.80 2.30
N ALA H 299 -57.10 -38.68 2.99
CA ALA H 299 -57.72 -37.50 2.39
C ALA H 299 -56.82 -36.97 1.28
N THR H 300 -55.52 -37.03 1.52
CA THR H 300 -54.54 -36.55 0.54
C THR H 300 -54.55 -37.45 -0.70
N ARG H 301 -54.62 -38.76 -0.48
CA ARG H 301 -54.67 -39.72 -1.58
C ARG H 301 -55.91 -39.45 -2.43
N LEU H 302 -57.06 -39.32 -1.77
CA LEU H 302 -58.32 -39.07 -2.46
C LEU H 302 -58.29 -37.73 -3.20
N LEU H 303 -57.44 -36.83 -2.72
CA LEU H 303 -57.28 -35.52 -3.32
C LEU H 303 -56.55 -35.67 -4.64
N GLU H 304 -55.29 -36.09 -4.55
CA GLU H 304 -54.46 -36.29 -5.73
C GLU H 304 -55.30 -37.04 -6.76
N GLN H 305 -56.11 -37.97 -6.25
CA GLN H 305 -56.96 -38.80 -7.10
C GLN H 305 -58.01 -38.01 -7.86
N ALA H 306 -58.72 -37.14 -7.15
CA ALA H 306 -59.76 -36.33 -7.77
C ALA H 306 -59.16 -35.33 -8.77
N GLY H 307 -58.00 -35.66 -9.31
CA GLY H 307 -57.33 -34.78 -10.26
C GLY H 307 -57.11 -33.41 -9.67
N MET H 308 -57.61 -33.26 -8.44
CA MET H 308 -57.52 -32.01 -7.70
C MET H 308 -56.09 -31.78 -7.25
N LYS H 309 -55.26 -32.81 -7.41
CA LYS H 309 -53.86 -32.71 -7.02
C LYS H 309 -53.06 -33.87 -7.60
N ASP I 1 5.25 -5.70 38.90
CA ASP I 1 6.13 -5.28 40.02
C ASP I 1 5.47 -4.22 40.88
N ILE I 2 5.51 -4.42 42.19
CA ILE I 2 4.90 -3.47 43.11
C ILE I 2 5.81 -3.15 44.28
N THR I 3 5.44 -2.10 45.01
CA THR I 3 6.21 -1.69 46.18
C THR I 3 5.25 -1.82 47.37
N VAL I 4 5.74 -2.38 48.46
CA VAL I 4 4.93 -2.56 49.65
C VAL I 4 5.55 -1.90 50.86
N TYR I 5 4.78 -1.05 51.53
CA TYR I 5 5.24 -0.37 52.75
C TYR I 5 4.94 -1.30 53.89
N ASN I 6 5.88 -2.21 54.13
CA ASN I 6 5.76 -3.22 55.16
C ASN I 6 6.12 -2.81 56.58
N GLY I 7 5.24 -3.16 57.50
CA GLY I 7 5.44 -2.88 58.91
C GLY I 7 5.45 -4.18 59.68
N GLN I 8 5.00 -5.24 59.02
CA GLN I 8 4.96 -6.58 59.61
C GLN I 8 6.40 -7.05 59.82
N HIS I 9 6.58 -8.29 60.27
CA HIS I 9 7.93 -8.78 60.51
C HIS I 9 8.80 -8.71 59.26
N LYS I 10 9.96 -8.08 59.41
CA LYS I 10 10.91 -7.87 58.33
C LYS I 10 11.49 -9.14 57.72
N GLU I 11 11.09 -10.31 58.22
CA GLU I 11 11.61 -11.56 57.68
C GLU I 11 10.46 -12.39 57.11
N ALA I 12 9.32 -12.34 57.80
CA ALA I 12 8.14 -13.07 57.37
C ALA I 12 7.45 -12.34 56.23
N ALA I 13 7.77 -11.07 56.06
CA ALA I 13 7.19 -10.28 54.99
C ALA I 13 7.94 -10.59 53.69
N GLN I 14 9.22 -10.94 53.82
CA GLN I 14 10.04 -11.29 52.66
C GLN I 14 9.67 -12.69 52.21
N ALA I 15 9.06 -13.45 53.11
CA ALA I 15 8.63 -14.82 52.83
C ALA I 15 7.28 -14.82 52.11
N VAL I 16 6.48 -13.78 52.35
CA VAL I 16 5.18 -13.67 51.71
C VAL I 16 5.33 -12.97 50.37
N ALA I 17 6.37 -12.12 50.26
CA ALA I 17 6.64 -11.37 49.05
C ALA I 17 7.32 -12.27 48.04
N ASP I 18 8.23 -13.12 48.51
CA ASP I 18 8.94 -14.03 47.63
C ASP I 18 8.02 -15.18 47.24
N ALA I 19 7.33 -15.75 48.23
CA ALA I 19 6.40 -16.84 47.96
C ALA I 19 5.34 -16.34 47.01
N PHE I 20 5.22 -15.02 46.94
CA PHE I 20 4.26 -14.33 46.06
C PHE I 20 4.83 -14.28 44.65
N THR I 21 6.14 -14.03 44.57
CA THR I 21 6.85 -13.96 43.30
C THR I 21 6.84 -15.34 42.65
N ARG I 22 6.99 -16.36 43.50
CA ARG I 22 7.03 -17.75 43.04
C ARG I 22 5.63 -18.29 42.74
N ALA I 23 4.95 -17.67 41.78
CA ALA I 23 3.60 -18.08 41.40
C ALA I 23 2.96 -17.00 40.54
N THR I 24 3.55 -15.81 40.53
CA THR I 24 3.03 -14.69 39.74
C THR I 24 4.14 -14.06 38.92
N GLY I 25 5.36 -14.09 39.45
CA GLY I 25 6.48 -13.48 38.75
C GLY I 25 6.44 -11.98 38.88
N ILE I 26 5.70 -11.51 39.89
CA ILE I 26 5.59 -10.07 40.17
C ILE I 26 6.57 -9.71 41.27
N LYS I 27 7.60 -8.94 40.92
CA LYS I 27 8.61 -8.55 41.90
C LYS I 27 7.98 -7.70 43.01
N VAL I 28 8.51 -7.82 44.23
CA VAL I 28 8.00 -7.06 45.37
C VAL I 28 9.10 -6.30 46.11
N LYS I 29 9.02 -4.97 46.06
CA LYS I 29 9.96 -4.09 46.74
C LYS I 29 9.37 -3.82 48.12
N LEU I 30 10.20 -3.83 49.16
CA LEU I 30 9.74 -3.60 50.52
C LEU I 30 10.43 -2.43 51.20
N ASN I 31 9.62 -1.47 51.65
CA ASN I 31 10.10 -0.29 52.37
C ASN I 31 9.66 -0.53 53.81
N SER I 32 10.51 -1.17 54.59
CA SER I 32 10.21 -1.51 55.97
C SER I 32 10.44 -0.43 57.03
N ALA I 33 9.39 -0.16 57.80
CA ALA I 33 9.42 0.82 58.89
C ALA I 33 8.31 0.46 59.88
N LYS I 34 7.81 1.46 60.61
CA LYS I 34 6.75 1.22 61.59
C LYS I 34 5.39 1.52 60.99
N GLY I 35 4.36 0.83 61.49
CA GLY I 35 3.01 1.05 60.98
C GLY I 35 2.56 2.50 61.07
N ASP I 36 2.47 3.03 62.28
CA ASP I 36 2.07 4.42 62.48
C ASP I 36 3.03 5.33 61.71
N GLN I 37 4.29 4.89 61.59
CA GLN I 37 5.31 5.68 60.88
C GLN I 37 5.11 5.71 59.37
N LEU I 38 4.69 4.58 58.81
CA LEU I 38 4.44 4.47 57.38
C LEU I 38 3.12 5.12 57.00
N ALA I 39 2.13 5.02 57.89
CA ALA I 39 0.84 5.65 57.63
C ALA I 39 1.07 7.15 57.49
N GLY I 40 1.99 7.66 58.31
CA GLY I 40 2.31 9.08 58.29
C GLY I 40 3.16 9.48 57.09
N GLN I 41 3.82 8.51 56.47
CA GLN I 41 4.66 8.78 55.31
C GLN I 41 3.76 8.78 54.08
N ILE I 42 2.70 7.98 54.13
CA ILE I 42 1.76 7.89 53.03
C ILE I 42 0.87 9.14 52.93
N LYS I 43 0.32 9.58 54.06
CA LYS I 43 -0.51 10.78 54.09
C LYS I 43 0.32 11.97 53.60
N GLU I 44 1.58 11.98 54.02
CA GLU I 44 2.52 13.03 53.67
C GLU I 44 2.83 13.07 52.18
N GLU I 45 3.08 11.90 51.60
CA GLU I 45 3.40 11.80 50.18
C GLU I 45 2.16 11.95 49.30
N GLY I 46 0.98 11.73 49.88
CA GLY I 46 -0.25 11.87 49.12
C GLY I 46 -0.22 11.14 47.80
N SER I 47 -0.67 11.82 46.75
CA SER I 47 -0.71 11.25 45.41
C SER I 47 0.67 11.19 44.75
N ARG I 48 1.70 10.99 45.57
CA ARG I 48 3.07 10.94 45.08
C ARG I 48 3.83 9.76 45.70
N SER I 49 3.09 8.89 46.39
CA SER I 49 3.67 7.73 47.05
C SER I 49 3.93 6.56 46.11
N PRO I 50 5.19 6.06 46.08
CA PRO I 50 5.56 4.93 45.22
C PRO I 50 5.08 3.63 45.85
N ALA I 51 4.26 3.77 46.90
CA ALA I 51 3.71 2.63 47.62
C ALA I 51 2.45 2.12 46.94
N ASP I 52 2.47 0.84 46.61
CA ASP I 52 1.33 0.21 45.95
C ASP I 52 0.48 -0.45 47.02
N VAL I 53 1.14 -1.03 48.03
CA VAL I 53 0.47 -1.72 49.13
C VAL I 53 1.02 -1.31 50.49
N PHE I 54 0.18 -1.39 51.51
CA PHE I 54 0.58 -1.06 52.87
C PHE I 54 0.34 -2.26 53.77
N TYR I 55 1.40 -3.02 54.00
CA TYR I 55 1.33 -4.20 54.84
C TYR I 55 1.46 -3.67 56.27
N SER I 56 0.32 -3.49 56.94
CA SER I 56 0.30 -2.97 58.30
C SER I 56 0.16 -4.04 59.39
N GLU I 57 0.89 -3.83 60.48
CA GLU I 57 0.87 -4.74 61.62
C GLU I 57 -0.15 -4.23 62.65
N GLN I 58 -0.68 -3.04 62.41
CA GLN I 58 -1.65 -2.40 63.30
C GLN I 58 -2.91 -2.04 62.55
N ILE I 59 -4.06 -2.26 63.19
CA ILE I 59 -5.34 -1.93 62.58
C ILE I 59 -5.55 -0.41 62.55
N PRO I 60 -5.31 0.29 63.68
CA PRO I 60 -5.47 1.74 63.73
C PRO I 60 -4.61 2.49 62.71
N ALA I 61 -3.53 1.84 62.26
CA ALA I 61 -2.63 2.43 61.28
C ALA I 61 -3.32 2.47 59.93
N LEU I 62 -4.18 1.48 59.68
CA LEU I 62 -4.94 1.39 58.45
C LEU I 62 -6.18 2.27 58.62
N ALA I 63 -6.61 2.42 59.86
CA ALA I 63 -7.77 3.23 60.20
C ALA I 63 -7.53 4.69 59.85
N THR I 64 -6.35 5.20 60.19
CA THR I 64 -5.99 6.59 59.92
C THR I 64 -5.93 6.90 58.43
N LEU I 65 -5.36 5.98 57.66
CA LEU I 65 -5.24 6.16 56.21
C LEU I 65 -6.58 5.94 55.49
N SER I 66 -7.45 5.16 56.11
CA SER I 66 -8.76 4.87 55.55
C SER I 66 -9.67 6.10 55.59
N ALA I 67 -9.76 6.73 56.77
CA ALA I 67 -10.58 7.92 56.94
C ALA I 67 -9.93 9.11 56.25
N ALA I 68 -9.18 8.82 55.19
CA ALA I 68 -8.49 9.84 54.41
C ALA I 68 -8.57 9.50 52.92
N ASN I 69 -9.44 8.55 52.58
CA ASN I 69 -9.62 8.09 51.21
C ASN I 69 -8.29 7.85 50.51
N LEU I 70 -7.30 7.41 51.28
CA LEU I 70 -5.98 7.13 50.72
C LEU I 70 -5.88 5.68 50.27
N LEU I 71 -6.61 4.80 50.97
CA LEU I 71 -6.62 3.38 50.65
C LEU I 71 -7.63 3.10 49.53
N GLU I 72 -7.44 1.97 48.85
CA GLU I 72 -8.32 1.58 47.75
C GLU I 72 -9.24 0.46 48.22
N PRO I 73 -10.51 0.47 47.77
CA PRO I 73 -11.43 -0.60 48.17
C PRO I 73 -10.97 -1.96 47.69
N LEU I 74 -11.47 -3.01 48.34
CA LEU I 74 -11.10 -4.37 47.99
C LEU I 74 -12.33 -5.19 47.61
N PRO I 75 -12.19 -6.05 46.58
CA PRO I 75 -13.33 -6.87 46.15
C PRO I 75 -13.86 -7.70 47.32
N ALA I 76 -15.15 -7.98 47.31
CA ALA I 76 -15.76 -8.75 48.40
C ALA I 76 -15.05 -10.09 48.60
N SER I 77 -14.61 -10.70 47.50
CA SER I 77 -13.92 -11.98 47.52
C SER I 77 -12.70 -12.03 48.45
N THR I 78 -11.91 -10.96 48.45
CA THR I 78 -10.71 -10.84 49.26
C THR I 78 -11.01 -10.84 50.76
N ILE I 79 -11.80 -9.85 51.19
CA ILE I 79 -12.17 -9.70 52.59
C ILE I 79 -12.80 -10.94 53.22
N ASN I 80 -13.84 -11.47 52.60
CA ASN I 80 -14.56 -12.63 53.13
C ASN I 80 -13.69 -13.84 53.47
N GLU I 81 -12.61 -14.06 52.73
CA GLU I 81 -11.73 -15.20 52.98
C GLU I 81 -11.24 -15.31 54.42
N THR I 82 -10.69 -14.21 54.93
CA THR I 82 -10.17 -14.18 56.29
C THR I 82 -11.27 -13.92 57.31
N ARG I 83 -12.49 -13.68 56.84
CA ARG I 83 -13.61 -13.44 57.73
C ARG I 83 -13.66 -14.48 58.84
N GLY I 84 -14.28 -14.11 59.95
CA GLY I 84 -14.39 -15.00 61.09
C GLY I 84 -14.88 -14.21 62.28
N LYS I 85 -15.38 -14.90 63.31
CA LYS I 85 -15.90 -14.23 64.49
C LYS I 85 -14.80 -13.46 65.22
N GLY I 86 -15.11 -12.21 65.57
CA GLY I 86 -14.15 -11.38 66.27
C GLY I 86 -13.17 -10.63 65.38
N VAL I 87 -13.10 -11.03 64.12
CA VAL I 87 -12.18 -10.39 63.17
C VAL I 87 -12.67 -9.00 62.81
N PRO I 88 -11.74 -8.02 62.82
CA PRO I 88 -12.02 -6.62 62.50
C PRO I 88 -12.43 -6.43 61.04
N VAL I 89 -13.50 -5.69 60.80
CA VAL I 89 -13.97 -5.44 59.45
C VAL I 89 -14.01 -3.93 59.18
N ALA I 90 -13.57 -3.54 57.99
CA ALA I 90 -13.53 -2.14 57.59
C ALA I 90 -14.91 -1.60 57.18
N ALA I 91 -15.15 -0.33 57.46
CA ALA I 91 -16.42 0.30 57.12
C ALA I 91 -16.50 0.50 55.61
N LYS I 92 -15.46 1.08 55.03
CA LYS I 92 -15.41 1.34 53.60
C LYS I 92 -14.89 0.13 52.81
N LYS I 93 -14.63 -0.98 53.51
CA LYS I 93 -14.12 -2.20 52.88
C LYS I 93 -12.88 -1.96 52.01
N ASP I 94 -11.94 -1.15 52.51
CA ASP I 94 -10.72 -0.86 51.74
C ASP I 94 -9.45 -1.52 52.31
N TRP I 95 -9.65 -2.46 53.24
CA TRP I 95 -8.54 -3.20 53.84
C TRP I 95 -9.06 -4.50 54.45
N VAL I 96 -8.16 -5.45 54.66
CA VAL I 96 -8.53 -6.75 55.22
C VAL I 96 -7.54 -7.22 56.30
N ALA I 97 -8.08 -7.84 57.36
CA ALA I 97 -7.27 -8.36 58.45
C ALA I 97 -6.62 -9.65 57.96
N LEU I 98 -5.41 -9.93 58.42
CA LEU I 98 -4.69 -11.13 57.99
C LEU I 98 -4.37 -12.15 59.07
N SER I 99 -3.53 -11.77 60.03
CA SER I 99 -3.14 -12.69 61.10
C SER I 99 -3.48 -12.20 62.50
N GLY I 100 -3.05 -12.96 63.50
CA GLY I 100 -3.34 -12.60 64.88
C GLY I 100 -2.17 -12.81 65.83
N ARG I 101 -1.94 -11.82 66.69
CA ARG I 101 -0.86 -11.84 67.67
C ARG I 101 -1.49 -11.79 69.07
N SER I 102 -1.17 -12.79 69.90
CA SER I 102 -1.75 -12.88 71.25
C SER I 102 -0.86 -12.56 72.45
N ARG I 103 -1.52 -12.08 73.50
CA ARG I 103 -0.89 -11.75 74.76
C ARG I 103 -0.74 -13.07 75.51
N VAL I 104 0.38 -13.27 76.18
CA VAL I 104 0.59 -14.49 76.94
C VAL I 104 1.43 -14.22 78.18
N VAL I 105 1.47 -15.23 79.06
CA VAL I 105 2.25 -15.18 80.28
C VAL I 105 3.26 -16.33 80.22
N VAL I 106 4.47 -16.04 79.77
CA VAL I 106 5.52 -17.05 79.68
C VAL I 106 6.13 -17.25 81.07
N TYR I 107 5.99 -18.47 81.59
CA TYR I 107 6.49 -18.80 82.92
C TYR I 107 7.63 -19.80 82.94
N ASP I 108 8.44 -19.74 84.00
CA ASP I 108 9.59 -20.63 84.19
C ASP I 108 9.05 -21.98 84.67
N THR I 109 9.16 -23.01 83.82
CA THR I 109 8.67 -24.37 84.12
C THR I 109 9.34 -25.04 85.32
N ARG I 110 10.51 -24.56 85.70
CA ARG I 110 11.25 -25.13 86.82
C ARG I 110 10.77 -24.55 88.16
N LYS I 111 10.12 -23.39 88.10
CA LYS I 111 9.60 -22.71 89.30
C LYS I 111 8.09 -22.91 89.45
N LEU I 112 7.37 -22.68 88.36
CA LEU I 112 5.92 -22.80 88.35
C LEU I 112 5.36 -23.95 87.53
N SER I 113 4.04 -24.08 87.64
CA SER I 113 3.29 -25.09 86.94
C SER I 113 2.04 -24.36 86.44
N GLU I 114 1.12 -25.08 85.81
CA GLU I 114 -0.11 -24.47 85.29
C GLU I 114 -1.16 -24.23 86.38
N LYS I 115 -1.12 -25.04 87.44
CA LYS I 115 -2.08 -24.94 88.54
C LYS I 115 -1.72 -23.90 89.60
N ASP I 116 -0.91 -22.90 89.21
CA ASP I 116 -0.51 -21.84 90.14
C ASP I 116 -0.88 -20.49 89.54
N LEU I 117 -0.63 -20.38 88.23
CA LEU I 117 -0.89 -19.15 87.48
C LEU I 117 -2.29 -18.58 87.68
N GLU I 118 -2.40 -17.27 87.49
CA GLU I 118 -3.66 -16.57 87.65
C GLU I 118 -4.63 -16.97 86.54
N LYS I 119 -5.89 -16.60 86.71
CA LYS I 119 -6.92 -16.90 85.73
C LYS I 119 -7.30 -15.61 85.03
N SER I 120 -6.78 -14.51 85.55
CA SER I 120 -7.03 -13.18 84.99
C SER I 120 -5.75 -12.37 85.12
N VAL I 121 -5.19 -11.96 83.98
CA VAL I 121 -3.96 -11.18 83.99
C VAL I 121 -4.10 -9.99 84.95
N LEU I 122 -5.33 -9.64 85.27
CA LEU I 122 -5.61 -8.53 86.18
C LEU I 122 -5.16 -8.81 87.62
N ASN I 123 -4.77 -10.06 87.88
CA ASN I 123 -4.33 -10.44 89.22
C ASN I 123 -2.82 -10.66 89.33
N TYR I 124 -2.09 -10.25 88.31
CA TYR I 124 -0.63 -10.35 88.34
C TYR I 124 -0.21 -9.01 88.91
N ALA I 125 -1.18 -8.31 89.49
CA ALA I 125 -0.98 -7.01 90.12
C ALA I 125 -1.33 -7.09 91.58
N THR I 126 -1.47 -8.32 92.08
CA THR I 126 -1.79 -8.58 93.48
C THR I 126 -0.47 -8.85 94.22
N PRO I 127 -0.45 -8.60 95.54
CA PRO I 127 0.76 -8.82 96.36
C PRO I 127 1.29 -10.27 96.34
N LYS I 128 0.71 -11.11 95.50
CA LYS I 128 1.13 -12.52 95.41
C LYS I 128 2.34 -12.71 94.49
N TRP I 129 2.39 -11.99 93.38
CA TRP I 129 3.50 -12.12 92.45
C TRP I 129 4.54 -11.00 92.61
N LYS I 130 4.86 -10.69 93.86
CA LYS I 130 5.86 -9.66 94.18
C LYS I 130 7.21 -10.12 93.63
N ASN I 131 7.74 -9.39 92.65
CA ASN I 131 9.02 -9.71 92.04
C ASN I 131 8.99 -11.11 91.39
N ARG I 132 7.78 -11.61 91.14
CA ARG I 132 7.58 -12.92 90.51
C ARG I 132 7.04 -12.80 89.10
N ILE I 133 6.46 -11.64 88.80
CA ILE I 133 5.87 -11.36 87.50
C ILE I 133 6.65 -10.23 86.80
N GLY I 134 6.69 -10.28 85.47
CA GLY I 134 7.40 -9.26 84.71
C GLY I 134 6.53 -8.62 83.64
N TYR I 135 6.83 -7.36 83.32
CA TYR I 135 6.07 -6.62 82.30
C TYR I 135 7.00 -5.70 81.48
N VAL I 136 6.54 -5.27 80.32
CA VAL I 136 7.33 -4.39 79.44
C VAL I 136 6.60 -3.05 79.17
N PRO I 137 6.85 -2.04 80.04
CA PRO I 137 6.26 -0.70 79.98
C PRO I 137 6.64 0.20 78.80
N THR I 138 7.54 -0.27 77.95
CA THR I 138 7.97 0.53 76.81
C THR I 138 7.46 -0.01 75.47
N SER I 139 6.75 -1.13 75.51
CA SER I 139 6.20 -1.73 74.29
C SER I 139 4.73 -1.38 74.07
N GLY I 140 4.41 -1.02 72.84
CA GLY I 140 3.03 -0.68 72.51
C GLY I 140 2.08 -1.82 72.74
N ALA I 141 2.62 -3.02 72.95
CA ALA I 141 1.82 -4.21 73.21
C ALA I 141 1.25 -4.11 74.61
N PHE I 142 2.08 -3.64 75.53
CA PHE I 142 1.66 -3.46 76.92
C PHE I 142 0.69 -2.29 76.98
N LEU I 143 0.68 -1.48 75.93
CA LEU I 143 -0.23 -0.34 75.84
C LEU I 143 -1.59 -0.82 75.36
N GLU I 144 -1.58 -1.68 74.35
CA GLU I 144 -2.83 -2.24 73.82
C GLU I 144 -3.55 -2.95 74.95
N GLN I 145 -2.78 -3.54 75.85
CA GLN I 145 -3.33 -4.25 76.98
C GLN I 145 -4.12 -3.31 77.87
N ILE I 146 -3.48 -2.22 78.28
CA ILE I 146 -4.12 -1.25 79.14
C ILE I 146 -5.42 -0.76 78.51
N VAL I 147 -5.35 -0.27 77.27
CA VAL I 147 -6.53 0.24 76.56
C VAL I 147 -7.65 -0.78 76.54
N ALA I 148 -7.28 -2.05 76.52
CA ALA I 148 -8.27 -3.12 76.52
C ALA I 148 -8.95 -3.16 77.88
N ILE I 149 -8.14 -3.13 78.93
CA ILE I 149 -8.65 -3.16 80.29
C ILE I 149 -9.64 -2.02 80.57
N VAL I 150 -9.32 -0.82 80.09
CA VAL I 150 -10.19 0.33 80.31
C VAL I 150 -11.54 0.15 79.63
N LYS I 151 -11.54 -0.47 78.46
CA LYS I 151 -12.79 -0.69 77.71
C LYS I 151 -13.55 -1.89 78.27
N LEU I 152 -12.82 -2.92 78.68
CA LEU I 152 -13.41 -4.14 79.22
C LEU I 152 -13.76 -4.09 80.71
N LYS I 153 -12.83 -3.62 81.53
CA LYS I 153 -13.07 -3.55 82.98
C LYS I 153 -13.09 -2.14 83.56
N GLY I 154 -13.55 -1.18 82.76
CA GLY I 154 -13.60 0.21 83.21
C GLY I 154 -12.25 0.80 83.57
N GLU I 155 -12.16 2.14 83.54
CA GLU I 155 -10.93 2.85 83.86
C GLU I 155 -10.45 2.52 85.27
N ALA I 156 -11.40 2.10 86.11
CA ALA I 156 -11.09 1.75 87.49
C ALA I 156 -10.09 0.59 87.53
N ALA I 157 -10.50 -0.57 87.03
CA ALA I 157 -9.63 -1.74 87.00
C ALA I 157 -8.28 -1.40 86.37
N ALA I 158 -8.32 -0.75 85.22
CA ALA I 158 -7.12 -0.35 84.49
C ALA I 158 -6.07 0.25 85.39
N LEU I 159 -6.42 1.34 86.09
CA LEU I 159 -5.47 1.99 86.97
C LEU I 159 -5.10 1.12 88.16
N LYS I 160 -6.06 0.35 88.67
CA LYS I 160 -5.78 -0.53 89.80
C LYS I 160 -4.77 -1.58 89.36
N TRP I 161 -4.90 -2.03 88.11
CA TRP I 161 -3.97 -3.04 87.59
C TRP I 161 -2.57 -2.45 87.51
N LEU I 162 -2.39 -1.46 86.65
CA LEU I 162 -1.08 -0.81 86.48
C LEU I 162 -0.47 -0.42 87.82
N LYS I 163 -1.32 0.01 88.75
CA LYS I 163 -0.87 0.41 90.08
C LYS I 163 -0.29 -0.77 90.85
N GLY I 164 -0.81 -1.96 90.58
CA GLY I 164 -0.33 -3.15 91.24
C GLY I 164 0.94 -3.72 90.62
N LEU I 165 1.18 -3.41 89.35
CA LEU I 165 2.38 -3.91 88.66
C LEU I 165 3.64 -3.17 89.05
N LYS I 166 3.51 -1.91 89.42
CA LYS I 166 4.67 -1.14 89.83
C LYS I 166 5.01 -1.50 91.27
N GLU I 167 4.01 -1.45 92.14
CA GLU I 167 4.18 -1.75 93.56
C GLU I 167 4.81 -3.13 93.76
N TYR I 168 4.77 -3.98 92.73
CA TYR I 168 5.29 -5.34 92.84
C TYR I 168 6.14 -5.86 91.66
N GLY I 169 5.56 -5.98 90.47
CA GLY I 169 6.30 -6.48 89.32
C GLY I 169 7.53 -5.69 88.88
N LYS I 170 8.32 -6.26 87.98
CA LYS I 170 9.54 -5.63 87.47
C LYS I 170 9.43 -5.20 86.01
N PRO I 171 9.92 -3.98 85.69
CA PRO I 171 9.87 -3.47 84.31
C PRO I 171 10.99 -4.02 83.43
N TYR I 172 10.76 -4.03 82.12
CA TYR I 172 11.74 -4.53 81.16
C TYR I 172 11.78 -3.71 79.87
N ALA I 173 12.96 -3.66 79.25
CA ALA I 173 13.16 -2.91 78.02
C ALA I 173 12.29 -3.44 76.89
N LYS I 174 12.13 -4.76 76.85
CA LYS I 174 11.30 -5.40 75.83
C LYS I 174 11.20 -6.89 76.01
N ASN I 175 10.23 -7.47 75.31
CA ASN I 175 9.93 -8.91 75.35
C ASN I 175 11.17 -9.81 75.40
N SER I 176 12.04 -9.67 74.41
CA SER I 176 13.26 -10.47 74.31
C SER I 176 14.01 -10.57 75.64
N VAL I 177 14.05 -9.46 76.36
CA VAL I 177 14.73 -9.39 77.66
C VAL I 177 13.96 -10.15 78.73
N ALA I 178 12.63 -9.97 78.75
CA ALA I 178 11.76 -10.62 79.72
C ALA I 178 11.68 -12.13 79.52
N LEU I 179 11.74 -12.57 78.27
CA LEU I 179 11.69 -13.98 77.97
C LEU I 179 12.99 -14.58 78.47
N GLN I 180 14.10 -14.08 77.95
CA GLN I 180 15.42 -14.55 78.35
C GLN I 180 15.58 -14.40 79.86
N ALA I 181 14.80 -13.50 80.44
CA ALA I 181 14.84 -13.29 81.88
C ALA I 181 14.20 -14.51 82.52
N VAL I 182 13.15 -15.03 81.90
CA VAL I 182 12.46 -16.19 82.41
C VAL I 182 13.12 -17.50 81.95
N GLU I 183 13.92 -17.42 80.89
CA GLU I 183 14.62 -18.59 80.38
C GLU I 183 15.90 -18.86 81.17
N ASN I 184 16.42 -17.81 81.80
CA ASN I 184 17.62 -17.91 82.61
C ASN I 184 17.28 -17.88 84.08
N GLY I 185 16.05 -18.30 84.39
CA GLY I 185 15.58 -18.35 85.75
C GLY I 185 15.71 -17.08 86.59
N GLU I 186 15.91 -15.94 85.94
CA GLU I 186 16.04 -14.68 86.67
C GLU I 186 14.72 -14.32 87.34
N ILE I 187 13.61 -14.62 86.66
CA ILE I 187 12.27 -14.33 87.17
C ILE I 187 11.39 -15.59 86.99
N ASP I 188 10.15 -15.51 87.46
CA ASP I 188 9.21 -16.63 87.33
C ASP I 188 8.45 -16.52 86.02
N ALA I 189 7.44 -15.65 86.00
CA ALA I 189 6.62 -15.44 84.81
C ALA I 189 6.81 -14.03 84.26
N ALA I 190 6.09 -13.71 83.19
CA ALA I 190 6.17 -12.40 82.56
C ALA I 190 5.06 -12.26 81.54
N LEU I 191 4.64 -11.03 81.29
CA LEU I 191 3.57 -10.73 80.34
C LEU I 191 4.15 -10.27 79.00
N ILE I 192 4.25 -11.18 78.03
CA ILE I 192 4.78 -10.83 76.71
C ILE I 192 3.80 -11.20 75.60
N ASN I 193 4.31 -11.51 74.40
CA ASN I 193 3.46 -11.90 73.28
C ASN I 193 3.84 -13.27 72.74
N ASN I 194 2.83 -14.05 72.37
CA ASN I 194 3.01 -15.42 71.87
C ASN I 194 4.10 -15.63 70.83
N TYR I 195 3.97 -14.98 69.68
CA TYR I 195 4.94 -15.13 68.59
C TYR I 195 6.39 -14.92 69.02
N TYR I 196 6.62 -13.99 69.96
CA TYR I 196 7.98 -13.73 70.43
C TYR I 196 8.56 -15.03 71.06
N TRP I 197 7.69 -15.92 71.57
CA TRP I 197 8.12 -17.19 72.19
C TRP I 197 8.21 -18.37 71.22
N HIS I 198 7.20 -18.51 70.36
CA HIS I 198 7.16 -19.59 69.39
C HIS I 198 8.40 -19.62 68.51
N ALA I 199 9.00 -18.46 68.30
CA ALA I 199 10.19 -18.37 67.48
C ALA I 199 11.40 -18.88 68.25
N PHE I 200 11.25 -19.02 69.57
CA PHE I 200 12.32 -19.51 70.42
C PHE I 200 12.34 -21.03 70.39
N ALA I 201 11.20 -21.63 70.72
CA ALA I 201 11.07 -23.08 70.73
C ALA I 201 11.59 -23.69 69.43
N ARG I 202 11.05 -23.24 68.30
CA ARG I 202 11.44 -23.75 67.00
C ARG I 202 12.94 -23.67 66.74
N GLU I 203 13.60 -22.66 67.31
CA GLU I 203 15.04 -22.50 67.14
C GLU I 203 15.84 -23.38 68.10
N LYS I 204 15.70 -23.12 69.40
CA LYS I 204 16.42 -23.90 70.41
C LYS I 204 15.77 -25.25 70.72
N GLY I 205 15.01 -25.78 69.77
CA GLY I 205 14.34 -27.04 69.98
C GLY I 205 13.45 -26.96 71.20
N VAL I 206 12.14 -27.09 71.00
CA VAL I 206 11.19 -27.00 72.09
C VAL I 206 11.59 -27.80 73.33
N GLN I 207 12.27 -28.94 73.11
CA GLN I 207 12.71 -29.78 74.21
C GLN I 207 13.70 -29.05 75.11
N ASN I 208 14.47 -28.14 74.52
CA ASN I 208 15.51 -27.37 75.23
C ASN I 208 15.06 -26.04 75.80
N VAL I 209 13.76 -25.77 75.74
CA VAL I 209 13.22 -24.53 76.25
C VAL I 209 12.72 -24.72 77.69
N HIS I 210 13.24 -23.91 78.61
CA HIS I 210 12.86 -23.98 80.02
C HIS I 210 11.64 -23.13 80.33
N THR I 211 10.72 -23.00 79.39
CA THR I 211 9.53 -22.20 79.63
C THR I 211 8.38 -22.49 78.67
N ARG I 212 7.18 -22.16 79.11
CA ARG I 212 5.98 -22.37 78.31
C ARG I 212 5.11 -21.12 78.22
N LEU I 213 3.96 -21.25 77.58
CA LEU I 213 3.04 -20.13 77.43
C LEU I 213 1.71 -20.43 78.07
N ASN I 214 1.14 -19.43 78.72
CA ASN I 214 -0.14 -19.58 79.38
C ASN I 214 -1.10 -18.56 78.79
N PHE I 215 -2.32 -19.00 78.51
CA PHE I 215 -3.35 -18.12 77.97
C PHE I 215 -4.51 -18.12 78.97
N VAL I 216 -4.87 -16.95 79.48
CA VAL I 216 -5.98 -16.86 80.43
C VAL I 216 -7.29 -17.12 79.69
N ARG I 217 -7.39 -16.59 78.47
CA ARG I 217 -8.58 -16.76 77.64
C ARG I 217 -9.84 -16.33 78.40
N HIS I 218 -10.96 -16.94 78.07
CA HIS I 218 -12.23 -16.64 78.72
C HIS I 218 -12.65 -15.17 78.59
N ARG I 219 -12.25 -14.55 77.48
CA ARG I 219 -12.58 -13.16 77.19
C ARG I 219 -11.95 -12.16 78.17
N ASP I 220 -10.99 -12.64 78.95
CA ASP I 220 -10.28 -11.81 79.94
C ASP I 220 -9.35 -10.85 79.19
N PRO I 221 -8.93 -9.75 79.85
CA PRO I 221 -8.03 -8.79 79.21
C PRO I 221 -6.71 -9.40 78.73
N GLY I 222 -6.31 -10.50 79.37
CA GLY I 222 -5.06 -11.17 79.02
C GLY I 222 -5.11 -11.90 77.70
N ALA I 223 -6.32 -12.22 77.25
CA ALA I 223 -6.51 -12.91 75.99
C ALA I 223 -6.69 -11.93 74.83
N LEU I 224 -6.19 -10.71 75.01
CA LEU I 224 -6.30 -9.68 73.98
C LEU I 224 -5.50 -9.99 72.72
N VAL I 225 -6.19 -10.04 71.59
CA VAL I 225 -5.55 -10.30 70.30
C VAL I 225 -5.64 -9.07 69.38
N THR I 226 -4.49 -8.54 68.97
CA THR I 226 -4.45 -7.40 68.07
C THR I 226 -4.24 -7.98 66.67
N TYR I 227 -4.89 -7.39 65.66
CA TYR I 227 -4.78 -7.92 64.30
C TYR I 227 -3.95 -7.13 63.32
N SER I 228 -3.54 -7.83 62.25
CA SER I 228 -2.76 -7.25 61.17
C SER I 228 -3.62 -7.16 59.92
N GLY I 229 -3.25 -6.26 59.01
CA GLY I 229 -4.01 -6.07 57.80
C GLY I 229 -3.18 -5.61 56.62
N ALA I 230 -3.81 -5.63 55.44
CA ALA I 230 -3.13 -5.21 54.23
C ALA I 230 -4.04 -4.25 53.46
N ALA I 231 -3.44 -3.28 52.79
CA ALA I 231 -4.21 -2.31 52.03
C ALA I 231 -3.56 -1.91 50.71
N VAL I 232 -4.41 -1.74 49.71
CA VAL I 232 -3.96 -1.29 48.39
C VAL I 232 -4.30 0.19 48.38
N LEU I 233 -3.35 1.01 47.95
CA LEU I 233 -3.56 2.45 47.93
C LEU I 233 -4.14 2.96 46.61
N LYS I 234 -4.89 4.06 46.71
CA LYS I 234 -5.49 4.69 45.54
C LYS I 234 -4.41 5.36 44.70
N SER I 235 -3.28 5.69 45.33
CA SER I 235 -2.17 6.32 44.61
C SER I 235 -1.16 5.27 44.19
N SER I 236 -1.63 4.24 43.52
CA SER I 236 -0.77 3.14 43.08
C SER I 236 -0.76 3.03 41.56
N GLN I 237 0.45 2.98 40.99
CA GLN I 237 0.63 2.88 39.54
C GLN I 237 0.62 1.42 39.07
N ASN I 238 0.33 0.52 40.01
CA ASN I 238 0.25 -0.92 39.75
C ASN I 238 -0.81 -1.44 40.71
N LYS I 239 -2.06 -1.02 40.52
CA LYS I 239 -3.17 -1.42 41.38
C LYS I 239 -3.68 -2.85 41.21
N ASP I 240 -3.95 -3.27 39.98
CA ASP I 240 -4.43 -4.62 39.73
C ASP I 240 -3.60 -5.62 40.50
N GLU I 241 -2.28 -5.41 40.47
CA GLU I 241 -1.31 -6.27 41.16
C GLU I 241 -1.28 -6.03 42.67
N ALA I 242 -1.47 -4.78 43.08
CA ALA I 242 -1.47 -4.46 44.50
C ALA I 242 -2.68 -5.13 45.15
N LYS I 243 -3.74 -5.30 44.37
CA LYS I 243 -4.96 -5.95 44.83
C LYS I 243 -4.72 -7.45 44.80
N LYS I 244 -3.87 -7.88 43.86
CA LYS I 244 -3.52 -9.28 43.69
C LYS I 244 -2.70 -9.74 44.89
N PHE I 245 -1.73 -8.90 45.27
CA PHE I 245 -0.87 -9.22 46.39
C PHE I 245 -1.62 -9.26 47.70
N VAL I 246 -2.55 -8.33 47.88
CA VAL I 246 -3.35 -8.24 49.09
C VAL I 246 -4.42 -9.33 49.13
N ALA I 247 -4.72 -9.91 47.97
CA ALA I 247 -5.68 -11.00 47.90
C ALA I 247 -4.91 -12.22 48.34
N PHE I 248 -3.69 -12.33 47.81
CA PHE I 248 -2.77 -13.42 48.10
C PHE I 248 -2.50 -13.46 49.60
N LEU I 249 -2.44 -12.28 50.21
CA LEU I 249 -2.20 -12.18 51.64
C LEU I 249 -3.32 -12.80 52.46
N ALA I 250 -4.56 -12.57 52.03
CA ALA I 250 -5.73 -13.10 52.72
C ALA I 250 -6.11 -14.49 52.21
N GLY I 251 -5.64 -14.82 51.01
CA GLY I 251 -5.94 -16.11 50.44
C GLY I 251 -5.30 -17.23 51.23
N LYS I 252 -5.79 -18.45 51.01
CA LYS I 252 -5.31 -19.63 51.70
C LYS I 252 -3.81 -19.86 51.49
N GLU I 253 -3.34 -19.65 50.26
CA GLU I 253 -1.94 -19.84 49.91
C GLU I 253 -1.01 -18.84 50.58
N GLY I 254 -1.49 -17.61 50.74
CA GLY I 254 -0.70 -16.58 51.36
C GLY I 254 -0.47 -16.78 52.85
N GLN I 255 -1.50 -17.20 53.56
CA GLN I 255 -1.38 -17.43 54.99
C GLN I 255 -0.50 -18.66 55.24
N ARG I 256 -0.61 -19.65 54.35
CA ARG I 256 0.21 -20.84 54.44
C ARG I 256 1.66 -20.39 54.40
N ALA I 257 1.92 -19.38 53.56
CA ALA I 257 3.25 -18.80 53.40
C ALA I 257 3.71 -18.14 54.69
N LEU I 258 2.81 -17.40 55.30
CA LEU I 258 3.08 -16.68 56.54
C LEU I 258 3.22 -17.64 57.73
N THR I 259 2.27 -18.56 57.87
CA THR I 259 2.27 -19.54 58.96
C THR I 259 3.54 -20.38 58.94
N ALA I 260 3.95 -20.81 57.75
CA ALA I 260 5.14 -21.64 57.58
C ALA I 260 6.38 -21.02 58.19
N VAL I 261 6.29 -19.75 58.61
CA VAL I 261 7.45 -19.08 59.20
C VAL I 261 7.13 -18.08 60.32
N ARG I 262 5.86 -17.91 60.66
CA ARG I 262 5.51 -16.96 61.72
C ARG I 262 4.50 -17.50 62.73
N ALA I 263 4.64 -17.07 63.98
CA ALA I 263 3.77 -17.51 65.07
C ALA I 263 2.52 -16.63 65.23
N GLU I 264 1.68 -16.62 64.21
CA GLU I 264 0.47 -15.81 64.25
C GLU I 264 -0.76 -16.63 63.84
N TYR I 265 -1.85 -16.47 64.58
CA TYR I 265 -3.07 -17.20 64.28
C TYR I 265 -3.66 -16.77 62.94
N PRO I 266 -3.77 -17.71 62.00
CA PRO I 266 -4.32 -17.44 60.66
C PRO I 266 -5.81 -17.20 60.75
N LEU I 267 -6.29 -16.15 60.07
CA LEU I 267 -7.72 -15.84 60.08
C LEU I 267 -8.46 -16.68 59.05
N ASN I 268 -7.73 -17.26 58.10
CA ASN I 268 -8.33 -18.13 57.08
C ASN I 268 -8.70 -19.42 57.80
N PRO I 269 -10.00 -19.74 57.86
CA PRO I 269 -10.42 -20.96 58.56
C PRO I 269 -9.88 -22.26 57.94
N HIS I 270 -8.91 -22.13 57.03
CA HIS I 270 -8.34 -23.30 56.37
C HIS I 270 -6.81 -23.27 56.27
N VAL I 271 -6.15 -22.81 57.34
CA VAL I 271 -4.69 -22.75 57.34
C VAL I 271 -4.10 -23.50 58.55
N VAL I 272 -3.08 -24.31 58.30
CA VAL I 272 -2.44 -25.06 59.37
C VAL I 272 -1.08 -24.46 59.71
N SER I 273 -1.04 -23.68 60.78
CA SER I 273 0.18 -23.06 61.23
C SER I 273 1.23 -24.14 61.51
N THR I 274 2.45 -23.92 61.06
CA THR I 274 3.52 -24.86 61.29
C THR I 274 3.97 -24.73 62.75
N PHE I 275 3.27 -23.86 63.48
CA PHE I 275 3.55 -23.62 64.90
C PHE I 275 2.37 -24.20 65.68
N ASN I 276 2.45 -24.15 67.00
CA ASN I 276 1.39 -24.65 67.85
C ASN I 276 0.38 -23.52 68.10
N LEU I 277 -0.40 -23.20 67.07
CA LEU I 277 -1.40 -22.13 67.17
C LEU I 277 -2.82 -22.65 66.92
N GLU I 278 -3.57 -22.87 67.99
CA GLU I 278 -4.94 -23.35 67.92
C GLU I 278 -5.85 -22.39 67.16
N PRO I 279 -7.05 -22.85 66.76
CA PRO I 279 -7.99 -21.98 66.03
C PRO I 279 -8.22 -20.69 66.81
N ILE I 280 -7.93 -19.56 66.16
CA ILE I 280 -8.07 -18.26 66.78
C ILE I 280 -9.31 -18.12 67.68
N ALA I 281 -10.37 -18.85 67.35
CA ALA I 281 -11.61 -18.81 68.12
C ALA I 281 -11.44 -19.28 69.57
N LYS I 282 -10.78 -20.40 69.75
CA LYS I 282 -10.57 -20.99 71.08
C LYS I 282 -9.77 -20.14 72.08
N LEU I 283 -8.99 -19.19 71.59
CA LEU I 283 -8.24 -18.33 72.49
C LEU I 283 -9.23 -17.58 73.39
N GLU I 284 -10.47 -17.52 72.93
CA GLU I 284 -11.54 -16.84 73.65
C GLU I 284 -11.13 -15.39 73.93
N ALA I 285 -10.63 -14.72 72.90
CA ALA I 285 -10.19 -13.33 73.02
C ALA I 285 -11.36 -12.37 73.26
N PRO I 286 -11.13 -11.31 74.05
CA PRO I 286 -12.16 -10.31 74.35
C PRO I 286 -12.40 -9.39 73.16
N GLN I 287 -13.66 -9.05 72.93
CA GLN I 287 -14.01 -8.17 71.82
C GLN I 287 -13.64 -6.74 72.16
N VAL I 288 -12.63 -6.21 71.49
CA VAL I 288 -12.18 -4.84 71.72
C VAL I 288 -12.19 -4.03 70.42
N SER I 289 -12.82 -2.86 70.45
CA SER I 289 -12.86 -2.00 69.29
C SER I 289 -11.44 -1.51 68.99
N ALA I 290 -11.21 -1.08 67.76
CA ALA I 290 -9.89 -0.58 67.37
C ALA I 290 -9.43 0.53 68.32
N THR I 291 -8.13 0.74 68.40
CA THR I 291 -7.57 1.76 69.28
C THR I 291 -7.47 3.12 68.58
N THR I 292 -7.94 4.16 69.24
CA THR I 292 -7.88 5.50 68.67
C THR I 292 -6.73 6.30 69.26
N VAL I 293 -6.30 7.32 68.53
CA VAL I 293 -5.21 8.18 68.97
C VAL I 293 -5.50 8.77 70.35
N SER I 294 -6.75 9.15 70.58
CA SER I 294 -7.15 9.73 71.85
C SER I 294 -7.07 8.71 72.99
N GLU I 295 -7.42 7.46 72.69
CA GLU I 295 -7.39 6.38 73.69
C GLU I 295 -5.99 6.10 74.21
N LYS I 296 -4.99 6.17 73.32
CA LYS I 296 -3.61 5.93 73.74
C LYS I 296 -3.18 7.11 74.62
N GLU I 297 -3.74 8.29 74.34
CA GLU I 297 -3.43 9.49 75.13
C GLU I 297 -3.97 9.27 76.54
N HIS I 298 -5.12 8.60 76.59
CA HIS I 298 -5.77 8.26 77.85
C HIS I 298 -4.86 7.28 78.60
N ALA I 299 -4.45 6.23 77.90
CA ALA I 299 -3.58 5.20 78.47
C ALA I 299 -2.24 5.75 78.90
N THR I 300 -1.75 6.77 78.20
CA THR I 300 -0.47 7.38 78.54
C THR I 300 -0.61 8.25 79.78
N ARG I 301 -1.73 8.95 79.92
CA ARG I 301 -1.96 9.79 81.11
C ARG I 301 -1.90 8.85 82.31
N LEU I 302 -1.99 7.56 82.03
CA LEU I 302 -1.95 6.52 83.05
C LEU I 302 -0.54 5.96 83.22
N LEU I 303 0.19 5.78 82.12
CA LEU I 303 1.57 5.27 82.19
C LEU I 303 2.43 6.15 83.08
N GLU I 304 2.18 7.45 83.05
CA GLU I 304 2.95 8.40 83.86
C GLU I 304 2.28 8.55 85.24
N GLN I 305 0.96 8.43 85.27
CA GLN I 305 0.18 8.56 86.50
C GLN I 305 0.53 7.48 87.52
N ALA I 306 1.15 6.41 87.03
CA ALA I 306 1.56 5.30 87.88
C ALA I 306 3.08 5.15 87.75
N GLY I 307 3.75 6.29 87.57
CA GLY I 307 5.19 6.32 87.43
C GLY I 307 5.86 5.21 86.62
N MET I 308 5.47 5.08 85.36
CA MET I 308 6.05 4.06 84.49
C MET I 308 6.69 4.66 83.24
N LYS I 309 6.23 5.85 82.86
CA LYS I 309 6.75 6.51 81.69
C LYS I 309 7.00 7.99 82.01
FE1 CNB J . -6.18 -21.27 34.80
FE2 CNB J . -4.38 -18.55 35.79
FE3 CNB J . -7.32 -19.64 37.25
O3A CNB J . -7.38 -19.49 39.34
O3B CNB J . -9.03 -20.84 37.45
O3U CNB J . -8.53 -17.94 37.00
O23 CNB J . -5.53 -18.59 37.57
O13 CNB J . -6.40 -21.50 36.88
O12 CNB J . -4.26 -20.58 35.24
O1A CNB J . -5.79 -23.34 34.65
O1B CNB J . -5.01 -21.54 33.08
O2A CNB J . -2.71 -18.71 37.06
O2B CNB J . -3.82 -16.54 35.64
O2U CNB J . -3.14 -18.91 34.14
FE1 CNB K . 66.46 14.34 6.41
FE2 CNB K . 68.86 16.70 6.96
FE3 CNB K . 66.12 16.44 8.75
O3A CNB K . 66.22 16.43 10.85
O3B CNB K . 64.36 15.41 9.24
O3U CNB K . 64.84 18.11 8.80
O23 CNB K . 68.20 16.61 8.96
O13 CNB K . 66.34 14.37 8.50
O12 CNB K . 68.54 14.69 6.47
O1A CNB K . 66.41 12.24 6.36
O1B CNB K . 67.90 13.98 4.91
O2A CNB K . 70.78 16.06 7.54
O2B CNB K . 69.40 18.67 7.42
O2U CNB K . 69.38 17.18 4.99
FE1 CN1 L . 6.60 -11.33 -47.98
FE2 CN1 L . 9.24 -12.66 -49.62
FE3 CN1 L . 9.36 -10.33 -47.39
O3A CN1 L . 10.09 -10.48 -45.43
O3B CN1 L . 9.48 -8.23 -47.21
O3U CN1 L . 11.32 -10.28 -48.15
O23 CN1 L . 10.34 -12.11 -47.92
O13 CN1 L . 7.74 -11.02 -46.25
O12 CN1 L . 7.46 -13.13 -48.61
O1A CN1 L . 5.42 -12.29 -46.53
O1B CN1 L . 4.60 -10.86 -48.43
O1U CN1 L . 6.77 -9.58 -46.83
O2A CN1 L . 10.16 -14.49 -49.11
O2B CN1 L . 11.09 -11.88 -50.21
O2U CN1 L . 9.20 -13.61 -51.55
FE1 CNB M . -39.01 -2.37 -31.72
FE2 CNB M . -36.77 -2.63 -34.35
FE3 CNB M . -39.35 -4.18 -34.21
O3A CNB M . -40.57 -4.71 -35.82
O3B CNB M . -41.07 -4.50 -33.04
O3U CNB M . -38.81 -6.21 -34.16
O23 CNB M . -38.24 -3.22 -35.72
O13 CNB M . -40.43 -2.67 -33.23
O12 CNB M . -37.66 -1.34 -32.96
O1A CNB M . -40.22 -0.84 -30.94
O1B CNB M . -37.60 -1.08 -30.86
O2A CNB M . -36.58 -0.74 -35.26
O2B CNB M . -36.07 -3.63 -36.06
O2U CNB M . -34.75 -2.34 -33.80
FE1 CN1 N . 32.16 30.08 -62.07
FE2 CN1 N . 32.06 32.99 -60.96
FE3 CN1 N . 34.66 32.52 -62.46
O3A CN1 N . 34.66 32.88 -64.53
O3B CN1 N . 36.74 32.20 -62.39
O3U CN1 N . 34.98 34.58 -62.19
O23 CN1 N . 33.25 34.07 -62.31
O13 CN1 N . 33.71 30.84 -63.27
O12 CN1 N . 30.89 31.75 -62.20
O1A CN1 N . 31.43 29.34 -63.90
O1B CN1 N . 30.34 29.35 -61.31
O1U CN1 N . 32.94 28.14 -61.87
O2A CN1 N . 30.53 34.34 -61.46
O2B CN1 N . 32.59 34.78 -60.01
O2U CN1 N . 30.67 32.27 -59.57
FE1 CNF O . 18.17 21.44 20.16
FE2 CNF O . 19.12 23.36 22.53
FE3 CNF O . 20.33 23.71 19.51
OU CNF O . 19.76 22.39 20.89
O3A CNF O . 20.46 25.59 18.58
O3B CNF O . 21.47 23.09 17.85
O3U CNF O . 22.12 23.97 20.56
O23 CNF O . 19.53 24.84 21.10
O13 CNF O . 18.60 22.87 18.68
O12 CNF O . 17.33 22.64 21.67
O1A CNF O . 16.53 22.07 19.92
O1B CNF O . 17.28 19.88 21.51
O1U CNF O . 19.23 19.87 19.21
O2A CNF O . 17.52 24.21 23.27
O2B CNF O . 21.18 22.86 22.86
FE1 CN1 P . 16.42 18.26 -17.84
FE2 CN1 P . 15.50 15.21 -18.06
FE3 CN1 P . 15.48 17.40 -20.67
O3A CN1 P . 16.10 16.98 -22.63
O3B CN1 P . 14.67 19.12 -21.57
O3U CN1 P . 13.70 16.33 -21.00
O23 CN1 P . 15.86 15.41 -20.12
O13 CN1 P . 17.24 18.11 -19.77
O12 CN1 P . 17.05 16.35 -17.23
O1A CN1 P . 18.20 19.33 -17.52
O1B CN1 P . 16.44 17.95 -15.76
O1U CN1 P . 15.53 20.12 -17.42
O2A CN1 P . 16.88 13.62 -18.13
O2B CN1 P . 14.23 13.55 -18.31
O2U CN1 P . 15.55 14.93 -15.98
FE1 CNB Q . -56.55 -20.86 7.90
FE2 CNB Q . -55.12 -18.69 5.84
FE3 CNB Q . -55.34 -18.26 9.00
O3A CNB Q . -53.69 -17.69 10.16
O3B CNB Q . -56.07 -18.22 10.96
O3U CNB Q . -55.83 -16.23 8.74
O23 CNB Q . -53.87 -18.37 7.50
O13 CNB Q . -55.25 -20.30 9.45
O12 CNB Q . -55.12 -20.72 6.37
O1A CNB Q . -56.09 -22.69 8.83
O1B CNB Q . -57.17 -22.43 6.63
O2A CNB Q . -53.56 -19.07 4.50
O2B CNB Q . -55.06 -16.64 5.37
O2U CNB Q . -56.52 -18.76 4.28
FE1 CN1 R . 9.15 -7.60 67.33
FE2 CN1 R . 7.31 -5.44 69.01
FE3 CN1 R . 10.24 -5.91 70.09
O3A CN1 R . 11.67 -4.37 70.15
O3B CN1 R . 11.67 -7.38 70.56
O3U CN1 R . 9.93 -5.60 72.14
O23 CN1 R . 8.96 -4.31 69.65
O13 CN1 R . 10.76 -6.54 68.15
O12 CN1 R . 8.07 -5.82 67.08
O1A CN1 R . 10.45 -7.43 65.70
O1B CN1 R . 7.68 -8.08 65.91
O1U CN1 R . 9.83 -9.58 67.17
O2A CN1 R . 6.10 -3.94 68.18
O2B CN1 R . 6.44 -4.70 70.78
O2U CN1 R . 5.46 -6.12 68.19
#